data_4CQM
#
_entry.id   4CQM
#
_cell.length_a   87.501
_cell.length_b   238.411
_cell.length_c   87.688
_cell.angle_alpha   90.00
_cell.angle_beta   94.18
_cell.angle_gamma   90.00
#
_symmetry.space_group_name_H-M   'P 1 21 1'
#
loop_
_entity.id
_entity.type
_entity.pdbx_description
1 polymer 'ESTRADIOL 17-BETA-DEHYDROGENASE 8'
2 polymer 'CARBONYL REDUCTASE FAMILY MEMBER 4'
3 polymer 'ESTRADIOL 17-BETA-DEHYDROGENASE 8'
4 non-polymer 'NADP NICOTINAMIDE-ADENINE-DINUCLEOTIDE PHOSPHATE'
5 non-polymer GLYCEROL
6 non-polymer 1,2-ETHANEDIOL
7 non-polymer 'ACETATE ION'
8 water water
#
loop_
_entity_poly.entity_id
_entity_poly.type
_entity_poly.pdbx_seq_one_letter_code
_entity_poly.pdbx_strand_id
1 'polypeptide(L)'
;MASQLQNRLRSALALVTGAGSGIGRAVSVRLAGEGATVAACDLDRAAAQETVRLLGGPGSKEGPPRGNHAAFQADVSEAR
AARCLLEQVQACFSRPPSVVVSCAGITQDEFLLHMSEDDWDKVIAVNLKGTFLVTQAAAQALVSNGCRGSIINISSIVGK
VGNVGQTNYAASKAGVIGLTQTAARELGRHGIRCNSVLPGFIATPMTQKVPQKVVDKITEMIPMGHLGDPEDVADVVAFL
ASEDSGYITGTSVEVTGGLFM
;
A,E,H,I,L,M,P
2 'polypeptide(L)'
;MHHHHHHMDKVCAVFGGSRGIGRAVAQLMARKGYRLAVIARNLEGAKAAAGDLGGDHLAFSCDVAKEHDVQNTFEELEKH
LGRVNFLVNAAGINRDGLLVRTKTEDMVSQLHTNLLGSMLTCKAAMRTMIQQQGGSIVNVGSIVGLKGNSGQSVYSASKG
GLVGFSRALAKEVARKKIRVNVVAPGFVHTDMTKDLKEEHLKKNIPLGRFGETIEVAHAVVFLLESPYITGHVLVVDGGL
QLIL
;
B,C,F,G,J,K,N,O
3 'polypeptide(L)'
;MASQLQNRLRSALALVTGAGSGIGRAVSVRLAGEGATVAACDLDRAAAQETVRLLGGPGSKEGPPRGNHAAFQADVSEAR
AARCLLEQVQACFSRPPSVVVSCAGITQDEFLLHMSEDDWDKVIAVNLKGTFLVTQAAAQALVSNGCRGSIINIS(OAS)
IVGKVGNVGQTNYAASKAGVIGLTQTAARELGRHGIRCNSVLPGFIATPMTQKVPQKVVDKITEMIPMGHLGDPEDVADV
VAFLASEDSGYITGTSVEVTGGLFM
;
D
#
loop_
_chem_comp.id
_chem_comp.type
_chem_comp.name
_chem_comp.formula
ACT non-polymer 'ACETATE ION' 'C2 H3 O2 -1'
EDO non-polymer 1,2-ETHANEDIOL 'C2 H6 O2'
GOL non-polymer GLYCEROL 'C3 H8 O3'
NAP non-polymer 'NADP NICOTINAMIDE-ADENINE-DINUCLEOTIDE PHOSPHATE' 'C21 H28 N7 O17 P3'
#
# COMPACT_ATOMS: atom_id res chain seq x y z
N GLN A 6 -3.34 -16.92 11.17
CA GLN A 6 -2.92 -16.00 10.11
C GLN A 6 -3.61 -16.35 8.79
N ASN A 7 -3.68 -15.38 7.89
CA ASN A 7 -4.25 -15.60 6.56
C ASN A 7 -3.29 -15.14 5.47
N ARG A 8 -2.01 -15.06 5.82
CA ARG A 8 -0.99 -14.59 4.88
C ARG A 8 -0.72 -15.59 3.78
N LEU A 9 -0.81 -16.88 4.12
CA LEU A 9 -0.54 -17.94 3.15
C LEU A 9 -1.78 -18.73 2.77
N ARG A 10 -2.95 -18.13 2.94
CA ARG A 10 -4.19 -18.76 2.51
C ARG A 10 -4.20 -18.89 0.99
N SER A 11 -5.09 -19.75 0.48
CA SER A 11 -5.20 -20.03 -0.95
C SER A 11 -3.91 -20.57 -1.55
N ALA A 12 -3.05 -21.13 -0.70
CA ALA A 12 -1.76 -21.64 -1.17
C ALA A 12 -1.57 -23.10 -0.81
N LEU A 13 -0.97 -23.85 -1.73
CA LEU A 13 -0.61 -25.24 -1.50
C LEU A 13 0.89 -25.34 -1.30
N ALA A 14 1.30 -25.96 -0.20
CA ALA A 14 2.71 -26.03 0.16
C ALA A 14 3.28 -27.43 0.01
N LEU A 15 4.45 -27.53 -0.62
CA LEU A 15 5.15 -28.80 -0.75
C LEU A 15 6.45 -28.78 0.05
N VAL A 16 6.49 -29.55 1.14
CA VAL A 16 7.67 -29.59 2.00
C VAL A 16 8.25 -30.99 2.07
N THR A 17 9.45 -31.15 1.52
CA THR A 17 10.16 -32.43 1.58
C THR A 17 10.93 -32.53 2.89
N GLY A 18 11.00 -33.74 3.45
CA GLY A 18 11.64 -33.93 4.73
C GLY A 18 10.81 -33.33 5.85
N ALA A 19 9.49 -33.31 5.63
CA ALA A 19 8.56 -32.70 6.57
C ALA A 19 8.28 -33.60 7.77
N GLY A 20 8.90 -34.78 7.77
CA GLY A 20 8.66 -35.74 8.83
C GLY A 20 9.40 -35.44 10.12
N SER A 21 10.35 -34.52 10.07
CA SER A 21 11.19 -34.24 11.23
C SER A 21 11.89 -32.88 11.17
N GLY A 22 12.30 -32.39 12.33
CA GLY A 22 13.13 -31.21 12.46
C GLY A 22 12.58 -29.94 11.83
N ILE A 23 13.35 -29.37 10.91
CA ILE A 23 12.97 -28.13 10.24
C ILE A 23 11.74 -28.32 9.37
N GLY A 24 11.73 -29.40 8.59
CA GLY A 24 10.63 -29.70 7.70
C GLY A 24 9.28 -29.79 8.39
N ARG A 25 9.27 -30.35 9.59
CA ARG A 25 8.04 -30.46 10.36
C ARG A 25 7.57 -29.10 10.88
N ALA A 26 8.52 -28.32 11.40
CA ALA A 26 8.21 -27.00 11.91
C ALA A 26 7.72 -26.08 10.80
N VAL A 27 8.30 -26.24 9.61
CA VAL A 27 7.86 -25.48 8.44
C VAL A 27 6.41 -25.81 8.15
N SER A 28 6.08 -27.11 8.11
CA SER A 28 4.72 -27.56 7.86
C SER A 28 3.74 -26.98 8.88
N VAL A 29 4.16 -26.91 10.13
CA VAL A 29 3.34 -26.35 11.20
C VAL A 29 3.10 -24.86 10.98
N ARG A 30 4.17 -24.13 10.68
CA ARG A 30 4.08 -22.69 10.47
C ARG A 30 3.28 -22.34 9.22
N LEU A 31 3.53 -23.05 8.13
CA LEU A 31 2.82 -22.81 6.87
C LEU A 31 1.33 -23.08 7.03
N ALA A 32 1.00 -24.23 7.63
CA ALA A 32 -0.39 -24.57 7.88
C ALA A 32 -1.04 -23.60 8.86
N GLY A 33 -0.22 -23.09 9.78
CA GLY A 33 -0.68 -22.12 10.74
C GLY A 33 -0.96 -20.76 10.11
N GLU A 34 -0.55 -20.60 8.86
CA GLU A 34 -0.78 -19.35 8.14
C GLU A 34 -1.80 -19.53 7.01
N GLY A 35 -2.61 -20.58 7.12
CA GLY A 35 -3.71 -20.80 6.19
C GLY A 35 -3.37 -21.67 4.99
N ALA A 36 -2.09 -21.96 4.80
CA ALA A 36 -1.64 -22.75 3.67
C ALA A 36 -1.98 -24.23 3.84
N THR A 37 -2.29 -24.89 2.74
CA THR A 37 -2.49 -26.34 2.74
C THR A 37 -1.15 -27.02 2.49
N VAL A 38 -0.76 -27.90 3.40
CA VAL A 38 0.57 -28.51 3.36
C VAL A 38 0.57 -29.92 2.79
N ALA A 39 1.42 -30.15 1.79
CA ALA A 39 1.67 -31.49 1.29
C ALA A 39 2.97 -32.02 1.86
N ALA A 40 2.89 -32.64 3.03
CA ALA A 40 4.08 -33.10 3.75
C ALA A 40 4.70 -34.34 3.10
N CYS A 41 5.87 -34.15 2.50
CA CYS A 41 6.60 -35.26 1.89
C CYS A 41 7.81 -35.64 2.71
N ASP A 42 8.13 -36.94 2.73
CA ASP A 42 9.26 -37.45 3.48
C ASP A 42 9.62 -38.85 3.03
N LEU A 43 10.88 -39.24 3.20
CA LEU A 43 11.32 -40.58 2.88
C LEU A 43 10.63 -41.58 3.81
N ASP A 44 10.52 -41.20 5.08
CA ASP A 44 9.78 -42.00 6.05
C ASP A 44 8.32 -41.55 6.04
N ARG A 45 7.49 -42.33 5.36
CA ARG A 45 6.06 -42.02 5.22
C ARG A 45 5.37 -41.87 6.57
N ALA A 46 5.73 -42.76 7.50
CA ALA A 46 5.16 -42.73 8.85
C ALA A 46 5.50 -41.42 9.56
N ALA A 47 6.66 -40.87 9.26
CA ALA A 47 7.07 -39.59 9.83
C ALA A 47 6.31 -38.44 9.17
N ALA A 48 6.04 -38.59 7.87
CA ALA A 48 5.29 -37.60 7.13
C ALA A 48 3.83 -37.57 7.59
N GLN A 49 3.27 -38.76 7.80
CA GLN A 49 1.90 -38.89 8.28
C GLN A 49 1.76 -38.38 9.70
N GLU A 50 2.81 -38.54 10.48
CA GLU A 50 2.83 -38.06 11.87
C GLU A 50 2.80 -36.54 11.91
N THR A 51 3.39 -35.93 10.89
CA THR A 51 3.41 -34.47 10.77
C THR A 51 2.04 -33.93 10.37
N VAL A 52 1.35 -34.68 9.51
CA VAL A 52 0.04 -34.27 9.01
C VAL A 52 -1.01 -34.23 10.12
N ARG A 53 -0.98 -35.20 11.02
CA ARG A 53 -1.95 -35.26 12.11
C ARG A 53 -1.67 -34.16 13.14
N LEU A 54 -0.48 -33.58 13.08
CA LEU A 54 -0.13 -32.44 13.92
C LEU A 54 -0.75 -31.16 13.38
N LEU A 55 -1.02 -31.15 12.07
CA LEU A 55 -1.58 -29.98 11.41
C LEU A 55 -3.08 -29.87 11.65
N PRO A 64 -11.49 -26.06 13.58
CA PRO A 64 -10.12 -25.62 13.32
C PRO A 64 -10.01 -24.82 12.04
N PRO A 65 -8.82 -24.81 11.42
CA PRO A 65 -8.58 -24.02 10.20
C PRO A 65 -8.76 -24.86 8.92
N ARG A 66 -8.35 -24.28 7.79
CA ARG A 66 -8.43 -24.97 6.50
C ARG A 66 -7.48 -26.17 6.46
N GLY A 67 -8.03 -27.37 6.48
CA GLY A 67 -7.23 -28.58 6.52
C GLY A 67 -6.90 -29.17 5.16
N ASN A 68 -7.42 -30.37 4.89
CA ASN A 68 -7.16 -31.11 3.66
C ASN A 68 -5.67 -31.35 3.42
N HIS A 69 -4.91 -31.53 4.50
CA HIS A 69 -3.48 -31.82 4.41
C HIS A 69 -3.25 -33.27 4.01
N ALA A 70 -2.15 -33.53 3.32
CA ALA A 70 -1.85 -34.88 2.84
C ALA A 70 -0.37 -35.23 3.03
N ALA A 71 -0.10 -36.51 3.26
CA ALA A 71 1.26 -36.99 3.42
C ALA A 71 1.73 -37.73 2.18
N PHE A 72 2.97 -37.47 1.77
CA PHE A 72 3.53 -38.13 0.59
C PHE A 72 4.85 -38.82 0.92
N GLN A 73 5.17 -39.87 0.18
CA GLN A 73 6.42 -40.59 0.36
C GLN A 73 7.24 -40.53 -0.92
N ALA A 74 8.52 -40.17 -0.77
CA ALA A 74 9.40 -40.05 -1.93
C ALA A 74 10.87 -40.02 -1.54
N ASP A 75 11.70 -40.61 -2.39
CA ASP A 75 13.15 -40.46 -2.28
C ASP A 75 13.58 -39.39 -3.26
N VAL A 76 13.87 -38.20 -2.74
CA VAL A 76 14.13 -37.03 -3.59
C VAL A 76 15.39 -37.18 -4.44
N SER A 77 16.27 -38.09 -4.05
CA SER A 77 17.49 -38.34 -4.80
C SER A 77 17.18 -39.07 -6.10
N GLU A 78 16.04 -39.74 -6.15
CA GLU A 78 15.63 -40.47 -7.35
C GLU A 78 14.83 -39.58 -8.30
N ALA A 79 15.22 -39.56 -9.56
CA ALA A 79 14.55 -38.73 -10.57
C ALA A 79 13.12 -39.18 -10.81
N ARG A 80 12.91 -40.49 -10.78
CA ARG A 80 11.59 -41.07 -10.99
C ARG A 80 10.67 -40.77 -9.80
N ALA A 81 11.21 -40.88 -8.59
CA ALA A 81 10.44 -40.67 -7.38
C ALA A 81 10.14 -39.18 -7.17
N ALA A 82 11.03 -38.32 -7.65
CA ALA A 82 10.87 -36.88 -7.48
C ALA A 82 9.78 -36.32 -8.39
N ARG A 83 9.77 -36.76 -9.64
CA ARG A 83 8.80 -36.28 -10.62
C ARG A 83 7.39 -36.76 -10.29
N CYS A 84 7.28 -38.01 -9.87
CA CYS A 84 5.99 -38.60 -9.57
C CYS A 84 5.40 -37.98 -8.30
N LEU A 85 6.27 -37.51 -7.42
CA LEU A 85 5.84 -36.81 -6.21
C LEU A 85 4.99 -35.59 -6.57
N LEU A 86 5.45 -34.82 -7.54
CA LEU A 86 4.72 -33.65 -8.01
C LEU A 86 3.43 -34.08 -8.69
N GLU A 87 3.46 -35.23 -9.35
CA GLU A 87 2.27 -35.77 -10.02
C GLU A 87 1.24 -36.21 -9.00
N GLN A 88 1.71 -36.77 -7.88
CA GLN A 88 0.82 -37.19 -6.81
C GLN A 88 0.15 -35.99 -6.16
N VAL A 89 0.91 -34.92 -5.98
CA VAL A 89 0.38 -33.69 -5.40
C VAL A 89 -0.64 -33.03 -6.34
N GLN A 90 -0.27 -32.93 -7.61
CA GLN A 90 -1.15 -32.34 -8.62
C GLN A 90 -2.46 -33.10 -8.75
N ALA A 91 -2.40 -34.42 -8.65
CA ALA A 91 -3.58 -35.26 -8.76
C ALA A 91 -4.44 -35.18 -7.51
N CYS A 92 -3.79 -35.05 -6.37
CA CYS A 92 -4.48 -35.04 -5.08
C CYS A 92 -5.24 -33.74 -4.85
N PHE A 93 -4.69 -32.63 -5.33
CA PHE A 93 -5.26 -31.31 -5.05
C PHE A 93 -5.77 -30.58 -6.29
N SER A 94 -5.60 -31.19 -7.46
CA SER A 94 -5.95 -30.57 -8.74
C SER A 94 -5.24 -29.23 -8.91
N ARG A 95 -4.03 -29.13 -8.35
CA ARG A 95 -3.28 -27.88 -8.34
C ARG A 95 -1.82 -28.12 -7.97
N PRO A 96 -0.89 -27.49 -8.68
CA PRO A 96 0.53 -27.56 -8.34
C PRO A 96 0.84 -26.78 -7.06
N PRO A 97 1.89 -27.18 -6.34
CA PRO A 97 2.29 -26.45 -5.14
C PRO A 97 2.88 -25.09 -5.47
N SER A 98 2.24 -24.02 -5.01
CA SER A 98 2.73 -22.67 -5.24
C SER A 98 3.91 -22.37 -4.31
N VAL A 99 4.01 -23.16 -3.24
CA VAL A 99 5.11 -23.03 -2.29
C VAL A 99 5.84 -24.37 -2.16
N VAL A 100 7.13 -24.38 -2.51
CA VAL A 100 7.93 -25.59 -2.42
C VAL A 100 9.18 -25.37 -1.57
N VAL A 101 9.28 -26.13 -0.48
CA VAL A 101 10.40 -26.01 0.43
C VAL A 101 11.12 -27.35 0.61
N SER A 102 12.38 -27.41 0.18
CA SER A 102 13.17 -28.63 0.28
C SER A 102 13.95 -28.69 1.58
N CYS A 103 13.41 -29.40 2.56
CA CYS A 103 14.08 -29.58 3.84
C CYS A 103 14.69 -30.97 3.97
N ALA A 104 14.58 -31.75 2.89
CA ALA A 104 15.11 -33.11 2.88
C ALA A 104 16.62 -33.11 2.67
N GLY A 105 17.34 -33.62 3.66
CA GLY A 105 18.79 -33.70 3.59
C GLY A 105 19.37 -34.59 4.67
N ILE A 106 20.58 -35.08 4.44
CA ILE A 106 21.24 -35.95 5.41
C ILE A 106 22.68 -35.56 5.64
N THR A 107 23.28 -36.13 6.68
CA THR A 107 24.70 -35.94 6.95
C THR A 107 25.38 -37.30 7.06
N GLN A 108 26.54 -37.43 6.44
CA GLN A 108 27.37 -38.62 6.57
C GLN A 108 28.81 -38.16 6.81
N ASP A 109 29.04 -37.59 7.99
CA ASP A 109 30.29 -36.90 8.29
C ASP A 109 31.49 -37.82 8.36
N GLU A 110 32.62 -37.32 7.86
CA GLU A 110 33.90 -38.02 7.90
C GLU A 110 34.99 -37.06 7.45
N PHE A 111 36.20 -37.22 7.97
CA PHE A 111 37.33 -36.40 7.56
C PHE A 111 37.66 -36.67 6.09
N LEU A 112 38.20 -35.65 5.42
CA LEU A 112 38.51 -35.73 4.00
C LEU A 112 39.40 -36.91 3.65
N LEU A 113 40.41 -37.16 4.49
CA LEU A 113 41.37 -38.22 4.24
C LEU A 113 40.77 -39.62 4.39
N HIS A 114 39.58 -39.69 4.98
CA HIS A 114 38.97 -40.99 5.28
C HIS A 114 37.56 -41.14 4.71
N MET A 115 37.08 -40.11 4.00
CA MET A 115 35.74 -40.16 3.45
C MET A 115 35.66 -41.09 2.25
N SER A 116 34.83 -42.13 2.36
CA SER A 116 34.65 -43.09 1.28
C SER A 116 33.85 -42.49 0.15
N GLU A 117 33.86 -43.17 -0.99
CA GLU A 117 33.14 -42.70 -2.18
C GLU A 117 31.64 -42.64 -1.94
N ASP A 118 31.12 -43.63 -1.21
CA ASP A 118 29.68 -43.70 -0.95
C ASP A 118 29.24 -42.65 0.07
N ASP A 119 30.11 -42.34 1.04
CA ASP A 119 29.82 -41.28 2.00
C ASP A 119 29.59 -39.96 1.27
N TRP A 120 30.42 -39.73 0.25
CA TRP A 120 30.30 -38.54 -0.58
C TRP A 120 29.04 -38.58 -1.44
N ASP A 121 28.86 -39.69 -2.15
CA ASP A 121 27.77 -39.82 -3.12
C ASP A 121 26.38 -39.71 -2.51
N LYS A 122 26.18 -40.35 -1.36
CA LYS A 122 24.85 -40.38 -0.74
C LYS A 122 24.41 -39.00 -0.25
N VAL A 123 25.37 -38.17 0.15
CA VAL A 123 25.05 -36.82 0.62
C VAL A 123 24.75 -35.91 -0.55
N ILE A 124 25.54 -36.05 -1.61
CA ILE A 124 25.34 -35.27 -2.83
C ILE A 124 24.00 -35.59 -3.49
N ALA A 125 23.69 -36.88 -3.52
CA ALA A 125 22.46 -37.35 -4.15
C ALA A 125 21.21 -36.81 -3.44
N VAL A 126 21.23 -36.85 -2.11
CA VAL A 126 20.09 -36.43 -1.32
C VAL A 126 20.01 -34.90 -1.18
N ASN A 127 21.09 -34.29 -0.71
CA ASN A 127 21.10 -32.87 -0.43
C ASN A 127 21.14 -32.00 -1.69
N LEU A 128 21.98 -32.37 -2.64
CA LEU A 128 22.18 -31.55 -3.84
C LEU A 128 21.31 -32.00 -5.00
N LYS A 129 21.53 -33.24 -5.46
CA LYS A 129 20.77 -33.79 -6.57
C LYS A 129 19.29 -33.88 -6.20
N GLY A 130 19.01 -34.20 -4.94
CA GLY A 130 17.65 -34.26 -4.45
C GLY A 130 16.96 -32.92 -4.53
N THR A 131 17.67 -31.87 -4.15
CA THR A 131 17.13 -30.52 -4.22
C THR A 131 16.86 -30.11 -5.66
N PHE A 132 17.81 -30.42 -6.55
CA PHE A 132 17.67 -30.11 -7.96
C PHE A 132 16.43 -30.76 -8.58
N LEU A 133 16.25 -32.03 -8.31
CA LEU A 133 15.13 -32.79 -8.85
C LEU A 133 13.79 -32.22 -8.38
N VAL A 134 13.72 -31.86 -7.11
CA VAL A 134 12.51 -31.24 -6.56
C VAL A 134 12.33 -29.85 -7.14
N THR A 135 13.42 -29.10 -7.23
CA THR A 135 13.39 -27.75 -7.79
C THR A 135 12.91 -27.76 -9.23
N GLN A 136 13.44 -28.69 -10.02
CA GLN A 136 13.08 -28.80 -11.43
C GLN A 136 11.62 -29.21 -11.60
N ALA A 137 11.21 -30.25 -10.89
CA ALA A 137 9.85 -30.78 -11.01
C ALA A 137 8.81 -29.79 -10.51
N ALA A 138 9.17 -29.00 -9.51
CA ALA A 138 8.27 -27.99 -8.96
C ALA A 138 8.09 -26.84 -9.96
N ALA A 139 9.20 -26.43 -10.57
CA ALA A 139 9.17 -25.37 -11.57
C ALA A 139 8.40 -25.80 -12.80
N GLN A 140 8.62 -27.04 -13.24
CA GLN A 140 7.93 -27.59 -14.40
C GLN A 140 6.43 -27.62 -14.18
N ALA A 141 6.01 -27.87 -12.95
CA ALA A 141 4.58 -27.93 -12.62
C ALA A 141 3.96 -26.53 -12.60
N LEU A 142 4.69 -25.57 -12.07
CA LEU A 142 4.21 -24.20 -11.97
C LEU A 142 4.12 -23.52 -13.34
N VAL A 143 5.19 -23.63 -14.11
CA VAL A 143 5.25 -23.04 -15.45
C VAL A 143 4.18 -23.63 -16.36
N SER A 144 3.95 -24.94 -16.22
CA SER A 144 3.00 -25.64 -17.07
C SER A 144 1.55 -25.28 -16.76
N ASN A 145 1.33 -24.56 -15.68
CA ASN A 145 -0.02 -24.10 -15.34
C ASN A 145 -0.08 -22.59 -15.14
N GLY A 146 1.01 -21.92 -15.48
CA GLY A 146 1.09 -20.47 -15.41
C GLY A 146 0.86 -19.90 -14.02
N CYS A 147 1.29 -20.63 -13.01
CA CYS A 147 1.12 -20.20 -11.63
C CYS A 147 2.40 -19.59 -11.08
N ARG A 148 2.27 -18.42 -10.45
CA ARG A 148 3.39 -17.81 -9.76
C ARG A 148 3.78 -18.70 -8.57
N GLY A 149 5.04 -18.67 -8.18
CA GLY A 149 5.51 -19.53 -7.13
C GLY A 149 6.71 -19.02 -6.37
N SER A 150 7.00 -19.68 -5.24
CA SER A 150 8.15 -19.35 -4.43
C SER A 150 8.85 -20.64 -3.99
N ILE A 151 10.01 -20.91 -4.57
CA ILE A 151 10.78 -22.10 -4.22
C ILE A 151 11.82 -21.75 -3.15
N ILE A 152 11.79 -22.48 -2.05
CA ILE A 152 12.67 -22.20 -0.92
C ILE A 152 13.56 -23.39 -0.58
N ASN A 153 14.81 -23.32 -1.01
CA ASN A 153 15.77 -24.38 -0.77
C ASN A 153 16.55 -24.17 0.53
N ILE A 154 16.43 -25.13 1.44
CA ILE A 154 17.13 -25.05 2.71
C ILE A 154 18.59 -25.45 2.57
N SER A 155 19.47 -24.46 2.50
CA SER A 155 20.91 -24.72 2.44
C SER A 155 21.47 -24.78 3.87
N SER A 156 22.66 -24.22 4.05
CA SER A 156 23.29 -24.18 5.37
C SER A 156 24.38 -23.13 5.43
N ILE A 157 24.71 -22.69 6.64
CA ILE A 157 25.83 -21.77 6.83
C ILE A 157 27.13 -22.49 6.52
N VAL A 158 27.08 -23.82 6.56
CA VAL A 158 28.21 -24.67 6.22
C VAL A 158 28.57 -24.51 4.74
N GLY A 159 27.56 -24.33 3.90
CA GLY A 159 27.77 -24.19 2.48
C GLY A 159 28.31 -22.84 2.06
N LYS A 160 28.86 -22.10 3.02
CA LYS A 160 29.42 -20.78 2.76
C LYS A 160 30.86 -20.68 3.27
N VAL A 161 31.16 -21.42 4.33
CA VAL A 161 32.49 -21.39 4.93
C VAL A 161 33.08 -22.78 5.13
N GLY A 162 32.29 -23.81 4.83
CA GLY A 162 32.72 -25.19 5.04
C GLY A 162 32.67 -25.57 6.50
N ASN A 163 32.98 -26.82 6.79
CA ASN A 163 32.98 -27.32 8.16
C ASN A 163 33.78 -28.61 8.29
N VAL A 164 34.48 -28.77 9.42
CA VAL A 164 35.30 -29.95 9.65
C VAL A 164 34.48 -31.23 9.63
N GLY A 165 34.93 -32.20 8.84
CA GLY A 165 34.27 -33.49 8.74
C GLY A 165 33.06 -33.47 7.84
N GLN A 166 32.85 -32.35 7.15
CA GLN A 166 31.70 -32.22 6.27
C GLN A 166 32.09 -31.76 4.87
N THR A 167 33.03 -32.47 4.25
CA THR A 167 33.42 -32.18 2.88
C THR A 167 32.25 -32.39 1.94
N ASN A 168 31.56 -33.51 2.13
CA ASN A 168 30.39 -33.86 1.33
C ASN A 168 29.20 -32.95 1.60
N TYR A 169 29.01 -32.61 2.87
CA TYR A 169 27.87 -31.81 3.29
C TYR A 169 28.00 -30.36 2.82
N ALA A 170 29.20 -29.80 2.96
CA ALA A 170 29.45 -28.41 2.57
C ALA A 170 29.35 -28.25 1.05
N ALA A 171 29.91 -29.21 0.32
CA ALA A 171 29.91 -29.17 -1.14
C ALA A 171 28.49 -29.26 -1.69
N SER A 172 27.62 -29.95 -0.97
CA SER A 172 26.23 -30.09 -1.38
C SER A 172 25.44 -28.83 -1.08
N LYS A 173 25.63 -28.27 0.12
CA LYS A 173 24.92 -27.07 0.53
C LYS A 173 25.33 -25.87 -0.30
N ALA A 174 26.61 -25.77 -0.60
CA ALA A 174 27.11 -24.70 -1.46
C ALA A 174 26.54 -24.85 -2.85
N GLY A 175 26.43 -26.10 -3.31
CA GLY A 175 25.86 -26.39 -4.61
C GLY A 175 24.41 -25.97 -4.69
N VAL A 176 23.68 -26.16 -3.59
CA VAL A 176 22.28 -25.77 -3.49
C VAL A 176 22.11 -24.28 -3.74
N ILE A 177 23.03 -23.48 -3.18
CA ILE A 177 22.98 -22.03 -3.34
C ILE A 177 23.15 -21.63 -4.81
N GLY A 178 24.20 -22.16 -5.43
CA GLY A 178 24.45 -21.88 -6.85
C GLY A 178 23.36 -22.42 -7.73
N LEU A 179 22.72 -23.49 -7.25
CA LEU A 179 21.58 -24.08 -7.94
C LEU A 179 20.40 -23.12 -7.93
N THR A 180 20.07 -22.63 -6.73
CA THR A 180 18.92 -21.76 -6.54
C THR A 180 19.09 -20.43 -7.25
N GLN A 181 20.32 -19.93 -7.27
CA GLN A 181 20.64 -18.67 -7.96
C GLN A 181 20.31 -18.76 -9.44
N THR A 182 20.72 -19.87 -10.07
CA THR A 182 20.47 -20.11 -11.48
C THR A 182 18.98 -20.20 -11.76
N ALA A 183 18.26 -20.91 -10.88
CA ALA A 183 16.82 -21.06 -11.01
C ALA A 183 16.12 -19.71 -10.95
N ALA A 184 16.57 -18.87 -10.03
CA ALA A 184 15.99 -17.54 -9.84
C ALA A 184 16.11 -16.69 -11.10
N ARG A 185 17.26 -16.77 -11.75
CA ARG A 185 17.52 -15.96 -12.94
C ARG A 185 16.73 -16.46 -14.15
N GLU A 186 16.41 -17.75 -14.14
CA GLU A 186 15.71 -18.37 -15.26
C GLU A 186 14.19 -18.37 -15.07
N LEU A 187 13.74 -18.55 -13.82
CA LEU A 187 12.32 -18.70 -13.54
C LEU A 187 11.66 -17.38 -13.15
N GLY A 188 12.42 -16.29 -13.18
CA GLY A 188 11.89 -14.99 -12.85
C GLY A 188 10.87 -14.53 -13.88
N ARG A 189 10.98 -15.04 -15.09
CA ARG A 189 10.08 -14.68 -16.18
C ARG A 189 8.75 -15.42 -16.08
N HIS A 190 8.70 -16.43 -15.22
CA HIS A 190 7.47 -17.20 -15.01
C HIS A 190 6.82 -16.84 -13.68
N GLY A 191 7.32 -15.80 -13.04
CA GLY A 191 6.77 -15.36 -11.77
C GLY A 191 7.11 -16.31 -10.64
N ILE A 192 8.24 -16.98 -10.75
CA ILE A 192 8.68 -17.94 -9.74
C ILE A 192 9.93 -17.45 -9.02
N ARG A 193 9.80 -17.24 -7.71
CA ARG A 193 10.93 -16.77 -6.91
C ARG A 193 11.69 -17.93 -6.28
N CYS A 194 13.01 -17.85 -6.31
CA CYS A 194 13.85 -18.92 -5.77
C CYS A 194 14.90 -18.35 -4.81
N ASN A 195 14.84 -18.75 -3.55
CA ASN A 195 15.78 -18.28 -2.55
C ASN A 195 16.34 -19.41 -1.69
N SER A 196 17.45 -19.14 -1.01
CA SER A 196 18.09 -20.12 -0.15
C SER A 196 18.10 -19.66 1.30
N VAL A 197 17.77 -20.58 2.20
CA VAL A 197 17.87 -20.31 3.63
C VAL A 197 19.11 -20.99 4.18
N LEU A 198 19.95 -20.24 4.88
CA LEU A 198 21.20 -20.76 5.41
C LEU A 198 21.21 -20.74 6.93
N PRO A 199 20.65 -21.79 7.56
CA PRO A 199 20.55 -21.86 9.01
C PRO A 199 21.86 -22.24 9.67
N GLY A 200 22.10 -21.74 10.89
CA GLY A 200 23.23 -22.16 11.68
C GLY A 200 22.91 -23.48 12.34
N PHE A 201 23.31 -23.64 13.60
CA PHE A 201 22.98 -24.86 14.33
C PHE A 201 21.63 -24.75 15.02
N ILE A 202 20.67 -25.55 14.56
CA ILE A 202 19.30 -25.50 15.06
C ILE A 202 18.92 -26.81 15.74
N ALA A 203 18.27 -26.71 16.89
CA ALA A 203 17.85 -27.88 17.66
C ALA A 203 16.93 -28.80 16.89
N THR A 204 17.51 -29.68 16.09
CA THR A 204 16.77 -30.71 15.36
C THR A 204 17.39 -32.07 15.65
N PRO A 205 16.69 -33.17 15.30
CA PRO A 205 17.29 -34.50 15.43
C PRO A 205 18.65 -34.63 14.73
N MET A 206 18.89 -33.82 13.71
CA MET A 206 20.17 -33.81 13.04
C MET A 206 21.27 -33.30 13.97
N THR A 207 20.96 -32.26 14.72
CA THR A 207 21.91 -31.67 15.65
C THR A 207 22.08 -32.57 16.89
N GLN A 208 21.09 -33.40 17.14
CA GLN A 208 21.16 -34.35 18.25
C GLN A 208 22.19 -35.44 17.98
N LYS A 209 22.63 -35.54 16.72
CA LYS A 209 23.66 -36.49 16.34
C LYS A 209 25.05 -35.92 16.63
N VAL A 210 25.07 -34.70 17.14
CA VAL A 210 26.32 -34.06 17.56
C VAL A 210 26.49 -34.24 19.07
N PRO A 211 27.68 -34.70 19.49
CA PRO A 211 28.00 -34.90 20.91
C PRO A 211 27.67 -33.68 21.76
N GLN A 212 27.14 -33.92 22.95
CA GLN A 212 26.67 -32.84 23.83
C GLN A 212 27.77 -31.84 24.19
N LYS A 213 28.99 -32.33 24.36
CA LYS A 213 30.09 -31.47 24.77
C LYS A 213 30.67 -30.72 23.57
N VAL A 214 30.37 -31.20 22.38
CA VAL A 214 30.67 -30.46 21.16
C VAL A 214 29.61 -29.38 20.97
N VAL A 215 28.37 -29.74 21.27
CA VAL A 215 27.25 -28.81 21.22
C VAL A 215 27.46 -27.64 22.18
N ASP A 216 27.85 -27.95 23.41
CA ASP A 216 28.09 -26.92 24.42
C ASP A 216 29.21 -25.97 23.99
N LYS A 217 30.18 -26.50 23.28
CA LYS A 217 31.28 -25.68 22.77
C LYS A 217 30.84 -24.86 21.56
N ILE A 218 29.91 -25.40 20.79
CA ILE A 218 29.35 -24.69 19.64
C ILE A 218 28.51 -23.51 20.13
N THR A 219 27.74 -23.73 21.19
CA THR A 219 26.89 -22.69 21.75
C THR A 219 27.70 -21.51 22.29
N GLU A 220 28.93 -21.78 22.72
CA GLU A 220 29.81 -20.72 23.21
C GLU A 220 30.36 -19.94 22.03
N MET A 221 30.35 -20.56 20.85
CA MET A 221 30.82 -19.90 19.63
C MET A 221 29.74 -19.02 19.05
N ILE A 222 28.50 -19.51 19.03
CA ILE A 222 27.37 -18.76 18.53
C ILE A 222 27.18 -17.48 19.33
N PRO A 223 27.24 -16.33 18.66
CA PRO A 223 27.13 -15.00 19.28
C PRO A 223 25.92 -14.87 20.20
N MET A 224 24.76 -15.37 19.78
CA MET A 224 23.56 -15.31 20.61
C MET A 224 23.68 -16.19 21.85
N GLY A 225 24.51 -17.23 21.75
CA GLY A 225 24.81 -18.07 22.90
C GLY A 225 23.84 -19.22 23.11
N HIS A 226 23.15 -19.62 22.05
CA HIS A 226 22.22 -20.75 22.12
C HIS A 226 21.90 -21.29 20.73
N LEU A 227 21.51 -22.56 20.68
CA LEU A 227 21.10 -23.18 19.42
C LEU A 227 19.80 -22.54 18.93
N GLY A 228 19.60 -22.56 17.62
CA GLY A 228 18.39 -22.03 17.04
C GLY A 228 17.23 -22.99 17.17
N ASP A 229 16.01 -22.45 17.13
CA ASP A 229 14.82 -23.27 17.12
C ASP A 229 14.36 -23.49 15.69
N PRO A 230 13.73 -24.64 15.41
CA PRO A 230 13.16 -24.90 14.09
C PRO A 230 12.13 -23.85 13.67
N GLU A 231 11.49 -23.23 14.65
CA GLU A 231 10.53 -22.15 14.39
C GLU A 231 11.23 -20.94 13.78
N ASP A 232 12.48 -20.71 14.17
CA ASP A 232 13.25 -19.58 13.66
C ASP A 232 13.50 -19.73 12.16
N VAL A 233 13.83 -20.94 11.75
CA VAL A 233 14.05 -21.23 10.33
C VAL A 233 12.72 -21.16 9.57
N ALA A 234 11.68 -21.72 10.16
CA ALA A 234 10.35 -21.73 9.56
C ALA A 234 9.79 -20.32 9.41
N ASP A 235 10.16 -19.45 10.35
CA ASP A 235 9.76 -18.05 10.29
C ASP A 235 10.29 -17.39 9.03
N VAL A 236 11.53 -17.73 8.68
CA VAL A 236 12.16 -17.23 7.46
C VAL A 236 11.47 -17.82 6.23
N VAL A 237 11.20 -19.13 6.28
CA VAL A 237 10.53 -19.83 5.19
C VAL A 237 9.15 -19.23 4.94
N ALA A 238 8.43 -18.93 6.03
CA ALA A 238 7.10 -18.34 5.93
C ALA A 238 7.14 -16.98 5.22
N PHE A 239 8.16 -16.20 5.54
CA PHE A 239 8.32 -14.88 4.93
C PHE A 239 8.65 -14.98 3.45
N LEU A 240 9.57 -15.88 3.11
CA LEU A 240 9.99 -16.06 1.72
C LEU A 240 8.87 -16.64 0.86
N ALA A 241 7.98 -17.40 1.47
CA ALA A 241 6.88 -18.03 0.76
C ALA A 241 5.73 -17.05 0.54
N SER A 242 5.72 -15.98 1.32
CA SER A 242 4.62 -15.02 1.28
C SER A 242 4.79 -13.95 0.21
N GLU A 243 3.75 -13.14 0.03
CA GLU A 243 3.77 -12.03 -0.91
C GLU A 243 4.62 -10.87 -0.41
N ASP A 244 4.88 -10.88 0.89
CA ASP A 244 5.66 -9.83 1.54
C ASP A 244 7.09 -9.79 1.02
N SER A 245 7.57 -10.93 0.54
CA SER A 245 8.90 -11.02 -0.05
C SER A 245 8.81 -11.17 -1.57
N GLY A 246 7.85 -10.45 -2.16
CA GLY A 246 7.58 -10.57 -3.59
C GLY A 246 8.68 -10.03 -4.48
N TYR A 247 9.63 -9.30 -3.89
CA TYR A 247 10.74 -8.75 -4.65
C TYR A 247 12.05 -9.43 -4.24
N ILE A 248 11.92 -10.58 -3.58
CA ILE A 248 13.08 -11.33 -3.10
C ILE A 248 13.30 -12.61 -3.89
N THR A 249 14.34 -12.62 -4.73
CA THR A 249 14.72 -13.82 -5.45
C THR A 249 16.24 -13.90 -5.59
N GLY A 250 16.76 -15.12 -5.61
CA GLY A 250 18.20 -15.33 -5.69
C GLY A 250 18.91 -14.78 -4.47
N THR A 251 18.25 -14.85 -3.32
CA THR A 251 18.79 -14.29 -2.09
C THR A 251 19.03 -15.37 -1.04
N SER A 252 20.20 -15.31 -0.41
CA SER A 252 20.52 -16.22 0.68
C SER A 252 20.22 -15.57 2.03
N VAL A 253 19.33 -16.20 2.79
CA VAL A 253 18.99 -15.71 4.12
C VAL A 253 19.66 -16.56 5.19
N GLU A 254 20.32 -15.91 6.14
CA GLU A 254 21.07 -16.61 7.17
C GLU A 254 20.41 -16.53 8.53
N VAL A 255 20.11 -17.70 9.10
CA VAL A 255 19.53 -17.79 10.44
C VAL A 255 20.49 -18.54 11.35
N THR A 256 21.63 -17.93 11.63
CA THR A 256 22.72 -18.62 12.33
C THR A 256 22.95 -18.09 13.74
N GLY A 257 22.21 -17.07 14.13
CA GLY A 257 22.41 -16.43 15.42
C GLY A 257 23.69 -15.64 15.44
N GLY A 258 24.20 -15.31 14.25
CA GLY A 258 25.41 -14.54 14.12
C GLY A 258 26.63 -15.42 13.86
N LEU A 259 26.42 -16.72 13.80
CA LEU A 259 27.52 -17.66 13.57
C LEU A 259 27.99 -17.56 12.11
N PHE A 260 29.24 -17.16 11.93
CA PHE A 260 29.84 -17.00 10.61
C PHE A 260 29.04 -16.02 9.77
N MET A 261 29.08 -14.74 10.15
CA MET A 261 28.30 -13.71 9.48
C MET A 261 28.73 -13.51 8.03
N HIS B 4 -3.48 -1.00 21.51
CA HIS B 4 -3.70 -2.42 21.68
C HIS B 4 -4.82 -2.68 22.68
N HIS B 5 -4.43 -3.22 23.82
CA HIS B 5 -5.32 -3.51 24.93
C HIS B 5 -4.44 -3.67 26.16
N HIS B 6 -3.14 -3.47 25.94
CA HIS B 6 -2.14 -3.52 27.01
C HIS B 6 -1.00 -2.53 26.71
N HIS B 7 0.12 -2.70 27.41
CA HIS B 7 1.25 -1.79 27.27
C HIS B 7 1.91 -1.86 25.89
N MET B 8 2.25 -0.68 25.35
CA MET B 8 3.00 -0.61 24.11
C MET B 8 4.49 -0.68 24.38
N ASP B 9 4.94 -1.87 24.78
CA ASP B 9 6.35 -2.08 25.13
C ASP B 9 7.18 -2.38 23.89
N LYS B 10 6.67 -1.98 22.73
CA LYS B 10 7.35 -2.23 21.47
C LYS B 10 7.47 -0.92 20.68
N VAL B 11 8.43 -0.09 21.08
CA VAL B 11 8.63 1.22 20.48
C VAL B 11 9.72 1.20 19.42
N CYS B 12 9.40 1.74 18.24
CA CYS B 12 10.35 1.80 17.15
C CYS B 12 10.70 3.24 16.77
N ALA B 13 11.99 3.49 16.55
CA ALA B 13 12.45 4.81 16.15
C ALA B 13 12.99 4.79 14.72
N VAL B 14 12.15 5.19 13.76
CA VAL B 14 12.55 5.18 12.36
C VAL B 14 13.11 6.53 11.94
N PHE B 15 14.42 6.59 11.76
CA PHE B 15 15.07 7.79 11.25
C PHE B 15 14.89 7.88 9.74
N GLY B 16 14.50 9.05 9.26
CA GLY B 16 14.19 9.24 7.86
C GLY B 16 12.84 8.66 7.52
N GLY B 17 11.95 8.65 8.53
CA GLY B 17 10.61 8.12 8.36
C GLY B 17 9.65 9.12 7.76
N SER B 18 10.20 10.23 7.25
CA SER B 18 9.40 11.27 6.63
C SER B 18 8.93 10.86 5.24
N ARG B 19 9.83 10.27 4.47
CA ARG B 19 9.52 9.86 3.10
C ARG B 19 10.32 8.64 2.68
N GLY B 20 10.01 8.11 1.50
CA GLY B 20 10.74 6.98 0.95
C GLY B 20 10.48 5.68 1.68
N ILE B 21 11.55 4.91 1.88
CA ILE B 21 11.46 3.62 2.55
C ILE B 21 11.11 3.79 4.03
N GLY B 22 11.70 4.79 4.66
CA GLY B 22 11.47 5.06 6.07
C GLY B 22 10.02 5.34 6.41
N ARG B 23 9.31 5.95 5.46
CA ARG B 23 7.90 6.26 5.65
C ARG B 23 7.04 5.00 5.58
N ALA B 24 7.37 4.12 4.63
CA ALA B 24 6.62 2.89 4.44
C ALA B 24 6.78 1.96 5.65
N VAL B 25 7.99 1.93 6.21
CA VAL B 25 8.26 1.14 7.41
C VAL B 25 7.38 1.61 8.57
N ALA B 26 7.26 2.92 8.72
CA ALA B 26 6.42 3.50 9.76
C ALA B 26 4.96 3.12 9.57
N GLN B 27 4.51 3.14 8.32
CA GLN B 27 3.14 2.76 7.99
C GLN B 27 2.87 1.29 8.29
N LEU B 28 3.88 0.46 8.03
CA LEU B 28 3.72 -0.98 8.15
C LEU B 28 3.78 -1.45 9.61
N MET B 29 4.58 -0.77 10.42
CA MET B 29 4.72 -1.14 11.82
C MET B 29 3.61 -0.54 12.67
N ALA B 30 3.03 0.56 12.20
CA ALA B 30 1.91 1.18 12.89
C ALA B 30 0.69 0.28 12.87
N ARG B 31 0.56 -0.49 11.80
CA ARG B 31 -0.55 -1.42 11.63
C ARG B 31 -0.36 -2.67 12.49
N LYS B 32 0.87 -2.92 12.92
CA LYS B 32 1.20 -4.12 13.68
C LYS B 32 1.22 -3.88 15.19
N GLY B 33 0.91 -2.65 15.59
CA GLY B 33 0.84 -2.32 17.00
C GLY B 33 2.09 -1.66 17.55
N TYR B 34 3.11 -1.52 16.71
CA TYR B 34 4.32 -0.82 17.12
C TYR B 34 4.06 0.67 17.28
N ARG B 35 4.64 1.27 18.30
CA ARG B 35 4.55 2.72 18.47
C ARG B 35 5.75 3.38 17.81
N LEU B 36 5.48 4.28 16.88
CA LEU B 36 6.52 4.81 16.00
C LEU B 36 6.98 6.22 16.37
N ALA B 37 8.25 6.49 16.06
CA ALA B 37 8.82 7.82 16.22
C ALA B 37 9.38 8.31 14.88
N VAL B 38 8.54 9.02 14.12
CA VAL B 38 8.95 9.53 12.82
C VAL B 38 9.98 10.65 12.99
N ILE B 39 11.22 10.38 12.61
CA ILE B 39 12.30 11.34 12.80
C ILE B 39 12.94 11.77 11.48
N ALA B 40 13.06 13.08 11.30
CA ALA B 40 13.72 13.66 10.13
C ALA B 40 14.17 15.08 10.45
N ARG B 41 14.95 15.68 9.57
CA ARG B 41 15.40 17.06 9.77
C ARG B 41 14.23 18.02 9.74
N ASN B 42 13.39 17.89 8.73
CA ASN B 42 12.17 18.69 8.63
C ASN B 42 11.06 18.09 9.49
N LEU B 43 10.62 18.84 10.49
CA LEU B 43 9.61 18.37 11.42
C LEU B 43 8.22 18.35 10.78
N GLU B 44 7.95 19.32 9.92
CA GLU B 44 6.64 19.44 9.27
C GLU B 44 6.26 18.19 8.50
N GLY B 45 7.22 17.62 7.78
CA GLY B 45 6.99 16.39 7.03
C GLY B 45 6.94 15.18 7.95
N ALA B 46 7.75 15.21 9.00
CA ALA B 46 7.78 14.13 9.97
C ALA B 46 6.49 14.10 10.80
N LYS B 47 5.93 15.28 11.04
CA LYS B 47 4.71 15.39 11.82
C LYS B 47 3.49 15.03 10.96
N ALA B 48 3.57 15.31 9.67
CA ALA B 48 2.52 14.95 8.74
C ALA B 48 2.52 13.45 8.47
N ALA B 49 3.70 12.84 8.61
CA ALA B 49 3.85 11.41 8.43
C ALA B 49 3.30 10.66 9.64
N ALA B 50 3.63 11.15 10.83
CA ALA B 50 3.15 10.56 12.07
C ALA B 50 1.65 10.80 12.23
N GLY B 51 1.14 11.82 11.55
CA GLY B 51 -0.27 12.13 11.58
C GLY B 51 -1.09 11.14 10.79
N ASP B 52 -0.53 10.68 9.66
CA ASP B 52 -1.20 9.68 8.83
C ASP B 52 -1.22 8.34 9.55
N LEU B 53 -0.23 8.13 10.41
CA LEU B 53 -0.18 6.92 11.23
C LEU B 53 -1.27 6.95 12.30
N GLY B 54 -1.97 8.08 12.39
CA GLY B 54 -3.03 8.25 13.36
C GLY B 54 -2.49 8.86 14.65
N GLY B 55 -3.26 8.73 15.73
CA GLY B 55 -2.79 9.17 17.03
C GLY B 55 -1.76 8.21 17.57
N ASP B 56 -1.43 8.34 18.86
CA ASP B 56 -0.52 7.42 19.55
C ASP B 56 0.92 7.46 19.01
N HIS B 57 1.14 8.22 17.93
CA HIS B 57 2.46 8.29 17.31
C HIS B 57 3.00 9.72 17.32
N LEU B 58 4.30 9.86 17.53
CA LEU B 58 4.93 11.17 17.65
C LEU B 58 6.02 11.38 16.59
N ALA B 59 6.42 12.64 16.42
CA ALA B 59 7.44 13.00 15.45
C ALA B 59 8.55 13.83 16.10
N PHE B 60 9.75 13.75 15.55
CA PHE B 60 10.90 14.48 16.09
C PHE B 60 11.76 15.09 14.99
N SER B 61 12.44 16.18 15.33
CA SER B 61 13.34 16.83 14.38
C SER B 61 14.80 16.58 14.78
N CYS B 62 15.58 16.02 13.85
CA CYS B 62 16.95 15.65 14.15
C CYS B 62 17.81 15.49 12.90
N ASP B 63 19.10 15.77 13.06
CA ASP B 63 20.09 15.51 12.02
C ASP B 63 21.00 14.38 12.48
N VAL B 64 20.97 13.26 11.77
CA VAL B 64 21.76 12.09 12.16
C VAL B 64 23.26 12.37 12.08
N ALA B 65 23.64 13.34 11.26
CA ALA B 65 25.05 13.69 11.10
C ALA B 65 25.60 14.42 12.32
N LYS B 66 24.74 15.22 12.96
CA LYS B 66 25.14 15.97 14.14
C LYS B 66 25.06 15.10 15.39
N GLU B 67 26.14 15.08 16.17
CA GLU B 67 26.24 14.19 17.32
C GLU B 67 25.28 14.56 18.45
N HIS B 68 24.97 15.85 18.58
CA HIS B 68 24.14 16.32 19.68
C HIS B 68 22.66 16.31 19.32
N ASP B 69 22.35 16.39 18.03
CA ASP B 69 20.98 16.30 17.57
C ASP B 69 20.41 14.92 17.86
N VAL B 70 21.26 13.91 17.71
CA VAL B 70 20.86 12.53 17.95
C VAL B 70 20.64 12.26 19.43
N GLN B 71 21.59 12.70 20.26
CA GLN B 71 21.53 12.44 21.69
C GLN B 71 20.36 13.16 22.35
N ASN B 72 20.10 14.39 21.91
CA ASN B 72 18.98 15.16 22.44
C ASN B 72 17.64 14.63 21.94
N THR B 73 17.66 13.91 20.83
CA THR B 73 16.45 13.30 20.27
C THR B 73 16.13 11.99 20.99
N PHE B 74 17.18 11.25 21.33
CA PHE B 74 17.02 10.01 22.07
C PHE B 74 16.61 10.29 23.52
N GLU B 75 16.85 11.52 23.96
CA GLU B 75 16.41 11.95 25.28
C GLU B 75 14.96 12.40 25.25
N GLU B 76 14.53 12.92 24.10
CA GLU B 76 13.16 13.38 23.93
C GLU B 76 12.24 12.22 23.57
N LEU B 77 12.77 11.27 22.80
CA LEU B 77 11.99 10.09 22.41
C LEU B 77 11.78 9.15 23.59
N GLU B 78 12.62 9.29 24.61
CA GLU B 78 12.54 8.44 25.79
C GLU B 78 11.65 9.04 26.87
N LYS B 79 11.29 10.31 26.70
CA LYS B 79 10.47 11.00 27.69
C LYS B 79 9.01 11.07 27.27
N HIS B 80 8.70 10.48 26.11
CA HIS B 80 7.34 10.51 25.59
C HIS B 80 6.83 9.12 25.22
N LEU B 81 7.71 8.29 24.68
CA LEU B 81 7.35 6.97 24.20
C LEU B 81 7.74 5.87 25.20
N GLY B 82 8.88 6.07 25.85
CA GLY B 82 9.43 5.07 26.75
C GLY B 82 10.79 4.62 26.27
N ARG B 83 11.10 3.35 26.48
CA ARG B 83 12.40 2.82 26.09
C ARG B 83 12.37 2.23 24.68
N VAL B 84 13.27 2.73 23.83
CA VAL B 84 13.33 2.29 22.44
C VAL B 84 14.04 0.94 22.32
N ASN B 85 13.34 -0.04 21.75
CA ASN B 85 13.91 -1.37 21.55
C ASN B 85 13.91 -1.78 20.08
N PHE B 86 13.53 -0.84 19.22
CA PHE B 86 13.54 -1.06 17.77
C PHE B 86 14.05 0.17 17.05
N LEU B 87 15.06 -0.01 16.21
CA LEU B 87 15.67 1.11 15.50
C LEU B 87 15.75 0.85 14.00
N VAL B 88 15.27 1.81 13.21
CA VAL B 88 15.35 1.72 11.77
C VAL B 88 16.09 2.92 11.20
N ASN B 89 17.30 2.67 10.68
CA ASN B 89 18.11 3.72 10.08
C ASN B 89 17.86 3.86 8.59
N ALA B 90 16.79 4.58 8.23
CA ALA B 90 16.45 4.78 6.84
C ALA B 90 16.69 6.22 6.42
N ALA B 91 17.56 6.92 7.14
CA ALA B 91 17.93 8.28 6.78
C ALA B 91 19.20 8.25 5.93
N GLY B 92 19.12 8.83 4.74
CA GLY B 92 20.25 8.85 3.83
C GLY B 92 20.12 9.83 2.69
N ILE B 93 21.25 10.13 2.06
CA ILE B 93 21.28 11.02 0.90
C ILE B 93 22.12 10.41 -0.21
N ASN B 94 21.77 10.71 -1.46
CA ASN B 94 22.51 10.20 -2.60
C ASN B 94 22.79 11.29 -3.62
N ARG B 95 24.04 11.34 -4.08
CA ARG B 95 24.45 12.26 -5.12
C ARG B 95 25.39 11.57 -6.09
N ASP B 96 24.87 11.23 -7.28
CA ASP B 96 25.65 10.51 -8.27
C ASP B 96 26.73 11.39 -8.89
N GLY B 97 27.63 10.76 -9.64
CA GLY B 97 28.71 11.47 -10.29
C GLY B 97 30.02 10.75 -10.20
N LEU B 98 30.96 11.11 -11.07
CA LEU B 98 32.28 10.48 -11.08
C LEU B 98 33.08 10.88 -9.83
N LEU B 99 34.17 10.17 -9.59
CA LEU B 99 35.01 10.45 -8.43
C LEU B 99 35.79 11.75 -8.60
N VAL B 100 36.24 12.01 -9.82
CA VAL B 100 37.02 13.21 -10.11
C VAL B 100 36.16 14.46 -10.13
N ARG B 101 34.88 14.29 -10.45
CA ARG B 101 33.96 15.42 -10.52
C ARG B 101 33.25 15.66 -9.19
N THR B 102 33.62 14.87 -8.18
CA THR B 102 33.01 14.99 -6.86
C THR B 102 33.91 15.77 -5.91
N LYS B 103 33.39 16.89 -5.41
CA LYS B 103 34.12 17.70 -4.44
C LYS B 103 34.22 16.96 -3.11
N THR B 104 35.26 17.27 -2.35
CA THR B 104 35.49 16.62 -1.05
C THR B 104 34.35 16.88 -0.08
N GLU B 105 33.72 18.05 -0.23
CA GLU B 105 32.61 18.46 0.63
C GLU B 105 31.49 17.43 0.64
N ASP B 106 31.06 17.01 -0.55
CA ASP B 106 29.96 16.06 -0.68
C ASP B 106 30.39 14.65 -0.29
N MET B 107 31.67 14.35 -0.44
CA MET B 107 32.22 13.06 -0.04
C MET B 107 32.11 12.89 1.48
N VAL B 108 32.37 13.98 2.20
CA VAL B 108 32.23 14.00 3.65
C VAL B 108 30.75 14.02 4.04
N SER B 109 29.95 14.69 3.22
CA SER B 109 28.52 14.83 3.48
C SER B 109 27.80 13.48 3.52
N GLN B 110 28.01 12.65 2.51
CA GLN B 110 27.38 11.34 2.45
C GLN B 110 27.97 10.39 3.48
N LEU B 111 29.25 10.57 3.78
CA LEU B 111 29.94 9.75 4.77
C LEU B 111 29.34 9.93 6.15
N HIS B 112 29.02 11.18 6.49
CA HIS B 112 28.47 11.50 7.79
C HIS B 112 26.99 11.14 7.89
N THR B 113 26.26 11.35 6.80
CA THR B 113 24.83 11.09 6.78
C THR B 113 24.50 9.60 6.74
N ASN B 114 25.11 8.89 5.82
CA ASN B 114 24.80 7.49 5.58
C ASN B 114 25.52 6.53 6.53
N LEU B 115 26.71 6.90 6.97
CA LEU B 115 27.52 6.01 7.79
C LEU B 115 27.68 6.50 9.23
N LEU B 116 28.28 7.67 9.39
CA LEU B 116 28.48 8.26 10.72
C LEU B 116 27.14 8.44 11.43
N GLY B 117 26.14 8.83 10.66
CA GLY B 117 24.80 9.05 11.19
C GLY B 117 24.19 7.81 11.78
N SER B 118 24.34 6.68 11.08
CA SER B 118 23.79 5.41 11.56
C SER B 118 24.54 4.91 12.78
N MET B 119 25.83 5.19 12.85
CA MET B 119 26.65 4.76 13.98
C MET B 119 26.30 5.55 15.24
N LEU B 120 25.81 6.77 15.05
CA LEU B 120 25.39 7.60 16.17
C LEU B 120 24.05 7.13 16.72
N THR B 121 23.12 6.82 15.82
CA THR B 121 21.79 6.38 16.21
C THR B 121 21.85 5.05 16.94
N CYS B 122 22.75 4.16 16.52
CA CYS B 122 22.91 2.86 17.17
C CYS B 122 23.50 3.01 18.57
N LYS B 123 24.48 3.91 18.69
CA LYS B 123 25.13 4.17 19.97
C LYS B 123 24.14 4.65 21.02
N ALA B 124 23.31 5.61 20.65
CA ALA B 124 22.30 6.15 21.55
C ALA B 124 21.19 5.13 21.80
N ALA B 125 21.02 4.21 20.85
CA ALA B 125 20.06 3.13 21.00
C ALA B 125 20.64 2.03 21.88
N MET B 126 21.96 1.86 21.82
CA MET B 126 22.65 0.90 22.67
C MET B 126 22.43 1.21 24.14
N ARG B 127 22.37 2.50 24.46
CA ARG B 127 22.11 2.93 25.83
C ARG B 127 20.80 2.34 26.34
N THR B 128 19.74 2.54 25.57
CA THR B 128 18.39 2.19 26.00
C THR B 128 18.03 0.72 25.80
N MET B 129 18.73 0.05 24.90
CA MET B 129 18.44 -1.36 24.61
C MET B 129 19.13 -2.29 25.60
N ILE B 130 20.14 -1.78 26.29
CA ILE B 130 20.81 -2.55 27.34
C ILE B 130 19.96 -2.54 28.61
N GLN B 131 19.30 -1.42 28.88
CA GLN B 131 18.47 -1.29 30.08
C GLN B 131 17.29 -2.26 30.04
N GLN B 132 16.56 -2.29 28.92
CA GLN B 132 15.42 -3.17 28.82
C GLN B 132 15.80 -4.57 28.35
N GLN B 133 17.11 -4.84 28.37
CA GLN B 133 17.66 -6.17 28.06
C GLN B 133 17.10 -6.79 26.80
N GLY B 134 17.32 -6.13 25.66
CA GLY B 134 16.82 -6.62 24.39
C GLY B 134 16.44 -5.52 23.44
N GLY B 135 16.88 -5.64 22.19
CA GLY B 135 16.58 -4.67 21.16
C GLY B 135 16.82 -5.23 19.77
N SER B 136 16.28 -4.56 18.77
CA SER B 136 16.47 -4.99 17.39
C SER B 136 16.77 -3.80 16.49
N ILE B 137 17.88 -3.88 15.75
CA ILE B 137 18.32 -2.77 14.92
C ILE B 137 18.47 -3.19 13.46
N VAL B 138 17.93 -2.38 12.56
CA VAL B 138 18.09 -2.63 11.12
C VAL B 138 18.55 -1.36 10.41
N ASN B 139 19.74 -1.43 9.82
CA ASN B 139 20.29 -0.34 9.04
C ASN B 139 19.98 -0.52 7.56
N VAL B 140 19.49 0.54 6.92
CA VAL B 140 19.16 0.47 5.50
C VAL B 140 20.36 0.87 4.65
N GLY B 141 20.93 -0.12 3.96
CA GLY B 141 22.06 0.13 3.08
C GLY B 141 21.64 0.07 1.62
N SER B 142 22.47 -0.57 0.80
CA SER B 142 22.16 -0.73 -0.62
C SER B 142 22.97 -1.88 -1.21
N ILE B 143 22.53 -2.41 -2.34
CA ILE B 143 23.24 -3.50 -3.01
C ILE B 143 24.55 -2.97 -3.61
N VAL B 144 24.60 -1.66 -3.86
CA VAL B 144 25.81 -1.04 -4.38
C VAL B 144 26.81 -0.81 -3.26
N GLY B 145 26.38 -1.01 -2.02
CA GLY B 145 27.27 -0.94 -0.89
C GLY B 145 28.21 -2.12 -0.89
N LEU B 146 27.76 -3.22 -1.49
CA LEU B 146 28.56 -4.44 -1.56
C LEU B 146 29.20 -4.64 -2.94
N LYS B 147 28.40 -4.53 -3.98
CA LYS B 147 28.87 -4.78 -5.34
C LYS B 147 29.40 -3.53 -6.03
N GLY B 148 29.02 -2.36 -5.52
CA GLY B 148 29.46 -1.11 -6.12
C GLY B 148 28.69 -0.78 -7.39
N ASN B 149 28.75 0.48 -7.81
CA ASN B 149 28.11 0.89 -9.04
C ASN B 149 28.76 2.12 -9.65
N SER B 150 28.90 2.12 -10.96
CA SER B 150 29.55 3.22 -11.66
C SER B 150 28.76 4.51 -11.52
N GLY B 151 29.39 5.51 -10.92
CA GLY B 151 28.76 6.81 -10.72
C GLY B 151 28.31 7.02 -9.28
N GLN B 152 28.44 5.99 -8.46
CA GLN B 152 28.02 6.07 -7.07
C GLN B 152 29.11 5.56 -6.13
N SER B 153 30.35 5.96 -6.40
CA SER B 153 31.48 5.52 -5.58
C SER B 153 31.37 6.03 -4.15
N VAL B 154 30.97 7.29 -4.01
CA VAL B 154 30.79 7.90 -2.70
C VAL B 154 29.64 7.23 -1.95
N TYR B 155 28.56 6.91 -2.67
CA TYR B 155 27.41 6.27 -2.07
C TYR B 155 27.72 4.82 -1.72
N SER B 156 28.53 4.18 -2.55
CA SER B 156 28.94 2.79 -2.32
C SER B 156 29.85 2.68 -1.10
N ALA B 157 30.68 3.69 -0.89
CA ALA B 157 31.59 3.73 0.24
C ALA B 157 30.83 3.89 1.55
N SER B 158 29.99 4.92 1.61
CA SER B 158 29.21 5.22 2.81
C SER B 158 28.25 4.10 3.17
N LYS B 159 27.59 3.54 2.17
CA LYS B 159 26.62 2.48 2.39
C LYS B 159 27.31 1.13 2.63
N GLY B 160 28.53 1.00 2.11
CA GLY B 160 29.29 -0.23 2.27
C GLY B 160 29.80 -0.42 3.68
N GLY B 161 30.05 0.68 4.38
CA GLY B 161 30.53 0.64 5.74
C GLY B 161 29.49 0.14 6.72
N LEU B 162 28.22 0.19 6.31
CA LEU B 162 27.11 -0.26 7.14
C LEU B 162 27.17 -1.76 7.39
N VAL B 163 27.77 -2.49 6.46
CA VAL B 163 27.88 -3.94 6.56
C VAL B 163 28.86 -4.35 7.65
N GLY B 164 30.10 -3.88 7.54
CA GLY B 164 31.13 -4.19 8.52
C GLY B 164 30.78 -3.68 9.91
N PHE B 165 30.15 -2.52 9.97
CA PHE B 165 29.77 -1.93 11.25
C PHE B 165 28.71 -2.75 11.96
N SER B 166 27.63 -3.06 11.25
CA SER B 166 26.49 -3.76 11.83
C SER B 166 26.86 -5.16 12.31
N ARG B 167 27.72 -5.83 11.55
CA ARG B 167 28.16 -7.17 11.92
C ARG B 167 29.07 -7.14 13.14
N ALA B 168 29.98 -6.16 13.18
CA ALA B 168 30.86 -5.98 14.33
C ALA B 168 30.05 -5.58 15.55
N LEU B 169 28.99 -4.80 15.31
CA LEU B 169 28.09 -4.39 16.37
C LEU B 169 27.24 -5.56 16.85
N ALA B 170 26.81 -6.40 15.90
CA ALA B 170 26.00 -7.57 16.21
C ALA B 170 26.78 -8.55 17.07
N LYS B 171 28.07 -8.68 16.82
CA LYS B 171 28.93 -9.54 17.63
C LYS B 171 29.12 -8.97 19.02
N GLU B 172 29.08 -7.64 19.10
CA GLU B 172 29.35 -6.92 20.34
C GLU B 172 28.23 -7.10 21.36
N VAL B 173 26.98 -6.93 20.89
CA VAL B 173 25.83 -6.93 21.79
C VAL B 173 24.93 -8.14 21.58
N ALA B 174 25.49 -9.22 21.06
CA ALA B 174 24.73 -10.44 20.82
C ALA B 174 24.27 -11.07 22.13
N ARG B 175 25.13 -11.05 23.13
CA ARG B 175 24.82 -11.64 24.43
C ARG B 175 23.98 -10.70 25.30
N LYS B 176 23.49 -9.62 24.70
CA LYS B 176 22.62 -8.67 25.39
C LYS B 176 21.24 -8.66 24.76
N LYS B 177 20.93 -9.74 24.03
CA LYS B 177 19.65 -9.89 23.33
C LYS B 177 19.39 -8.76 22.34
N ILE B 178 20.46 -8.23 21.75
CA ILE B 178 20.33 -7.18 20.74
C ILE B 178 20.77 -7.71 19.38
N ARG B 179 19.91 -7.51 18.37
CA ARG B 179 20.19 -7.98 17.02
C ARG B 179 20.37 -6.82 16.05
N VAL B 180 21.47 -6.84 15.30
CA VAL B 180 21.74 -5.80 14.31
C VAL B 180 21.85 -6.41 12.92
N ASN B 181 21.02 -5.93 12.00
CA ASN B 181 21.02 -6.42 10.63
C ASN B 181 20.99 -5.30 9.60
N VAL B 182 21.23 -5.65 8.35
CA VAL B 182 21.23 -4.68 7.25
C VAL B 182 20.33 -5.12 6.11
N VAL B 183 19.43 -4.24 5.70
CA VAL B 183 18.63 -4.47 4.50
C VAL B 183 19.30 -3.79 3.32
N ALA B 184 19.56 -4.56 2.26
CA ALA B 184 20.24 -4.04 1.09
C ALA B 184 19.32 -4.04 -0.13
N PRO B 185 18.55 -2.95 -0.31
CA PRO B 185 17.65 -2.83 -1.47
C PRO B 185 18.42 -2.59 -2.76
N GLY B 186 17.80 -2.91 -3.89
CA GLY B 186 18.40 -2.67 -5.18
C GLY B 186 17.89 -1.39 -5.80
N PHE B 187 17.10 -1.53 -6.86
CA PHE B 187 16.50 -0.38 -7.53
C PHE B 187 15.05 -0.21 -7.13
N VAL B 188 14.77 0.85 -6.37
CA VAL B 188 13.41 1.14 -5.92
C VAL B 188 13.02 2.57 -6.29
N HIS B 189 11.85 3.00 -5.82
CA HIS B 189 11.38 4.35 -6.09
C HIS B 189 11.29 5.16 -4.79
N GLU B 199 15.78 3.41 -15.97
CA GLU B 199 14.47 3.20 -15.37
C GLU B 199 13.55 2.43 -16.32
N HIS B 200 14.04 2.18 -17.54
CA HIS B 200 13.29 1.42 -18.52
C HIS B 200 14.23 0.52 -19.33
N LEU B 201 15.54 0.68 -19.10
CA LEU B 201 16.54 -0.15 -19.74
C LEU B 201 16.94 -1.30 -18.83
N LYS B 202 16.38 -1.33 -17.62
CA LYS B 202 16.68 -2.39 -16.67
C LYS B 202 15.78 -3.61 -16.91
N LYS B 203 15.78 -4.10 -18.14
CA LYS B 203 15.01 -5.28 -18.49
C LYS B 203 15.83 -6.54 -18.25
N ASN B 204 16.93 -6.38 -17.53
CA ASN B 204 17.80 -7.51 -17.22
C ASN B 204 17.56 -8.05 -15.82
N ILE B 205 16.79 -7.30 -15.04
CA ILE B 205 16.38 -7.76 -13.71
C ILE B 205 15.49 -9.00 -13.86
N PRO B 206 15.85 -10.08 -13.17
CA PRO B 206 15.12 -11.35 -13.22
C PRO B 206 13.61 -11.21 -12.97
N LEU B 207 13.22 -10.20 -12.19
CA LEU B 207 11.81 -9.96 -11.93
C LEU B 207 11.24 -8.91 -12.90
N GLY B 208 12.12 -8.33 -13.71
CA GLY B 208 11.71 -7.43 -14.77
C GLY B 208 11.08 -6.13 -14.32
N ARG B 209 11.41 -5.68 -13.12
CA ARG B 209 10.87 -4.42 -12.60
C ARG B 209 11.72 -3.87 -11.46
N PHE B 210 11.53 -2.59 -11.17
CA PHE B 210 12.15 -1.97 -9.99
C PHE B 210 11.40 -2.39 -8.74
N GLY B 211 11.94 -2.04 -7.58
CA GLY B 211 11.31 -2.38 -6.32
C GLY B 211 10.41 -1.29 -5.78
N GLU B 212 9.60 -1.66 -4.79
CA GLU B 212 8.73 -0.70 -4.12
C GLU B 212 9.15 -0.53 -2.67
N THR B 213 8.96 0.67 -2.13
CA THR B 213 9.38 0.98 -0.77
C THR B 213 8.68 0.08 0.25
N ILE B 214 7.43 -0.27 -0.03
CA ILE B 214 6.67 -1.13 0.86
C ILE B 214 7.24 -2.54 0.88
N GLU B 215 7.79 -2.98 -0.24
CA GLU B 215 8.41 -4.29 -0.34
C GLU B 215 9.69 -4.35 0.50
N VAL B 216 10.44 -3.25 0.47
CA VAL B 216 11.63 -3.14 1.30
C VAL B 216 11.23 -3.01 2.76
N ALA B 217 10.10 -2.34 3.00
CA ALA B 217 9.57 -2.16 4.34
C ALA B 217 9.25 -3.51 5.00
N HIS B 218 8.68 -4.42 4.21
CA HIS B 218 8.39 -5.76 4.69
C HIS B 218 9.67 -6.52 5.01
N ALA B 219 10.75 -6.17 4.31
CA ALA B 219 12.04 -6.80 4.55
C ALA B 219 12.69 -6.22 5.80
N VAL B 220 12.31 -5.00 6.17
CA VAL B 220 12.81 -4.35 7.36
C VAL B 220 12.14 -4.92 8.61
N VAL B 221 10.81 -5.02 8.56
CA VAL B 221 10.03 -5.55 9.68
C VAL B 221 10.37 -7.01 9.95
N PHE B 222 10.64 -7.76 8.87
CA PHE B 222 10.96 -9.18 8.98
C PHE B 222 12.19 -9.43 9.85
N LEU B 223 13.27 -8.71 9.56
CA LEU B 223 14.51 -8.86 10.32
C LEU B 223 14.32 -8.43 11.77
N LEU B 224 13.49 -7.41 11.97
CA LEU B 224 13.19 -6.90 13.31
C LEU B 224 12.38 -7.90 14.12
N GLU B 225 11.72 -8.83 13.43
CA GLU B 225 10.85 -9.79 14.09
C GLU B 225 11.42 -11.21 14.08
N SER B 226 12.46 -11.43 13.28
CA SER B 226 13.10 -12.74 13.21
C SER B 226 14.15 -12.88 14.31
N PRO B 227 13.84 -13.67 15.34
CA PRO B 227 14.58 -13.70 16.60
C PRO B 227 15.98 -14.31 16.52
N TYR B 228 16.26 -15.11 15.50
CA TYR B 228 17.55 -15.79 15.43
C TYR B 228 18.42 -15.25 14.29
N ILE B 229 18.06 -14.08 13.77
CA ILE B 229 18.83 -13.45 12.71
C ILE B 229 19.55 -12.20 13.21
N THR B 230 20.89 -12.22 13.12
CA THR B 230 21.69 -11.05 13.46
C THR B 230 22.96 -11.01 12.62
N GLY B 231 23.43 -9.81 12.32
CA GLY B 231 24.61 -9.63 11.49
C GLY B 231 24.41 -10.13 10.07
N HIS B 232 23.17 -10.09 9.60
CA HIS B 232 22.85 -10.58 8.26
C HIS B 232 22.45 -9.44 7.32
N VAL B 233 22.92 -9.53 6.08
CA VAL B 233 22.55 -8.56 5.05
C VAL B 233 21.47 -9.13 4.14
N LEU B 234 20.26 -8.63 4.28
CA LEU B 234 19.14 -9.09 3.46
C LEU B 234 19.05 -8.28 2.18
N VAL B 235 19.10 -8.96 1.04
CA VAL B 235 19.10 -8.29 -0.25
C VAL B 235 17.71 -8.22 -0.88
N VAL B 236 17.25 -7.00 -1.15
CA VAL B 236 15.98 -6.79 -1.83
C VAL B 236 16.24 -6.20 -3.21
N ASP B 237 16.50 -7.07 -4.18
CA ASP B 237 17.00 -6.63 -5.47
C ASP B 237 16.12 -7.09 -6.64
N GLY B 238 15.43 -8.20 -6.46
CA GLY B 238 14.66 -8.80 -7.54
C GLY B 238 15.56 -9.65 -8.42
N GLY B 239 16.73 -9.99 -7.90
CA GLY B 239 17.70 -10.79 -8.62
C GLY B 239 18.77 -9.95 -9.28
N LEU B 240 18.83 -8.67 -8.90
CA LEU B 240 19.79 -7.74 -9.48
C LEU B 240 21.22 -8.12 -9.12
N GLN B 241 21.38 -8.75 -7.97
CA GLN B 241 22.69 -9.17 -7.46
C GLN B 241 23.39 -10.14 -8.41
N LEU B 242 22.59 -10.93 -9.12
CA LEU B 242 23.13 -11.96 -10.00
C LEU B 242 23.57 -11.42 -11.36
N ILE B 243 23.40 -10.12 -11.55
CA ILE B 243 23.71 -9.49 -12.84
C ILE B 243 24.81 -8.44 -12.69
N LEU B 244 24.84 -7.78 -11.55
CA LEU B 244 25.83 -6.73 -11.30
C LEU B 244 27.22 -7.33 -11.04
N LYS C 10 58.36 1.49 -13.60
CA LYS C 10 57.01 1.85 -13.16
C LYS C 10 57.03 2.36 -11.73
N VAL C 11 56.58 3.60 -11.54
CA VAL C 11 56.59 4.24 -10.22
C VAL C 11 55.36 3.84 -9.41
N CYS C 12 55.57 3.64 -8.11
CA CYS C 12 54.47 3.30 -7.20
C CYS C 12 54.47 4.19 -5.97
N ALA C 13 53.28 4.48 -5.44
CA ALA C 13 53.14 5.30 -4.26
C ALA C 13 52.45 4.52 -3.14
N VAL C 14 53.11 4.45 -1.98
CA VAL C 14 52.59 3.70 -0.84
C VAL C 14 52.21 4.61 0.31
N PHE C 15 50.91 4.80 0.52
CA PHE C 15 50.41 5.58 1.64
C PHE C 15 50.38 4.73 2.90
N GLY C 16 50.87 5.28 4.01
CA GLY C 16 51.00 4.53 5.23
C GLY C 16 52.09 3.49 5.10
N GLY C 17 53.15 3.85 4.40
CA GLY C 17 54.24 2.93 4.11
C GLY C 17 55.42 3.08 5.04
N SER C 18 55.21 3.71 6.18
CA SER C 18 56.28 3.88 7.17
C SER C 18 56.28 2.74 8.17
N ARG C 19 55.10 2.19 8.44
CA ARG C 19 54.97 1.04 9.35
C ARG C 19 54.00 0.00 8.81
N GLY C 20 54.02 -1.17 9.45
CA GLY C 20 53.07 -2.22 9.14
C GLY C 20 53.14 -2.77 7.72
N ILE C 21 51.96 -3.03 7.15
CA ILE C 21 51.84 -3.61 5.82
C ILE C 21 52.44 -2.71 4.75
N GLY C 22 52.14 -1.42 4.84
CA GLY C 22 52.66 -0.45 3.88
C GLY C 22 54.18 -0.44 3.83
N ARG C 23 54.80 -0.58 4.98
CA ARG C 23 56.26 -0.63 5.06
C ARG C 23 56.80 -1.90 4.43
N ALA C 24 56.08 -3.00 4.63
CA ALA C 24 56.47 -4.28 4.05
C ALA C 24 56.25 -4.29 2.54
N VAL C 25 55.21 -3.59 2.11
CA VAL C 25 54.92 -3.45 0.68
C VAL C 25 56.08 -2.73 -0.01
N ALA C 26 56.53 -1.64 0.62
CA ALA C 26 57.65 -0.86 0.09
C ALA C 26 58.94 -1.68 0.05
N GLN C 27 59.19 -2.45 1.09
CA GLN C 27 60.38 -3.29 1.16
C GLN C 27 60.43 -4.30 0.02
N LEU C 28 59.27 -4.90 -0.27
CA LEU C 28 59.19 -5.93 -1.30
C LEU C 28 59.22 -5.35 -2.71
N MET C 29 58.47 -4.27 -2.93
CA MET C 29 58.39 -3.66 -4.25
C MET C 29 59.70 -2.99 -4.64
N ALA C 30 60.54 -2.69 -3.65
CA ALA C 30 61.87 -2.15 -3.91
C ALA C 30 62.78 -3.23 -4.48
N ARG C 31 62.59 -4.46 -4.02
CA ARG C 31 63.37 -5.59 -4.49
C ARG C 31 63.02 -5.95 -5.93
N LYS C 32 61.79 -5.63 -6.33
CA LYS C 32 61.31 -5.92 -7.67
C LYS C 32 61.68 -4.82 -8.65
N GLY C 33 61.98 -3.64 -8.13
CA GLY C 33 62.47 -2.55 -8.95
C GLY C 33 61.51 -1.39 -9.14
N TYR C 34 60.34 -1.47 -8.54
CA TYR C 34 59.37 -0.39 -8.63
C TYR C 34 59.89 0.87 -7.93
N ARG C 35 59.76 2.01 -8.61
CA ARG C 35 60.12 3.29 -8.01
C ARG C 35 59.09 3.64 -6.94
N LEU C 36 59.55 3.85 -5.71
CA LEU C 36 58.63 3.97 -4.59
C LEU C 36 58.69 5.31 -3.87
N ALA C 37 57.58 5.65 -3.21
CA ALA C 37 57.50 6.84 -2.39
C ALA C 37 56.75 6.53 -1.09
N VAL C 38 57.46 6.65 0.02
CA VAL C 38 56.88 6.36 1.33
C VAL C 38 56.14 7.59 1.86
N ILE C 39 54.85 7.42 2.15
CA ILE C 39 54.01 8.54 2.58
C ILE C 39 53.34 8.28 3.92
N ALA C 40 53.51 9.22 4.85
CA ALA C 40 52.90 9.16 6.17
C ALA C 40 52.90 10.55 6.80
N ARG C 41 52.23 10.70 7.93
CA ARG C 41 52.20 11.99 8.62
C ARG C 41 53.59 12.35 9.15
N ASN C 42 54.16 11.46 9.94
CA ASN C 42 55.50 11.66 10.48
C ASN C 42 56.56 11.50 9.39
N LEU C 43 57.25 12.59 9.09
CA LEU C 43 58.25 12.60 8.01
C LEU C 43 59.46 11.74 8.36
N GLU C 44 59.89 11.81 9.61
CA GLU C 44 61.04 11.03 10.08
C GLU C 44 60.80 9.53 9.90
N GLY C 45 59.58 9.09 10.16
CA GLY C 45 59.22 7.70 9.97
C GLY C 45 59.16 7.33 8.50
N ALA C 46 58.73 8.28 7.67
CA ALA C 46 58.66 8.06 6.24
C ALA C 46 60.05 7.95 5.62
N LYS C 47 60.97 8.77 6.11
CA LYS C 47 62.34 8.75 5.60
C LYS C 47 63.11 7.56 6.16
N ALA C 48 62.76 7.13 7.37
CA ALA C 48 63.42 5.98 7.99
C ALA C 48 63.14 4.71 7.19
N ALA C 49 61.90 4.60 6.70
CA ALA C 49 61.50 3.45 5.90
C ALA C 49 62.13 3.52 4.52
N ALA C 50 62.03 4.69 3.88
CA ALA C 50 62.58 4.88 2.55
C ALA C 50 64.10 4.93 2.57
N GLY C 51 64.67 5.16 3.74
CA GLY C 51 66.11 5.23 3.90
C GLY C 51 66.77 3.87 3.81
N ASP C 52 66.07 2.84 4.28
CA ASP C 52 66.57 1.48 4.23
C ASP C 52 66.06 0.75 2.98
N LEU C 53 65.58 1.53 2.01
CA LEU C 53 65.12 0.94 0.75
C LEU C 53 66.28 0.85 -0.23
N GLY C 54 67.18 1.83 -0.16
CA GLY C 54 68.44 1.77 -0.88
C GLY C 54 68.32 2.00 -2.37
N GLY C 55 67.60 3.06 -2.75
CA GLY C 55 67.52 3.47 -4.13
C GLY C 55 67.03 4.89 -4.28
N ASP C 56 66.43 5.15 -5.44
CA ASP C 56 65.85 6.46 -5.74
C ASP C 56 64.47 6.58 -5.12
N HIS C 57 64.30 6.04 -3.92
CA HIS C 57 63.01 6.06 -3.24
C HIS C 57 62.93 7.27 -2.30
N LEU C 58 61.99 8.16 -2.59
CA LEU C 58 61.82 9.38 -1.79
C LEU C 58 60.73 9.19 -0.74
N ALA C 59 60.73 10.07 0.26
CA ALA C 59 59.71 10.02 1.31
C ALA C 59 58.94 11.33 1.36
N PHE C 60 57.66 11.25 1.71
CA PHE C 60 56.81 12.43 1.75
C PHE C 60 55.94 12.46 3.01
N SER C 61 55.67 13.66 3.50
CA SER C 61 54.80 13.83 4.66
C SER C 61 53.41 14.28 4.21
N CYS C 62 52.39 13.55 4.64
CA CYS C 62 51.02 13.85 4.23
C CYS C 62 49.97 13.28 5.17
N ASP C 63 48.86 13.99 5.29
CA ASP C 63 47.69 13.49 6.02
C ASP C 63 46.59 13.18 5.02
N VAL C 64 46.24 11.91 4.89
CA VAL C 64 45.26 11.47 3.91
C VAL C 64 43.85 11.98 4.24
N ALA C 65 43.66 12.40 5.49
CA ALA C 65 42.36 12.92 5.92
C ALA C 65 42.17 14.37 5.47
N LYS C 66 43.26 15.02 5.09
CA LYS C 66 43.21 16.41 4.63
C LYS C 66 43.27 16.48 3.11
N GLU C 67 42.22 17.02 2.51
CA GLU C 67 42.09 17.01 1.06
C GLU C 67 43.20 17.77 0.33
N HIS C 68 43.77 18.79 0.98
CA HIS C 68 44.79 19.61 0.34
C HIS C 68 46.15 18.94 0.42
N ASP C 69 46.42 18.29 1.54
CA ASP C 69 47.66 17.53 1.73
C ASP C 69 47.77 16.42 0.70
N VAL C 70 46.63 15.86 0.32
CA VAL C 70 46.58 14.82 -0.70
C VAL C 70 47.00 15.37 -2.06
N GLN C 71 46.41 16.49 -2.45
CA GLN C 71 46.71 17.10 -3.74
C GLN C 71 48.13 17.66 -3.78
N ASN C 72 48.55 18.27 -2.68
CA ASN C 72 49.90 18.80 -2.56
C ASN C 72 50.95 17.71 -2.69
N THR C 73 50.70 16.57 -2.05
CA THR C 73 51.63 15.45 -2.07
C THR C 73 51.63 14.76 -3.44
N PHE C 74 50.45 14.68 -4.05
CA PHE C 74 50.32 14.06 -5.37
C PHE C 74 50.95 14.91 -6.45
N GLU C 75 51.16 16.20 -6.15
CA GLU C 75 51.84 17.09 -7.08
C GLU C 75 53.35 16.94 -6.94
N GLU C 76 53.81 16.63 -5.73
CA GLU C 76 55.23 16.42 -5.48
C GLU C 76 55.71 15.12 -6.14
N LEU C 77 54.79 14.20 -6.37
CA LEU C 77 55.11 12.92 -6.99
C LEU C 77 55.32 13.08 -8.49
N GLU C 78 54.55 13.99 -9.07
CA GLU C 78 54.57 14.26 -10.50
C GLU C 78 55.87 14.95 -10.92
N LYS C 79 56.57 15.54 -9.95
CA LYS C 79 57.83 16.25 -10.18
C LYS C 79 59.08 15.43 -9.87
N HIS C 80 59.11 14.79 -8.71
CA HIS C 80 60.33 14.12 -8.24
C HIS C 80 60.38 12.64 -8.65
N LEU C 81 59.21 12.01 -8.68
CA LEU C 81 59.14 10.58 -9.00
C LEU C 81 58.78 10.33 -10.46
N GLY C 82 57.90 11.17 -11.00
CA GLY C 82 57.43 11.00 -12.37
C GLY C 82 55.95 10.70 -12.42
N ARG C 83 55.55 9.80 -13.31
CA ARG C 83 54.14 9.43 -13.43
C ARG C 83 53.80 8.22 -12.57
N VAL C 84 52.83 8.39 -11.69
CA VAL C 84 52.37 7.30 -10.84
C VAL C 84 51.59 6.27 -11.64
N ASN C 85 52.02 5.02 -11.56
CA ASN C 85 51.36 3.93 -12.27
C ASN C 85 50.71 2.95 -11.30
N PHE C 86 51.26 2.89 -10.08
CA PHE C 86 50.73 1.99 -9.06
C PHE C 86 50.45 2.76 -7.77
N LEU C 87 49.39 2.38 -7.07
CA LEU C 87 49.00 3.05 -5.84
C LEU C 87 48.58 2.07 -4.76
N VAL C 88 49.15 2.23 -3.56
CA VAL C 88 48.81 1.38 -2.43
C VAL C 88 48.34 2.21 -1.24
N ASN C 89 47.07 2.05 -0.87
CA ASN C 89 46.51 2.74 0.28
C ASN C 89 46.53 1.86 1.53
N ALA C 90 47.57 2.03 2.34
CA ALA C 90 47.73 1.23 3.55
C ALA C 90 47.73 2.11 4.81
N ALA C 91 47.31 3.35 4.66
CA ALA C 91 47.25 4.27 5.78
C ALA C 91 45.98 4.04 6.61
N GLY C 92 46.16 3.75 7.88
CA GLY C 92 45.02 3.50 8.76
C GLY C 92 45.34 3.59 10.24
N ILE C 93 44.32 3.91 11.03
CA ILE C 93 44.44 3.98 12.48
C ILE C 93 43.36 3.12 13.14
N ASN C 94 43.66 2.58 14.31
CA ASN C 94 42.72 1.71 14.99
C ASN C 94 42.84 1.77 16.51
N ARG C 95 41.68 1.89 17.16
CA ARG C 95 41.62 1.83 18.62
C ARG C 95 40.38 1.05 19.05
N ASP C 96 40.60 -0.08 19.70
CA ASP C 96 39.49 -0.94 20.11
C ASP C 96 38.74 -0.33 21.29
N GLY C 97 37.44 -0.59 21.33
CA GLY C 97 36.58 -0.07 22.39
C GLY C 97 35.12 -0.24 22.05
N LEU C 98 34.29 -0.33 23.08
CA LEU C 98 32.85 -0.51 22.89
C LEU C 98 32.25 0.69 22.19
N LEU C 99 31.32 0.43 21.27
CA LEU C 99 30.68 1.48 20.48
C LEU C 99 29.89 2.45 21.36
N VAL C 100 29.54 1.98 22.55
CA VAL C 100 28.81 2.78 23.52
C VAL C 100 29.78 3.68 24.28
N ARG C 101 31.06 3.32 24.26
CA ARG C 101 32.07 4.03 25.03
C ARG C 101 33.09 4.73 24.12
N THR C 102 32.72 4.97 22.87
CA THR C 102 33.61 5.65 21.93
C THR C 102 33.13 7.07 21.64
N LYS C 103 34.05 8.03 21.76
CA LYS C 103 33.76 9.43 21.46
C LYS C 103 33.48 9.61 19.98
N THR C 104 32.69 10.63 19.64
CA THR C 104 32.27 10.85 18.26
C THR C 104 33.43 11.19 17.34
N GLU C 105 34.37 12.00 17.84
CA GLU C 105 35.46 12.48 17.00
C GLU C 105 36.57 11.45 16.80
N ASP C 106 36.43 10.30 17.45
CA ASP C 106 37.32 9.17 17.18
C ASP C 106 36.69 8.33 16.08
N MET C 107 35.37 8.35 16.02
CA MET C 107 34.63 7.71 14.95
C MET C 107 34.84 8.48 13.65
N VAL C 108 34.90 9.80 13.76
CA VAL C 108 35.13 10.67 12.62
C VAL C 108 36.57 10.57 12.14
N SER C 109 37.50 10.51 13.09
CA SER C 109 38.92 10.45 12.79
C SER C 109 39.29 9.22 11.95
N GLN C 110 38.85 8.05 12.41
CA GLN C 110 39.12 6.81 11.70
C GLN C 110 38.42 6.77 10.35
N LEU C 111 37.25 7.40 10.29
CA LEU C 111 36.43 7.37 9.09
C LEU C 111 37.00 8.24 7.98
N HIS C 112 37.78 9.25 8.37
CA HIS C 112 38.41 10.14 7.40
C HIS C 112 39.78 9.65 6.98
N THR C 113 40.40 8.84 7.84
CA THR C 113 41.73 8.32 7.56
C THR C 113 41.66 6.99 6.81
N ASN C 114 40.87 6.06 7.32
CA ASN C 114 40.83 4.71 6.78
C ASN C 114 39.94 4.59 5.54
N LEU C 115 38.98 5.49 5.39
CA LEU C 115 38.04 5.42 4.27
C LEU C 115 38.16 6.62 3.34
N LEU C 116 37.86 7.81 3.86
CA LEU C 116 37.92 9.03 3.08
C LEU C 116 39.33 9.28 2.54
N GLY C 117 40.33 8.87 3.30
CA GLY C 117 41.71 9.01 2.89
C GLY C 117 42.03 8.24 1.62
N SER C 118 41.49 7.03 1.53
CA SER C 118 41.70 6.20 0.35
C SER C 118 40.89 6.72 -0.83
N MET C 119 39.76 7.36 -0.54
CA MET C 119 38.89 7.90 -1.58
C MET C 119 39.52 9.12 -2.25
N LEU C 120 40.30 9.88 -1.49
CA LEU C 120 40.94 11.07 -2.01
C LEU C 120 42.22 10.75 -2.79
N THR C 121 43.00 9.80 -2.27
CA THR C 121 44.24 9.41 -2.94
C THR C 121 43.94 8.80 -4.31
N CYS C 122 42.91 7.96 -4.37
CA CYS C 122 42.49 7.36 -5.64
C CYS C 122 42.02 8.44 -6.61
N LYS C 123 41.20 9.36 -6.11
CA LYS C 123 40.68 10.46 -6.90
C LYS C 123 41.80 11.28 -7.54
N ALA C 124 42.81 11.62 -6.73
CA ALA C 124 43.93 12.41 -7.21
C ALA C 124 44.81 11.61 -8.17
N ALA C 125 44.85 10.31 -7.96
CA ALA C 125 45.66 9.41 -8.78
C ALA C 125 44.97 9.04 -10.08
N MET C 126 43.75 9.53 -10.25
CA MET C 126 42.93 9.10 -11.37
C MET C 126 43.38 9.71 -12.69
N ARG C 127 43.21 11.01 -12.84
CA ARG C 127 43.47 11.67 -14.12
C ARG C 127 44.95 11.66 -14.52
N THR C 128 45.81 11.26 -13.59
CA THR C 128 47.22 11.06 -13.92
C THR C 128 47.46 9.62 -14.35
N MET C 129 46.44 8.79 -14.19
CA MET C 129 46.49 7.39 -14.63
C MET C 129 45.66 7.20 -15.90
N ILE C 130 44.68 8.08 -16.11
CA ILE C 130 43.82 8.02 -17.28
C ILE C 130 44.58 8.53 -18.51
N GLN C 131 45.49 9.47 -18.29
CA GLN C 131 46.34 9.99 -19.36
C GLN C 131 47.21 8.87 -19.92
N GLN C 132 47.68 7.99 -19.04
CA GLN C 132 48.46 6.83 -19.45
C GLN C 132 47.54 5.75 -20.00
N GLN C 133 46.26 5.88 -19.70
CA GLN C 133 45.27 4.85 -19.99
C GLN C 133 45.71 3.53 -19.36
N GLY C 134 46.20 3.62 -18.13
CA GLY C 134 46.70 2.47 -17.41
C GLY C 134 46.99 2.79 -15.96
N GLY C 135 46.79 1.81 -15.08
CA GLY C 135 47.03 1.99 -13.66
C GLY C 135 46.51 0.83 -12.84
N SER C 136 47.05 0.69 -11.63
CA SER C 136 46.64 -0.39 -10.74
C SER C 136 46.59 0.09 -9.29
N ILE C 137 45.43 -0.04 -8.67
CA ILE C 137 45.23 0.43 -7.30
C ILE C 137 44.85 -0.71 -6.37
N VAL C 138 45.50 -0.75 -5.20
CA VAL C 138 45.15 -1.72 -4.16
C VAL C 138 44.91 -1.02 -2.83
N ASN C 139 43.70 -1.16 -2.31
CA ASN C 139 43.33 -0.56 -1.04
C ASN C 139 43.36 -1.58 0.08
N VAL C 140 44.33 -1.44 0.97
CA VAL C 140 44.48 -2.37 2.10
C VAL C 140 43.39 -2.16 3.13
N GLY C 141 42.49 -3.13 3.24
CA GLY C 141 41.42 -3.08 4.22
C GLY C 141 41.64 -4.07 5.34
N SER C 142 40.60 -4.86 5.63
CA SER C 142 40.68 -5.90 6.65
C SER C 142 39.52 -6.87 6.52
N ILE C 143 39.74 -8.11 6.96
CA ILE C 143 38.70 -9.13 6.92
C ILE C 143 37.56 -8.76 7.86
N VAL C 144 37.89 -7.95 8.87
CA VAL C 144 36.89 -7.47 9.83
C VAL C 144 35.99 -6.43 9.14
N GLY C 145 36.52 -5.79 8.10
CA GLY C 145 35.75 -4.82 7.35
C GLY C 145 34.50 -5.38 6.70
N LEU C 146 34.46 -6.69 6.51
CA LEU C 146 33.34 -7.29 5.79
C LEU C 146 32.65 -8.36 6.63
N LYS C 147 33.27 -8.76 7.72
CA LYS C 147 32.72 -9.81 8.60
CA LYS C 147 32.67 -9.78 8.59
C LYS C 147 32.53 -9.29 10.02
N GLY C 148 33.18 -8.17 10.34
CA GLY C 148 33.06 -7.55 11.65
C GLY C 148 33.74 -8.30 12.79
N ASN C 149 33.93 -7.60 13.90
CA ASN C 149 34.50 -8.18 15.11
C ASN C 149 34.18 -7.30 16.32
N SER C 150 33.88 -7.93 17.45
CA SER C 150 33.54 -7.20 18.67
C SER C 150 34.67 -6.28 19.12
N GLY C 151 34.34 -5.04 19.40
CA GLY C 151 35.31 -4.06 19.86
C GLY C 151 35.98 -3.30 18.73
N GLN C 152 35.57 -3.59 17.50
CA GLN C 152 36.15 -2.93 16.34
C GLN C 152 35.07 -2.47 15.36
N SER C 153 33.95 -2.00 15.89
CA SER C 153 32.83 -1.58 15.07
C SER C 153 33.19 -0.40 14.17
N VAL C 154 33.84 0.60 14.76
CA VAL C 154 34.24 1.79 14.01
C VAL C 154 35.27 1.44 12.93
N TYR C 155 36.23 0.60 13.28
CA TYR C 155 37.27 0.18 12.34
C TYR C 155 36.67 -0.68 11.23
N SER C 156 35.62 -1.43 11.57
CA SER C 156 34.94 -2.26 10.59
C SER C 156 34.14 -1.41 9.61
N ALA C 157 33.62 -0.29 10.10
CA ALA C 157 32.85 0.63 9.28
C ALA C 157 33.75 1.37 8.31
N SER C 158 34.90 1.81 8.80
CA SER C 158 35.84 2.58 7.99
C SER C 158 36.52 1.72 6.94
N LYS C 159 36.93 0.51 7.33
CA LYS C 159 37.58 -0.40 6.41
C LYS C 159 36.58 -1.17 5.56
N GLY C 160 35.31 -1.11 5.95
CA GLY C 160 34.25 -1.79 5.23
C GLY C 160 33.79 -1.04 4.00
N GLY C 161 33.89 0.29 4.07
CA GLY C 161 33.49 1.13 2.94
C GLY C 161 34.45 1.02 1.78
N LEU C 162 35.66 0.55 2.05
CA LEU C 162 36.68 0.38 1.01
C LEU C 162 36.25 -0.62 -0.05
N VAL C 163 35.51 -1.65 0.38
CA VAL C 163 35.05 -2.69 -0.53
C VAL C 163 34.07 -2.12 -1.57
N GLY C 164 33.00 -1.51 -1.09
CA GLY C 164 32.00 -0.94 -1.97
C GLY C 164 32.55 0.18 -2.85
N PHE C 165 33.44 0.98 -2.28
CA PHE C 165 34.04 2.10 -3.00
C PHE C 165 34.95 1.64 -4.13
N SER C 166 35.90 0.77 -3.80
CA SER C 166 36.87 0.29 -4.77
C SER C 166 36.20 -0.40 -5.94
N ARG C 167 35.17 -1.17 -5.64
CA ARG C 167 34.41 -1.89 -6.67
C ARG C 167 33.66 -0.91 -7.57
N ALA C 168 33.05 0.10 -6.96
CA ALA C 168 32.33 1.12 -7.72
C ALA C 168 33.31 1.93 -8.58
N LEU C 169 34.46 2.26 -7.99
CA LEU C 169 35.50 3.00 -8.70
C LEU C 169 36.09 2.17 -9.83
N ALA C 170 36.30 0.89 -9.56
CA ALA C 170 36.87 -0.01 -10.56
C ALA C 170 35.97 -0.12 -11.78
N LYS C 171 34.67 0.04 -11.58
CA LYS C 171 33.71 -0.05 -12.67
C LYS C 171 33.69 1.21 -13.52
N GLU C 172 33.91 2.37 -12.89
CA GLU C 172 33.93 3.63 -13.61
C GLU C 172 35.13 3.74 -14.54
N VAL C 173 36.20 3.03 -14.21
CA VAL C 173 37.49 3.27 -14.85
C VAL C 173 38.09 1.99 -15.46
N ALA C 174 37.32 0.91 -15.43
CA ALA C 174 37.79 -0.36 -15.99
C ALA C 174 38.06 -0.25 -17.49
N ARG C 175 37.29 0.60 -18.17
CA ARG C 175 37.44 0.76 -19.61
C ARG C 175 38.64 1.64 -19.96
N LYS C 176 39.23 2.28 -18.96
CA LYS C 176 40.45 3.05 -19.17
C LYS C 176 41.67 2.27 -18.67
N LYS C 177 41.52 0.95 -18.63
CA LYS C 177 42.59 0.04 -18.24
C LYS C 177 43.19 0.36 -16.89
N ILE C 178 42.32 0.68 -15.92
CA ILE C 178 42.77 0.96 -14.56
C ILE C 178 42.07 0.03 -13.58
N ARG C 179 42.85 -0.79 -12.89
CA ARG C 179 42.32 -1.80 -11.98
C ARG C 179 42.39 -1.34 -10.53
N VAL C 180 41.29 -1.51 -9.80
CA VAL C 180 41.23 -1.16 -8.39
C VAL C 180 40.80 -2.37 -7.56
N ASN C 181 41.70 -2.85 -6.69
CA ASN C 181 41.40 -4.02 -5.87
C ASN C 181 41.57 -3.75 -4.38
N VAL C 182 41.24 -4.75 -3.57
CA VAL C 182 41.30 -4.63 -2.11
C VAL C 182 41.95 -5.86 -1.47
N VAL C 183 42.92 -5.63 -0.60
CA VAL C 183 43.49 -6.70 0.20
C VAL C 183 42.94 -6.64 1.61
N ALA C 184 42.39 -7.76 2.08
CA ALA C 184 41.81 -7.83 3.42
C ALA C 184 42.57 -8.79 4.32
N PRO C 185 43.58 -8.28 5.03
CA PRO C 185 44.39 -9.09 5.95
C PRO C 185 43.59 -9.56 7.16
N GLY C 186 43.99 -10.67 7.75
CA GLY C 186 43.36 -11.18 8.94
C GLY C 186 44.03 -10.64 10.20
N PHE C 187 44.79 -11.50 10.86
CA PHE C 187 45.53 -11.08 12.05
C PHE C 187 47.02 -11.00 11.75
N VAL C 188 47.55 -9.80 11.77
CA VAL C 188 48.96 -9.58 11.46
C VAL C 188 49.72 -9.08 12.68
N HIS C 189 50.62 -9.90 13.21
CA HIS C 189 51.43 -9.53 14.37
C HIS C 189 52.55 -8.57 13.97
N THR C 190 52.73 -7.50 14.73
CA THR C 190 53.73 -6.49 14.42
C THR C 190 54.69 -6.31 15.59
N LYS C 194 54.22 -9.95 19.79
CA LYS C 194 53.75 -8.83 18.99
C LYS C 194 52.30 -8.55 19.34
N ASP C 195 51.69 -9.51 20.01
CA ASP C 195 50.33 -9.35 20.49
C ASP C 195 50.23 -9.88 21.90
N LEU C 196 49.01 -9.96 22.43
CA LEU C 196 48.82 -10.43 23.79
C LEU C 196 47.99 -11.72 23.83
N LYS C 197 46.83 -11.69 23.18
CA LYS C 197 45.94 -12.84 23.14
C LYS C 197 46.13 -13.60 21.83
N GLU C 198 47.31 -13.43 21.23
CA GLU C 198 47.63 -14.12 19.98
C GLU C 198 47.63 -15.63 20.14
N GLU C 199 48.20 -16.10 21.25
CA GLU C 199 48.29 -17.53 21.54
C GLU C 199 46.92 -18.21 21.57
N HIS C 200 45.96 -17.58 22.24
CA HIS C 200 44.61 -18.14 22.35
C HIS C 200 43.86 -18.03 21.03
N LEU C 201 44.24 -17.06 20.21
CA LEU C 201 43.55 -16.79 18.96
C LEU C 201 44.13 -17.61 17.80
N LYS C 202 45.45 -17.82 17.83
CA LYS C 202 46.12 -18.56 16.77
C LYS C 202 45.78 -20.04 16.80
N LYS C 203 45.30 -20.50 17.95
CA LYS C 203 45.00 -21.92 18.16
C LYS C 203 43.84 -22.39 17.29
N ASN C 204 43.00 -21.45 16.86
CA ASN C 204 41.85 -21.77 16.02
C ASN C 204 42.16 -21.64 14.54
N ILE C 205 42.91 -20.61 14.18
CA ILE C 205 43.30 -20.34 12.79
C ILE C 205 43.95 -21.58 12.15
N PRO C 206 43.43 -22.00 11.00
CA PRO C 206 43.85 -23.22 10.27
C PRO C 206 45.37 -23.35 10.11
N LEU C 207 46.06 -22.24 9.86
CA LEU C 207 47.51 -22.28 9.70
C LEU C 207 48.22 -22.20 11.05
N GLY C 208 47.44 -22.05 12.11
CA GLY C 208 47.96 -22.09 13.47
C GLY C 208 48.95 -20.99 13.81
N ARG C 209 48.75 -19.81 13.24
CA ARG C 209 49.63 -18.67 13.50
C ARG C 209 49.05 -17.38 12.93
N PHE C 210 49.51 -16.24 13.46
CA PHE C 210 49.16 -14.96 12.89
C PHE C 210 49.88 -14.75 11.57
N GLY C 211 49.51 -13.70 10.85
CA GLY C 211 50.15 -13.39 9.59
C GLY C 211 51.30 -12.43 9.76
N GLU C 212 52.24 -12.46 8.80
CA GLU C 212 53.35 -11.53 8.79
C GLU C 212 53.12 -10.47 7.72
N THR C 213 53.67 -9.28 7.92
CA THR C 213 53.44 -8.16 7.01
C THR C 213 54.00 -8.42 5.62
N ILE C 214 55.06 -9.22 5.54
CA ILE C 214 55.67 -9.54 4.26
C ILE C 214 54.76 -10.47 3.45
N GLU C 215 53.94 -11.25 4.16
CA GLU C 215 53.01 -12.16 3.51
C GLU C 215 51.84 -11.40 2.89
N VAL C 216 51.42 -10.33 3.57
CA VAL C 216 50.36 -9.46 3.06
C VAL C 216 50.90 -8.62 1.91
N ALA C 217 52.19 -8.30 1.97
CA ALA C 217 52.85 -7.53 0.93
C ALA C 217 52.86 -8.28 -0.40
N HIS C 218 53.10 -9.58 -0.33
CA HIS C 218 53.11 -10.43 -1.53
C HIS C 218 51.75 -10.45 -2.21
N ALA C 219 50.69 -10.43 -1.40
CA ALA C 219 49.33 -10.42 -1.92
C ALA C 219 49.04 -9.12 -2.67
N VAL C 220 49.47 -8.00 -2.11
CA VAL C 220 49.27 -6.69 -2.72
C VAL C 220 49.96 -6.61 -4.08
N VAL C 221 51.22 -7.04 -4.14
CA VAL C 221 51.98 -7.02 -5.38
C VAL C 221 51.34 -7.90 -6.44
N PHE C 222 50.83 -9.07 -6.02
CA PHE C 222 50.16 -9.98 -6.92
C PHE C 222 48.95 -9.34 -7.59
N LEU C 223 48.14 -8.65 -6.80
CA LEU C 223 46.96 -7.96 -7.33
C LEU C 223 47.35 -6.82 -8.26
N LEU C 224 48.42 -6.12 -7.90
CA LEU C 224 48.90 -4.98 -8.68
C LEU C 224 49.41 -5.40 -10.04
N GLU C 225 49.86 -6.64 -10.16
CA GLU C 225 50.50 -7.12 -11.38
C GLU C 225 49.60 -8.05 -12.19
N SER C 226 48.55 -8.57 -11.58
CA SER C 226 47.63 -9.47 -12.27
C SER C 226 46.73 -8.69 -13.23
N PRO C 227 46.94 -8.89 -14.55
CA PRO C 227 46.35 -8.08 -15.62
C PRO C 227 44.82 -8.16 -15.72
N TYR C 228 44.21 -9.22 -15.23
CA TYR C 228 42.78 -9.43 -15.44
C TYR C 228 41.98 -9.43 -14.14
N ILE C 229 42.59 -8.96 -13.05
CA ILE C 229 41.91 -8.90 -11.77
C ILE C 229 41.60 -7.46 -11.36
N THR C 230 40.31 -7.15 -11.22
CA THR C 230 39.89 -5.84 -10.74
C THR C 230 38.65 -5.97 -9.85
N GLY C 231 38.61 -5.16 -8.80
CA GLY C 231 37.47 -5.16 -7.89
C GLY C 231 37.35 -6.43 -7.07
N HIS C 232 38.46 -7.11 -6.85
CA HIS C 232 38.46 -8.35 -6.06
C HIS C 232 39.05 -8.14 -4.68
N VAL C 233 38.32 -8.58 -3.66
CA VAL C 233 38.81 -8.54 -2.29
C VAL C 233 39.63 -9.79 -1.99
N LEU C 234 40.95 -9.67 -2.10
CA LEU C 234 41.84 -10.79 -1.84
C LEU C 234 42.01 -11.01 -0.34
N VAL C 235 41.61 -12.19 0.14
CA VAL C 235 41.65 -12.48 1.56
C VAL C 235 42.92 -13.24 1.96
N VAL C 236 43.76 -12.61 2.77
CA VAL C 236 44.93 -13.28 3.34
C VAL C 236 44.78 -13.32 4.86
N ASP C 237 44.32 -14.46 5.37
CA ASP C 237 43.99 -14.58 6.78
C ASP C 237 44.30 -15.97 7.34
N GLY C 238 44.86 -16.84 6.50
CA GLY C 238 45.19 -18.18 6.90
C GLY C 238 43.97 -19.02 7.22
N GLY C 239 42.84 -18.67 6.62
CA GLY C 239 41.61 -19.41 6.81
C GLY C 239 40.81 -18.92 8.01
N LEU C 240 41.08 -17.70 8.43
CA LEU C 240 40.41 -17.12 9.59
C LEU C 240 38.93 -16.85 9.30
N GLN C 241 38.61 -16.57 8.04
CA GLN C 241 37.25 -16.23 7.65
C GLN C 241 36.29 -17.42 7.72
N LEU C 242 36.84 -18.61 7.93
CA LEU C 242 36.02 -19.81 8.08
C LEU C 242 35.71 -20.06 9.55
N ILE C 243 36.13 -19.14 10.40
CA ILE C 243 35.96 -19.27 11.84
C ILE C 243 35.23 -18.06 12.44
N LEU C 244 35.51 -16.89 11.89
CA LEU C 244 34.97 -15.63 12.41
C LEU C 244 33.44 -15.62 12.36
N SER D 3 60.61 -12.80 -15.73
CA SER D 3 61.80 -13.63 -15.56
C SER D 3 62.26 -13.63 -14.11
N GLN D 4 61.65 -12.76 -13.31
CA GLN D 4 62.00 -12.64 -11.89
C GLN D 4 61.43 -13.82 -11.11
N LEU D 5 60.47 -14.51 -11.72
CA LEU D 5 59.82 -15.65 -11.09
C LEU D 5 60.14 -16.94 -11.85
N GLN D 6 61.37 -17.07 -12.33
CA GLN D 6 61.77 -18.21 -13.13
C GLN D 6 62.15 -19.42 -12.28
N ASN D 7 62.52 -19.15 -11.03
CA ASN D 7 62.86 -20.22 -10.09
C ASN D 7 61.91 -20.20 -8.90
N ARG D 8 60.76 -19.57 -9.10
CA ARG D 8 59.75 -19.42 -8.07
C ARG D 8 59.24 -20.77 -7.57
N LEU D 9 59.18 -21.74 -8.47
CA LEU D 9 58.71 -23.08 -8.13
C LEU D 9 59.73 -24.15 -8.46
N ARG D 10 60.99 -23.88 -8.13
CA ARG D 10 62.07 -24.83 -8.37
C ARG D 10 61.92 -26.03 -7.44
N SER D 11 62.27 -27.22 -7.96
CA SER D 11 62.18 -28.47 -7.21
C SER D 11 60.77 -28.72 -6.70
N ALA D 12 59.78 -28.36 -7.51
CA ALA D 12 58.38 -28.56 -7.14
C ALA D 12 57.66 -29.40 -8.19
N LEU D 13 56.90 -30.39 -7.73
CA LEU D 13 56.14 -31.26 -8.62
C LEU D 13 54.67 -30.83 -8.66
N ALA D 14 54.23 -30.41 -9.84
CA ALA D 14 52.88 -29.90 -10.00
C ALA D 14 52.00 -30.83 -10.83
N LEU D 15 50.93 -31.32 -10.21
CA LEU D 15 49.95 -32.16 -10.90
C LEU D 15 48.80 -31.30 -11.42
N VAL D 16 48.61 -31.32 -12.75
CA VAL D 16 47.56 -30.53 -13.36
C VAL D 16 46.59 -31.39 -14.16
N THR D 17 45.36 -31.50 -13.68
CA THR D 17 44.32 -32.21 -14.43
C THR D 17 43.70 -31.28 -15.46
N GLY D 18 43.14 -31.86 -16.51
CA GLY D 18 42.57 -31.07 -17.59
C GLY D 18 43.63 -30.24 -18.30
N ALA D 19 44.86 -30.74 -18.29
CA ALA D 19 46.00 -30.04 -18.85
C ALA D 19 46.10 -30.22 -20.36
N GLY D 20 45.06 -30.82 -20.95
CA GLY D 20 45.05 -31.08 -22.38
C GLY D 20 44.92 -29.81 -23.21
N SER D 21 44.16 -28.85 -22.70
CA SER D 21 43.95 -27.60 -23.42
C SER D 21 43.45 -26.49 -22.49
N GLY D 22 43.26 -25.30 -23.05
CA GLY D 22 42.70 -24.18 -22.33
C GLY D 22 43.50 -23.76 -21.11
N ILE D 23 42.80 -23.57 -19.99
CA ILE D 23 43.42 -23.14 -18.74
C ILE D 23 44.42 -24.17 -18.22
N GLY D 24 44.02 -25.44 -18.26
CA GLY D 24 44.87 -26.53 -17.79
C GLY D 24 46.22 -26.57 -18.47
N ARG D 25 46.24 -26.38 -19.78
CA ARG D 25 47.49 -26.35 -20.53
C ARG D 25 48.28 -25.08 -20.22
N ALA D 26 47.58 -23.95 -20.15
CA ALA D 26 48.20 -22.67 -19.86
C ALA D 26 48.83 -22.66 -18.47
N VAL D 27 48.18 -23.36 -17.53
CA VAL D 27 48.72 -23.50 -16.18
C VAL D 27 50.01 -24.31 -16.21
N SER D 28 49.99 -25.43 -16.94
CA SER D 28 51.16 -26.29 -17.06
C SER D 28 52.36 -25.55 -17.63
N VAL D 29 52.10 -24.72 -18.64
CA VAL D 29 53.15 -23.90 -19.25
C VAL D 29 53.71 -22.89 -18.25
N ARG D 30 52.80 -22.22 -17.55
CA ARG D 30 53.16 -21.21 -16.56
C ARG D 30 53.99 -21.81 -15.42
N LEU D 31 53.56 -22.97 -14.93
CA LEU D 31 54.25 -23.62 -13.82
C LEU D 31 55.61 -24.18 -14.25
N ALA D 32 55.68 -24.69 -15.47
CA ALA D 32 56.93 -25.21 -16.01
C ALA D 32 57.92 -24.07 -16.24
N GLY D 33 57.39 -22.90 -16.60
CA GLY D 33 58.21 -21.73 -16.82
C GLY D 33 58.78 -21.18 -15.52
N GLU D 34 58.21 -21.60 -14.40
CA GLU D 34 58.70 -21.18 -13.09
C GLU D 34 59.59 -22.26 -12.47
N GLY D 35 60.07 -23.18 -13.30
CA GLY D 35 61.02 -24.18 -12.87
C GLY D 35 60.40 -25.36 -12.13
N ALA D 36 59.13 -25.64 -12.41
CA ALA D 36 58.44 -26.75 -11.78
C ALA D 36 58.17 -27.88 -12.76
N THR D 37 58.42 -29.11 -12.33
CA THR D 37 58.13 -30.28 -13.15
C THR D 37 56.63 -30.56 -13.13
N VAL D 38 56.01 -30.50 -14.30
CA VAL D 38 54.56 -30.61 -14.40
C VAL D 38 54.11 -32.02 -14.74
N ALA D 39 53.23 -32.58 -13.91
CA ALA D 39 52.56 -33.83 -14.22
C ALA D 39 51.23 -33.52 -14.91
N ALA D 40 51.23 -33.60 -16.23
CA ALA D 40 50.05 -33.23 -17.01
C ALA D 40 49.07 -34.39 -17.15
N CYS D 41 47.90 -34.23 -16.54
CA CYS D 41 46.84 -35.23 -16.64
C CYS D 41 45.64 -34.67 -17.40
N ASP D 42 44.96 -35.55 -18.13
CA ASP D 42 43.81 -35.14 -18.93
C ASP D 42 43.02 -36.37 -19.38
N LEU D 43 41.75 -36.16 -19.72
CA LEU D 43 40.92 -37.22 -20.26
C LEU D 43 41.49 -37.70 -21.60
N ASP D 44 41.91 -36.74 -22.42
CA ASP D 44 42.57 -37.04 -23.68
C ASP D 44 44.06 -37.29 -23.41
N ARG D 45 44.53 -38.48 -23.76
CA ARG D 45 45.93 -38.83 -23.55
C ARG D 45 46.86 -38.05 -24.48
N ALA D 46 46.45 -37.92 -25.73
CA ALA D 46 47.25 -37.22 -26.74
C ALA D 46 47.37 -35.74 -26.44
N ALA D 47 46.28 -35.15 -25.95
CA ALA D 47 46.25 -33.73 -25.62
C ALA D 47 47.18 -33.43 -24.45
N ALA D 48 47.30 -34.37 -23.53
CA ALA D 48 48.18 -34.22 -22.38
C ALA D 48 49.64 -34.40 -22.81
N GLN D 49 49.86 -35.24 -23.82
CA GLN D 49 51.20 -35.47 -24.35
C GLN D 49 51.70 -34.26 -25.11
N GLU D 50 50.81 -33.61 -25.85
CA GLU D 50 51.15 -32.40 -26.59
C GLU D 50 51.54 -31.27 -25.64
N THR D 51 50.82 -31.18 -24.53
CA THR D 51 51.10 -30.17 -23.51
C THR D 51 52.52 -30.31 -22.99
N VAL D 52 52.90 -31.54 -22.66
CA VAL D 52 54.24 -31.84 -22.17
C VAL D 52 55.29 -31.49 -23.22
N ARG D 53 54.95 -31.72 -24.48
CA ARG D 53 55.86 -31.40 -25.59
C ARG D 53 56.04 -29.90 -25.73
N LEU D 54 55.04 -29.13 -25.30
CA LEU D 54 55.08 -27.68 -25.39
C LEU D 54 55.66 -27.04 -24.12
N LEU D 55 56.11 -27.88 -23.19
CA LEU D 55 56.74 -27.39 -21.97
C LEU D 55 58.23 -27.17 -22.16
N GLY D 56 58.82 -27.94 -23.08
CA GLY D 56 60.24 -27.84 -23.36
C GLY D 56 60.95 -29.17 -23.21
N ASN D 68 62.00 -34.76 -15.36
CA ASN D 68 61.41 -34.12 -16.53
C ASN D 68 59.89 -34.23 -16.53
N HIS D 69 59.24 -33.42 -17.37
CA HIS D 69 57.78 -33.42 -17.46
C HIS D 69 57.26 -34.73 -18.01
N ALA D 70 56.04 -35.09 -17.61
CA ALA D 70 55.42 -36.34 -18.06
C ALA D 70 53.92 -36.16 -18.30
N ALA D 71 53.36 -37.00 -19.15
CA ALA D 71 51.95 -36.94 -19.48
C ALA D 71 51.18 -38.09 -18.85
N PHE D 72 50.02 -37.80 -18.27
CA PHE D 72 49.20 -38.80 -17.64
C PHE D 72 47.77 -38.82 -18.17
N GLN D 73 47.11 -39.97 -18.05
CA GLN D 73 45.72 -40.11 -18.43
C GLN D 73 44.91 -40.61 -17.24
N ALA D 74 43.77 -39.97 -17.00
CA ALA D 74 42.89 -40.38 -15.90
C ALA D 74 41.51 -39.74 -16.04
N ASP D 75 40.48 -40.54 -15.83
CA ASP D 75 39.12 -40.02 -15.72
C ASP D 75 38.88 -39.64 -14.27
N VAL D 76 38.96 -38.34 -13.97
CA VAL D 76 38.86 -37.87 -12.60
C VAL D 76 37.47 -38.11 -12.00
N SER D 77 36.50 -38.40 -12.85
CA SER D 77 35.13 -38.67 -12.40
C SER D 77 35.04 -40.03 -11.72
N GLU D 78 36.09 -40.83 -11.84
CA GLU D 78 36.14 -42.15 -11.22
C GLU D 78 37.07 -42.15 -10.00
N ALA D 79 36.62 -42.76 -8.92
CA ALA D 79 37.39 -42.79 -7.67
C ALA D 79 38.65 -43.64 -7.81
N ARG D 80 38.57 -44.68 -8.63
CA ARG D 80 39.70 -45.56 -8.86
C ARG D 80 40.78 -44.87 -9.69
N ALA D 81 40.37 -44.22 -10.77
CA ALA D 81 41.30 -43.54 -11.67
C ALA D 81 41.96 -42.35 -10.98
N ALA D 82 41.24 -41.73 -10.05
CA ALA D 82 41.77 -40.59 -9.31
C ALA D 82 42.88 -41.02 -8.36
N ARG D 83 42.77 -42.25 -7.86
CA ARG D 83 43.80 -42.80 -6.99
C ARG D 83 44.95 -43.38 -7.79
N CYS D 84 44.63 -43.94 -8.95
CA CYS D 84 45.64 -44.48 -9.85
C CYS D 84 46.53 -43.35 -10.35
N LEU D 85 45.93 -42.19 -10.62
CA LEU D 85 46.66 -41.03 -11.10
C LEU D 85 47.73 -40.57 -10.11
N LEU D 86 47.33 -40.41 -8.85
CA LEU D 86 48.26 -39.99 -7.80
C LEU D 86 49.36 -41.01 -7.58
N GLU D 87 49.01 -42.29 -7.68
CA GLU D 87 49.97 -43.36 -7.49
C GLU D 87 50.88 -43.52 -8.71
N GLN D 88 50.38 -43.15 -9.88
CA GLN D 88 51.21 -43.14 -11.08
C GLN D 88 52.25 -42.03 -10.99
N VAL D 89 51.87 -40.92 -10.37
CA VAL D 89 52.76 -39.79 -10.18
C VAL D 89 53.79 -40.11 -9.10
N GLN D 90 53.32 -40.67 -7.99
CA GLN D 90 54.21 -41.03 -6.87
C GLN D 90 55.22 -42.10 -7.27
N ALA D 91 54.89 -42.89 -8.28
CA ALA D 91 55.79 -43.94 -8.74
C ALA D 91 56.80 -43.39 -9.73
N CYS D 92 56.36 -42.44 -10.55
CA CYS D 92 57.21 -41.87 -11.59
C CYS D 92 58.25 -40.90 -11.05
N PHE D 93 57.83 -40.04 -10.11
CA PHE D 93 58.71 -39.01 -9.58
C PHE D 93 59.21 -39.33 -8.18
N SER D 94 58.79 -40.47 -7.65
CA SER D 94 59.18 -40.93 -6.32
C SER D 94 58.82 -39.91 -5.23
N ARG D 95 57.78 -39.14 -5.48
CA ARG D 95 57.31 -38.13 -4.53
C ARG D 95 55.90 -37.66 -4.90
N PRO D 96 55.10 -37.27 -3.91
CA PRO D 96 53.75 -36.75 -4.16
C PRO D 96 53.78 -35.31 -4.67
N PRO D 97 52.76 -34.91 -5.44
CA PRO D 97 52.67 -33.54 -5.97
C PRO D 97 52.48 -32.51 -4.85
N SER D 98 53.38 -31.52 -4.78
CA SER D 98 53.26 -30.45 -3.81
C SER D 98 52.26 -29.40 -4.32
N VAL D 99 52.10 -29.34 -5.63
CA VAL D 99 51.14 -28.45 -6.25
C VAL D 99 50.10 -29.27 -7.03
N VAL D 100 48.83 -29.11 -6.65
CA VAL D 100 47.76 -29.87 -7.29
C VAL D 100 46.71 -28.94 -7.87
N VAL D 101 46.62 -28.91 -9.20
CA VAL D 101 45.70 -28.01 -9.88
C VAL D 101 44.61 -28.81 -10.61
N SER D 102 43.35 -28.52 -10.28
CA SER D 102 42.22 -29.20 -10.87
C SER D 102 41.53 -28.34 -11.92
N CYS D 103 41.94 -28.49 -13.17
CA CYS D 103 41.33 -27.72 -14.27
C CYS D 103 40.38 -28.60 -15.08
N ALA D 104 40.30 -29.87 -14.73
CA ALA D 104 39.42 -30.80 -15.43
C ALA D 104 37.96 -30.46 -15.16
N GLY D 105 37.24 -30.08 -16.23
CA GLY D 105 35.84 -29.71 -16.11
C GLY D 105 35.14 -29.61 -17.45
N ILE D 106 33.83 -29.84 -17.44
CA ILE D 106 33.02 -29.77 -18.65
C ILE D 106 31.74 -28.97 -18.44
N THR D 107 31.03 -28.71 -19.54
CA THR D 107 29.75 -28.01 -19.49
C THR D 107 28.71 -28.69 -20.39
N GLN D 108 27.58 -29.05 -19.81
CA GLN D 108 26.42 -29.49 -20.60
C GLN D 108 25.25 -28.54 -20.35
N ASP D 109 25.25 -27.43 -21.08
CA ASP D 109 24.26 -26.37 -20.85
C ASP D 109 22.87 -26.73 -21.33
N GLU D 110 21.88 -26.47 -20.49
CA GLU D 110 20.48 -26.64 -20.82
C GLU D 110 19.61 -25.97 -19.76
N PHE D 111 18.44 -25.49 -20.15
CA PHE D 111 17.54 -24.82 -19.22
C PHE D 111 17.04 -25.78 -18.14
N LEU D 112 16.70 -25.24 -16.99
CA LEU D 112 16.26 -26.03 -15.84
C LEU D 112 15.05 -26.89 -16.17
N LEU D 113 14.08 -26.32 -16.87
CA LEU D 113 12.84 -27.02 -17.18
C LEU D 113 13.06 -28.21 -18.12
N HIS D 114 14.16 -28.19 -18.86
CA HIS D 114 14.39 -29.23 -19.86
C HIS D 114 15.75 -29.91 -19.71
N MET D 115 16.40 -29.72 -18.57
CA MET D 115 17.67 -30.37 -18.31
C MET D 115 17.47 -31.83 -17.91
N SER D 116 18.08 -32.74 -18.67
CA SER D 116 17.96 -34.16 -18.37
C SER D 116 18.82 -34.54 -17.17
N GLU D 117 18.66 -35.77 -16.70
CA GLU D 117 19.38 -36.24 -15.53
C GLU D 117 20.87 -36.43 -15.84
N ASP D 118 21.17 -36.82 -17.07
CA ASP D 118 22.55 -37.05 -17.48
C ASP D 118 23.30 -35.72 -17.63
N ASP D 119 22.59 -34.67 -18.02
CA ASP D 119 23.17 -33.33 -18.09
C ASP D 119 23.62 -32.91 -16.70
N TRP D 120 22.88 -33.35 -15.69
CA TRP D 120 23.20 -33.06 -14.30
C TRP D 120 24.28 -33.98 -13.76
N ASP D 121 24.10 -35.28 -13.97
CA ASP D 121 24.99 -36.29 -13.41
C ASP D 121 26.43 -36.16 -13.88
N LYS D 122 26.62 -35.95 -15.19
CA LYS D 122 27.95 -35.93 -15.76
C LYS D 122 28.76 -34.69 -15.37
N VAL D 123 28.07 -33.55 -15.26
CA VAL D 123 28.73 -32.30 -14.90
C VAL D 123 29.14 -32.34 -13.42
N ILE D 124 28.26 -32.87 -12.57
CA ILE D 124 28.58 -33.01 -11.16
C ILE D 124 29.70 -34.01 -10.94
N ALA D 125 29.66 -35.12 -11.66
CA ALA D 125 30.66 -36.18 -11.51
C ALA D 125 32.06 -35.72 -11.89
N VAL D 126 32.15 -34.89 -12.92
CA VAL D 126 33.44 -34.42 -13.42
C VAL D 126 33.93 -33.19 -12.65
N ASN D 127 33.12 -32.15 -12.64
CA ASN D 127 33.50 -30.88 -12.04
C ASN D 127 33.56 -30.94 -10.51
N LEU D 128 32.52 -31.49 -9.90
CA LEU D 128 32.43 -31.51 -8.44
C LEU D 128 33.10 -32.73 -7.83
N LYS D 129 32.57 -33.92 -8.13
CA LYS D 129 33.11 -35.16 -7.59
C LYS D 129 34.56 -35.38 -8.02
N GLY D 130 34.84 -35.07 -9.28
CA GLY D 130 36.19 -35.22 -9.82
C GLY D 130 37.20 -34.39 -9.07
N THR D 131 36.82 -33.16 -8.73
CA THR D 131 37.69 -32.28 -7.94
C THR D 131 37.89 -32.84 -6.54
N PHE D 132 36.82 -33.33 -5.93
CA PHE D 132 36.87 -33.91 -4.60
C PHE D 132 37.80 -35.12 -4.56
N LEU D 133 37.72 -35.96 -5.59
CA LEU D 133 38.52 -37.17 -5.66
C LEU D 133 40.01 -36.85 -5.79
N VAL D 134 40.33 -35.91 -6.66
CA VAL D 134 41.73 -35.51 -6.85
C VAL D 134 42.25 -34.81 -5.59
N THR D 135 41.42 -33.96 -5.00
CA THR D 135 41.78 -33.24 -3.79
C THR D 135 42.05 -34.20 -2.63
N GLN D 136 41.16 -35.17 -2.46
CA GLN D 136 41.31 -36.16 -1.40
C GLN D 136 42.56 -37.01 -1.60
N ALA D 137 42.74 -37.51 -2.82
CA ALA D 137 43.88 -38.37 -3.14
C ALA D 137 45.20 -37.63 -2.97
N ALA D 138 45.23 -36.37 -3.38
CA ALA D 138 46.44 -35.56 -3.28
C ALA D 138 46.76 -35.25 -1.83
N ALA D 139 45.73 -34.95 -1.05
CA ALA D 139 45.88 -34.66 0.36
C ALA D 139 46.41 -35.87 1.12
N GLN D 140 45.95 -37.05 0.73
CA GLN D 140 46.40 -38.30 1.34
C GLN D 140 47.86 -38.55 1.05
N ALA D 141 48.28 -38.28 -0.18
CA ALA D 141 49.65 -38.51 -0.61
C ALA D 141 50.63 -37.60 0.13
N LEU D 142 50.21 -36.37 0.40
CA LEU D 142 51.05 -35.40 1.09
C LEU D 142 51.18 -35.71 2.58
N VAL D 143 50.06 -36.02 3.22
CA VAL D 143 50.04 -36.31 4.65
C VAL D 143 50.84 -37.57 4.98
N SER D 144 50.64 -38.61 4.18
CA SER D 144 51.33 -39.89 4.38
C SER D 144 52.85 -39.74 4.27
N ASN D 145 53.28 -38.76 3.49
CA ASN D 145 54.71 -38.49 3.33
C ASN D 145 55.16 -37.34 4.23
N GLY D 146 54.20 -36.72 4.91
CA GLY D 146 54.49 -35.62 5.82
C GLY D 146 55.03 -34.40 5.10
N CYS D 147 54.53 -34.15 3.89
CA CYS D 147 54.99 -33.03 3.09
C CYS D 147 53.94 -31.93 3.02
N ARG D 148 54.40 -30.67 2.98
CA ARG D 148 53.50 -29.55 2.79
C ARG D 148 53.07 -29.47 1.32
N GLY D 149 52.12 -28.60 1.02
CA GLY D 149 51.65 -28.47 -0.34
C GLY D 149 50.56 -27.42 -0.52
N SER D 150 50.17 -27.21 -1.78
CA SER D 150 49.15 -26.24 -2.13
C SER D 150 48.14 -26.84 -3.11
N ILE D 151 46.88 -26.93 -2.69
CA ILE D 151 45.82 -27.46 -3.54
C ILE D 151 45.03 -26.34 -4.18
N ILE D 152 44.99 -26.32 -5.51
CA ILE D 152 44.31 -25.26 -6.25
C ILE D 152 43.19 -25.80 -7.12
N ASN D 153 41.95 -25.49 -6.74
CA ASN D 153 40.79 -25.93 -7.50
C ASN D 153 40.22 -24.80 -8.37
N ILE D 154 39.91 -25.10 -9.62
CA ILE D 154 39.42 -24.07 -10.52
C ILE D 154 37.89 -24.06 -10.60
N SER D 155 37.27 -23.06 -9.98
CA SER D 155 35.83 -22.89 -10.05
CA SER D 155 35.83 -22.89 -10.05
C SER D 155 35.47 -21.97 -11.21
N OAS D 156 34.45 -21.15 -10.99
CA OAS D 156 34.08 -20.15 -11.97
CB OAS D 156 33.28 -20.72 -13.13
OG OAS D 156 32.90 -19.61 -13.94
C OAS D 156 33.28 -19.08 -11.28
O OAS D 156 32.79 -19.32 -10.15
C2A OAS D 156 32.34 -18.45 -16.09
C1A OAS D 156 32.62 -19.73 -15.37
OAC OAS D 156 32.63 -20.81 -15.93
N ILE D 157 33.16 -17.91 -11.90
CA ILE D 157 32.37 -16.83 -11.34
C ILE D 157 30.89 -17.27 -11.27
N VAL D 158 30.53 -18.24 -12.11
CA VAL D 158 29.19 -18.81 -12.10
C VAL D 158 28.91 -19.47 -10.75
N GLY D 159 29.95 -20.02 -10.13
CA GLY D 159 29.82 -20.68 -8.84
C GLY D 159 29.54 -19.74 -7.68
N LYS D 160 29.37 -18.46 -7.98
CA LYS D 160 29.10 -17.46 -6.96
C LYS D 160 27.74 -16.77 -7.20
N VAL D 161 27.41 -16.56 -8.47
CA VAL D 161 26.19 -15.84 -8.82
C VAL D 161 25.22 -16.65 -9.67
N GLY D 162 25.67 -17.78 -10.19
CA GLY D 162 24.85 -18.60 -11.08
C GLY D 162 24.81 -18.03 -12.48
N ASN D 163 24.26 -18.81 -13.41
CA ASN D 163 24.18 -18.39 -14.81
C ASN D 163 23.15 -19.21 -15.59
N VAL D 164 22.44 -18.54 -16.50
CA VAL D 164 21.40 -19.19 -17.31
C VAL D 164 21.95 -20.36 -18.13
N GLY D 165 21.22 -21.48 -18.08
CA GLY D 165 21.59 -22.65 -18.86
C GLY D 165 22.61 -23.52 -18.13
N GLN D 166 23.10 -23.03 -17.01
CA GLN D 166 24.14 -23.74 -16.27
C GLN D 166 23.73 -24.05 -14.83
N THR D 167 22.55 -24.66 -14.68
CA THR D 167 22.08 -25.06 -13.36
C THR D 167 23.01 -26.12 -12.77
N ASN D 168 23.38 -27.09 -13.60
CA ASN D 168 24.28 -28.17 -13.19
C ASN D 168 25.72 -27.70 -13.06
N TYR D 169 26.07 -26.66 -13.81
CA TYR D 169 27.44 -26.13 -13.79
C TYR D 169 27.65 -25.19 -12.62
N ALA D 170 26.61 -24.45 -12.26
CA ALA D 170 26.68 -23.52 -11.13
C ALA D 170 26.79 -24.28 -9.82
N ALA D 171 25.98 -25.33 -9.69
CA ALA D 171 25.97 -26.14 -8.48
C ALA D 171 27.31 -26.84 -8.27
N SER D 172 27.88 -27.33 -9.36
CA SER D 172 29.17 -28.02 -9.29
C SER D 172 30.28 -27.05 -8.89
N LYS D 173 30.32 -25.89 -9.53
CA LYS D 173 31.35 -24.91 -9.25
C LYS D 173 31.22 -24.29 -7.86
N ALA D 174 29.99 -24.12 -7.41
CA ALA D 174 29.76 -23.63 -6.05
C ALA D 174 30.16 -24.68 -5.03
N GLY D 175 29.90 -25.94 -5.38
CA GLY D 175 30.26 -27.06 -4.51
C GLY D 175 31.77 -27.22 -4.40
N VAL D 176 32.47 -26.92 -5.48
CA VAL D 176 33.93 -26.95 -5.49
C VAL D 176 34.48 -25.98 -4.45
N ILE D 177 33.90 -24.79 -4.41
CA ILE D 177 34.27 -23.78 -3.43
C ILE D 177 34.02 -24.29 -2.02
N GLY D 178 32.90 -25.00 -1.85
CA GLY D 178 32.51 -25.52 -0.55
C GLY D 178 33.47 -26.57 0.00
N LEU D 179 33.83 -27.54 -0.83
CA LEU D 179 34.72 -28.62 -0.41
C LEU D 179 36.15 -28.10 -0.25
N THR D 180 36.48 -27.05 -0.98
CA THR D 180 37.80 -26.43 -0.90
C THR D 180 37.98 -25.73 0.43
N GLN D 181 36.94 -25.03 0.88
CA GLN D 181 36.97 -24.36 2.17
C GLN D 181 37.07 -25.37 3.31
N THR D 182 36.35 -26.47 3.18
CA THR D 182 36.37 -27.54 4.16
C THR D 182 37.76 -28.15 4.26
N ALA D 183 38.32 -28.52 3.10
CA ALA D 183 39.65 -29.11 3.04
C ALA D 183 40.70 -28.19 3.65
N ALA D 184 40.58 -26.90 3.36
CA ALA D 184 41.52 -25.91 3.88
C ALA D 184 41.53 -25.88 5.41
N ARG D 185 40.37 -26.12 6.02
CA ARG D 185 40.26 -26.16 7.47
C ARG D 185 40.88 -27.43 8.05
N GLU D 186 40.77 -28.53 7.31
CA GLU D 186 41.26 -29.82 7.79
C GLU D 186 42.75 -30.00 7.51
N LEU D 187 43.21 -29.42 6.40
CA LEU D 187 44.59 -29.64 5.95
C LEU D 187 45.52 -28.51 6.39
N GLY D 188 44.99 -27.55 7.14
CA GLY D 188 45.79 -26.46 7.64
C GLY D 188 46.84 -26.93 8.62
N ARG D 189 46.46 -27.86 9.48
CA ARG D 189 47.38 -28.40 10.48
C ARG D 189 48.40 -29.33 9.87
N HIS D 190 48.14 -29.79 8.65
CA HIS D 190 49.07 -30.64 7.93
C HIS D 190 49.97 -29.81 7.01
N GLY D 191 49.74 -28.50 7.01
CA GLY D 191 50.54 -27.60 6.20
C GLY D 191 50.16 -27.65 4.72
N ILE D 192 48.89 -27.93 4.45
CA ILE D 192 48.40 -27.97 3.08
C ILE D 192 47.37 -26.86 2.85
N ARG D 193 47.68 -25.97 1.91
CA ARG D 193 46.78 -24.87 1.60
C ARG D 193 45.81 -25.23 0.49
N CYS D 194 44.54 -24.88 0.68
CA CYS D 194 43.52 -25.16 -0.31
C CYS D 194 42.79 -23.89 -0.70
N ASN D 195 42.85 -23.54 -1.99
CA ASN D 195 42.20 -22.34 -2.48
C ASN D 195 41.46 -22.58 -3.79
N SER D 196 40.48 -21.74 -4.06
CA SER D 196 39.71 -21.82 -5.30
C SER D 196 39.99 -20.63 -6.20
N VAL D 197 40.11 -20.90 -7.50
CA VAL D 197 40.23 -19.84 -8.48
C VAL D 197 38.90 -19.68 -9.20
N LEU D 198 38.40 -18.44 -9.25
CA LEU D 198 37.12 -18.16 -9.89
C LEU D 198 37.32 -17.29 -11.12
N PRO D 199 37.60 -17.91 -12.28
CA PRO D 199 37.83 -17.16 -13.51
C PRO D 199 36.55 -16.64 -14.12
N GLY D 200 36.62 -15.52 -14.83
CA GLY D 200 35.51 -15.04 -15.62
C GLY D 200 35.50 -15.78 -16.94
N PHE D 201 34.90 -15.20 -17.97
CA PHE D 201 34.89 -15.85 -19.27
C PHE D 201 36.26 -15.73 -19.94
N ILE D 202 36.86 -16.88 -20.21
CA ILE D 202 38.21 -16.95 -20.74
C ILE D 202 38.23 -17.55 -22.15
N ALA D 203 39.10 -17.01 -23.01
CA ALA D 203 39.23 -17.50 -24.39
C ALA D 203 39.88 -18.88 -24.43
N THR D 204 39.05 -19.91 -24.24
CA THR D 204 39.52 -21.30 -24.24
C THR D 204 38.64 -22.13 -25.19
N PRO D 205 39.09 -23.35 -25.54
CA PRO D 205 38.25 -24.26 -26.33
C PRO D 205 36.88 -24.55 -25.69
N MET D 206 36.72 -24.20 -24.42
CA MET D 206 35.47 -24.41 -23.72
C MET D 206 34.43 -23.34 -24.07
N THR D 207 34.89 -22.10 -24.21
CA THR D 207 33.98 -20.99 -24.51
C THR D 207 33.73 -20.84 -26.01
N GLN D 208 34.32 -21.73 -26.80
CA GLN D 208 34.07 -21.75 -28.24
C GLN D 208 32.72 -22.41 -28.52
N LYS D 209 32.18 -23.08 -27.50
CA LYS D 209 30.90 -23.76 -27.61
C LYS D 209 29.74 -22.77 -27.67
N VAL D 210 29.82 -21.72 -26.86
CA VAL D 210 28.77 -20.71 -26.81
C VAL D 210 28.80 -19.86 -28.08
N PRO D 211 27.61 -19.49 -28.59
CA PRO D 211 27.47 -18.70 -29.82
C PRO D 211 28.16 -17.34 -29.75
N GLN D 212 28.60 -16.85 -30.91
CA GLN D 212 29.32 -15.58 -30.98
C GLN D 212 28.43 -14.40 -30.57
N LYS D 213 27.13 -14.51 -30.85
CA LYS D 213 26.17 -13.48 -30.49
C LYS D 213 26.10 -13.32 -28.98
N VAL D 214 26.35 -14.41 -28.26
CA VAL D 214 26.36 -14.39 -26.81
C VAL D 214 27.68 -13.85 -26.27
N VAL D 215 28.78 -14.17 -26.96
CA VAL D 215 30.11 -13.73 -26.56
C VAL D 215 30.22 -12.20 -26.56
N ASP D 216 29.72 -11.57 -27.61
CA ASP D 216 29.74 -10.12 -27.73
C ASP D 216 28.93 -9.46 -26.62
N LYS D 217 27.80 -10.07 -26.28
CA LYS D 217 26.95 -9.57 -25.20
C LYS D 217 27.67 -9.67 -23.85
N ILE D 218 28.44 -10.73 -23.69
CA ILE D 218 29.25 -10.93 -22.49
C ILE D 218 30.38 -9.90 -22.45
N THR D 219 30.99 -9.65 -23.60
CA THR D 219 32.10 -8.72 -23.72
C THR D 219 31.72 -7.32 -23.23
N GLU D 220 30.48 -6.92 -23.49
CA GLU D 220 29.98 -5.62 -23.06
C GLU D 220 29.83 -5.56 -21.54
N MET D 221 29.35 -6.66 -20.96
CA MET D 221 29.09 -6.73 -19.53
C MET D 221 30.39 -6.73 -18.73
N ILE D 222 31.43 -7.32 -19.32
CA ILE D 222 32.74 -7.33 -18.68
C ILE D 222 33.28 -5.90 -18.58
N PRO D 223 33.55 -5.44 -17.35
CA PRO D 223 34.06 -4.09 -17.09
C PRO D 223 35.32 -3.75 -17.88
N MET D 224 36.23 -4.72 -18.01
CA MET D 224 37.45 -4.52 -18.78
C MET D 224 37.17 -4.52 -20.28
N GLY D 225 35.97 -4.98 -20.65
CA GLY D 225 35.52 -4.93 -22.03
C GLY D 225 36.14 -5.97 -22.94
N HIS D 226 36.67 -7.04 -22.37
CA HIS D 226 37.25 -8.11 -23.16
C HIS D 226 37.30 -9.43 -22.39
N LEU D 227 37.11 -10.53 -23.10
CA LEU D 227 37.21 -11.86 -22.49
C LEU D 227 38.64 -12.13 -22.03
N GLY D 228 38.76 -12.86 -20.92
CA GLY D 228 40.05 -13.12 -20.34
C GLY D 228 40.92 -14.08 -21.14
N ASP D 229 42.21 -14.05 -20.87
CA ASP D 229 43.16 -14.96 -21.50
C ASP D 229 43.58 -16.05 -20.52
N PRO D 230 43.81 -17.27 -21.02
CA PRO D 230 44.20 -18.42 -20.20
C PRO D 230 45.43 -18.17 -19.34
N GLU D 231 46.34 -17.32 -19.83
CA GLU D 231 47.55 -16.99 -19.10
C GLU D 231 47.25 -16.20 -17.83
N ASP D 232 46.19 -15.40 -17.89
CA ASP D 232 45.78 -14.59 -16.76
C ASP D 232 45.35 -15.46 -15.58
N VAL D 233 44.67 -16.56 -15.88
CA VAL D 233 44.28 -17.53 -14.86
C VAL D 233 45.51 -18.26 -14.34
N ALA D 234 46.45 -18.53 -15.25
CA ALA D 234 47.68 -19.23 -14.90
C ALA D 234 48.54 -18.41 -13.94
N ASP D 235 48.46 -17.09 -14.06
CA ASP D 235 49.21 -16.20 -13.18
C ASP D 235 48.73 -16.36 -11.74
N VAL D 236 47.42 -16.50 -11.58
CA VAL D 236 46.83 -16.70 -10.25
C VAL D 236 47.25 -18.05 -9.68
N VAL D 237 47.16 -19.09 -10.50
CA VAL D 237 47.54 -20.44 -10.10
C VAL D 237 49.00 -20.50 -9.67
N ALA D 238 49.86 -19.83 -10.43
CA ALA D 238 51.29 -19.77 -10.12
C ALA D 238 51.52 -19.11 -8.76
N PHE D 239 50.70 -18.11 -8.45
CA PHE D 239 50.79 -17.40 -7.19
C PHE D 239 50.38 -18.28 -6.02
N LEU D 240 49.24 -18.95 -6.17
CA LEU D 240 48.72 -19.81 -5.12
C LEU D 240 49.60 -21.04 -4.90
N ALA D 241 50.34 -21.42 -5.95
CA ALA D 241 51.23 -22.58 -5.87
C ALA D 241 52.52 -22.25 -5.14
N SER D 242 52.91 -20.98 -5.18
CA SER D 242 54.18 -20.55 -4.59
C SER D 242 54.07 -20.30 -3.10
N GLU D 243 55.21 -20.02 -2.47
CA GLU D 243 55.24 -19.70 -1.05
C GLU D 243 54.92 -18.23 -0.80
N ASP D 244 54.78 -17.47 -1.88
CA ASP D 244 54.40 -16.07 -1.78
C ASP D 244 52.99 -15.95 -1.21
N SER D 245 52.19 -17.00 -1.43
CA SER D 245 50.85 -17.07 -0.87
C SER D 245 50.82 -18.05 0.31
N GLY D 246 51.89 -18.05 1.09
CA GLY D 246 52.04 -18.98 2.19
C GLY D 246 51.00 -18.85 3.29
N TYR D 247 50.37 -17.68 3.38
CA TYR D 247 49.38 -17.44 4.42
C TYR D 247 47.97 -17.36 3.84
N ILE D 248 47.84 -17.72 2.56
CA ILE D 248 46.54 -17.70 1.90
C ILE D 248 45.98 -19.10 1.74
N THR D 249 44.89 -19.39 2.44
CA THR D 249 44.20 -20.68 2.32
C THR D 249 42.72 -20.50 2.60
N GLY D 250 41.90 -21.36 1.99
CA GLY D 250 40.46 -21.25 2.10
C GLY D 250 39.97 -19.94 1.50
N THR D 251 40.61 -19.52 0.41
CA THR D 251 40.32 -18.24 -0.20
C THR D 251 40.00 -18.38 -1.69
N SER D 252 38.92 -17.72 -2.11
CA SER D 252 38.56 -17.69 -3.52
C SER D 252 39.14 -16.44 -4.20
N VAL D 253 39.90 -16.66 -5.27
CA VAL D 253 40.50 -15.56 -6.00
C VAL D 253 39.82 -15.36 -7.35
N GLU D 254 39.04 -14.28 -7.46
CA GLU D 254 38.30 -13.99 -8.68
C GLU D 254 39.17 -13.30 -9.72
N VAL D 255 39.26 -13.92 -10.90
CA VAL D 255 39.89 -13.28 -12.05
C VAL D 255 38.87 -13.25 -13.18
N THR D 256 38.03 -12.20 -13.15
CA THR D 256 36.87 -12.13 -14.03
C THR D 256 36.86 -10.90 -14.92
N GLY D 257 37.79 -9.99 -14.68
CA GLY D 257 37.80 -8.71 -15.38
C GLY D 257 36.77 -7.78 -14.79
N GLY D 258 36.25 -8.16 -13.62
CA GLY D 258 35.30 -7.34 -12.91
C GLY D 258 33.86 -7.82 -13.00
N LEU D 259 33.62 -8.81 -13.85
CA LEU D 259 32.29 -9.36 -14.06
C LEU D 259 31.73 -9.99 -12.78
N PHE D 260 30.55 -9.52 -12.37
CA PHE D 260 29.89 -10.01 -11.16
C PHE D 260 30.77 -9.86 -9.92
N MET D 261 31.47 -8.73 -9.83
CA MET D 261 32.37 -8.47 -8.70
C MET D 261 31.60 -8.27 -7.41
N SER E 3 5.38 20.99 57.85
CA SER E 3 4.89 19.62 57.81
C SER E 3 5.01 18.94 59.18
N GLN E 4 3.98 18.21 59.57
CA GLN E 4 3.99 17.48 60.84
C GLN E 4 4.82 16.21 60.74
N LEU E 5 5.20 15.86 59.50
CA LEU E 5 5.98 14.65 59.25
C LEU E 5 7.32 14.99 58.61
N GLN E 6 7.74 16.24 58.75
CA GLN E 6 8.96 16.73 58.10
C GLN E 6 10.22 16.08 58.66
N ASN E 7 10.11 15.51 59.86
CA ASN E 7 11.24 14.82 60.49
C ASN E 7 10.84 13.44 60.99
N ARG E 8 9.84 12.85 60.34
CA ARG E 8 9.38 11.51 60.73
C ARG E 8 10.45 10.47 60.44
N LEU E 9 11.25 10.72 59.41
CA LEU E 9 12.31 9.80 59.03
C LEU E 9 13.68 10.48 59.10
N ARG E 10 13.84 11.38 60.07
CA ARG E 10 15.05 12.19 60.19
C ARG E 10 16.32 11.35 60.39
N SER E 11 16.16 10.14 60.91
CA SER E 11 17.29 9.28 61.21
C SER E 11 17.58 8.26 60.11
N ALA E 12 16.53 7.83 59.42
CA ALA E 12 16.61 6.70 58.50
C ALA E 12 17.53 6.92 57.30
N LEU E 13 18.17 5.83 56.88
CA LEU E 13 18.90 5.80 55.61
C LEU E 13 18.11 4.93 54.63
N ALA E 14 17.69 5.53 53.52
CA ALA E 14 16.78 4.85 52.60
C ALA E 14 17.43 4.43 51.29
N LEU E 15 17.38 3.14 51.00
CA LEU E 15 17.80 2.62 49.70
C LEU E 15 16.58 2.44 48.81
N VAL E 16 16.55 3.15 47.70
CA VAL E 16 15.41 3.08 46.79
C VAL E 16 15.85 2.66 45.38
N THR E 17 15.53 1.42 45.02
CA THR E 17 15.86 0.91 43.69
C THR E 17 14.82 1.41 42.68
N GLY E 18 15.28 1.70 41.46
CA GLY E 18 14.40 2.22 40.43
C GLY E 18 13.95 3.63 40.77
N ALA E 19 14.82 4.36 41.46
CA ALA E 19 14.49 5.71 41.92
C ALA E 19 14.68 6.75 40.83
N GLY E 20 15.05 6.29 39.63
CA GLY E 20 15.35 7.20 38.54
C GLY E 20 14.13 7.72 37.80
N SER E 21 12.96 7.15 38.08
CA SER E 21 11.75 7.52 37.37
C SER E 21 10.47 7.05 38.06
N GLY E 22 9.37 7.70 37.74
CA GLY E 22 8.05 7.29 38.19
C GLY E 22 7.87 7.21 39.69
N ILE E 23 7.45 6.04 40.16
CA ILE E 23 7.16 5.82 41.58
C ILE E 23 8.44 5.91 42.41
N GLY E 24 9.50 5.27 41.94
CA GLY E 24 10.78 5.27 42.63
C GLY E 24 11.32 6.67 42.89
N ARG E 25 11.14 7.55 41.90
CA ARG E 25 11.58 8.94 42.04
C ARG E 25 10.71 9.68 43.05
N ALA E 26 9.40 9.45 42.99
CA ALA E 26 8.47 10.08 43.91
C ALA E 26 8.71 9.62 45.34
N VAL E 27 9.02 8.34 45.50
CA VAL E 27 9.36 7.79 46.81
C VAL E 27 10.57 8.50 47.40
N SER E 28 11.60 8.67 46.58
CA SER E 28 12.82 9.33 46.99
C SER E 28 12.56 10.76 47.46
N VAL E 29 11.66 11.44 46.77
CA VAL E 29 11.29 12.81 47.12
C VAL E 29 10.59 12.87 48.48
N ARG E 30 9.63 11.97 48.67
CA ARG E 30 8.84 11.94 49.90
C ARG E 30 9.67 11.54 51.11
N LEU E 31 10.50 10.53 50.94
CA LEU E 31 11.36 10.06 52.03
C LEU E 31 12.34 11.15 52.45
N ALA E 32 12.94 11.81 51.46
CA ALA E 32 13.87 12.91 51.72
C ALA E 32 13.12 14.11 52.27
N GLY E 33 11.84 14.19 51.96
CA GLY E 33 11.00 15.27 52.45
C GLY E 33 10.58 15.08 53.89
N GLU E 34 11.00 13.95 54.46
CA GLU E 34 10.66 13.64 55.85
C GLU E 34 11.93 13.43 56.67
N GLY E 35 13.05 13.91 56.16
CA GLY E 35 14.30 13.94 56.90
C GLY E 35 15.26 12.81 56.62
N ALA E 36 14.89 11.92 55.71
CA ALA E 36 15.72 10.75 55.41
C ALA E 36 16.72 11.04 54.29
N THR E 37 17.89 10.43 54.40
CA THR E 37 18.89 10.49 53.34
C THR E 37 18.69 9.31 52.39
N VAL E 38 18.42 9.63 51.12
CA VAL E 38 18.06 8.60 50.15
C VAL E 38 19.22 8.16 49.26
N ALA E 39 19.47 6.86 49.24
CA ALA E 39 20.42 6.28 48.31
C ALA E 39 19.69 5.85 47.04
N ALA E 40 19.74 6.70 46.02
CA ALA E 40 18.98 6.45 44.79
C ALA E 40 19.68 5.44 43.89
N CYS E 41 19.09 4.25 43.79
CA CYS E 41 19.61 3.21 42.91
C CYS E 41 18.73 3.07 41.67
N ASP E 42 19.38 2.93 40.52
CA ASP E 42 18.66 2.78 39.26
C ASP E 42 19.56 2.17 38.19
N LEU E 43 18.96 1.44 37.26
CA LEU E 43 19.71 0.84 36.16
C LEU E 43 20.28 1.94 35.26
N ASP E 44 19.51 3.00 35.08
CA ASP E 44 19.98 4.18 34.37
C ASP E 44 20.73 5.09 35.34
N ARG E 45 22.04 5.21 35.17
CA ARG E 45 22.85 6.02 36.05
C ARG E 45 22.47 7.50 35.94
N ALA E 46 22.19 7.94 34.73
CA ALA E 46 21.81 9.33 34.47
C ALA E 46 20.49 9.69 35.15
N ALA E 47 19.55 8.74 35.15
CA ALA E 47 18.24 8.96 35.77
C ALA E 47 18.37 8.95 37.29
N ALA E 48 19.33 8.19 37.80
CA ALA E 48 19.57 8.12 39.24
C ALA E 48 20.21 9.41 39.73
N GLN E 49 21.14 9.94 38.94
CA GLN E 49 21.81 11.20 39.27
C GLN E 49 20.84 12.38 39.23
N GLU E 50 19.91 12.34 38.28
CA GLU E 50 18.91 13.39 38.13
C GLU E 50 18.00 13.47 39.35
N THR E 51 17.70 12.31 39.93
CA THR E 51 16.85 12.23 41.11
C THR E 51 17.50 12.91 42.31
N VAL E 52 18.82 12.75 42.43
CA VAL E 52 19.58 13.32 43.55
C VAL E 52 19.54 14.85 43.53
N ARG E 53 19.54 15.43 42.33
CA ARG E 53 19.47 16.88 42.19
C ARG E 53 18.12 17.43 42.67
N LEU E 54 17.11 16.57 42.67
CA LEU E 54 15.80 16.94 43.18
C LEU E 54 15.80 16.96 44.71
N LEU E 55 16.54 16.05 45.30
CA LEU E 55 16.60 15.92 46.75
C LEU E 55 17.38 17.07 47.38
N GLY E 67 19.66 15.35 53.68
CA GLY E 67 21.07 15.21 54.01
C GLY E 67 21.92 14.94 52.80
N ASN E 68 23.02 14.21 53.01
CA ASN E 68 23.94 13.88 51.93
C ASN E 68 23.45 12.71 51.08
N HIS E 69 22.68 13.03 50.03
CA HIS E 69 22.13 12.01 49.15
C HIS E 69 23.16 11.53 48.14
N ALA E 70 22.99 10.31 47.64
CA ALA E 70 23.93 9.72 46.70
C ALA E 70 23.23 8.82 45.68
N ALA E 71 23.79 8.75 44.48
CA ALA E 71 23.23 7.92 43.42
C ALA E 71 24.05 6.66 43.20
N PHE E 72 23.37 5.53 43.00
CA PHE E 72 24.04 4.27 42.73
C PHE E 72 23.46 3.61 41.48
N GLN E 73 24.31 2.92 40.74
CA GLN E 73 23.88 2.20 39.54
C GLN E 73 24.04 0.71 39.75
N ALA E 74 22.95 -0.03 39.51
CA ALA E 74 22.97 -1.48 39.68
C ALA E 74 21.82 -2.15 38.93
N ASP E 75 22.10 -3.31 38.35
CA ASP E 75 21.08 -4.14 37.74
C ASP E 75 20.62 -5.18 38.74
N VAL E 76 19.43 -4.96 39.31
CA VAL E 76 18.93 -5.79 40.41
C VAL E 76 18.74 -7.26 40.03
N SER E 77 18.63 -7.52 38.74
CA SER E 77 18.43 -8.89 38.26
C SER E 77 19.66 -9.76 38.51
N GLU E 78 20.84 -9.14 38.48
CA GLU E 78 22.08 -9.87 38.67
C GLU E 78 22.50 -9.94 40.13
N ALA E 79 22.98 -11.11 40.55
CA ALA E 79 23.32 -11.36 41.95
C ALA E 79 24.48 -10.49 42.43
N ARG E 80 25.52 -10.37 41.62
CA ARG E 80 26.67 -9.56 41.98
C ARG E 80 26.29 -8.09 42.13
N ALA E 81 25.54 -7.57 41.16
CA ALA E 81 25.15 -6.16 41.15
C ALA E 81 24.27 -5.80 42.34
N ALA E 82 23.46 -6.76 42.77
CA ALA E 82 22.59 -6.54 43.93
C ALA E 82 23.41 -6.57 45.21
N ARG E 83 24.35 -7.50 45.31
CA ARG E 83 25.14 -7.66 46.53
C ARG E 83 26.11 -6.49 46.66
N CYS E 84 26.79 -6.16 45.57
CA CYS E 84 27.79 -5.09 45.56
C CYS E 84 27.13 -3.74 45.81
N LEU E 85 25.85 -3.64 45.47
CA LEU E 85 25.07 -2.43 45.70
C LEU E 85 24.98 -2.12 47.19
N LEU E 86 24.60 -3.10 47.98
CA LEU E 86 24.44 -2.94 49.43
C LEU E 86 25.79 -2.69 50.11
N GLU E 87 26.87 -3.10 49.45
CA GLU E 87 28.20 -2.87 49.98
C GLU E 87 28.74 -1.51 49.54
N GLN E 88 28.26 -1.00 48.41
CA GLN E 88 28.61 0.34 47.97
C GLN E 88 27.93 1.38 48.85
N VAL E 89 26.65 1.14 49.14
CA VAL E 89 25.88 2.04 49.99
C VAL E 89 26.43 2.04 51.42
N GLN E 90 26.70 0.85 51.95
CA GLN E 90 27.23 0.72 53.30
C GLN E 90 28.60 1.37 53.44
N ALA E 91 29.43 1.25 52.42
CA ALA E 91 30.76 1.86 52.43
C ALA E 91 30.64 3.37 52.22
N CYS E 92 29.53 3.79 51.65
CA CYS E 92 29.30 5.20 51.37
C CYS E 92 28.76 5.95 52.59
N PHE E 93 27.97 5.25 53.41
CA PHE E 93 27.31 5.90 54.54
C PHE E 93 27.70 5.31 55.89
N SER E 94 28.61 4.33 55.87
CA SER E 94 29.07 3.64 57.08
C SER E 94 27.88 3.10 57.88
N ARG E 95 26.86 2.64 57.17
CA ARG E 95 25.59 2.26 57.79
C ARG E 95 24.72 1.49 56.82
N PRO E 96 24.07 0.42 57.30
CA PRO E 96 23.10 -0.31 56.48
C PRO E 96 21.80 0.46 56.31
N PRO E 97 21.23 0.47 55.09
CA PRO E 97 19.95 1.14 54.84
C PRO E 97 18.82 0.53 55.67
N SER E 98 18.27 1.30 56.61
CA SER E 98 17.18 0.82 57.43
C SER E 98 15.86 0.85 56.66
N VAL E 99 15.85 1.56 55.55
CA VAL E 99 14.69 1.62 54.68
C VAL E 99 15.05 1.14 53.27
N VAL E 100 14.43 0.06 52.83
CA VAL E 100 14.71 -0.49 51.51
C VAL E 100 13.43 -0.61 50.68
N VAL E 101 13.41 0.09 49.55
CA VAL E 101 12.23 0.09 48.68
C VAL E 101 12.57 -0.39 47.27
N SER E 102 11.93 -1.47 46.85
CA SER E 102 12.16 -2.03 45.52
C SER E 102 11.12 -1.54 44.51
N CYS E 103 11.47 -0.53 43.75
CA CYS E 103 10.59 -0.01 42.70
C CYS E 103 11.10 -0.38 41.31
N ALA E 104 12.28 -0.99 41.27
CA ALA E 104 12.89 -1.39 40.02
C ALA E 104 12.07 -2.46 39.32
N GLY E 105 11.48 -2.09 38.18
CA GLY E 105 10.65 -3.02 37.42
C GLY E 105 10.42 -2.61 35.98
N ILE E 106 10.18 -3.59 35.13
CA ILE E 106 9.89 -3.35 33.72
C ILE E 106 8.67 -4.14 33.26
N THR E 107 8.15 -3.79 32.09
CA THR E 107 7.05 -4.53 31.50
C THR E 107 7.38 -4.94 30.06
N GLN E 108 7.03 -6.17 29.72
CA GLN E 108 7.14 -6.65 28.34
C GLN E 108 5.87 -7.40 27.98
N ASP E 109 4.79 -6.65 27.83
CA ASP E 109 3.46 -7.22 27.66
C ASP E 109 3.28 -7.94 26.32
N GLU E 110 2.60 -9.09 26.39
CA GLU E 110 2.27 -9.87 25.20
C GLU E 110 1.24 -10.92 25.58
N PHE E 111 0.34 -11.26 24.64
CA PHE E 111 -0.64 -12.30 24.88
C PHE E 111 0.04 -13.63 25.14
N LEU E 112 -0.58 -14.46 25.97
CA LEU E 112 -0.01 -15.74 26.39
C LEU E 112 0.34 -16.64 25.20
N LEU E 113 -0.50 -16.61 24.17
CA LEU E 113 -0.32 -17.48 23.02
C LEU E 113 0.86 -17.06 22.15
N HIS E 114 1.39 -15.87 22.38
CA HIS E 114 2.46 -15.34 21.54
C HIS E 114 3.66 -14.87 22.36
N MET E 115 3.59 -15.03 23.67
CA MET E 115 4.68 -14.58 24.55
C MET E 115 5.93 -15.43 24.38
N SER E 116 7.02 -14.80 23.99
CA SER E 116 8.29 -15.49 23.81
C SER E 116 8.94 -15.81 25.15
N GLU E 117 10.04 -16.54 25.11
CA GLU E 117 10.74 -16.93 26.33
C GLU E 117 11.51 -15.76 26.94
N ASP E 118 12.07 -14.92 26.07
CA ASP E 118 12.83 -13.75 26.52
C ASP E 118 11.92 -12.75 27.22
N ASP E 119 10.70 -12.60 26.69
CA ASP E 119 9.72 -11.71 27.30
C ASP E 119 9.36 -12.16 28.71
N TRP E 120 9.37 -13.49 28.91
CA TRP E 120 9.08 -14.05 30.21
C TRP E 120 10.29 -13.96 31.14
N ASP E 121 11.47 -14.27 30.60
CA ASP E 121 12.67 -14.40 31.41
C ASP E 121 13.14 -13.11 32.06
N LYS E 122 13.03 -11.99 31.35
CA LYS E 122 13.57 -10.73 31.85
C LYS E 122 12.59 -10.00 32.78
N VAL E 123 11.30 -10.20 32.57
CA VAL E 123 10.30 -9.62 33.45
C VAL E 123 10.38 -10.28 34.82
N ILE E 124 10.54 -11.59 34.83
CA ILE E 124 10.72 -12.35 36.06
C ILE E 124 12.04 -12.00 36.74
N ALA E 125 13.10 -11.90 35.95
CA ALA E 125 14.43 -11.63 36.48
C ALA E 125 14.52 -10.27 37.17
N VAL E 126 13.85 -9.27 36.59
CA VAL E 126 13.90 -7.92 37.13
C VAL E 126 12.91 -7.73 38.27
N ASN E 127 11.64 -8.05 38.01
CA ASN E 127 10.57 -7.79 38.98
C ASN E 127 10.57 -8.76 40.16
N LEU E 128 10.84 -10.03 39.89
CA LEU E 128 10.77 -11.06 40.93
C LEU E 128 12.15 -11.39 41.51
N LYS E 129 13.05 -11.89 40.67
CA LYS E 129 14.38 -12.24 41.12
C LYS E 129 15.16 -11.01 41.59
N GLY E 130 14.94 -9.88 40.90
CA GLY E 130 15.57 -8.63 41.27
C GLY E 130 15.17 -8.19 42.65
N THR E 131 13.88 -8.27 42.94
CA THR E 131 13.34 -7.91 44.25
C THR E 131 13.89 -8.84 45.32
N PHE E 132 14.01 -10.12 44.99
CA PHE E 132 14.55 -11.12 45.90
C PHE E 132 15.99 -10.80 46.32
N LEU E 133 16.83 -10.51 45.33
CA LEU E 133 18.24 -10.26 45.57
C LEU E 133 18.45 -8.99 46.41
N VAL E 134 17.65 -7.97 46.12
CA VAL E 134 17.72 -6.71 46.88
C VAL E 134 17.25 -6.93 48.32
N THR E 135 16.14 -7.65 48.46
CA THR E 135 15.58 -7.95 49.78
C THR E 135 16.54 -8.80 50.62
N GLN E 136 17.17 -9.78 49.98
CA GLN E 136 18.11 -10.65 50.67
C GLN E 136 19.35 -9.89 51.14
N ALA E 137 19.95 -9.14 50.23
CA ALA E 137 21.16 -8.38 50.54
C ALA E 137 20.88 -7.32 51.60
N ALA E 138 19.67 -6.76 51.58
CA ALA E 138 19.27 -5.76 52.56
C ALA E 138 19.12 -6.40 53.94
N ALA E 139 18.46 -7.55 53.98
CA ALA E 139 18.24 -8.28 55.22
C ALA E 139 19.58 -8.72 55.82
N GLN E 140 20.47 -9.22 54.98
CA GLN E 140 21.79 -9.65 55.41
C GLN E 140 22.58 -8.50 56.03
N ALA E 141 22.50 -7.32 55.40
CA ALA E 141 23.21 -6.15 55.87
C ALA E 141 22.66 -5.66 57.21
N LEU E 142 21.35 -5.78 57.39
CA LEU E 142 20.69 -5.33 58.61
C LEU E 142 20.94 -6.30 59.76
N VAL E 143 20.79 -7.59 59.50
CA VAL E 143 20.98 -8.61 60.52
C VAL E 143 22.42 -8.63 61.03
N SER E 144 23.37 -8.49 60.10
CA SER E 144 24.79 -8.47 60.45
C SER E 144 25.13 -7.30 61.37
N ASN E 145 24.53 -6.15 61.10
CA ASN E 145 24.77 -4.95 61.90
C ASN E 145 23.80 -4.82 63.06
N GLY E 146 22.82 -5.72 63.11
CA GLY E 146 21.86 -5.75 64.19
C GLY E 146 20.94 -4.54 64.24
N CYS E 147 20.68 -3.95 63.07
CA CYS E 147 19.83 -2.78 62.99
CA CYS E 147 19.83 -2.77 62.98
C CYS E 147 18.41 -3.15 62.55
N ARG E 148 17.42 -2.48 63.13
CA ARG E 148 16.04 -2.69 62.74
C ARG E 148 15.78 -2.03 61.39
N GLY E 149 14.76 -2.49 60.68
CA GLY E 149 14.47 -1.96 59.37
C GLY E 149 13.07 -2.20 58.87
N SER E 150 12.78 -1.68 57.68
CA SER E 150 11.48 -1.84 57.04
C SER E 150 11.65 -2.07 55.54
N ILE E 151 11.47 -3.31 55.11
CA ILE E 151 11.58 -3.66 53.70
C ILE E 151 10.24 -3.49 52.99
N ILE E 152 10.20 -2.58 52.02
CA ILE E 152 8.97 -2.25 51.33
C ILE E 152 9.04 -2.59 49.84
N ASN E 153 8.38 -3.66 49.43
CA ASN E 153 8.39 -4.07 48.03
C ASN E 153 7.15 -3.61 47.28
N ILE E 154 7.36 -3.02 46.12
CA ILE E 154 6.26 -2.52 45.31
C ILE E 154 5.76 -3.60 44.35
N SER E 155 4.66 -4.24 44.72
CA SER E 155 4.02 -5.23 43.85
C SER E 155 3.07 -4.54 42.88
N SER E 156 1.88 -5.09 42.73
CA SER E 156 0.85 -4.50 41.87
C SER E 156 -0.50 -5.14 42.15
N ILE E 157 -1.57 -4.44 41.77
CA ILE E 157 -2.91 -4.99 41.89
C ILE E 157 -3.07 -6.14 40.90
N VAL E 158 -2.25 -6.12 39.86
CA VAL E 158 -2.21 -7.18 38.86
C VAL E 158 -1.78 -8.49 39.51
N GLY E 159 -0.90 -8.40 40.51
CA GLY E 159 -0.39 -9.56 41.20
C GLY E 159 -1.41 -10.27 42.08
N LYS E 160 -2.65 -9.77 42.08
CA LYS E 160 -3.71 -10.38 42.86
C LYS E 160 -4.82 -10.95 41.98
N VAL E 161 -5.04 -10.33 40.82
CA VAL E 161 -6.14 -10.72 39.95
C VAL E 161 -5.71 -10.99 38.51
N GLY E 162 -4.42 -10.84 38.23
CA GLY E 162 -3.89 -11.03 36.89
C GLY E 162 -4.32 -9.92 35.96
N ASN E 163 -3.78 -9.94 34.73
CA ASN E 163 -4.11 -8.92 33.75
C ASN E 163 -3.82 -9.38 32.33
N VAL E 164 -4.71 -9.03 31.40
CA VAL E 164 -4.56 -9.42 30.00
C VAL E 164 -3.27 -8.89 29.38
N GLY E 165 -2.45 -9.79 28.87
CA GLY E 165 -1.20 -9.43 28.23
C GLY E 165 -0.05 -9.30 29.21
N GLN E 166 -0.31 -9.59 30.48
CA GLN E 166 0.70 -9.46 31.51
C GLN E 166 0.93 -10.77 32.28
N THR E 167 1.03 -11.87 31.54
CA THR E 167 1.28 -13.17 32.16
C THR E 167 2.58 -13.17 32.94
N ASN E 168 3.65 -12.70 32.32
CA ASN E 168 4.94 -12.59 32.97
C ASN E 168 4.94 -11.56 34.08
N TYR E 169 4.21 -10.47 33.85
CA TYR E 169 4.13 -9.38 34.83
C TYR E 169 3.34 -9.80 36.07
N ALA E 170 2.20 -10.44 35.85
CA ALA E 170 1.34 -10.87 36.95
C ALA E 170 2.03 -11.94 37.80
N ALA E 171 2.72 -12.86 37.14
CA ALA E 171 3.43 -13.93 37.84
C ALA E 171 4.54 -13.37 38.71
N SER E 172 5.24 -12.36 38.20
CA SER E 172 6.33 -11.74 38.95
C SER E 172 5.77 -10.96 40.14
N LYS E 173 4.71 -10.20 39.91
CA LYS E 173 4.11 -9.39 40.95
C LYS E 173 3.47 -10.25 42.04
N ALA E 174 2.87 -11.36 41.62
CA ALA E 174 2.32 -12.31 42.58
C ALA E 174 3.44 -12.97 43.36
N GLY E 175 4.56 -13.21 42.68
CA GLY E 175 5.73 -13.79 43.31
C GLY E 175 6.33 -12.86 44.34
N VAL E 176 6.29 -11.56 44.07
CA VAL E 176 6.80 -10.56 44.99
C VAL E 176 6.08 -10.60 46.33
N ILE E 177 4.76 -10.75 46.28
CA ILE E 177 3.94 -10.80 47.48
C ILE E 177 4.31 -11.97 48.38
N GLY E 178 4.29 -13.18 47.83
CA GLY E 178 4.64 -14.38 48.58
C GLY E 178 6.08 -14.34 49.06
N LEU E 179 6.91 -13.62 48.32
CA LEU E 179 8.31 -13.41 48.70
C LEU E 179 8.39 -12.53 49.95
N THR E 180 7.58 -11.48 49.95
CA THR E 180 7.58 -10.51 51.06
C THR E 180 6.95 -11.14 52.31
N GLN E 181 5.98 -12.02 52.11
CA GLN E 181 5.34 -12.72 53.22
C GLN E 181 6.32 -13.62 53.96
N THR E 182 7.07 -14.40 53.18
CA THR E 182 8.06 -15.32 53.74
C THR E 182 9.15 -14.56 54.49
N ALA E 183 9.63 -13.48 53.89
CA ALA E 183 10.66 -12.65 54.49
C ALA E 183 10.18 -12.03 55.80
N ALA E 184 8.93 -11.59 55.82
CA ALA E 184 8.35 -10.94 56.99
C ALA E 184 8.30 -11.88 58.19
N ARG E 185 8.06 -13.16 57.93
CA ARG E 185 7.97 -14.16 58.98
C ARG E 185 9.35 -14.55 59.50
N GLU E 186 10.35 -14.52 58.62
CA GLU E 186 11.70 -14.90 58.99
C GLU E 186 12.46 -13.76 59.67
N LEU E 187 12.17 -12.53 59.27
CA LEU E 187 12.90 -11.37 59.74
C LEU E 187 12.17 -10.64 60.86
N GLY E 188 11.00 -11.13 61.24
CA GLY E 188 10.22 -10.52 62.29
C GLY E 188 10.93 -10.51 63.63
N ARG E 189 11.66 -11.59 63.91
CA ARG E 189 12.39 -11.70 65.16
C ARG E 189 13.69 -10.91 65.13
N HIS E 190 14.02 -10.38 63.96
CA HIS E 190 15.23 -9.58 63.78
C HIS E 190 14.89 -8.10 63.76
N GLY E 191 13.64 -7.77 64.07
CA GLY E 191 13.19 -6.39 64.09
C GLY E 191 13.06 -5.78 62.71
N ILE E 192 12.92 -6.64 61.71
CA ILE E 192 12.79 -6.19 60.32
C ILE E 192 11.39 -6.43 59.80
N ARG E 193 10.71 -5.36 59.39
CA ARG E 193 9.36 -5.45 58.85
C ARG E 193 9.39 -5.54 57.33
N CYS E 194 8.46 -6.32 56.77
CA CYS E 194 8.38 -6.51 55.33
C CYS E 194 6.94 -6.43 54.84
N ASN E 195 6.67 -5.53 53.91
CA ASN E 195 5.32 -5.33 53.39
C ASN E 195 5.30 -5.10 51.89
N SER E 196 4.14 -5.31 51.28
CA SER E 196 3.97 -5.12 49.85
C SER E 196 2.99 -3.99 49.56
N VAL E 197 3.33 -3.18 48.57
CA VAL E 197 2.43 -2.14 48.07
C VAL E 197 1.84 -2.59 46.74
N LEU E 198 0.53 -2.51 46.62
CA LEU E 198 -0.15 -2.97 45.41
C LEU E 198 -0.86 -1.82 44.70
N PRO E 199 -0.12 -1.04 43.92
CA PRO E 199 -0.69 0.11 43.22
C PRO E 199 -1.61 -0.31 42.08
N GLY E 200 -2.62 0.50 41.79
CA GLY E 200 -3.47 0.28 40.64
C GLY E 200 -2.81 0.84 39.40
N PHE E 201 -3.47 1.78 38.73
CA PHE E 201 -2.86 2.47 37.60
C PHE E 201 -2.45 3.88 37.99
N ILE E 202 -1.16 4.16 37.85
CA ILE E 202 -0.56 5.40 38.34
C ILE E 202 -0.04 6.24 37.17
N ALA E 203 -0.10 7.56 37.30
CA ALA E 203 0.42 8.45 36.27
C ALA E 203 1.95 8.43 36.22
N THR E 204 2.50 7.32 35.73
CA THR E 204 3.95 7.15 35.63
C THR E 204 4.35 6.84 34.18
N PRO E 205 5.64 7.03 33.83
CA PRO E 205 6.13 6.70 32.49
C PRO E 205 5.80 5.29 32.02
N MET E 206 5.59 4.36 32.96
CA MET E 206 5.23 2.99 32.60
C MET E 206 3.80 2.93 32.06
N THR E 207 2.95 3.81 32.56
CA THR E 207 1.56 3.87 32.13
C THR E 207 1.44 4.71 30.84
N GLN E 208 2.50 5.44 30.52
CA GLN E 208 2.54 6.20 29.29
C GLN E 208 2.72 5.26 28.09
N LYS E 209 3.09 4.01 28.39
CA LYS E 209 3.20 2.98 27.37
C LYS E 209 1.82 2.35 27.10
N VAL E 210 0.81 2.85 27.81
CA VAL E 210 -0.56 2.42 27.59
C VAL E 210 -1.29 3.46 26.73
N PRO E 211 -1.92 3.01 25.64
CA PRO E 211 -2.65 3.90 24.73
C PRO E 211 -3.66 4.78 25.45
N GLN E 212 -3.76 6.04 25.05
CA GLN E 212 -4.65 7.01 25.70
C GLN E 212 -6.09 6.50 25.71
N LYS E 213 -6.44 5.74 24.68
CA LYS E 213 -7.74 5.07 24.61
C LYS E 213 -7.94 4.11 25.78
N VAL E 214 -7.00 3.18 25.92
CA VAL E 214 -7.04 2.18 26.98
C VAL E 214 -7.01 2.85 28.34
N VAL E 215 -6.21 3.90 28.46
CA VAL E 215 -6.13 4.69 29.69
C VAL E 215 -7.50 5.26 30.06
N ASP E 216 -8.17 5.85 29.07
CA ASP E 216 -9.50 6.42 29.29
C ASP E 216 -10.52 5.35 29.64
N LYS E 217 -10.34 4.16 29.08
CA LYS E 217 -11.20 3.04 29.41
C LYS E 217 -10.92 2.56 30.83
N ILE E 218 -9.64 2.56 31.22
CA ILE E 218 -9.25 2.20 32.57
C ILE E 218 -9.77 3.21 33.60
N THR E 219 -9.68 4.49 33.27
CA THR E 219 -10.16 5.60 34.12
C THR E 219 -11.64 5.43 34.46
N GLU E 220 -12.40 4.97 33.47
CA GLU E 220 -13.82 4.68 33.62
C GLU E 220 -14.03 3.49 34.56
N MET E 221 -13.07 2.57 34.54
CA MET E 221 -13.14 1.36 35.37
C MET E 221 -12.81 1.67 36.82
N ILE E 222 -11.80 2.50 37.04
CA ILE E 222 -11.41 2.90 38.39
C ILE E 222 -12.55 3.64 39.08
N PRO E 223 -12.98 3.14 40.25
CA PRO E 223 -14.08 3.73 41.02
C PRO E 223 -13.88 5.21 41.34
N MET E 224 -12.63 5.63 41.52
CA MET E 224 -12.35 7.03 41.81
C MET E 224 -12.29 7.86 40.53
N GLY E 225 -12.32 7.17 39.38
CA GLY E 225 -12.45 7.83 38.09
C GLY E 225 -11.23 8.60 37.61
N HIS E 226 -10.05 8.21 38.07
CA HIS E 226 -8.81 8.85 37.63
C HIS E 226 -7.58 8.00 37.93
N LEU E 227 -6.50 8.25 37.21
CA LEU E 227 -5.23 7.58 37.48
C LEU E 227 -4.67 8.05 38.81
N GLY E 228 -3.91 7.18 39.46
CA GLY E 228 -3.25 7.56 40.69
C GLY E 228 -2.03 8.42 40.40
N ASP E 229 -1.59 9.17 41.40
CA ASP E 229 -0.37 9.95 41.27
C ASP E 229 0.75 9.22 42.01
N PRO E 230 1.98 9.32 41.48
CA PRO E 230 3.16 8.70 42.09
C PRO E 230 3.34 9.08 43.56
N GLU E 231 2.85 10.26 43.93
CA GLU E 231 2.92 10.73 45.30
C GLU E 231 2.02 9.92 46.22
N ASP E 232 0.92 9.40 45.67
CA ASP E 232 0.00 8.58 46.44
C ASP E 232 0.66 7.28 46.87
N VAL E 233 1.55 6.77 46.02
CA VAL E 233 2.29 5.56 46.34
C VAL E 233 3.42 5.88 47.30
N ALA E 234 4.01 7.06 47.14
CA ALA E 234 5.08 7.51 48.00
C ALA E 234 4.58 7.73 49.43
N ASP E 235 3.33 8.15 49.56
CA ASP E 235 2.72 8.37 50.86
C ASP E 235 2.61 7.07 51.65
N VAL E 236 2.28 6.00 50.94
CA VAL E 236 2.14 4.69 51.55
C VAL E 236 3.50 4.14 51.98
N VAL E 237 4.47 4.25 51.08
CA VAL E 237 5.84 3.83 51.37
C VAL E 237 6.40 4.59 52.58
N ALA E 238 6.07 5.88 52.65
CA ALA E 238 6.50 6.72 53.75
C ALA E 238 5.93 6.22 55.07
N PHE E 239 4.67 5.81 55.05
CA PHE E 239 4.01 5.28 56.23
C PHE E 239 4.60 3.94 56.65
N LEU E 240 4.86 3.08 55.66
CA LEU E 240 5.43 1.77 55.94
C LEU E 240 6.87 1.88 56.42
N ALA E 241 7.58 2.89 55.94
CA ALA E 241 8.97 3.11 56.34
C ALA E 241 9.03 3.68 57.76
N SER E 242 8.04 4.50 58.11
CA SER E 242 7.99 5.13 59.42
C SER E 242 7.69 4.11 60.51
N GLU E 243 7.82 4.55 61.76
CA GLU E 243 7.52 3.68 62.88
C GLU E 243 6.07 3.88 63.33
N ASP E 244 5.31 4.58 62.50
CA ASP E 244 3.87 4.69 62.69
C ASP E 244 3.21 3.38 62.26
N SER E 245 3.94 2.59 61.48
CA SER E 245 3.48 1.28 61.06
C SER E 245 4.30 0.19 61.73
N GLY E 246 4.71 0.45 62.97
CA GLY E 246 5.58 -0.43 63.71
C GLY E 246 5.05 -1.84 63.96
N TYR E 247 3.73 -1.99 63.89
CA TYR E 247 3.12 -3.29 64.12
C TYR E 247 2.55 -3.87 62.82
N ILE E 248 3.09 -3.41 61.70
CA ILE E 248 2.63 -3.87 60.39
C ILE E 248 3.73 -4.60 59.63
N THR E 249 3.52 -5.89 59.37
CA THR E 249 4.46 -6.67 58.58
C THR E 249 3.72 -7.80 57.86
N GLY E 250 4.26 -8.20 56.70
CA GLY E 250 3.64 -9.24 55.89
C GLY E 250 2.29 -8.80 55.35
N THR E 251 2.13 -7.50 55.16
CA THR E 251 0.85 -6.93 54.76
C THR E 251 0.90 -6.36 53.33
N SER E 252 -0.15 -6.64 52.56
CA SER E 252 -0.29 -6.07 51.23
C SER E 252 -1.19 -4.84 51.26
N VAL E 253 -0.61 -3.67 51.04
CA VAL E 253 -1.38 -2.43 51.01
C VAL E 253 -1.74 -2.07 49.56
N GLU E 254 -3.03 -1.83 49.32
CA GLU E 254 -3.51 -1.58 47.97
C GLU E 254 -3.83 -0.10 47.74
N VAL E 255 -3.15 0.49 46.77
CA VAL E 255 -3.42 1.86 46.35
C VAL E 255 -3.92 1.86 44.92
N THR E 256 -5.18 1.47 44.75
CA THR E 256 -5.72 1.22 43.42
C THR E 256 -6.84 2.18 43.05
N GLY E 257 -7.27 2.99 44.01
CA GLY E 257 -8.41 3.86 43.80
C GLY E 257 -9.69 3.05 43.75
N GLY E 258 -9.65 1.87 44.37
CA GLY E 258 -10.80 0.99 44.43
C GLY E 258 -10.84 -0.02 43.31
N LEU E 259 -9.89 0.07 42.38
CA LEU E 259 -9.86 -0.84 41.24
C LEU E 259 -9.46 -2.25 41.66
N PHE E 260 -10.28 -3.22 41.27
CA PHE E 260 -10.05 -4.62 41.62
C PHE E 260 -9.94 -4.82 43.13
N MET E 261 -10.87 -4.24 43.88
CA MET E 261 -10.84 -4.33 45.33
C MET E 261 -11.39 -5.67 45.82
N HIS F 4 -3.43 25.65 61.76
CA HIS F 4 -3.27 25.71 63.23
C HIS F 4 -4.19 26.80 63.81
N HIS F 5 -4.52 27.79 62.98
CA HIS F 5 -5.47 28.83 63.36
C HIS F 5 -6.49 29.19 62.28
N HIS F 6 -6.98 28.21 61.52
CA HIS F 6 -7.98 28.48 60.49
C HIS F 6 -9.22 27.68 60.83
N HIS F 7 -10.21 27.73 59.94
CA HIS F 7 -11.46 27.02 60.17
C HIS F 7 -11.24 25.53 60.27
N MET F 8 -11.62 24.94 61.40
CA MET F 8 -11.52 23.51 61.59
C MET F 8 -12.48 22.78 60.67
N ASP F 9 -12.13 22.71 59.39
CA ASP F 9 -12.98 22.12 58.37
C ASP F 9 -12.78 20.62 58.27
N LYS F 10 -11.89 20.10 59.11
CA LYS F 10 -11.66 18.66 59.19
C LYS F 10 -12.28 18.11 60.46
N VAL F 11 -13.55 17.71 60.37
CA VAL F 11 -14.27 17.21 61.52
C VAL F 11 -14.40 15.69 61.47
N CYS F 12 -14.02 15.03 62.56
CA CYS F 12 -14.09 13.57 62.62
C CYS F 12 -14.98 13.08 63.76
N ALA F 13 -15.87 12.15 63.44
CA ALA F 13 -16.73 11.54 64.44
C ALA F 13 -16.25 10.13 64.75
N VAL F 14 -15.74 9.93 65.96
CA VAL F 14 -15.25 8.62 66.37
C VAL F 14 -16.22 7.95 67.34
N PHE F 15 -16.99 7.00 66.83
CA PHE F 15 -17.91 6.22 67.65
C PHE F 15 -17.14 5.18 68.45
N GLY F 16 -17.22 5.28 69.77
CA GLY F 16 -16.45 4.42 70.64
C GLY F 16 -15.09 5.03 70.92
N GLY F 17 -15.05 6.36 70.97
CA GLY F 17 -13.80 7.08 71.15
C GLY F 17 -13.47 7.40 72.59
N SER F 18 -14.12 6.72 73.52
CA SER F 18 -13.89 6.95 74.95
C SER F 18 -12.98 5.89 75.54
N ARG F 19 -12.77 4.81 74.79
CA ARG F 19 -11.95 3.72 75.27
C ARG F 19 -11.28 2.96 74.12
N GLY F 20 -10.16 2.31 74.42
CA GLY F 20 -9.47 1.47 73.46
C GLY F 20 -9.01 2.18 72.19
N ILE F 21 -9.24 1.52 71.06
CA ILE F 21 -8.76 2.02 69.76
C ILE F 21 -9.35 3.38 69.41
N GLY F 22 -10.66 3.53 69.58
CA GLY F 22 -11.32 4.79 69.30
C GLY F 22 -10.79 5.93 70.15
N ARG F 23 -10.34 5.60 71.36
CA ARG F 23 -9.75 6.58 72.26
C ARG F 23 -8.44 7.11 71.72
N ALA F 24 -7.58 6.19 71.27
CA ALA F 24 -6.28 6.57 70.74
C ALA F 24 -6.41 7.26 69.38
N VAL F 25 -7.40 6.84 68.60
CA VAL F 25 -7.68 7.48 67.33
C VAL F 25 -8.04 8.94 67.56
N ALA F 26 -8.92 9.17 68.54
CA ALA F 26 -9.32 10.53 68.90
C ALA F 26 -8.13 11.34 69.40
N GLN F 27 -7.22 10.68 70.10
CA GLN F 27 -6.04 11.36 70.64
C GLN F 27 -5.10 11.80 69.52
N LEU F 28 -4.82 10.89 68.60
CA LEU F 28 -3.86 11.14 67.53
C LEU F 28 -4.35 12.19 66.54
N MET F 29 -5.65 12.16 66.23
CA MET F 29 -6.21 13.09 65.27
C MET F 29 -6.35 14.49 65.85
N ALA F 30 -6.53 14.57 67.17
CA ALA F 30 -6.63 15.86 67.85
C ALA F 30 -5.30 16.60 67.78
N ARG F 31 -4.21 15.84 67.74
CA ARG F 31 -2.87 16.40 67.63
C ARG F 31 -2.60 16.86 66.20
N LYS F 32 -3.29 16.25 65.25
CA LYS F 32 -3.07 16.54 63.83
C LYS F 32 -4.00 17.62 63.30
N GLY F 33 -4.69 18.31 64.19
CA GLY F 33 -5.50 19.45 63.81
C GLY F 33 -6.97 19.16 63.54
N TYR F 34 -7.34 17.89 63.64
CA TYR F 34 -8.73 17.48 63.43
C TYR F 34 -9.61 17.90 64.59
N ARG F 35 -10.79 18.44 64.27
CA ARG F 35 -11.81 18.68 65.29
C ARG F 35 -12.58 17.37 65.49
N LEU F 36 -12.77 16.97 66.74
CA LEU F 36 -13.30 15.64 67.01
C LEU F 36 -14.52 15.59 67.90
N ALA F 37 -15.37 14.60 67.64
CA ALA F 37 -16.52 14.30 68.47
C ALA F 37 -16.37 12.90 69.05
N VAL F 38 -16.28 12.82 70.37
CA VAL F 38 -16.12 11.53 71.06
C VAL F 38 -17.50 10.95 71.40
N ILE F 39 -17.80 9.80 70.81
CA ILE F 39 -19.14 9.22 70.93
C ILE F 39 -19.13 7.81 71.52
N ALA F 40 -20.00 7.59 72.52
CA ALA F 40 -20.17 6.30 73.16
C ALA F 40 -21.48 6.28 73.94
N ARG F 41 -21.84 5.14 74.51
CA ARG F 41 -23.05 5.06 75.32
C ARG F 41 -22.85 5.82 76.63
N ASN F 42 -21.72 5.59 77.28
CA ASN F 42 -21.38 6.29 78.51
C ASN F 42 -20.96 7.74 78.22
N LEU F 43 -21.87 8.67 78.47
CA LEU F 43 -21.61 10.08 78.21
C LEU F 43 -20.46 10.61 79.06
N GLU F 44 -20.40 10.16 80.32
CA GLU F 44 -19.35 10.59 81.22
CA GLU F 44 -19.35 10.57 81.24
C GLU F 44 -17.98 10.09 80.75
N GLY F 45 -17.95 8.88 80.20
CA GLY F 45 -16.73 8.32 79.66
C GLY F 45 -16.31 9.06 78.40
N ALA F 46 -17.30 9.51 77.64
CA ALA F 46 -17.05 10.25 76.41
C ALA F 46 -16.56 11.67 76.71
N LYS F 47 -17.16 12.30 77.72
CA LYS F 47 -16.78 13.66 78.11
C LYS F 47 -15.41 13.70 78.75
N ALA F 48 -15.03 12.60 79.40
CA ALA F 48 -13.71 12.51 80.02
C ALA F 48 -12.63 12.45 78.95
N ALA F 49 -12.94 11.79 77.83
CA ALA F 49 -12.00 11.69 76.72
C ALA F 49 -11.92 12.99 75.93
N ALA F 50 -13.08 13.61 75.72
CA ALA F 50 -13.15 14.87 74.98
C ALA F 50 -12.53 16.02 75.76
N GLY F 51 -12.75 16.02 77.07
CA GLY F 51 -12.20 17.05 77.94
C GLY F 51 -10.68 16.97 78.00
N ASP F 52 -10.15 15.80 77.68
CA ASP F 52 -8.71 15.59 77.63
C ASP F 52 -8.11 16.14 76.33
N LEU F 53 -8.83 15.95 75.23
CA LEU F 53 -8.37 16.41 73.93
C LEU F 53 -8.24 17.92 73.86
N GLY F 54 -9.32 18.62 74.21
CA GLY F 54 -9.33 20.07 74.19
C GLY F 54 -10.70 20.64 74.46
N GLY F 55 -10.83 21.96 74.31
CA GLY F 55 -12.09 22.63 74.56
C GLY F 55 -13.00 22.62 73.34
N ASP F 56 -12.39 22.67 72.15
CA ASP F 56 -13.14 22.67 70.90
C ASP F 56 -13.64 21.28 70.55
N HIS F 57 -13.15 20.27 71.26
CA HIS F 57 -13.59 18.90 71.07
C HIS F 57 -14.73 18.57 72.02
N LEU F 58 -15.84 18.08 71.48
CA LEU F 58 -17.02 17.79 72.28
C LEU F 58 -17.28 16.29 72.39
N ALA F 59 -18.24 15.93 73.23
CA ALA F 59 -18.59 14.53 73.45
C ALA F 59 -20.10 14.33 73.36
N PHE F 60 -20.50 13.15 72.88
CA PHE F 60 -21.91 12.87 72.66
C PHE F 60 -22.26 11.43 73.03
N SER F 61 -23.41 11.26 73.69
CA SER F 61 -23.86 9.93 74.08
C SER F 61 -24.73 9.31 73.00
N CYS F 62 -24.43 8.07 72.63
CA CYS F 62 -25.19 7.38 71.60
C CYS F 62 -24.98 5.87 71.60
N ASP F 63 -26.00 5.15 71.15
CA ASP F 63 -25.91 3.71 70.94
C ASP F 63 -26.01 3.44 69.44
N VAL F 64 -24.93 2.94 68.86
CA VAL F 64 -24.86 2.71 67.42
C VAL F 64 -25.89 1.69 66.93
N ALA F 65 -26.33 0.83 67.83
CA ALA F 65 -27.33 -0.18 67.49
C ALA F 65 -28.70 0.45 67.28
N LYS F 66 -29.01 1.48 68.09
CA LYS F 66 -30.28 2.17 68.00
C LYS F 66 -30.27 3.18 66.86
N GLU F 67 -31.21 3.03 65.92
CA GLU F 67 -31.25 3.89 64.74
C GLU F 67 -31.52 5.36 65.08
N HIS F 68 -32.59 5.60 65.85
CA HIS F 68 -32.99 6.96 66.20
C HIS F 68 -31.91 7.70 66.98
N ASP F 69 -31.12 6.95 67.75
CA ASP F 69 -30.02 7.54 68.50
C ASP F 69 -28.92 8.03 67.56
N VAL F 70 -28.66 7.25 66.51
CA VAL F 70 -27.63 7.58 65.54
C VAL F 70 -27.98 8.81 64.71
N GLN F 71 -29.16 8.78 64.09
CA GLN F 71 -29.59 9.85 63.19
C GLN F 71 -29.78 11.18 63.91
N ASN F 72 -30.10 11.11 65.20
CA ASN F 72 -30.29 12.32 65.99
C ASN F 72 -29.01 12.78 66.65
N THR F 73 -28.06 11.86 66.81
CA THR F 73 -26.73 12.22 67.28
C THR F 73 -26.05 13.04 66.19
N PHE F 74 -26.10 12.51 64.97
CA PHE F 74 -25.54 13.19 63.80
C PHE F 74 -26.12 14.58 63.60
N GLU F 75 -27.39 14.75 63.97
CA GLU F 75 -28.04 16.05 63.83
C GLU F 75 -27.55 17.02 64.89
N GLU F 76 -27.16 16.48 66.05
CA GLU F 76 -26.64 17.30 67.14
C GLU F 76 -25.18 17.63 66.92
N LEU F 77 -24.46 16.72 66.27
CA LEU F 77 -23.08 16.98 65.85
C LEU F 77 -23.08 18.06 64.78
N GLU F 78 -24.12 18.05 63.95
CA GLU F 78 -24.27 18.98 62.85
C GLU F 78 -24.40 20.42 63.35
N LYS F 79 -25.11 20.60 64.46
CA LYS F 79 -25.34 21.93 65.01
C LYS F 79 -24.12 22.45 65.78
N HIS F 80 -23.27 21.53 66.23
CA HIS F 80 -22.11 21.91 67.02
C HIS F 80 -20.83 21.99 66.21
N LEU F 81 -20.56 20.97 65.40
CA LEU F 81 -19.34 20.92 64.61
C LEU F 81 -19.54 21.42 63.19
N GLY F 82 -20.65 21.02 62.57
CA GLY F 82 -20.92 21.35 61.19
C GLY F 82 -20.79 20.13 60.30
N ARG F 83 -20.26 20.33 59.11
CA ARG F 83 -20.10 19.24 58.14
C ARG F 83 -19.07 18.22 58.61
N VAL F 84 -19.49 16.95 58.70
CA VAL F 84 -18.61 15.87 59.10
C VAL F 84 -18.11 15.12 57.87
N ASN F 85 -16.81 15.20 57.61
CA ASN F 85 -16.21 14.56 56.45
C ASN F 85 -15.27 13.42 56.82
N PHE F 86 -15.10 13.19 58.13
CA PHE F 86 -14.30 12.07 58.60
C PHE F 86 -15.09 11.23 59.59
N LEU F 87 -15.02 9.91 59.43
CA LEU F 87 -15.81 9.00 60.25
C LEU F 87 -14.98 7.81 60.71
N VAL F 88 -15.09 7.48 62.00
CA VAL F 88 -14.37 6.34 62.55
C VAL F 88 -15.31 5.44 63.36
N ASN F 89 -15.53 4.22 62.88
CA ASN F 89 -16.38 3.26 63.57
C ASN F 89 -15.58 2.29 64.43
N ALA F 90 -15.34 2.66 65.67
CA ALA F 90 -14.57 1.83 66.60
C ALA F 90 -15.44 1.33 67.75
N ALA F 91 -16.75 1.53 67.63
CA ALA F 91 -17.69 1.08 68.65
C ALA F 91 -18.03 -0.39 68.44
N GLY F 92 -17.68 -1.23 69.40
CA GLY F 92 -17.92 -2.65 69.28
C GLY F 92 -17.82 -3.43 70.58
N ILE F 93 -18.42 -4.61 70.59
CA ILE F 93 -18.36 -5.50 71.75
C ILE F 93 -17.94 -6.90 71.30
N ASN F 94 -17.46 -7.71 72.24
CA ASN F 94 -17.02 -9.07 71.94
C ASN F 94 -17.42 -10.06 73.03
N ARG F 95 -18.01 -11.17 72.62
CA ARG F 95 -18.36 -12.23 73.56
C ARG F 95 -17.83 -13.57 73.07
N ASP F 96 -16.73 -14.03 73.67
CA ASP F 96 -16.15 -15.31 73.32
C ASP F 96 -16.98 -16.48 73.83
N GLY F 97 -17.34 -17.38 72.91
CA GLY F 97 -18.13 -18.55 73.26
C GLY F 97 -18.32 -19.45 72.06
N LEU F 98 -18.52 -20.75 72.34
CA LEU F 98 -18.77 -21.72 71.29
C LEU F 98 -20.14 -21.47 70.67
N LEU F 99 -20.27 -21.84 69.39
CA LEU F 99 -21.52 -21.62 68.66
C LEU F 99 -22.70 -22.32 69.33
N VAL F 100 -22.47 -23.54 69.81
CA VAL F 100 -23.51 -24.30 70.47
C VAL F 100 -23.83 -23.77 71.86
N ARG F 101 -22.97 -22.88 72.37
CA ARG F 101 -23.17 -22.31 73.69
C ARG F 101 -23.38 -20.79 73.62
N THR F 102 -23.76 -20.32 72.44
CA THR F 102 -24.01 -18.90 72.24
C THR F 102 -25.49 -18.63 72.05
N LYS F 103 -26.07 -17.83 72.95
CA LYS F 103 -27.49 -17.52 72.92
C LYS F 103 -27.80 -16.61 71.74
N THR F 104 -28.98 -16.79 71.15
CA THR F 104 -29.36 -16.08 69.94
C THR F 104 -29.45 -14.57 70.15
N GLU F 105 -29.77 -14.15 71.37
CA GLU F 105 -29.88 -12.73 71.68
C GLU F 105 -28.50 -12.11 71.83
N ASP F 106 -27.51 -12.94 72.14
CA ASP F 106 -26.13 -12.49 72.21
C ASP F 106 -25.53 -12.47 70.81
N MET F 107 -26.17 -13.19 69.89
CA MET F 107 -25.80 -13.14 68.49
C MET F 107 -26.30 -11.84 67.88
N VAL F 108 -27.59 -11.57 68.09
CA VAL F 108 -28.23 -10.35 67.62
C VAL F 108 -27.57 -9.11 68.24
N SER F 109 -27.10 -9.27 69.47
CA SER F 109 -26.41 -8.19 70.18
C SER F 109 -25.18 -7.69 69.43
N GLN F 110 -24.26 -8.61 69.13
CA GLN F 110 -23.02 -8.25 68.46
C GLN F 110 -23.24 -7.85 67.00
N LEU F 111 -24.15 -8.55 66.33
CA LEU F 111 -24.43 -8.27 64.92
C LEU F 111 -24.99 -6.87 64.71
N HIS F 112 -25.73 -6.37 65.70
CA HIS F 112 -26.29 -5.03 65.62
C HIS F 112 -25.25 -3.98 66.03
N THR F 113 -24.46 -4.30 67.04
CA THR F 113 -23.45 -3.39 67.55
C THR F 113 -22.28 -3.23 66.57
N ASN F 114 -21.68 -4.34 66.19
CA ASN F 114 -20.47 -4.34 65.38
C ASN F 114 -20.71 -4.12 63.89
N LEU F 115 -21.81 -4.67 63.38
CA LEU F 115 -22.08 -4.61 61.95
C LEU F 115 -23.12 -3.57 61.61
N LEU F 116 -24.34 -3.77 62.10
CA LEU F 116 -25.46 -2.88 61.80
C LEU F 116 -25.21 -1.47 62.34
N GLY F 117 -24.52 -1.39 63.46
CA GLY F 117 -24.20 -0.11 64.07
C GLY F 117 -23.36 0.77 63.15
N SER F 118 -22.36 0.16 62.52
CA SER F 118 -21.50 0.88 61.59
C SER F 118 -22.24 1.22 60.31
N MET F 119 -23.16 0.33 59.91
CA MET F 119 -23.96 0.55 58.70
C MET F 119 -24.88 1.76 58.87
N LEU F 120 -25.55 1.85 60.02
CA LEU F 120 -26.38 3.00 60.33
C LEU F 120 -25.53 4.26 60.43
N THR F 121 -24.34 4.11 61.02
CA THR F 121 -23.41 5.21 61.18
C THR F 121 -22.92 5.71 59.83
N CYS F 122 -22.51 4.80 58.97
CA CYS F 122 -22.06 5.16 57.61
C CYS F 122 -23.21 5.75 56.81
N LYS F 123 -24.41 5.22 57.00
CA LYS F 123 -25.60 5.71 56.32
C LYS F 123 -25.89 7.15 56.69
N ALA F 124 -25.75 7.45 57.98
CA ALA F 124 -26.02 8.80 58.50
C ALA F 124 -24.99 9.80 57.99
N ALA F 125 -23.77 9.32 57.77
CA ALA F 125 -22.70 10.17 57.26
C ALA F 125 -22.89 10.46 55.77
N MET F 126 -23.55 9.54 55.07
CA MET F 126 -23.80 9.70 53.65
C MET F 126 -24.83 10.80 53.38
N ARG F 127 -25.64 11.12 54.38
CA ARG F 127 -26.63 12.18 54.24
C ARG F 127 -25.97 13.55 54.18
N THR F 128 -24.69 13.59 54.53
CA THR F 128 -23.94 14.84 54.56
C THR F 128 -22.80 14.83 53.55
N MET F 129 -22.08 13.71 53.48
CA MET F 129 -20.91 13.60 52.63
C MET F 129 -21.25 13.54 51.15
N ILE F 130 -22.38 12.90 50.82
CA ILE F 130 -22.77 12.73 49.43
C ILE F 130 -23.16 14.06 48.78
N GLN F 131 -23.94 14.87 49.50
CA GLN F 131 -24.37 16.15 48.98
C GLN F 131 -23.21 17.14 48.91
N GLN F 132 -22.25 16.97 49.81
CA GLN F 132 -21.07 17.84 49.83
C GLN F 132 -19.98 17.27 48.94
N GLN F 133 -20.17 16.01 48.53
CA GLN F 133 -19.25 15.31 47.63
C GLN F 133 -17.81 15.31 48.17
N GLY F 134 -17.63 14.71 49.33
CA GLY F 134 -16.33 14.61 49.96
C GLY F 134 -16.41 13.98 51.34
N GLY F 135 -15.52 13.03 51.60
CA GLY F 135 -15.48 12.36 52.88
C GLY F 135 -14.57 11.15 52.91
N SER F 136 -14.26 10.67 54.11
CA SER F 136 -13.41 9.51 54.29
C SER F 136 -13.84 8.71 55.52
N ILE F 137 -14.06 7.41 55.33
CA ILE F 137 -14.59 6.57 56.40
C ILE F 137 -13.68 5.37 56.69
N VAL F 138 -13.47 5.07 57.96
CA VAL F 138 -12.72 3.89 58.37
C VAL F 138 -13.53 3.03 59.35
N ASN F 139 -13.85 1.82 58.93
CA ASN F 139 -14.51 0.85 59.79
C ASN F 139 -13.49 -0.05 60.46
N VAL F 140 -13.60 -0.22 61.78
CA VAL F 140 -12.65 -1.04 62.51
C VAL F 140 -13.14 -2.46 62.68
N GLY F 141 -12.57 -3.39 61.90
CA GLY F 141 -12.94 -4.78 61.97
C GLY F 141 -11.87 -5.61 62.64
N SER F 142 -11.60 -6.80 62.07
CA SER F 142 -10.58 -7.69 62.61
C SER F 142 -10.19 -8.74 61.58
N ILE F 143 -9.00 -9.31 61.72
CA ILE F 143 -8.56 -10.39 60.83
C ILE F 143 -9.33 -11.66 61.12
N VAL F 144 -9.94 -11.72 62.29
CA VAL F 144 -10.82 -12.81 62.66
C VAL F 144 -12.12 -12.70 61.85
N GLY F 145 -12.45 -11.48 61.45
CA GLY F 145 -13.57 -11.27 60.56
C GLY F 145 -13.25 -11.82 59.18
N LEU F 146 -11.96 -11.87 58.88
CA LEU F 146 -11.49 -12.38 57.60
C LEU F 146 -11.16 -13.87 57.66
N LYS F 147 -10.18 -14.22 58.50
CA LYS F 147 -9.68 -15.58 58.55
C LYS F 147 -10.38 -16.44 59.60
N GLY F 148 -10.97 -15.80 60.60
CA GLY F 148 -11.69 -16.53 61.63
C GLY F 148 -10.80 -17.01 62.77
N ASN F 149 -11.44 -17.41 63.87
CA ASN F 149 -10.73 -17.95 65.01
C ASN F 149 -11.69 -18.75 65.90
N SER F 150 -11.24 -19.92 66.36
CA SER F 150 -12.05 -20.80 67.19
C SER F 150 -12.33 -20.16 68.56
N GLY F 151 -13.57 -19.75 68.78
CA GLY F 151 -13.96 -19.15 70.04
C GLY F 151 -14.82 -17.91 69.87
N GLN F 152 -14.74 -17.30 68.69
CA GLN F 152 -15.50 -16.11 68.39
C GLN F 152 -16.14 -16.20 67.00
N SER F 153 -17.01 -17.19 66.83
CA SER F 153 -17.72 -17.42 65.58
C SER F 153 -18.66 -16.26 65.20
N VAL F 154 -19.43 -15.78 66.17
CA VAL F 154 -20.35 -14.67 65.90
C VAL F 154 -19.59 -13.36 65.70
N TYR F 155 -18.51 -13.17 66.46
CA TYR F 155 -17.68 -11.99 66.33
C TYR F 155 -17.02 -11.96 64.96
N SER F 156 -16.74 -13.15 64.43
CA SER F 156 -16.16 -13.28 63.10
C SER F 156 -17.16 -12.85 62.04
N ALA F 157 -18.42 -13.23 62.25
CA ALA F 157 -19.50 -12.85 61.33
C ALA F 157 -19.74 -11.35 61.37
N SER F 158 -19.55 -10.75 62.54
CA SER F 158 -19.76 -9.32 62.72
C SER F 158 -18.74 -8.50 61.92
N LYS F 159 -17.47 -8.85 62.06
CA LYS F 159 -16.40 -8.10 61.41
C LYS F 159 -16.25 -8.46 59.93
N GLY F 160 -16.64 -9.69 59.58
CA GLY F 160 -16.57 -10.14 58.21
C GLY F 160 -17.54 -9.38 57.33
N GLY F 161 -18.68 -9.01 57.90
CA GLY F 161 -19.68 -8.26 57.18
C GLY F 161 -19.21 -6.85 56.84
N LEU F 162 -18.37 -6.29 57.70
CA LEU F 162 -17.84 -4.95 57.50
C LEU F 162 -17.02 -4.84 56.22
N VAL F 163 -16.34 -5.94 55.88
CA VAL F 163 -15.49 -5.99 54.69
C VAL F 163 -16.29 -5.83 53.41
N GLY F 164 -17.26 -6.71 53.20
CA GLY F 164 -18.10 -6.67 52.03
C GLY F 164 -18.96 -5.41 51.98
N PHE F 165 -19.39 -4.95 53.15
CA PHE F 165 -20.21 -3.75 53.25
C PHE F 165 -19.44 -2.51 52.82
N SER F 166 -18.25 -2.32 53.38
CA SER F 166 -17.41 -1.17 53.07
C SER F 166 -17.06 -1.11 51.60
N ARG F 167 -16.68 -2.27 51.04
CA ARG F 167 -16.31 -2.35 49.64
C ARG F 167 -17.51 -2.08 48.72
N ALA F 168 -18.67 -2.57 49.12
CA ALA F 168 -19.90 -2.29 48.39
C ALA F 168 -20.27 -0.82 48.52
N LEU F 169 -19.95 -0.25 49.68
CA LEU F 169 -20.19 1.17 49.93
C LEU F 169 -19.14 2.03 49.23
N ALA F 170 -17.91 1.52 49.18
CA ALA F 170 -16.82 2.24 48.52
C ALA F 170 -17.09 2.38 47.02
N LYS F 171 -17.50 1.28 46.40
CA LYS F 171 -17.84 1.29 44.97
C LYS F 171 -19.01 2.22 44.70
N GLU F 172 -19.98 2.20 45.60
CA GLU F 172 -21.23 2.94 45.43
C GLU F 172 -21.03 4.45 45.48
N VAL F 173 -20.07 4.91 46.28
CA VAL F 173 -19.98 6.32 46.60
C VAL F 173 -18.60 6.93 46.25
N ALA F 174 -17.78 6.16 45.55
CA ALA F 174 -16.45 6.62 45.17
C ALA F 174 -16.48 7.83 44.24
N ARG F 175 -17.50 7.89 43.37
CA ARG F 175 -17.61 8.97 42.41
C ARG F 175 -18.08 10.27 43.04
N LYS F 176 -18.30 10.24 44.36
CA LYS F 176 -18.67 11.43 45.10
C LYS F 176 -17.55 11.84 46.05
N LYS F 177 -16.32 11.46 45.69
CA LYS F 177 -15.12 11.79 46.45
C LYS F 177 -15.20 11.32 47.89
N ILE F 178 -15.81 10.14 48.09
CA ILE F 178 -15.94 9.57 49.43
C ILE F 178 -15.27 8.20 49.50
N ARG F 179 -14.28 8.08 50.38
CA ARG F 179 -13.51 6.85 50.50
C ARG F 179 -13.92 6.05 51.74
N VAL F 180 -14.12 4.75 51.55
CA VAL F 180 -14.48 3.87 52.65
C VAL F 180 -13.47 2.72 52.75
N ASN F 181 -12.84 2.59 53.92
CA ASN F 181 -11.85 1.53 54.12
C ASN F 181 -12.03 0.81 55.46
N VAL F 182 -11.26 -0.25 55.66
CA VAL F 182 -11.35 -1.06 56.86
C VAL F 182 -9.98 -1.38 57.44
N VAL F 183 -9.81 -1.11 58.73
CA VAL F 183 -8.63 -1.57 59.44
C VAL F 183 -8.92 -2.90 60.11
N ALA F 184 -7.98 -3.84 59.99
CA ALA F 184 -8.16 -5.16 60.56
C ALA F 184 -7.07 -5.46 61.58
N PRO F 185 -7.21 -4.94 62.81
CA PRO F 185 -6.22 -5.14 63.86
C PRO F 185 -6.13 -6.60 64.29
N GLY F 186 -4.95 -7.02 64.70
CA GLY F 186 -4.77 -8.36 65.25
C GLY F 186 -5.08 -8.34 66.73
N PHE F 187 -4.16 -8.85 67.53
CA PHE F 187 -4.33 -8.85 68.98
C PHE F 187 -3.80 -7.56 69.58
N VAL F 188 -4.72 -6.67 69.95
CA VAL F 188 -4.36 -5.40 70.58
C VAL F 188 -4.46 -5.55 72.10
N HIS F 189 -4.04 -4.53 72.83
CA HIS F 189 -4.11 -4.56 74.29
C HIS F 189 -5.06 -3.50 74.83
N THR F 190 -6.34 -3.85 74.92
CA THR F 190 -7.37 -2.94 75.42
C THR F 190 -8.23 -3.60 76.49
N ASP F 191 -9.50 -3.21 76.52
CA ASP F 191 -10.48 -3.76 77.47
C ASP F 191 -10.87 -5.18 77.07
N MET F 192 -11.01 -5.40 75.77
CA MET F 192 -11.41 -6.69 75.22
C MET F 192 -10.39 -7.80 75.48
N THR F 193 -9.11 -7.49 75.25
CA THR F 193 -8.05 -8.47 75.41
C THR F 193 -7.46 -8.44 76.82
N LYS F 194 -8.33 -8.51 77.82
CA LYS F 194 -7.91 -8.57 79.21
C LYS F 194 -7.93 -10.02 79.68
N ASP F 195 -8.76 -10.83 79.04
CA ASP F 195 -8.88 -12.24 79.39
C ASP F 195 -8.33 -13.15 78.30
N LEU F 196 -7.22 -12.75 77.69
CA LEU F 196 -6.57 -13.56 76.66
C LEU F 196 -5.13 -13.85 77.04
N LYS F 197 -4.74 -15.11 76.92
CA LYS F 197 -3.37 -15.53 77.21
C LYS F 197 -2.39 -15.04 76.15
N GLU F 198 -1.71 -13.93 76.44
CA GLU F 198 -0.81 -13.33 75.47
C GLU F 198 0.39 -14.23 75.21
N GLU F 199 0.99 -14.73 76.27
CA GLU F 199 2.19 -15.58 76.19
C GLU F 199 1.99 -16.87 75.39
N HIS F 200 0.78 -17.10 74.89
CA HIS F 200 0.52 -18.25 74.05
C HIS F 200 0.70 -17.93 72.57
N LEU F 201 -0.20 -17.13 72.03
CA LEU F 201 -0.19 -16.84 70.58
C LEU F 201 0.84 -15.77 70.19
N LYS F 202 1.52 -15.18 71.16
CA LYS F 202 2.54 -14.18 70.87
C LYS F 202 3.90 -14.82 70.58
N LYS F 203 3.96 -16.14 70.64
CA LYS F 203 5.19 -16.86 70.36
C LYS F 203 5.32 -17.12 68.86
N ASN F 204 4.18 -17.18 68.18
CA ASN F 204 4.14 -17.42 66.75
C ASN F 204 4.14 -16.13 65.95
N ILE F 205 3.53 -15.08 66.51
CA ILE F 205 3.51 -13.77 65.87
C ILE F 205 4.93 -13.31 65.56
N PRO F 206 5.21 -13.02 64.29
CA PRO F 206 6.52 -12.60 63.79
C PRO F 206 7.15 -11.48 64.63
N LEU F 207 6.33 -10.53 65.10
CA LEU F 207 6.84 -9.43 65.90
C LEU F 207 6.90 -9.80 67.38
N GLY F 208 6.50 -11.03 67.70
CA GLY F 208 6.63 -11.57 69.04
C GLY F 208 5.91 -10.81 70.14
N ARG F 209 4.87 -10.09 69.77
CA ARG F 209 4.11 -9.31 70.74
C ARG F 209 2.73 -8.93 70.22
N PHE F 210 1.85 -8.55 71.14
CA PHE F 210 0.56 -8.00 70.76
C PHE F 210 0.73 -6.53 70.40
N GLY F 211 -0.25 -5.99 69.69
CA GLY F 211 -0.16 -4.60 69.25
C GLY F 211 -0.61 -3.61 70.29
N GLU F 212 0.00 -2.42 70.29
CA GLU F 212 -0.44 -1.36 71.16
C GLU F 212 -1.56 -0.58 70.50
N THR F 213 -2.36 0.10 71.32
CA THR F 213 -3.55 0.79 70.84
C THR F 213 -3.22 1.90 69.85
N ILE F 214 -2.16 2.66 70.13
CA ILE F 214 -1.77 3.79 69.30
C ILE F 214 -1.27 3.33 67.93
N GLU F 215 -0.78 2.09 67.86
CA GLU F 215 -0.29 1.54 66.61
C GLU F 215 -1.45 1.36 65.63
N VAL F 216 -2.60 0.98 66.16
CA VAL F 216 -3.80 0.85 65.35
C VAL F 216 -4.31 2.22 64.91
N ALA F 217 -4.14 3.21 65.80
CA ALA F 217 -4.59 4.56 65.55
C ALA F 217 -3.93 5.17 64.31
N HIS F 218 -2.63 4.95 64.17
CA HIS F 218 -1.88 5.48 63.04
C HIS F 218 -2.37 4.90 61.72
N ALA F 219 -2.74 3.63 61.74
CA ALA F 219 -3.26 2.97 60.55
C ALA F 219 -4.58 3.59 60.12
N VAL F 220 -5.45 3.84 61.10
CA VAL F 220 -6.74 4.48 60.84
C VAL F 220 -6.53 5.87 60.25
N VAL F 221 -5.66 6.65 60.88
CA VAL F 221 -5.34 7.99 60.43
C VAL F 221 -4.76 7.97 59.02
N PHE F 222 -3.85 7.04 58.77
CA PHE F 222 -3.23 6.88 57.46
C PHE F 222 -4.28 6.64 56.37
N LEU F 223 -5.21 5.74 56.64
CA LEU F 223 -6.29 5.44 55.69
C LEU F 223 -7.16 6.66 55.42
N LEU F 224 -7.40 7.44 56.47
CA LEU F 224 -8.22 8.64 56.35
C LEU F 224 -7.50 9.73 55.55
N GLU F 225 -6.18 9.62 55.47
CA GLU F 225 -5.38 10.66 54.83
C GLU F 225 -4.86 10.28 53.45
N SER F 226 -4.79 8.98 53.18
CA SER F 226 -4.33 8.51 51.87
C SER F 226 -5.45 8.63 50.84
N PRO F 227 -5.31 9.58 49.91
CA PRO F 227 -6.40 10.01 49.02
C PRO F 227 -6.66 9.11 47.80
N TYR F 228 -5.97 7.98 47.69
CA TYR F 228 -6.21 7.07 46.56
C TYR F 228 -6.47 5.64 47.05
N ILE F 229 -6.74 5.50 48.34
CA ILE F 229 -7.05 4.20 48.91
C ILE F 229 -8.52 4.12 49.32
N THR F 230 -9.25 3.20 48.71
CA THR F 230 -10.65 2.98 49.08
C THR F 230 -11.04 1.52 48.85
N GLY F 231 -11.92 1.02 49.70
CA GLY F 231 -12.36 -0.37 49.63
C GLY F 231 -11.27 -1.33 50.05
N HIS F 232 -10.25 -0.82 50.72
CA HIS F 232 -9.11 -1.64 51.13
C HIS F 232 -9.17 -2.03 52.59
N VAL F 233 -8.78 -3.26 52.87
CA VAL F 233 -8.67 -3.74 54.24
C VAL F 233 -7.21 -3.73 54.70
N LEU F 234 -6.87 -2.78 55.57
CA LEU F 234 -5.51 -2.67 56.07
C LEU F 234 -5.31 -3.56 57.30
N VAL F 235 -4.31 -4.43 57.21
CA VAL F 235 -4.07 -5.40 58.27
C VAL F 235 -2.94 -4.97 59.21
N VAL F 236 -3.26 -4.87 60.49
CA VAL F 236 -2.26 -4.55 61.51
C VAL F 236 -2.28 -5.62 62.60
N ASP F 237 -1.53 -6.69 62.38
CA ASP F 237 -1.54 -7.83 63.29
C ASP F 237 -0.13 -8.29 63.67
N GLY F 238 0.87 -7.61 63.14
CA GLY F 238 2.26 -7.99 63.37
C GLY F 238 2.60 -9.26 62.60
N GLY F 239 1.91 -9.47 61.49
CA GLY F 239 2.16 -10.63 60.65
C GLY F 239 1.47 -11.89 61.15
N LEU F 240 0.41 -11.70 61.92
CA LEU F 240 -0.33 -12.83 62.50
C LEU F 240 -1.09 -13.62 61.44
N GLN F 241 -1.59 -12.93 60.43
CA GLN F 241 -2.42 -13.55 59.39
C GLN F 241 -1.65 -14.60 58.59
N LEU F 242 -0.32 -14.52 58.61
CA LEU F 242 0.51 -15.47 57.89
C LEU F 242 0.56 -16.82 58.59
N ILE F 243 0.31 -16.81 59.90
CA ILE F 243 0.37 -18.01 60.71
C ILE F 243 -1.02 -18.48 61.15
N LEU F 244 -1.90 -17.53 61.44
CA LEU F 244 -3.26 -17.85 61.85
C LEU F 244 -4.09 -18.35 60.66
N CYS G 12 -28.30 -33.59 52.08
CA CYS G 12 -29.37 -33.82 53.05
C CYS G 12 -30.25 -32.59 53.22
N ALA G 13 -30.27 -32.04 54.43
CA ALA G 13 -31.09 -30.87 54.74
C ALA G 13 -30.63 -29.64 53.95
N VAL G 14 -31.47 -29.20 53.02
CA VAL G 14 -31.17 -28.02 52.22
C VAL G 14 -32.17 -26.90 52.53
N PHE G 15 -31.69 -25.88 53.22
CA PHE G 15 -32.53 -24.72 53.55
C PHE G 15 -32.66 -23.78 52.37
N GLY G 16 -33.86 -23.26 52.16
CA GLY G 16 -34.13 -22.39 51.03
C GLY G 16 -34.05 -23.16 49.72
N GLY G 17 -34.40 -24.44 49.78
CA GLY G 17 -34.33 -25.30 48.62
C GLY G 17 -35.62 -25.38 47.83
N SER G 18 -36.33 -24.25 47.73
CA SER G 18 -37.60 -24.21 47.00
C SER G 18 -37.50 -23.38 45.73
N ARG G 19 -36.44 -22.58 45.62
CA ARG G 19 -36.21 -21.77 44.43
C ARG G 19 -34.74 -21.43 44.27
N GLY G 20 -34.35 -21.07 43.05
CA GLY G 20 -32.99 -20.66 42.77
C GLY G 20 -32.00 -21.80 42.84
N ILE G 21 -30.89 -21.56 43.54
CA ILE G 21 -29.82 -22.56 43.65
C ILE G 21 -30.19 -23.64 44.67
N GLY G 22 -31.13 -23.33 45.54
CA GLY G 22 -31.58 -24.27 46.55
C GLY G 22 -32.20 -25.49 45.91
N ARG G 23 -32.95 -25.27 44.84
CA ARG G 23 -33.51 -26.38 44.06
C ARG G 23 -32.40 -27.19 43.42
N ALA G 24 -31.50 -26.50 42.73
CA ALA G 24 -30.42 -27.16 42.01
C ALA G 24 -29.60 -28.07 42.91
N VAL G 25 -29.32 -27.61 44.13
CA VAL G 25 -28.63 -28.43 45.12
C VAL G 25 -29.46 -29.68 45.42
N ALA G 26 -30.72 -29.47 45.79
CA ALA G 26 -31.62 -30.58 46.11
C ALA G 26 -31.82 -31.52 44.93
N GLN G 27 -31.93 -30.97 43.73
CA GLN G 27 -32.13 -31.77 42.52
C GLN G 27 -30.92 -32.65 42.22
N LEU G 28 -29.74 -32.04 42.22
CA LEU G 28 -28.51 -32.75 41.89
C LEU G 28 -28.23 -33.86 42.90
N MET G 29 -28.40 -33.56 44.18
CA MET G 29 -28.20 -34.55 45.24
C MET G 29 -29.19 -35.70 45.09
N ALA G 30 -30.42 -35.38 44.70
CA ALA G 30 -31.45 -36.39 44.49
C ALA G 30 -31.09 -37.33 43.34
N ARG G 31 -30.45 -36.77 42.32
CA ARG G 31 -30.10 -37.54 41.13
C ARG G 31 -28.99 -38.54 41.43
N LYS G 32 -28.22 -38.25 42.48
CA LYS G 32 -27.09 -39.10 42.86
C LYS G 32 -27.52 -40.15 43.87
N GLY G 33 -28.78 -40.09 44.30
CA GLY G 33 -29.30 -41.06 45.24
C GLY G 33 -29.17 -40.63 46.68
N TYR G 34 -29.14 -39.32 46.92
CA TYR G 34 -29.06 -38.83 48.29
C TYR G 34 -30.44 -38.67 48.92
N ARG G 35 -30.43 -38.29 50.18
CA ARG G 35 -31.64 -38.20 50.98
C ARG G 35 -31.78 -36.77 51.51
N LEU G 36 -32.62 -35.97 50.85
CA LEU G 36 -32.72 -34.54 51.15
C LEU G 36 -33.94 -34.16 52.00
N ALA G 37 -33.96 -32.90 52.42
CA ALA G 37 -35.08 -32.36 53.19
C ALA G 37 -35.31 -30.91 52.82
N VAL G 38 -36.25 -30.67 51.91
CA VAL G 38 -36.51 -29.33 51.41
C VAL G 38 -37.12 -28.45 52.49
N ILE G 39 -36.50 -27.31 52.75
CA ILE G 39 -36.93 -26.40 53.80
C ILE G 39 -37.00 -24.94 53.31
N ALA G 40 -38.15 -24.31 53.52
CA ALA G 40 -38.34 -22.91 53.17
C ALA G 40 -39.43 -22.29 54.02
N ARG G 41 -39.99 -21.17 53.56
CA ARG G 41 -41.12 -20.54 54.25
C ARG G 41 -42.44 -21.13 53.78
N ASN G 42 -42.56 -21.29 52.46
CA ASN G 42 -43.74 -21.88 51.86
C ASN G 42 -43.62 -23.40 51.81
N LEU G 43 -44.31 -24.08 52.71
CA LEU G 43 -44.32 -25.53 52.78
C LEU G 43 -44.94 -26.08 51.50
N GLU G 44 -45.99 -25.41 51.05
CA GLU G 44 -46.66 -25.78 49.80
C GLU G 44 -45.77 -25.47 48.59
N GLY G 45 -44.87 -24.50 48.72
CA GLY G 45 -43.93 -24.19 47.68
C GLY G 45 -42.70 -25.06 47.72
N ALA G 46 -42.55 -25.81 48.82
CA ALA G 46 -41.42 -26.69 49.03
C ALA G 46 -41.79 -28.12 48.67
N LYS G 47 -43.06 -28.46 48.86
CA LYS G 47 -43.56 -29.81 48.63
C LYS G 47 -43.44 -30.23 47.17
N ALA G 48 -43.58 -29.24 46.28
CA ALA G 48 -43.47 -29.50 44.85
C ALA G 48 -42.05 -29.87 44.45
N ALA G 49 -41.08 -29.25 45.11
CA ALA G 49 -39.68 -29.52 44.82
C ALA G 49 -39.29 -30.93 45.27
N ALA G 50 -39.80 -31.34 46.42
CA ALA G 50 -39.50 -32.67 46.95
C ALA G 50 -40.36 -33.74 46.29
N GLY G 51 -41.26 -33.31 45.40
CA GLY G 51 -42.09 -34.23 44.65
C GLY G 51 -41.33 -34.83 43.49
N ASP G 52 -40.26 -34.14 43.07
CA ASP G 52 -39.42 -34.62 41.98
C ASP G 52 -38.20 -35.36 42.52
N ASP G 56 -40.07 -40.69 48.76
CA ASP G 56 -39.99 -39.27 48.48
C ASP G 56 -39.47 -38.50 49.69
N HIS G 57 -38.73 -37.44 49.43
CA HIS G 57 -38.08 -36.67 50.48
C HIS G 57 -39.05 -35.72 51.17
N LEU G 58 -38.86 -35.54 52.48
CA LEU G 58 -39.77 -34.74 53.28
C LEU G 58 -39.55 -33.24 53.11
N ALA G 59 -40.64 -32.49 53.07
CA ALA G 59 -40.57 -31.03 52.94
C ALA G 59 -40.88 -30.37 54.28
N PHE G 60 -40.13 -29.31 54.59
CA PHE G 60 -40.30 -28.62 55.86
C PHE G 60 -40.54 -27.12 55.66
N SER G 61 -41.21 -26.50 56.62
CA SER G 61 -41.42 -25.06 56.59
C SER G 61 -40.65 -24.38 57.71
N CYS G 62 -39.78 -23.42 57.36
CA CYS G 62 -38.97 -22.71 58.34
C CYS G 62 -38.35 -21.42 57.80
N ASP G 63 -38.41 -20.36 58.60
CA ASP G 63 -37.60 -19.15 58.37
C ASP G 63 -36.48 -19.14 59.41
N VAL G 64 -35.25 -19.03 58.93
CA VAL G 64 -34.08 -19.25 59.76
C VAL G 64 -33.75 -18.04 60.64
N ALA G 65 -34.53 -16.98 60.48
CA ALA G 65 -34.30 -15.74 61.22
C ALA G 65 -34.74 -15.86 62.68
N LYS G 66 -35.88 -16.52 62.91
CA LYS G 66 -36.35 -16.76 64.27
C LYS G 66 -35.83 -18.10 64.80
N GLU G 67 -35.37 -18.10 66.05
CA GLU G 67 -34.70 -19.25 66.66
C GLU G 67 -35.52 -20.55 66.64
N HIS G 68 -36.63 -20.56 67.37
CA HIS G 68 -37.44 -21.76 67.57
C HIS G 68 -37.94 -22.34 66.27
N ASP G 69 -38.11 -21.47 65.29
CA ASP G 69 -38.58 -21.82 63.96
C ASP G 69 -37.61 -22.78 63.27
N VAL G 70 -36.31 -22.63 63.57
CA VAL G 70 -35.34 -23.58 63.04
C VAL G 70 -35.17 -24.77 63.99
N GLN G 71 -35.25 -24.54 65.30
CA GLN G 71 -35.06 -25.62 66.27
C GLN G 71 -36.15 -26.67 66.15
N ASN G 72 -37.38 -26.22 65.95
CA ASN G 72 -38.52 -27.10 65.72
C ASN G 72 -38.35 -27.90 64.43
N THR G 73 -37.70 -27.30 63.43
CA THR G 73 -37.49 -27.94 62.15
C THR G 73 -36.46 -29.07 62.26
N PHE G 74 -35.37 -28.80 62.96
CA PHE G 74 -34.34 -29.82 63.18
C PHE G 74 -34.86 -30.95 64.07
N GLU G 75 -35.71 -30.59 65.04
CA GLU G 75 -36.33 -31.57 65.92
C GLU G 75 -37.28 -32.45 65.12
N GLU G 76 -37.90 -31.85 64.10
CA GLU G 76 -38.78 -32.58 63.19
C GLU G 76 -37.96 -33.39 62.19
N LEU G 77 -36.79 -32.85 61.84
CA LEU G 77 -35.91 -33.48 60.86
C LEU G 77 -35.20 -34.70 61.44
N GLU G 78 -34.81 -34.59 62.71
CA GLU G 78 -34.04 -35.62 63.39
C GLU G 78 -34.68 -37.01 63.37
N LYS G 79 -35.99 -37.06 63.55
CA LYS G 79 -36.70 -38.32 63.63
C LYS G 79 -37.14 -38.84 62.27
N HIS G 80 -37.53 -37.91 61.40
CA HIS G 80 -38.07 -38.27 60.09
C HIS G 80 -37.01 -38.84 59.15
N LEU G 81 -35.85 -38.18 59.07
CA LEU G 81 -34.78 -38.62 58.18
C LEU G 81 -33.60 -39.22 58.93
N GLY G 82 -33.75 -39.45 60.22
CA GLY G 82 -32.63 -39.87 61.04
C GLY G 82 -31.70 -38.70 61.26
N ARG G 83 -30.45 -38.99 61.63
CA ARG G 83 -29.46 -37.94 61.86
C ARG G 83 -28.98 -37.34 60.55
N VAL G 84 -28.86 -36.01 60.51
CA VAL G 84 -28.44 -35.30 59.32
C VAL G 84 -26.91 -35.37 59.17
N ASN G 85 -26.43 -35.31 57.93
CA ASN G 85 -25.00 -35.39 57.66
C ASN G 85 -24.50 -34.19 56.87
N PHE G 86 -25.34 -33.70 55.97
CA PHE G 86 -24.96 -32.60 55.09
C PHE G 86 -25.92 -31.42 55.22
N LEU G 87 -25.36 -30.23 55.44
CA LEU G 87 -26.16 -29.04 55.66
C LEU G 87 -25.90 -27.98 54.58
N VAL G 88 -26.96 -27.57 53.89
CA VAL G 88 -26.85 -26.59 52.82
C VAL G 88 -27.70 -25.35 53.13
N ASN G 89 -27.04 -24.21 53.32
CA ASN G 89 -27.72 -22.95 53.59
C ASN G 89 -27.87 -22.11 52.32
N ALA G 90 -29.06 -22.18 51.71
CA ALA G 90 -29.32 -21.44 50.49
C ALA G 90 -30.46 -20.44 50.69
N ALA G 91 -30.93 -20.32 51.93
CA ALA G 91 -32.00 -19.39 52.27
C ALA G 91 -31.48 -17.95 52.25
N GLY G 92 -32.01 -17.14 51.36
CA GLY G 92 -31.56 -15.75 51.23
C GLY G 92 -32.56 -14.81 50.60
N ILE G 93 -32.27 -13.52 50.70
CA ILE G 93 -33.11 -12.48 50.12
C ILE G 93 -32.26 -11.33 49.58
N ASN G 94 -32.40 -11.05 48.28
CA ASN G 94 -31.59 -10.03 47.63
C ASN G 94 -32.44 -8.85 47.13
N ARG G 95 -32.34 -7.72 47.83
CA ARG G 95 -33.03 -6.50 47.42
C ARG G 95 -32.03 -5.36 47.26
N ASP G 96 -31.96 -4.79 46.06
CA ASP G 96 -30.98 -3.75 45.77
C ASP G 96 -31.49 -2.37 46.16
N GLY G 97 -30.55 -1.44 46.33
CA GLY G 97 -30.88 -0.07 46.70
C GLY G 97 -29.71 0.63 47.36
N LEU G 98 -29.69 1.95 47.26
CA LEU G 98 -28.64 2.75 47.87
C LEU G 98 -28.73 2.71 49.39
N LEU G 99 -27.61 2.98 50.06
CA LEU G 99 -27.57 2.92 51.51
C LEU G 99 -28.44 4.01 52.13
N VAL G 100 -28.50 5.17 51.48
CA VAL G 100 -29.33 6.28 51.95
C VAL G 100 -30.81 6.01 51.74
N ARG G 101 -31.13 5.21 50.73
CA ARG G 101 -32.52 4.89 50.43
C ARG G 101 -32.90 3.54 51.00
N THR G 102 -32.07 3.06 51.93
CA THR G 102 -32.32 1.77 52.59
C THR G 102 -32.77 1.97 54.04
N LYS G 103 -34.03 1.63 54.31
CA LYS G 103 -34.56 1.75 55.66
C LYS G 103 -34.06 0.60 56.53
N THR G 104 -34.10 0.79 57.84
CA THR G 104 -33.49 -0.15 58.77
C THR G 104 -34.15 -1.52 58.77
N GLU G 105 -35.43 -1.58 58.42
CA GLU G 105 -36.17 -2.84 58.41
C GLU G 105 -35.74 -3.71 57.25
N ASP G 106 -35.24 -3.09 56.19
CA ASP G 106 -34.71 -3.81 55.06
C ASP G 106 -33.30 -4.30 55.38
N MET G 107 -32.65 -3.61 56.31
CA MET G 107 -31.30 -3.98 56.75
C MET G 107 -31.34 -5.18 57.70
N VAL G 108 -32.12 -5.04 58.77
CA VAL G 108 -32.22 -6.06 59.80
C VAL G 108 -32.75 -7.37 59.24
N SER G 109 -33.71 -7.27 58.32
CA SER G 109 -34.30 -8.46 57.69
C SER G 109 -33.26 -9.28 56.94
N GLN G 110 -32.47 -8.62 56.10
CA GLN G 110 -31.44 -9.32 55.34
C GLN G 110 -30.35 -9.87 56.25
N LEU G 111 -29.98 -9.09 57.26
CA LEU G 111 -28.95 -9.51 58.21
C LEU G 111 -29.41 -10.71 59.03
N HIS G 112 -30.70 -10.77 59.33
CA HIS G 112 -31.24 -11.88 60.12
C HIS G 112 -31.53 -13.09 59.25
N THR G 113 -31.84 -12.86 57.98
CA THR G 113 -32.16 -13.94 57.05
C THR G 113 -30.89 -14.56 56.46
N ASN G 114 -30.09 -13.73 55.79
CA ASN G 114 -28.90 -14.22 55.10
C ASN G 114 -27.79 -14.64 56.06
N LEU G 115 -27.55 -13.83 57.08
CA LEU G 115 -26.41 -14.04 57.97
C LEU G 115 -26.79 -14.81 59.24
N LEU G 116 -27.58 -14.17 60.10
CA LEU G 116 -27.97 -14.76 61.38
C LEU G 116 -28.64 -16.12 61.20
N GLY G 117 -29.38 -16.26 60.11
CA GLY G 117 -30.11 -17.49 59.82
C GLY G 117 -29.19 -18.68 59.62
N SER G 118 -28.11 -18.49 58.87
CA SER G 118 -27.15 -19.55 58.63
C SER G 118 -26.42 -19.91 59.91
N MET G 119 -26.36 -18.96 60.84
CA MET G 119 -25.69 -19.18 62.12
C MET G 119 -26.53 -20.08 63.03
N LEU G 120 -27.82 -19.77 63.12
CA LEU G 120 -28.73 -20.58 63.93
C LEU G 120 -28.86 -21.99 63.37
N THR G 121 -28.88 -22.09 62.05
CA THR G 121 -29.00 -23.37 61.36
C THR G 121 -27.80 -24.27 61.65
N CYS G 122 -26.60 -23.70 61.50
CA CYS G 122 -25.37 -24.45 61.75
C CYS G 122 -25.24 -24.83 63.23
N LYS G 123 -25.79 -23.98 64.10
CA LYS G 123 -25.72 -24.22 65.54
C LYS G 123 -26.53 -25.45 65.94
N ALA G 124 -27.71 -25.61 65.37
CA ALA G 124 -28.60 -26.71 65.73
C ALA G 124 -28.13 -28.04 65.17
N ALA G 125 -27.54 -28.02 63.99
CA ALA G 125 -27.11 -29.24 63.31
C ALA G 125 -25.82 -29.79 63.89
N MET G 126 -25.13 -28.98 64.68
CA MET G 126 -23.83 -29.36 65.21
C MET G 126 -23.92 -30.00 66.60
N ARG G 127 -25.03 -30.68 66.86
CA ARG G 127 -25.14 -31.52 68.04
C ARG G 127 -25.26 -32.96 67.59
N THR G 128 -25.97 -33.17 66.48
CA THR G 128 -26.09 -34.48 65.88
C THR G 128 -24.84 -34.80 65.07
N MET G 129 -24.29 -33.79 64.40
CA MET G 129 -23.06 -33.95 63.63
C MET G 129 -21.90 -34.32 64.54
N ILE G 130 -21.84 -33.69 65.71
CA ILE G 130 -20.83 -34.03 66.71
C ILE G 130 -21.14 -35.42 67.26
N GLN G 131 -22.42 -35.72 67.41
CA GLN G 131 -22.84 -37.05 67.83
C GLN G 131 -22.53 -38.08 66.75
N GLN G 132 -22.56 -37.65 65.49
CA GLN G 132 -22.20 -38.52 64.38
C GLN G 132 -20.68 -38.61 64.25
N GLN G 133 -19.99 -37.86 65.10
CA GLN G 133 -18.53 -37.76 65.08
C GLN G 133 -18.03 -37.19 63.76
N GLY G 134 -18.95 -36.63 62.98
CA GLY G 134 -18.61 -36.09 61.67
C GLY G 134 -19.78 -35.52 60.91
N GLY G 135 -19.50 -34.56 60.04
CA GLY G 135 -20.52 -33.91 59.23
C GLY G 135 -19.90 -32.96 58.23
N SER G 136 -20.73 -32.39 57.37
CA SER G 136 -20.25 -31.45 56.36
C SER G 136 -21.28 -30.36 56.08
N ILE G 137 -20.86 -29.11 56.23
CA ILE G 137 -21.74 -27.96 56.03
C ILE G 137 -21.18 -27.02 54.97
N VAL G 138 -22.07 -26.47 54.14
CA VAL G 138 -21.67 -25.47 53.15
C VAL G 138 -22.67 -24.33 53.08
N ASN G 139 -22.18 -23.11 53.30
CA ASN G 139 -23.00 -21.91 53.19
C ASN G 139 -22.90 -21.31 51.80
N VAL G 140 -24.00 -20.74 51.33
CA VAL G 140 -24.03 -20.12 50.01
C VAL G 140 -24.05 -18.60 50.12
N GLY G 141 -22.90 -17.99 49.91
CA GLY G 141 -22.78 -16.54 49.97
C GLY G 141 -22.80 -15.91 48.59
N SER G 142 -21.88 -14.99 48.36
CA SER G 142 -21.75 -14.33 47.07
C SER G 142 -20.37 -13.72 46.90
N ILE G 143 -19.98 -13.48 45.65
CA ILE G 143 -18.69 -12.89 45.35
C ILE G 143 -18.66 -11.43 45.84
N VAL G 144 -19.84 -10.82 45.94
CA VAL G 144 -19.96 -9.46 46.45
C VAL G 144 -19.81 -9.45 47.97
N GLY G 145 -19.85 -10.63 48.57
CA GLY G 145 -19.62 -10.76 50.00
C GLY G 145 -18.16 -10.54 50.32
N LEU G 146 -17.32 -10.61 49.28
CA LEU G 146 -15.89 -10.41 49.44
C LEU G 146 -15.41 -9.16 48.71
N LYS G 147 -15.92 -8.95 47.50
CA LYS G 147 -15.48 -7.82 46.68
C LYS G 147 -16.43 -6.63 46.77
N GLY G 148 -17.70 -6.90 47.06
CA GLY G 148 -18.69 -5.83 47.18
C GLY G 148 -19.22 -5.37 45.83
N ASN G 149 -20.33 -4.64 45.86
CA ASN G 149 -20.94 -4.09 44.66
C ASN G 149 -21.89 -2.94 44.97
N SER G 150 -21.90 -1.94 44.10
CA SER G 150 -22.75 -0.76 44.29
C SER G 150 -24.23 -1.13 44.25
N GLY G 151 -24.98 -0.63 45.23
CA GLY G 151 -26.40 -0.87 45.30
C GLY G 151 -26.76 -2.16 46.00
N GLN G 152 -25.75 -2.86 46.48
CA GLN G 152 -25.95 -4.13 47.18
C GLN G 152 -25.18 -4.16 48.49
N SER G 153 -25.14 -3.02 49.17
CA SER G 153 -24.37 -2.88 50.41
C SER G 153 -24.88 -3.82 51.51
N VAL G 154 -26.17 -3.76 51.78
CA VAL G 154 -26.79 -4.58 52.83
C VAL G 154 -26.62 -6.07 52.51
N TYR G 155 -26.72 -6.41 51.24
CA TYR G 155 -26.57 -7.80 50.82
C TYR G 155 -25.12 -8.26 50.89
N SER G 156 -24.20 -7.36 50.57
CA SER G 156 -22.77 -7.67 50.63
C SER G 156 -22.32 -7.87 52.06
N ALA G 157 -22.95 -7.14 52.98
CA ALA G 157 -22.63 -7.24 54.40
C ALA G 157 -23.09 -8.57 54.98
N SER G 158 -24.30 -8.98 54.61
CA SER G 158 -24.89 -10.20 55.14
C SER G 158 -24.21 -11.46 54.60
N LYS G 159 -23.82 -11.43 53.33
CA LYS G 159 -23.14 -12.57 52.72
C LYS G 159 -21.63 -12.51 52.97
N GLY G 160 -21.17 -11.38 53.50
CA GLY G 160 -19.77 -11.22 53.83
C GLY G 160 -19.48 -11.75 55.22
N GLY G 161 -20.49 -11.69 56.08
CA GLY G 161 -20.36 -12.15 57.45
C GLY G 161 -20.22 -13.65 57.58
N LEU G 162 -20.94 -14.38 56.73
CA LEU G 162 -20.92 -15.84 56.79
C LEU G 162 -19.58 -16.42 56.37
N VAL G 163 -18.76 -15.59 55.73
CA VAL G 163 -17.43 -16.00 55.32
C VAL G 163 -16.54 -16.22 56.55
N GLY G 164 -16.42 -15.18 57.38
CA GLY G 164 -15.64 -15.26 58.59
C GLY G 164 -16.25 -16.21 59.60
N PHE G 165 -17.58 -16.25 59.64
CA PHE G 165 -18.30 -17.15 60.56
C PHE G 165 -18.01 -18.60 60.24
N SER G 166 -18.03 -18.94 58.95
CA SER G 166 -17.78 -20.30 58.51
C SER G 166 -16.34 -20.73 58.80
N ARG G 167 -15.42 -19.78 58.65
CA ARG G 167 -14.01 -20.07 58.88
C ARG G 167 -13.73 -20.30 60.37
N ALA G 168 -14.22 -19.41 61.21
CA ALA G 168 -14.07 -19.54 62.66
C ALA G 168 -14.72 -20.84 63.13
N LEU G 169 -15.87 -21.15 62.55
CA LEU G 169 -16.59 -22.38 62.89
C LEU G 169 -15.82 -23.61 62.39
N ALA G 170 -15.18 -23.46 61.23
CA ALA G 170 -14.40 -24.55 60.66
C ALA G 170 -13.26 -24.94 61.59
N LYS G 171 -12.51 -23.95 62.06
CA LYS G 171 -11.43 -24.18 63.02
C LYS G 171 -11.98 -24.75 64.33
N GLU G 172 -13.18 -24.33 64.67
CA GLU G 172 -13.79 -24.64 65.96
C GLU G 172 -14.25 -26.09 66.06
N VAL G 173 -14.48 -26.73 64.92
CA VAL G 173 -15.12 -28.04 64.91
C VAL G 173 -14.40 -29.04 63.99
N ALA G 174 -13.27 -28.62 63.42
CA ALA G 174 -12.53 -29.48 62.51
C ALA G 174 -11.97 -30.73 63.20
N ARG G 175 -11.62 -30.59 64.48
CA ARG G 175 -11.06 -31.70 65.23
C ARG G 175 -12.11 -32.74 65.56
N LYS G 176 -13.37 -32.44 65.23
CA LYS G 176 -14.46 -33.38 65.41
C LYS G 176 -14.99 -33.84 64.06
N LYS G 177 -14.12 -33.79 63.05
CA LYS G 177 -14.41 -34.28 61.70
C LYS G 177 -15.63 -33.62 61.06
N ILE G 178 -15.84 -32.35 61.38
CA ILE G 178 -16.94 -31.60 60.76
C ILE G 178 -16.39 -30.47 59.91
N ARG G 179 -16.79 -30.44 58.64
CA ARG G 179 -16.24 -29.48 57.69
C ARG G 179 -17.24 -28.40 57.31
N VAL G 180 -16.80 -27.14 57.34
CA VAL G 180 -17.65 -26.01 56.97
C VAL G 180 -17.00 -25.21 55.84
N ASN G 181 -17.77 -24.96 54.78
CA ASN G 181 -17.26 -24.25 53.62
C ASN G 181 -18.26 -23.24 53.05
N VAL G 182 -17.80 -22.44 52.10
CA VAL G 182 -18.63 -21.39 51.51
C VAL G 182 -18.60 -21.44 49.98
N VAL G 183 -19.78 -21.36 49.38
CA VAL G 183 -19.87 -21.18 47.94
C VAL G 183 -20.23 -19.73 47.63
N ALA G 184 -19.37 -19.07 46.86
CA ALA G 184 -19.58 -17.67 46.50
C ALA G 184 -19.79 -17.51 45.00
N PRO G 185 -21.04 -17.67 44.55
CA PRO G 185 -21.35 -17.55 43.12
C PRO G 185 -21.27 -16.12 42.63
N GLY G 186 -21.04 -15.94 41.33
CA GLY G 186 -21.02 -14.61 40.74
C GLY G 186 -22.41 -14.17 40.36
N PHE G 187 -22.65 -14.04 39.06
CA PHE G 187 -23.96 -13.65 38.56
C PHE G 187 -24.70 -14.85 38.00
N VAL G 188 -25.91 -15.10 38.52
CA VAL G 188 -26.68 -16.27 38.13
C VAL G 188 -27.94 -15.87 37.35
N HIS G 189 -28.29 -16.68 36.35
CA HIS G 189 -29.48 -16.43 35.53
C HIS G 189 -30.75 -16.45 36.38
N THR G 190 -31.62 -15.48 36.14
CA THR G 190 -32.87 -15.36 36.88
C THR G 190 -33.83 -16.49 36.54
N LYS G 197 -29.10 -13.29 32.38
CA LYS G 197 -27.92 -12.85 31.64
C LYS G 197 -28.05 -11.44 31.03
N GLU G 198 -27.65 -10.40 31.77
CA GLU G 198 -27.60 -9.05 31.20
C GLU G 198 -26.60 -9.04 30.06
N GLU G 199 -27.06 -8.64 28.88
CA GLU G 199 -26.25 -8.65 27.67
C GLU G 199 -24.94 -7.88 27.82
N HIS G 200 -25.00 -6.75 28.52
CA HIS G 200 -23.83 -5.92 28.74
C HIS G 200 -22.90 -6.51 29.81
N LEU G 201 -23.50 -6.91 30.93
CA LEU G 201 -22.74 -7.41 32.09
C LEU G 201 -21.90 -8.64 31.77
N LYS G 202 -22.42 -9.51 30.91
CA LYS G 202 -21.73 -10.77 30.63
C LYS G 202 -20.62 -10.59 29.60
N LYS G 203 -20.56 -9.42 28.97
CA LYS G 203 -19.50 -9.12 28.01
C LYS G 203 -18.16 -8.95 28.72
N ASN G 204 -18.20 -8.40 29.93
CA ASN G 204 -17.00 -8.23 30.74
C ASN G 204 -16.51 -9.54 31.34
N ILE G 205 -17.43 -10.48 31.52
CA ILE G 205 -17.10 -11.79 32.06
C ILE G 205 -16.33 -12.62 31.03
N PRO G 206 -15.16 -13.15 31.43
CA PRO G 206 -14.32 -13.99 30.58
C PRO G 206 -15.06 -15.15 29.94
N LEU G 207 -15.95 -15.80 30.69
CA LEU G 207 -16.75 -16.90 30.15
C LEU G 207 -17.89 -16.40 29.27
N GLY G 208 -18.13 -15.09 29.30
CA GLY G 208 -19.10 -14.47 28.43
C GLY G 208 -20.55 -14.83 28.71
N ARG G 209 -20.85 -15.20 29.95
CA ARG G 209 -22.19 -15.58 30.35
C ARG G 209 -22.35 -15.57 31.86
N PHE G 210 -23.59 -15.43 32.35
CA PHE G 210 -23.86 -15.60 33.77
C PHE G 210 -23.90 -17.09 34.10
N GLY G 211 -23.88 -17.40 35.39
CA GLY G 211 -23.93 -18.78 35.83
C GLY G 211 -25.33 -19.35 35.88
N GLU G 212 -25.41 -20.67 35.85
CA GLU G 212 -26.67 -21.37 36.01
C GLU G 212 -26.69 -22.03 37.38
N THR G 213 -27.88 -22.19 37.94
CA THR G 213 -28.04 -22.76 39.27
C THR G 213 -27.46 -24.17 39.34
N ILE G 214 -27.60 -24.92 38.26
CA ILE G 214 -27.06 -26.27 38.17
C ILE G 214 -25.54 -26.25 38.32
N GLU G 215 -24.90 -25.27 37.70
CA GLU G 215 -23.44 -25.15 37.75
C GLU G 215 -22.96 -24.83 39.16
N VAL G 216 -23.72 -23.97 39.85
CA VAL G 216 -23.39 -23.61 41.22
C VAL G 216 -23.59 -24.81 42.15
N ALA G 217 -24.62 -25.60 41.86
CA ALA G 217 -24.95 -26.78 42.66
C ALA G 217 -23.83 -27.82 42.63
N HIS G 218 -23.21 -27.97 41.46
CA HIS G 218 -22.11 -28.92 41.30
C HIS G 218 -20.94 -28.56 42.22
N ALA G 219 -20.70 -27.27 42.38
CA ALA G 219 -19.65 -26.78 43.27
C ALA G 219 -20.01 -27.08 44.72
N VAL G 220 -21.30 -27.00 45.03
CA VAL G 220 -21.79 -27.24 46.38
C VAL G 220 -21.52 -28.67 46.84
N VAL G 221 -22.04 -29.64 46.11
CA VAL G 221 -21.89 -31.05 46.48
C VAL G 221 -20.43 -31.48 46.41
N PHE G 222 -19.63 -30.73 45.68
CA PHE G 222 -18.20 -31.00 45.60
C PHE G 222 -17.55 -30.69 46.95
N LEU G 223 -17.84 -29.51 47.50
CA LEU G 223 -17.34 -29.12 48.80
C LEU G 223 -17.87 -30.04 49.89
N LEU G 224 -19.12 -30.48 49.73
CA LEU G 224 -19.74 -31.40 50.67
C LEU G 224 -19.01 -32.74 50.74
N GLU G 225 -18.46 -33.17 49.60
CA GLU G 225 -17.92 -34.51 49.48
C GLU G 225 -16.40 -34.57 49.31
N SER G 226 -15.77 -33.41 49.17
CA SER G 226 -14.32 -33.37 49.05
C SER G 226 -13.67 -33.29 50.43
N PRO G 227 -12.98 -34.37 50.83
CA PRO G 227 -12.31 -34.39 52.13
C PRO G 227 -11.12 -33.43 52.18
N TYR G 228 -10.68 -33.10 53.39
CA TYR G 228 -9.53 -32.22 53.62
C TYR G 228 -9.79 -30.79 53.13
N ILE G 229 -11.04 -30.47 52.85
CA ILE G 229 -11.43 -29.11 52.49
C ILE G 229 -12.41 -28.53 53.50
N THR G 230 -11.93 -27.58 54.31
CA THR G 230 -12.78 -26.91 55.27
C THR G 230 -12.34 -25.46 55.44
N GLY G 231 -13.30 -24.58 55.71
CA GLY G 231 -13.02 -23.16 55.83
C GLY G 231 -12.61 -22.54 54.51
N HIS G 232 -13.06 -23.14 53.42
CA HIS G 232 -12.71 -22.67 52.08
C HIS G 232 -13.89 -22.00 51.38
N VAL G 233 -13.62 -20.91 50.67
CA VAL G 233 -14.64 -20.24 49.89
C VAL G 233 -14.44 -20.52 48.40
N LEU G 234 -15.26 -21.39 47.86
CA LEU G 234 -15.19 -21.72 46.44
C LEU G 234 -15.97 -20.69 45.63
N VAL G 235 -15.31 -20.12 44.62
CA VAL G 235 -15.91 -19.04 43.83
C VAL G 235 -16.38 -19.53 42.46
N VAL G 236 -17.68 -19.43 42.23
CA VAL G 236 -18.25 -19.75 40.93
C VAL G 236 -18.55 -18.46 40.18
N ASP G 237 -17.48 -17.81 39.71
CA ASP G 237 -17.58 -16.47 39.13
C ASP G 237 -17.72 -16.49 37.60
N GLY G 238 -16.98 -17.38 36.96
CA GLY G 238 -16.92 -17.40 35.50
C GLY G 238 -15.82 -16.50 35.01
N GLY G 239 -15.02 -16.00 35.94
CA GLY G 239 -13.94 -15.07 35.63
C GLY G 239 -14.26 -13.67 36.10
N LEU G 240 -15.41 -13.52 36.74
CA LEU G 240 -15.87 -12.23 37.24
C LEU G 240 -14.96 -11.69 38.34
N GLN G 241 -14.35 -12.61 39.09
CA GLN G 241 -13.54 -12.26 40.25
C GLN G 241 -12.35 -11.36 39.90
N LEU G 242 -11.93 -11.42 38.63
CA LEU G 242 -10.79 -10.65 38.17
C LEU G 242 -11.17 -9.20 37.86
N ILE G 243 -12.46 -8.91 37.94
CA ILE G 243 -12.98 -7.57 37.74
C ILE G 243 -13.92 -7.26 38.91
N LEU G 244 -14.38 -6.01 39.03
CA LEU G 244 -15.30 -5.63 40.10
C LEU G 244 -16.59 -6.45 40.06
N ALA H 2 -17.38 -41.14 42.96
CA ALA H 2 -16.30 -42.04 42.56
C ALA H 2 -16.79 -43.10 41.58
N SER H 3 -17.88 -43.77 41.95
CA SER H 3 -18.46 -44.81 41.13
C SER H 3 -19.45 -44.25 40.12
N GLN H 4 -20.10 -43.14 40.49
CA GLN H 4 -21.06 -42.49 39.61
C GLN H 4 -20.36 -41.57 38.63
N LEU H 5 -19.04 -41.46 38.79
CA LEU H 5 -18.25 -40.56 37.96
C LEU H 5 -17.23 -41.34 37.13
N GLN H 6 -17.51 -42.62 36.93
CA GLN H 6 -16.59 -43.51 36.22
C GLN H 6 -16.48 -43.17 34.73
N ASN H 7 -17.42 -42.37 34.24
CA ASN H 7 -17.40 -41.92 32.85
C ASN H 7 -17.58 -40.41 32.73
N ARG H 8 -17.08 -39.68 33.73
CA ARG H 8 -17.19 -38.22 33.74
C ARG H 8 -16.13 -37.59 32.84
N LEU H 9 -14.97 -38.24 32.75
CA LEU H 9 -13.89 -37.75 31.90
C LEU H 9 -13.67 -38.65 30.69
N ARG H 10 -14.75 -39.27 30.23
CA ARG H 10 -14.68 -40.17 29.08
C ARG H 10 -14.24 -39.41 27.83
N SER H 11 -13.40 -40.06 27.03
CA SER H 11 -12.87 -39.51 25.78
C SER H 11 -11.99 -38.27 25.98
N ALA H 12 -11.83 -37.84 27.23
CA ALA H 12 -11.00 -36.69 27.54
C ALA H 12 -9.53 -37.09 27.64
N LEU H 13 -8.67 -36.37 26.93
CA LEU H 13 -7.24 -36.63 26.99
C LEU H 13 -6.60 -35.77 28.07
N ALA H 14 -5.91 -36.42 29.01
CA ALA H 14 -5.34 -35.72 30.15
C ALA H 14 -3.81 -35.77 30.16
N LEU H 15 -3.19 -34.59 30.17
CA LEU H 15 -1.75 -34.48 30.31
C LEU H 15 -1.40 -34.07 31.73
N VAL H 16 -0.61 -34.90 32.41
CA VAL H 16 -0.22 -34.61 33.79
C VAL H 16 1.31 -34.62 33.93
N THR H 17 1.87 -33.45 34.24
CA THR H 17 3.31 -33.34 34.46
C THR H 17 3.64 -33.68 35.91
N GLY H 18 4.81 -34.28 36.13
CA GLY H 18 5.19 -34.73 37.46
C GLY H 18 4.29 -35.85 37.93
N ALA H 19 3.85 -36.68 36.99
CA ALA H 19 2.91 -37.76 37.28
C ALA H 19 3.62 -39.02 37.74
N GLY H 20 4.93 -38.92 37.94
CA GLY H 20 5.72 -40.07 38.34
C GLY H 20 5.74 -40.32 39.85
N SER H 21 5.20 -39.38 40.61
CA SER H 21 5.25 -39.47 42.06
C SER H 21 4.23 -38.58 42.76
N GLY H 22 3.86 -38.96 43.97
CA GLY H 22 3.00 -38.16 44.83
C GLY H 22 1.65 -37.80 44.24
N ILE H 23 1.37 -36.50 44.22
CA ILE H 23 0.08 -36.00 43.75
C ILE H 23 -0.12 -36.29 42.27
N GLY H 24 0.90 -36.02 41.46
CA GLY H 24 0.84 -36.27 40.03
C GLY H 24 0.46 -37.70 39.70
N ARG H 25 0.97 -38.64 40.48
CA ARG H 25 0.62 -40.05 40.31
C ARG H 25 -0.81 -40.30 40.75
N ALA H 26 -1.19 -39.70 41.88
CA ALA H 26 -2.56 -39.85 42.40
C ALA H 26 -3.56 -39.21 41.46
N VAL H 27 -3.18 -38.09 40.86
CA VAL H 27 -4.03 -37.42 39.88
C VAL H 27 -4.25 -38.31 38.67
N SER H 28 -3.16 -38.90 38.17
CA SER H 28 -3.22 -39.78 37.01
C SER H 28 -4.17 -40.96 37.22
N VAL H 29 -4.09 -41.57 38.40
CA VAL H 29 -4.96 -42.68 38.75
C VAL H 29 -6.43 -42.25 38.77
N ARG H 30 -6.68 -41.09 39.38
CA ARG H 30 -8.03 -40.53 39.47
C ARG H 30 -8.60 -40.22 38.10
N LEU H 31 -7.81 -39.57 37.25
CA LEU H 31 -8.26 -39.21 35.91
C LEU H 31 -8.49 -40.44 35.07
N ALA H 32 -7.58 -41.41 35.15
CA ALA H 32 -7.72 -42.67 34.43
C ALA H 32 -8.92 -43.45 34.96
N GLY H 33 -9.22 -43.25 36.24
CA GLY H 33 -10.35 -43.90 36.88
C GLY H 33 -11.67 -43.30 36.49
N GLU H 34 -11.63 -42.23 35.69
CA GLU H 34 -12.85 -41.59 35.21
C GLU H 34 -12.96 -41.65 33.69
N GLY H 35 -12.24 -42.59 33.08
CA GLY H 35 -12.34 -42.84 31.66
C GLY H 35 -11.44 -41.98 30.80
N ALA H 36 -10.67 -41.11 31.44
CA ALA H 36 -9.76 -40.22 30.71
C ALA H 36 -8.48 -40.93 30.31
N THR H 37 -8.05 -40.70 29.08
CA THR H 37 -6.77 -41.22 28.61
C THR H 37 -5.64 -40.33 29.14
N VAL H 38 -4.73 -40.93 29.91
CA VAL H 38 -3.72 -40.16 30.62
C VAL H 38 -2.37 -40.17 29.90
N ALA H 39 -1.81 -38.97 29.72
CA ALA H 39 -0.45 -38.82 29.20
C ALA H 39 0.50 -38.44 30.34
N ALA H 40 1.08 -39.44 30.98
CA ALA H 40 1.93 -39.22 32.14
C ALA H 40 3.30 -38.69 31.75
N CYS H 41 3.58 -37.45 32.11
CA CYS H 41 4.89 -36.85 31.87
C CYS H 41 5.65 -36.63 33.17
N ASP H 42 6.96 -36.84 33.12
CA ASP H 42 7.81 -36.66 34.28
C ASP H 42 9.27 -36.52 33.86
N LEU H 43 10.09 -35.94 34.75
CA LEU H 43 11.52 -35.83 34.49
C LEU H 43 12.13 -37.23 34.45
N ASP H 44 11.60 -38.12 35.27
CA ASP H 44 12.03 -39.51 35.30
C ASP H 44 11.12 -40.35 34.40
N ARG H 45 11.70 -40.87 33.32
CA ARG H 45 10.94 -41.69 32.37
C ARG H 45 10.46 -42.99 33.03
N ALA H 46 11.28 -43.51 33.94
CA ALA H 46 10.95 -44.75 34.64
C ALA H 46 9.71 -44.57 35.52
N ALA H 47 9.66 -43.46 36.26
CA ALA H 47 8.54 -43.18 37.15
C ALA H 47 7.27 -42.90 36.36
N ALA H 48 7.42 -42.32 35.17
CA ALA H 48 6.29 -42.03 34.30
C ALA H 48 5.68 -43.32 33.76
N GLN H 49 6.53 -44.21 33.27
CA GLN H 49 6.08 -45.50 32.76
C GLN H 49 5.53 -46.36 33.90
N GLU H 50 6.13 -46.23 35.08
CA GLU H 50 5.65 -46.93 36.26
C GLU H 50 4.23 -46.49 36.61
N THR H 51 3.97 -45.20 36.44
CA THR H 51 2.63 -44.65 36.68
C THR H 51 1.62 -45.25 35.70
N VAL H 52 2.02 -45.37 34.43
CA VAL H 52 1.16 -45.90 33.39
C VAL H 52 0.77 -47.36 33.68
N ARG H 53 1.73 -48.13 34.18
CA ARG H 53 1.49 -49.52 34.55
C ARG H 53 0.34 -49.65 35.55
N LEU H 54 0.29 -48.74 36.51
CA LEU H 54 -0.71 -48.76 37.57
C LEU H 54 -2.10 -48.39 37.05
N LEU H 55 -2.15 -47.72 35.91
CA LEU H 55 -3.41 -47.29 35.33
C LEU H 55 -4.15 -48.44 34.68
N GLY H 67 -8.24 -46.47 29.00
CA GLY H 67 -7.05 -47.23 28.63
C GLY H 67 -6.20 -46.50 27.61
N ASN H 68 -5.23 -47.22 27.04
CA ASN H 68 -4.30 -46.67 26.05
C ASN H 68 -3.57 -45.44 26.57
N HIS H 69 -3.10 -45.52 27.82
CA HIS H 69 -2.35 -44.42 28.41
C HIS H 69 -0.91 -44.44 27.90
N ALA H 70 -0.22 -43.32 28.03
CA ALA H 70 1.16 -43.21 27.55
C ALA H 70 2.05 -42.42 28.50
N ALA H 71 3.33 -42.76 28.52
CA ALA H 71 4.30 -42.08 29.36
C ALA H 71 5.20 -41.17 28.52
N PHE H 72 5.65 -40.08 29.12
CA PHE H 72 6.53 -39.14 28.43
C PHE H 72 7.64 -38.62 29.34
N GLN H 73 8.75 -38.20 28.75
CA GLN H 73 9.83 -37.57 29.49
C GLN H 73 10.06 -36.16 28.98
N ALA H 74 10.11 -35.20 29.90
CA ALA H 74 10.35 -33.81 29.54
C ALA H 74 10.70 -32.96 30.76
N ASP H 75 11.82 -32.26 30.70
CA ASP H 75 12.13 -31.24 31.70
C ASP H 75 11.30 -30.01 31.38
N VAL H 76 10.29 -29.74 32.20
CA VAL H 76 9.35 -28.67 31.94
C VAL H 76 9.97 -27.29 32.09
N SER H 77 11.18 -27.24 32.67
CA SER H 77 11.85 -25.98 32.93
C SER H 77 12.50 -25.38 31.69
N GLU H 78 12.61 -26.18 30.63
CA GLU H 78 13.18 -25.69 29.38
C GLU H 78 12.13 -25.56 28.29
N ALA H 79 12.32 -24.59 27.41
CA ALA H 79 11.29 -24.17 26.46
C ALA H 79 10.93 -25.23 25.42
N ARG H 80 11.92 -25.71 24.66
CA ARG H 80 11.70 -26.68 23.59
CA ARG H 80 11.63 -26.65 23.59
C ARG H 80 11.16 -28.00 24.13
N ALA H 81 11.56 -28.35 25.35
CA ALA H 81 11.14 -29.60 25.95
C ALA H 81 9.65 -29.59 26.29
N ALA H 82 9.13 -28.41 26.63
CA ALA H 82 7.72 -28.25 26.96
C ALA H 82 6.86 -28.25 25.71
N ARG H 83 7.42 -27.75 24.60
CA ARG H 83 6.70 -27.69 23.34
C ARG H 83 6.72 -29.03 22.64
N CYS H 84 7.88 -29.69 22.66
CA CYS H 84 8.02 -31.03 22.11
C CYS H 84 7.12 -32.01 22.85
N LEU H 85 6.93 -31.75 24.14
CA LEU H 85 6.04 -32.55 24.97
C LEU H 85 4.60 -32.48 24.46
N LEU H 86 4.16 -31.28 24.12
CA LEU H 86 2.80 -31.07 23.65
C LEU H 86 2.59 -31.56 22.22
N GLU H 87 3.68 -31.75 21.49
CA GLU H 87 3.60 -32.25 20.13
C GLU H 87 3.81 -33.77 20.07
N GLN H 88 4.46 -34.30 21.11
CA GLN H 88 4.60 -35.75 21.24
C GLN H 88 3.26 -36.37 21.63
N VAL H 89 2.45 -35.61 22.37
CA VAL H 89 1.13 -36.06 22.79
C VAL H 89 0.14 -35.99 21.63
N GLN H 90 0.18 -34.88 20.89
CA GLN H 90 -0.71 -34.70 19.74
C GLN H 90 -0.41 -35.69 18.62
N ALA H 91 0.84 -36.15 18.56
CA ALA H 91 1.24 -37.12 17.54
C ALA H 91 0.86 -38.53 17.97
N CYS H 92 0.83 -38.76 19.28
CA CYS H 92 0.54 -40.07 19.83
C CYS H 92 -0.95 -40.32 19.96
N PHE H 93 -1.73 -39.25 20.06
CA PHE H 93 -3.16 -39.37 20.30
C PHE H 93 -4.00 -38.66 19.25
N SER H 94 -3.34 -38.08 18.24
CA SER H 94 -4.01 -37.39 17.14
C SER H 94 -4.90 -36.25 17.60
N ARG H 95 -4.60 -35.71 18.78
CA ARG H 95 -5.39 -34.61 19.37
C ARG H 95 -4.65 -34.02 20.57
N PRO H 96 -4.91 -32.73 20.85
CA PRO H 96 -4.31 -32.09 22.03
C PRO H 96 -5.03 -32.47 23.32
N PRO H 97 -4.30 -32.52 24.45
CA PRO H 97 -4.91 -32.86 25.74
C PRO H 97 -5.87 -31.77 26.23
N SER H 98 -7.14 -32.14 26.39
CA SER H 98 -8.15 -31.21 26.88
C SER H 98 -8.02 -31.00 28.38
N VAL H 99 -7.20 -31.84 29.02
CA VAL H 99 -6.93 -31.73 30.44
C VAL H 99 -5.42 -31.62 30.70
N VAL H 100 -5.00 -30.49 31.26
CA VAL H 100 -3.59 -30.27 31.53
C VAL H 100 -3.35 -29.97 33.00
N VAL H 101 -2.61 -30.86 33.67
CA VAL H 101 -2.36 -30.73 35.11
C VAL H 101 -0.87 -30.63 35.40
N SER H 102 -0.43 -29.46 35.85
CA SER H 102 0.98 -29.24 36.17
C SER H 102 1.28 -29.56 37.62
N CYS H 103 1.74 -30.78 37.88
CA CYS H 103 2.09 -31.19 39.24
C CYS H 103 3.60 -31.19 39.43
N ALA H 104 4.33 -30.90 38.36
CA ALA H 104 5.79 -30.86 38.41
C ALA H 104 6.27 -29.73 39.31
N GLY H 105 6.99 -30.09 40.37
CA GLY H 105 7.48 -29.11 41.33
C GLY H 105 8.54 -29.67 42.26
N ILE H 106 9.39 -28.79 42.76
CA ILE H 106 10.48 -29.19 43.65
C ILE H 106 10.63 -28.23 44.83
N THR H 107 11.44 -28.63 45.80
CA THR H 107 11.76 -27.78 46.94
C THR H 107 13.25 -27.78 47.25
N GLN H 108 13.83 -26.59 47.35
CA GLN H 108 15.21 -26.42 47.78
C GLN H 108 15.25 -25.37 48.88
N ASP H 109 14.74 -25.72 50.05
CA ASP H 109 14.50 -24.75 51.12
C ASP H 109 15.76 -24.30 51.84
N GLU H 110 15.75 -23.03 52.23
CA GLU H 110 16.84 -22.42 52.99
C GLU H 110 16.35 -21.07 53.50
N PHE H 111 16.91 -20.62 54.62
CA PHE H 111 16.57 -19.30 55.15
C PHE H 111 16.96 -18.22 54.13
N LEU H 112 16.25 -17.10 54.17
CA LEU H 112 16.48 -16.01 53.22
C LEU H 112 17.90 -15.49 53.28
N LEU H 113 18.48 -15.47 54.48
CA LEU H 113 19.81 -14.92 54.68
C LEU H 113 20.91 -15.83 54.12
N HIS H 114 20.55 -17.07 53.79
CA HIS H 114 21.54 -18.05 53.34
C HIS H 114 21.18 -18.72 52.03
N MET H 115 20.07 -18.31 51.43
CA MET H 115 19.61 -18.92 50.18
C MET H 115 20.50 -18.52 49.01
N SER H 116 21.11 -19.52 48.36
CA SER H 116 22.00 -19.28 47.23
C SER H 116 21.21 -18.85 46.00
N GLU H 117 21.92 -18.33 45.01
CA GLU H 117 21.30 -17.87 43.77
C GLU H 117 20.68 -19.04 43.00
N ASP H 118 21.27 -20.22 43.13
CA ASP H 118 20.80 -21.39 42.40
C ASP H 118 19.66 -22.07 43.14
N ASP H 119 19.60 -21.89 44.45
CA ASP H 119 18.46 -22.37 45.24
C ASP H 119 17.20 -21.66 44.79
N TRP H 120 17.38 -20.41 44.35
CA TRP H 120 16.27 -19.60 43.85
C TRP H 120 15.93 -19.96 42.40
N ASP H 121 16.94 -19.91 41.54
CA ASP H 121 16.76 -20.12 40.11
C ASP H 121 16.14 -21.48 39.77
N LYS H 122 16.58 -22.51 40.48
CA LYS H 122 16.14 -23.87 40.19
C LYS H 122 14.65 -24.07 40.46
N VAL H 123 14.21 -23.60 41.63
CA VAL H 123 12.82 -23.79 42.04
C VAL H 123 11.87 -22.95 41.19
N ILE H 124 12.31 -21.76 40.82
CA ILE H 124 11.50 -20.87 39.98
C ILE H 124 11.37 -21.43 38.56
N ALA H 125 12.48 -21.94 38.03
CA ALA H 125 12.50 -22.46 36.67
C ALA H 125 11.56 -23.66 36.49
N VAL H 126 11.41 -24.45 37.55
CA VAL H 126 10.59 -25.66 37.50
C VAL H 126 9.14 -25.40 37.89
N ASN H 127 8.94 -24.76 39.05
CA ASN H 127 7.61 -24.53 39.58
C ASN H 127 6.86 -23.43 38.85
N LEU H 128 7.55 -22.34 38.52
CA LEU H 128 6.91 -21.18 37.91
C LEU H 128 7.06 -21.18 36.39
N LYS H 129 8.30 -21.08 35.92
CA LYS H 129 8.58 -21.06 34.49
C LYS H 129 8.13 -22.36 33.83
N GLY H 130 8.34 -23.47 34.53
CA GLY H 130 7.95 -24.77 34.03
C GLY H 130 6.44 -24.87 33.83
N THR H 131 5.69 -24.29 34.76
CA THR H 131 4.24 -24.27 34.67
C THR H 131 3.78 -23.34 33.55
N PHE H 132 4.49 -22.22 33.40
CA PHE H 132 4.19 -21.25 32.34
C PHE H 132 4.32 -21.87 30.96
N LEU H 133 5.42 -22.61 30.75
CA LEU H 133 5.70 -23.21 29.46
C LEU H 133 4.68 -24.28 29.09
N VAL H 134 4.30 -25.10 30.07
CA VAL H 134 3.31 -26.14 29.85
C VAL H 134 1.94 -25.54 29.57
N THR H 135 1.58 -24.54 30.38
CA THR H 135 0.30 -23.85 30.22
C THR H 135 0.20 -23.18 28.86
N GLN H 136 1.26 -22.48 28.46
CA GLN H 136 1.28 -21.79 27.18
C GLN H 136 1.18 -22.77 26.00
N ALA H 137 2.02 -23.80 26.02
CA ALA H 137 2.06 -24.78 24.95
C ALA H 137 0.73 -25.53 24.83
N ALA H 138 0.08 -25.74 25.96
CA ALA H 138 -1.22 -26.41 25.98
C ALA H 138 -2.30 -25.53 25.36
N ALA H 139 -2.33 -24.27 25.78
CA ALA H 139 -3.28 -23.30 25.27
C ALA H 139 -3.16 -23.13 23.76
N GLN H 140 -1.91 -23.08 23.29
CA GLN H 140 -1.64 -22.95 21.85
C GLN H 140 -2.23 -24.12 21.07
N ALA H 141 -2.11 -25.33 21.62
CA ALA H 141 -2.59 -26.53 20.96
C ALA H 141 -4.11 -26.59 20.93
N LEU H 142 -4.75 -26.03 21.95
CA LEU H 142 -6.20 -26.09 22.06
C LEU H 142 -6.89 -25.02 21.21
N VAL H 143 -6.28 -23.83 21.15
CA VAL H 143 -6.83 -22.73 20.36
C VAL H 143 -6.75 -23.04 18.87
N SER H 144 -5.61 -23.57 18.45
CA SER H 144 -5.37 -23.86 17.04
C SER H 144 -6.31 -24.94 16.49
N ASN H 145 -6.74 -25.84 17.36
CA ASN H 145 -7.64 -26.92 16.95
C ASN H 145 -9.09 -26.62 17.30
N GLY H 146 -9.34 -25.42 17.81
CA GLY H 146 -10.69 -24.99 18.15
C GLY H 146 -11.34 -25.84 19.23
N CYS H 147 -10.50 -26.35 20.13
CA CYS H 147 -10.98 -27.22 21.20
C CYS H 147 -11.13 -26.47 22.52
N ARG H 148 -12.03 -26.94 23.36
CA ARG H 148 -12.17 -26.38 24.70
C ARG H 148 -11.31 -27.21 25.65
N GLY H 149 -11.19 -26.77 26.90
CA GLY H 149 -10.39 -27.48 27.86
C GLY H 149 -10.35 -26.89 29.25
N SER H 150 -9.70 -27.61 30.16
CA SER H 150 -9.55 -27.17 31.54
C SER H 150 -8.09 -27.26 31.99
N ILE H 151 -7.48 -26.11 32.22
CA ILE H 151 -6.09 -26.06 32.68
C ILE H 151 -6.02 -25.97 34.20
N ILE H 152 -5.30 -26.91 34.80
CA ILE H 152 -5.23 -27.02 36.26
C ILE H 152 -3.79 -26.96 36.76
N ASN H 153 -3.42 -25.86 37.40
CA ASN H 153 -2.08 -25.70 37.94
C ASN H 153 -2.03 -25.91 39.44
N ILE H 154 -1.20 -26.85 39.87
CA ILE H 154 -1.08 -27.16 41.29
C ILE H 154 -0.13 -26.19 41.99
N SER H 155 -0.70 -25.18 42.64
CA SER H 155 0.08 -24.22 43.42
C SER H 155 0.35 -24.80 44.81
N SER H 156 0.15 -23.96 45.83
CA SER H 156 0.31 -24.38 47.21
C SER H 156 -0.28 -23.33 48.15
N ILE H 157 -0.57 -23.73 49.39
CA ILE H 157 -1.06 -22.81 50.39
C ILE H 157 0.05 -21.83 50.79
N VAL H 158 1.30 -22.24 50.52
CA VAL H 158 2.46 -21.40 50.77
C VAL H 158 2.45 -20.19 49.84
N GLY H 159 1.84 -20.35 48.67
CA GLY H 159 1.73 -19.26 47.72
C GLY H 159 0.67 -18.24 48.12
N LYS H 160 0.19 -18.35 49.35
CA LYS H 160 -0.84 -17.46 49.86
C LYS H 160 -0.38 -16.71 51.10
N VAL H 161 0.38 -17.40 51.96
CA VAL H 161 0.82 -16.82 53.22
C VAL H 161 2.33 -16.95 53.42
N GLY H 162 2.99 -17.70 52.56
CA GLY H 162 4.41 -17.94 52.68
C GLY H 162 4.74 -18.97 53.74
N ASN H 163 6.01 -19.32 53.85
CA ASN H 163 6.46 -20.29 54.85
C ASN H 163 7.95 -20.17 55.11
N VAL H 164 8.35 -20.33 56.37
CA VAL H 164 9.74 -20.20 56.78
C VAL H 164 10.68 -21.12 56.00
N GLY H 165 11.71 -20.53 55.40
CA GLY H 165 12.71 -21.29 54.68
C GLY H 165 12.34 -21.53 53.22
N GLN H 166 11.17 -21.04 52.82
CA GLN H 166 10.68 -21.26 51.47
C GLN H 166 10.47 -19.96 50.70
N THR H 167 11.50 -19.13 50.64
CA THR H 167 11.42 -17.87 49.92
C THR H 167 11.25 -18.13 48.42
N ASN H 168 12.00 -19.08 47.90
CA ASN H 168 11.93 -19.45 46.49
C ASN H 168 10.65 -20.20 46.14
N TYR H 169 10.21 -21.04 47.06
CA TYR H 169 9.04 -21.88 46.83
C TYR H 169 7.75 -21.09 46.93
N ALA H 170 7.69 -20.14 47.86
CA ALA H 170 6.51 -19.32 48.04
C ALA H 170 6.31 -18.37 46.87
N ALA H 171 7.40 -17.78 46.41
CA ALA H 171 7.37 -16.85 45.29
C ALA H 171 6.95 -17.57 44.01
N SER H 172 7.31 -18.84 43.91
CA SER H 172 6.97 -19.64 42.75
C SER H 172 5.48 -19.98 42.71
N LYS H 173 4.96 -20.44 43.84
CA LYS H 173 3.57 -20.87 43.93
C LYS H 173 2.59 -19.71 43.86
N ALA H 174 2.94 -18.61 44.49
CA ALA H 174 2.12 -17.39 44.42
C ALA H 174 2.07 -16.90 42.99
N GLY H 175 3.20 -16.95 42.30
CA GLY H 175 3.29 -16.53 40.91
C GLY H 175 2.46 -17.39 39.99
N VAL H 176 2.34 -18.67 40.31
CA VAL H 176 1.54 -19.61 39.53
C VAL H 176 0.08 -19.17 39.51
N ILE H 177 -0.42 -18.72 40.66
CA ILE H 177 -1.80 -18.26 40.76
C ILE H 177 -2.03 -17.03 39.89
N GLY H 178 -1.15 -16.03 40.02
CA GLY H 178 -1.23 -14.84 39.21
C GLY H 178 -1.06 -15.15 37.74
N LEU H 179 -0.26 -16.18 37.47
CA LEU H 179 -0.08 -16.70 36.12
C LEU H 179 -1.38 -17.30 35.61
N THR H 180 -2.03 -18.09 36.46
CA THR H 180 -3.27 -18.77 36.11
C THR H 180 -4.42 -17.79 35.92
N GLN H 181 -4.50 -16.80 36.80
CA GLN H 181 -5.55 -15.78 36.73
C GLN H 181 -5.49 -15.03 35.40
N THR H 182 -4.28 -14.73 34.95
CA THR H 182 -4.09 -14.04 33.68
C THR H 182 -4.54 -14.93 32.51
N ALA H 183 -4.13 -16.19 32.55
CA ALA H 183 -4.50 -17.14 31.52
C ALA H 183 -6.01 -17.33 31.43
N ALA H 184 -6.65 -17.47 32.58
CA ALA H 184 -8.10 -17.67 32.64
C ALA H 184 -8.85 -16.50 32.02
N ARG H 185 -8.31 -15.30 32.19
CA ARG H 185 -8.94 -14.09 31.67
C ARG H 185 -8.78 -14.00 30.15
N GLU H 186 -7.65 -14.48 29.64
CA GLU H 186 -7.36 -14.43 28.22
C GLU H 186 -7.95 -15.62 27.47
N LEU H 187 -7.97 -16.78 28.11
CA LEU H 187 -8.45 -18.00 27.47
C LEU H 187 -9.95 -18.19 27.71
N GLY H 188 -10.60 -17.19 28.30
CA GLY H 188 -12.02 -17.25 28.54
C GLY H 188 -12.81 -17.19 27.26
N ARG H 189 -12.29 -16.45 26.28
CA ARG H 189 -12.96 -16.30 24.99
C ARG H 189 -12.68 -17.48 24.07
N HIS H 190 -11.84 -18.40 24.53
CA HIS H 190 -11.51 -19.59 23.75
C HIS H 190 -12.07 -20.86 24.37
N GLY H 191 -12.87 -20.70 25.42
CA GLY H 191 -13.48 -21.83 26.09
C GLY H 191 -12.47 -22.69 26.85
N ILE H 192 -11.40 -22.05 27.31
CA ILE H 192 -10.37 -22.75 28.07
C ILE H 192 -10.32 -22.24 29.50
N ARG H 193 -10.71 -23.09 30.46
CA ARG H 193 -10.75 -22.71 31.86
C ARG H 193 -9.40 -22.92 32.55
N CYS H 194 -8.99 -21.94 33.35
CA CYS H 194 -7.73 -22.01 34.07
C CYS H 194 -7.93 -21.78 35.56
N ASN H 195 -7.55 -22.77 36.36
CA ASN H 195 -7.69 -22.69 37.82
C ASN H 195 -6.46 -23.22 38.55
N SER H 196 -6.19 -22.65 39.72
CA SER H 196 -5.08 -23.09 40.54
C SER H 196 -5.56 -23.93 41.72
N VAL H 197 -4.77 -24.93 42.09
CA VAL H 197 -5.07 -25.75 43.26
C VAL H 197 -4.08 -25.43 44.37
N LEU H 198 -4.61 -25.18 45.56
CA LEU H 198 -3.77 -24.84 46.71
C LEU H 198 -3.85 -25.90 47.80
N PRO H 199 -3.04 -26.97 47.68
CA PRO H 199 -3.05 -28.03 48.68
C PRO H 199 -2.26 -27.64 49.93
N GLY H 200 -2.66 -28.17 51.09
CA GLY H 200 -1.88 -28.03 52.30
C GLY H 200 -0.79 -29.07 52.31
N PHE H 201 -0.27 -29.40 53.48
CA PHE H 201 0.80 -30.40 53.56
C PHE H 201 0.26 -31.81 53.27
N ILE H 202 0.75 -32.41 52.19
CA ILE H 202 0.30 -33.72 51.75
C ILE H 202 1.39 -34.78 51.90
N ALA H 203 1.01 -35.97 52.35
CA ALA H 203 1.96 -37.05 52.56
C ALA H 203 2.55 -37.55 51.24
N THR H 204 3.57 -36.85 50.75
CA THR H 204 4.24 -37.19 49.50
C THR H 204 5.74 -37.27 49.74
N PRO H 205 6.50 -37.79 48.76
CA PRO H 205 7.96 -37.76 48.86
C PRO H 205 8.53 -36.38 49.14
N MET H 206 7.83 -35.33 48.72
CA MET H 206 8.25 -33.97 49.00
C MET H 206 8.14 -33.68 50.49
N THR H 207 7.13 -34.26 51.13
CA THR H 207 6.93 -34.11 52.57
C THR H 207 7.95 -34.93 53.36
N GLN H 208 8.25 -36.12 52.85
CA GLN H 208 9.16 -37.05 53.52
C GLN H 208 10.56 -36.47 53.75
N LYS H 209 10.93 -35.50 52.93
CA LYS H 209 12.23 -34.83 53.07
C LYS H 209 12.28 -34.01 54.36
N VAL H 210 11.12 -33.52 54.78
CA VAL H 210 11.00 -32.74 56.00
C VAL H 210 11.04 -33.65 57.22
N PRO H 211 11.87 -33.29 58.22
CA PRO H 211 11.98 -34.05 59.47
C PRO H 211 10.63 -34.19 60.19
N GLN H 212 10.43 -35.34 60.84
CA GLN H 212 9.17 -35.64 61.51
C GLN H 212 8.85 -34.65 62.62
N LYS H 213 9.90 -34.12 63.25
CA LYS H 213 9.73 -33.13 64.31
C LYS H 213 8.99 -31.90 63.80
N VAL H 214 9.30 -31.50 62.57
CA VAL H 214 8.58 -30.41 61.92
C VAL H 214 7.21 -30.88 61.47
N VAL H 215 7.15 -32.11 60.97
CA VAL H 215 5.88 -32.70 60.53
C VAL H 215 4.93 -32.84 61.71
N ASP H 216 5.47 -33.22 62.86
CA ASP H 216 4.67 -33.37 64.08
C ASP H 216 4.10 -32.03 64.54
N LYS H 217 4.91 -30.99 64.43
CA LYS H 217 4.48 -29.66 64.85
C LYS H 217 3.42 -29.07 63.91
N ILE H 218 3.46 -29.48 62.64
CA ILE H 218 2.52 -28.98 61.65
C ILE H 218 1.17 -29.68 61.75
N THR H 219 1.19 -30.97 62.08
CA THR H 219 -0.04 -31.74 62.23
C THR H 219 -0.94 -31.16 63.33
N GLU H 220 -0.33 -30.52 64.32
CA GLU H 220 -1.08 -29.84 65.36
C GLU H 220 -1.64 -28.52 64.86
N MET H 221 -0.95 -27.92 63.89
CA MET H 221 -1.41 -26.66 63.30
C MET H 221 -2.62 -26.90 62.39
N ILE H 222 -2.62 -28.02 61.68
CA ILE H 222 -3.72 -28.37 60.80
C ILE H 222 -4.98 -28.65 61.61
N PRO H 223 -6.05 -27.88 61.34
CA PRO H 223 -7.32 -27.98 62.08
C PRO H 223 -7.92 -29.38 62.06
N MET H 224 -7.68 -30.14 61.00
CA MET H 224 -8.20 -31.51 60.92
C MET H 224 -7.26 -32.50 61.60
N GLY H 225 -6.10 -32.00 62.01
CA GLY H 225 -5.19 -32.77 62.85
C GLY H 225 -4.32 -33.80 62.16
N HIS H 226 -4.49 -33.97 60.86
CA HIS H 226 -3.68 -34.94 60.12
C HIS H 226 -3.21 -34.39 58.78
N LEU H 227 -2.12 -34.96 58.28
CA LEU H 227 -1.60 -34.57 56.97
C LEU H 227 -2.60 -34.93 55.88
N GLY H 228 -2.46 -34.29 54.72
CA GLY H 228 -3.33 -34.56 53.59
C GLY H 228 -2.88 -35.78 52.80
N ASP H 229 -3.83 -36.40 52.10
CA ASP H 229 -3.52 -37.52 51.22
C ASP H 229 -3.69 -37.07 49.79
N PRO H 230 -2.77 -37.51 48.91
CA PRO H 230 -2.70 -37.08 47.50
C PRO H 230 -4.00 -37.23 46.72
N GLU H 231 -4.89 -38.10 47.18
CA GLU H 231 -6.14 -38.38 46.49
C GLU H 231 -7.16 -37.29 46.78
N ASP H 232 -7.05 -36.68 47.96
CA ASP H 232 -7.87 -35.53 48.31
C ASP H 232 -7.56 -34.36 47.37
N VAL H 233 -6.30 -34.31 46.92
CA VAL H 233 -5.89 -33.31 45.94
C VAL H 233 -6.38 -33.69 44.55
N ALA H 234 -6.27 -34.97 44.23
CA ALA H 234 -6.74 -35.48 42.94
C ALA H 234 -8.26 -35.34 42.81
N ASP H 235 -8.95 -35.40 43.94
CA ASP H 235 -10.40 -35.26 43.97
C ASP H 235 -10.81 -33.86 43.51
N VAL H 236 -9.94 -32.89 43.74
CA VAL H 236 -10.17 -31.52 43.31
C VAL H 236 -9.83 -31.34 41.84
N VAL H 237 -8.68 -31.89 41.44
CA VAL H 237 -8.23 -31.81 40.05
C VAL H 237 -9.24 -32.45 39.11
N ALA H 238 -9.75 -33.62 39.49
CA ALA H 238 -10.74 -34.33 38.70
C ALA H 238 -12.02 -33.51 38.53
N PHE H 239 -12.37 -32.76 39.57
CA PHE H 239 -13.55 -31.90 39.53
C PHE H 239 -13.35 -30.73 38.58
N LEU H 240 -12.16 -30.14 38.62
CA LEU H 240 -11.85 -28.99 37.78
C LEU H 240 -11.67 -29.40 36.32
N ALA H 241 -11.23 -30.63 36.11
CA ALA H 241 -11.03 -31.15 34.76
C ALA H 241 -12.37 -31.51 34.11
N SER H 242 -13.39 -31.67 34.93
CA SER H 242 -14.72 -32.05 34.46
C SER H 242 -15.52 -30.84 34.00
N GLU H 243 -16.76 -31.08 33.61
CA GLU H 243 -17.66 -30.00 33.20
C GLU H 243 -18.58 -29.60 34.36
N ASP H 244 -18.48 -30.32 35.46
CA ASP H 244 -19.23 -29.99 36.67
C ASP H 244 -18.81 -28.61 37.15
N SER H 245 -17.52 -28.29 36.97
CA SER H 245 -17.01 -26.96 37.26
C SER H 245 -16.88 -26.17 35.96
N GLY H 246 -17.91 -26.24 35.13
CA GLY H 246 -17.88 -25.60 33.83
C GLY H 246 -17.98 -24.09 33.87
N TYR H 247 -18.26 -23.55 35.05
CA TYR H 247 -18.36 -22.10 35.21
C TYR H 247 -17.29 -21.58 36.16
N ILE H 248 -16.34 -22.44 36.51
CA ILE H 248 -15.28 -22.06 37.44
C ILE H 248 -13.96 -21.83 36.72
N THR H 249 -13.56 -20.57 36.62
CA THR H 249 -12.27 -20.22 36.04
C THR H 249 -11.62 -19.10 36.86
N GLY H 250 -10.30 -19.05 36.85
CA GLY H 250 -9.56 -18.05 37.61
C GLY H 250 -9.82 -18.13 39.10
N THR H 251 -10.12 -19.34 39.56
CA THR H 251 -10.45 -19.56 40.97
C THR H 251 -9.46 -20.53 41.62
N SER H 252 -8.92 -20.14 42.76
CA SER H 252 -7.99 -21.00 43.49
C SER H 252 -8.74 -21.87 44.50
N VAL H 253 -8.53 -23.18 44.43
CA VAL H 253 -9.17 -24.10 45.34
C VAL H 253 -8.20 -24.57 46.41
N GLU H 254 -8.61 -24.49 47.67
CA GLU H 254 -7.72 -24.80 48.79
C GLU H 254 -8.03 -26.17 49.39
N VAL H 255 -7.01 -27.04 49.40
CA VAL H 255 -7.13 -28.37 49.99
C VAL H 255 -6.14 -28.52 51.13
N THR H 256 -6.38 -27.79 52.21
CA THR H 256 -5.39 -27.66 53.28
C THR H 256 -5.81 -28.31 54.59
N GLY H 257 -7.05 -28.75 54.67
CA GLY H 257 -7.58 -29.29 55.90
C GLY H 257 -7.90 -28.17 56.88
N GLY H 258 -7.90 -26.96 56.36
CA GLY H 258 -8.26 -25.79 57.17
C GLY H 258 -7.08 -24.91 57.53
N LEU H 259 -5.87 -25.33 57.14
CA LEU H 259 -4.67 -24.58 57.48
C LEU H 259 -4.58 -23.29 56.67
N PHE H 260 -4.42 -22.17 57.39
CA PHE H 260 -4.30 -20.85 56.77
C PHE H 260 -5.51 -20.52 55.89
N MET H 261 -6.70 -20.90 56.35
CA MET H 261 -7.93 -20.71 55.59
C MET H 261 -8.23 -19.22 55.38
N GLN I 4 -2.68 -1.23 -20.06
CA GLN I 4 -2.62 -0.09 -19.14
C GLN I 4 -2.65 -0.56 -17.69
N LEU I 5 -3.65 -1.35 -17.33
CA LEU I 5 -3.77 -1.84 -15.96
C LEU I 5 -4.27 -3.29 -15.90
N GLN I 6 -3.62 -4.17 -16.64
CA GLN I 6 -3.90 -5.59 -16.52
C GLN I 6 -3.28 -6.09 -15.22
N ASN I 7 -3.56 -7.35 -14.87
CA ASN I 7 -3.06 -7.98 -13.65
C ASN I 7 -3.58 -7.32 -12.37
N ARG I 8 -4.64 -6.54 -12.50
CA ARG I 8 -5.34 -6.03 -11.33
C ARG I 8 -6.26 -7.13 -10.81
N LEU I 9 -6.69 -7.98 -11.73
CA LEU I 9 -7.54 -9.12 -11.40
C LEU I 9 -6.93 -10.41 -11.93
N ARG I 10 -5.60 -10.47 -11.91
CA ARG I 10 -4.86 -11.62 -12.45
C ARG I 10 -5.28 -12.93 -11.81
N SER I 11 -5.37 -12.93 -10.48
CA SER I 11 -5.80 -14.12 -9.74
C SER I 11 -7.28 -14.01 -9.37
N ALA I 12 -8.14 -14.02 -10.37
CA ALA I 12 -9.57 -13.85 -10.14
C ALA I 12 -10.43 -14.53 -11.20
N LEU I 13 -11.37 -15.35 -10.74
CA LEU I 13 -12.37 -15.95 -11.62
C LEU I 13 -13.65 -15.13 -11.55
N ALA I 14 -14.13 -14.66 -12.69
CA ALA I 14 -15.28 -13.77 -12.72
C ALA I 14 -16.48 -14.38 -13.41
N LEU I 15 -17.58 -14.50 -12.66
CA LEU I 15 -18.85 -14.98 -13.21
C LEU I 15 -19.72 -13.81 -13.62
N VAL I 16 -20.11 -13.77 -14.89
CA VAL I 16 -20.96 -12.70 -15.39
C VAL I 16 -22.20 -13.27 -16.08
N THR I 17 -23.36 -13.04 -15.45
CA THR I 17 -24.63 -13.48 -16.02
C THR I 17 -25.14 -12.45 -17.03
N GLY I 18 -25.74 -12.93 -18.11
CA GLY I 18 -26.21 -12.05 -19.16
C GLY I 18 -25.04 -11.42 -19.89
N ALA I 19 -23.97 -12.20 -20.06
CA ALA I 19 -22.75 -11.71 -20.68
C ALA I 19 -22.79 -11.87 -22.20
N GLY I 20 -23.92 -12.34 -22.72
CA GLY I 20 -24.05 -12.60 -24.14
C GLY I 20 -24.34 -11.37 -24.97
N SER I 21 -24.53 -10.22 -24.32
CA SER I 21 -24.87 -9.00 -25.02
C SER I 21 -24.67 -7.75 -24.17
N GLY I 22 -24.48 -6.62 -24.84
CA GLY I 22 -24.47 -5.31 -24.22
C GLY I 22 -23.51 -5.12 -23.06
N ILE I 23 -24.08 -4.73 -21.92
CA ILE I 23 -23.29 -4.44 -20.72
C ILE I 23 -22.54 -5.66 -20.22
N GLY I 24 -23.23 -6.78 -20.12
CA GLY I 24 -22.63 -8.03 -19.69
C GLY I 24 -21.45 -8.44 -20.55
N ARG I 25 -21.55 -8.17 -21.85
CA ARG I 25 -20.48 -8.49 -22.78
C ARG I 25 -19.27 -7.57 -22.57
N ALA I 26 -19.54 -6.28 -22.42
CA ALA I 26 -18.47 -5.30 -22.20
C ALA I 26 -17.77 -5.54 -20.88
N VAL I 27 -18.53 -6.00 -19.88
CA VAL I 27 -17.97 -6.35 -18.58
C VAL I 27 -16.98 -7.50 -18.71
N SER I 28 -17.38 -8.52 -19.45
CA SER I 28 -16.54 -9.70 -19.68
C SER I 28 -15.23 -9.32 -20.37
N VAL I 29 -15.31 -8.39 -21.32
CA VAL I 29 -14.13 -7.93 -22.04
C VAL I 29 -13.20 -7.14 -21.13
N ARG I 30 -13.79 -6.25 -20.33
CA ARG I 30 -13.03 -5.41 -19.41
C ARG I 30 -12.36 -6.24 -18.30
N LEU I 31 -13.11 -7.17 -17.73
CA LEU I 31 -12.58 -8.04 -16.68
C LEU I 31 -11.44 -8.90 -17.21
N ALA I 32 -11.62 -9.47 -18.40
CA ALA I 32 -10.59 -10.26 -19.03
C ALA I 32 -9.43 -9.38 -19.47
N GLY I 33 -9.72 -8.11 -19.70
CA GLY I 33 -8.71 -7.15 -20.08
C GLY I 33 -7.79 -6.78 -18.94
N GLU I 34 -8.23 -7.06 -17.72
CA GLU I 34 -7.42 -6.78 -16.54
C GLU I 34 -6.88 -8.06 -15.91
N GLY I 35 -7.07 -9.18 -16.60
CA GLY I 35 -6.46 -10.43 -16.21
C GLY I 35 -7.40 -11.48 -15.65
N ALA I 36 -8.66 -11.10 -15.41
CA ALA I 36 -9.61 -12.01 -14.79
C ALA I 36 -10.18 -13.01 -15.77
N THR I 37 -10.07 -14.30 -15.44
CA THR I 37 -10.72 -15.35 -16.21
C THR I 37 -12.22 -15.25 -16.04
N VAL I 38 -12.93 -15.08 -17.14
CA VAL I 38 -14.37 -14.80 -17.10
C VAL I 38 -15.22 -16.02 -17.42
N ALA I 39 -16.17 -16.31 -16.53
CA ALA I 39 -17.17 -17.33 -16.79
C ALA I 39 -18.45 -16.67 -17.30
N ALA I 40 -18.53 -16.53 -18.62
CA ALA I 40 -19.66 -15.83 -19.24
C ALA I 40 -20.93 -16.67 -19.21
N CYS I 41 -21.92 -16.21 -18.47
CA CYS I 41 -23.22 -16.89 -18.41
C CYS I 41 -24.29 -16.08 -19.12
N ASP I 42 -25.19 -16.79 -19.81
CA ASP I 42 -26.26 -16.15 -20.56
C ASP I 42 -27.35 -17.15 -20.90
N LEU I 43 -28.58 -16.68 -21.02
CA LEU I 43 -29.70 -17.54 -21.39
C LEU I 43 -29.50 -18.11 -22.78
N ASP I 44 -29.01 -17.26 -23.69
CA ASP I 44 -28.64 -17.70 -25.02
C ASP I 44 -27.18 -18.15 -25.01
N ARG I 45 -26.96 -19.45 -25.15
CA ARG I 45 -25.62 -20.01 -25.09
C ARG I 45 -24.78 -19.56 -26.28
N ALA I 46 -25.45 -19.38 -27.42
CA ALA I 46 -24.77 -18.92 -28.64
C ALA I 46 -24.21 -17.50 -28.43
N ALA I 47 -24.92 -16.71 -27.65
CA ALA I 47 -24.48 -15.35 -27.33
C ALA I 47 -23.35 -15.39 -26.29
N ALA I 48 -23.44 -16.34 -25.37
CA ALA I 48 -22.41 -16.52 -24.36
C ALA I 48 -21.11 -17.00 -24.97
N GLN I 49 -21.22 -17.91 -25.93
CA GLN I 49 -20.06 -18.44 -26.63
C GLN I 49 -19.42 -17.39 -27.53
N GLU I 50 -20.24 -16.48 -28.05
CA GLU I 50 -19.75 -15.40 -28.89
C GLU I 50 -18.93 -14.41 -28.08
N THR I 51 -19.33 -14.22 -26.83
CA THR I 51 -18.60 -13.33 -25.91
C THR I 51 -17.24 -13.92 -25.56
N VAL I 52 -17.22 -15.21 -25.27
CA VAL I 52 -15.99 -15.92 -24.92
C VAL I 52 -14.99 -15.89 -26.08
N ARG I 53 -15.50 -15.89 -27.30
CA ARG I 53 -14.65 -15.86 -28.49
C ARG I 53 -13.97 -14.51 -28.68
N LEU I 54 -14.51 -13.47 -28.06
CA LEU I 54 -13.93 -12.13 -28.19
C LEU I 54 -13.04 -11.80 -27.00
N LEU I 55 -12.46 -12.82 -26.39
CA LEU I 55 -11.58 -12.62 -25.24
C LEU I 55 -10.18 -13.16 -25.52
N PRO I 65 -3.35 -16.68 -17.12
CA PRO I 65 -2.45 -17.75 -17.57
C PRO I 65 -3.09 -19.14 -17.52
N ARG I 66 -4.05 -19.33 -16.63
CA ARG I 66 -4.67 -20.63 -16.42
C ARG I 66 -5.81 -20.93 -17.39
N GLY I 67 -5.68 -22.06 -18.10
CA GLY I 67 -6.73 -22.55 -18.97
C GLY I 67 -7.28 -21.57 -19.98
N ASN I 68 -8.58 -21.34 -19.92
CA ASN I 68 -9.25 -20.39 -20.82
C ASN I 68 -10.61 -19.98 -20.27
N HIS I 69 -11.26 -19.05 -20.97
CA HIS I 69 -12.59 -18.60 -20.58
C HIS I 69 -13.64 -19.66 -20.93
N ALA I 70 -14.77 -19.63 -20.24
CA ALA I 70 -15.81 -20.63 -20.46
C ALA I 70 -17.19 -19.99 -20.62
N ALA I 71 -18.01 -20.60 -21.48
CA ALA I 71 -19.37 -20.13 -21.70
C ALA I 71 -20.37 -21.01 -20.95
N PHE I 72 -21.32 -20.38 -20.28
CA PHE I 72 -22.33 -21.12 -19.52
C PHE I 72 -23.74 -20.72 -19.94
N GLN I 73 -24.65 -21.69 -19.92
CA GLN I 73 -26.05 -21.41 -20.23
C GLN I 73 -26.91 -21.69 -19.00
N ALA I 74 -27.69 -20.70 -18.60
CA ALA I 74 -28.55 -20.84 -17.42
C ALA I 74 -29.66 -19.81 -17.42
N ASP I 75 -30.85 -20.23 -17.00
CA ASP I 75 -31.96 -19.31 -16.79
C ASP I 75 -31.97 -18.87 -15.33
N VAL I 76 -31.47 -17.67 -15.08
CA VAL I 76 -31.24 -17.19 -13.72
C VAL I 76 -32.54 -17.06 -12.92
N SER I 77 -33.68 -17.07 -13.61
CA SER I 77 -34.98 -16.97 -12.95
C SER I 77 -35.36 -18.28 -12.27
N GLU I 78 -34.70 -19.36 -12.68
CA GLU I 78 -34.95 -20.68 -12.09
C GLU I 78 -33.94 -21.00 -11.00
N ALA I 79 -34.44 -21.41 -9.83
CA ALA I 79 -33.59 -21.69 -8.67
C ALA I 79 -32.60 -22.82 -8.93
N ARG I 80 -33.05 -23.82 -9.69
CA ARG I 80 -32.20 -24.95 -10.04
CA ARG I 80 -32.24 -24.97 -10.08
C ARG I 80 -31.08 -24.57 -11.00
N ALA I 81 -31.40 -23.70 -11.94
CA ALA I 81 -30.44 -23.26 -12.94
C ALA I 81 -29.39 -22.37 -12.27
N ALA I 82 -29.81 -21.64 -11.23
CA ALA I 82 -28.93 -20.75 -10.51
C ALA I 82 -27.93 -21.54 -9.68
N ARG I 83 -28.35 -22.69 -9.18
CA ARG I 83 -27.49 -23.58 -8.41
C ARG I 83 -26.54 -24.34 -9.32
N CYS I 84 -27.10 -24.94 -10.36
CA CYS I 84 -26.34 -25.75 -11.32
C CYS I 84 -25.28 -24.91 -12.02
N LEU I 85 -25.58 -23.65 -12.27
CA LEU I 85 -24.62 -22.73 -12.88
C LEU I 85 -23.37 -22.60 -12.03
N LEU I 86 -23.57 -22.27 -10.75
CA LEU I 86 -22.46 -22.11 -9.82
C LEU I 86 -21.67 -23.41 -9.67
N GLU I 87 -22.40 -24.52 -9.52
CA GLU I 87 -21.77 -25.84 -9.38
C GLU I 87 -20.95 -26.21 -10.61
N GLN I 88 -21.45 -25.81 -11.78
CA GLN I 88 -20.79 -26.14 -13.04
C GLN I 88 -19.53 -25.30 -13.23
N VAL I 89 -19.55 -24.08 -12.72
CA VAL I 89 -18.38 -23.20 -12.76
C VAL I 89 -17.31 -23.74 -11.82
N GLN I 90 -17.73 -24.14 -10.61
CA GLN I 90 -16.82 -24.74 -9.64
C GLN I 90 -16.27 -26.06 -10.15
N ALA I 91 -17.03 -26.72 -11.01
CA ALA I 91 -16.60 -27.98 -11.60
C ALA I 91 -15.59 -27.72 -12.70
N CYS I 92 -15.73 -26.59 -13.37
CA CYS I 92 -14.88 -26.24 -14.50
C CYS I 92 -13.54 -25.66 -14.05
N PHE I 93 -13.56 -24.85 -13.00
CA PHE I 93 -12.38 -24.11 -12.58
C PHE I 93 -11.85 -24.54 -11.21
N SER I 94 -12.52 -25.51 -10.60
CA SER I 94 -12.13 -26.04 -9.29
C SER I 94 -12.09 -24.95 -8.21
N ARG I 95 -12.89 -23.90 -8.39
CA ARG I 95 -12.95 -22.80 -7.43
C ARG I 95 -14.20 -21.95 -7.65
N PRO I 96 -14.72 -21.33 -6.58
CA PRO I 96 -15.84 -20.41 -6.70
C PRO I 96 -15.39 -19.06 -7.25
N PRO I 97 -16.24 -18.41 -8.05
CA PRO I 97 -15.90 -17.11 -8.65
C PRO I 97 -15.72 -16.02 -7.60
N SER I 98 -14.58 -15.35 -7.61
CA SER I 98 -14.32 -14.27 -6.67
C SER I 98 -15.12 -13.03 -7.04
N VAL I 99 -15.38 -12.87 -8.34
CA VAL I 99 -16.16 -11.74 -8.84
C VAL I 99 -17.45 -12.24 -9.49
N VAL I 100 -18.58 -11.74 -9.02
CA VAL I 100 -19.87 -12.12 -9.56
C VAL I 100 -20.67 -10.89 -9.98
N VAL I 101 -21.06 -10.86 -11.26
CA VAL I 101 -21.81 -9.74 -11.79
C VAL I 101 -23.13 -10.20 -12.41
N SER I 102 -24.23 -9.55 -12.02
CA SER I 102 -25.54 -9.89 -12.55
C SER I 102 -26.03 -8.87 -13.57
N CYS I 103 -25.80 -9.17 -14.85
CA CYS I 103 -26.25 -8.30 -15.93
C CYS I 103 -27.46 -8.89 -16.64
N ALA I 104 -27.90 -10.06 -16.18
CA ALA I 104 -29.06 -10.73 -16.77
C ALA I 104 -30.34 -9.97 -16.45
N GLY I 105 -30.88 -9.29 -17.46
CA GLY I 105 -32.09 -8.51 -17.28
C GLY I 105 -32.91 -8.35 -18.54
N ILE I 106 -34.21 -8.14 -18.36
CA ILE I 106 -35.12 -7.97 -19.49
C ILE I 106 -36.07 -6.81 -19.25
N THR I 107 -36.72 -6.35 -20.31
CA THR I 107 -37.74 -5.32 -20.21
C THR I 107 -39.05 -5.79 -20.83
N GLN I 108 -40.15 -5.51 -20.15
CA GLN I 108 -41.48 -5.78 -20.69
C GLN I 108 -42.36 -4.57 -20.41
N ASP I 109 -42.06 -3.47 -21.09
CA ASP I 109 -42.68 -2.18 -20.81
C ASP I 109 -44.17 -2.13 -21.14
N GLU I 110 -44.91 -1.44 -20.28
CA GLU I 110 -46.34 -1.22 -20.44
C GLU I 110 -46.80 -0.23 -19.38
N PHE I 111 -47.83 0.56 -19.70
CA PHE I 111 -48.39 1.47 -18.72
C PHE I 111 -49.06 0.68 -17.59
N LEU I 112 -49.18 1.32 -16.42
CA LEU I 112 -49.72 0.65 -15.24
C LEU I 112 -51.13 0.12 -15.46
N LEU I 113 -51.97 0.92 -16.10
CA LEU I 113 -53.37 0.57 -16.31
C LEU I 113 -53.54 -0.63 -17.25
N HIS I 114 -52.50 -0.91 -18.04
CA HIS I 114 -52.60 -1.94 -19.07
C HIS I 114 -51.63 -3.11 -18.87
N MET I 115 -50.80 -3.03 -17.83
CA MET I 115 -49.80 -4.07 -17.60
C MET I 115 -50.43 -5.37 -17.11
N SER I 116 -50.16 -6.46 -17.85
CA SER I 116 -50.69 -7.77 -17.49
C SER I 116 -49.89 -8.39 -16.36
N GLU I 117 -50.39 -9.50 -15.82
CA GLU I 117 -49.73 -10.19 -14.72
C GLU I 117 -48.45 -10.87 -15.19
N ASP I 118 -48.41 -11.23 -16.48
CA ASP I 118 -47.24 -11.89 -17.04
C ASP I 118 -46.10 -10.90 -17.29
N ASP I 119 -46.45 -9.70 -17.76
CA ASP I 119 -45.46 -8.66 -17.99
C ASP I 119 -44.79 -8.26 -16.67
N TRP I 120 -45.52 -8.43 -15.58
CA TRP I 120 -45.00 -8.13 -14.25
C TRP I 120 -44.11 -9.26 -13.73
N ASP I 121 -44.69 -10.47 -13.66
CA ASP I 121 -44.01 -11.61 -13.07
C ASP I 121 -42.71 -11.98 -13.77
N LYS I 122 -42.67 -11.81 -15.08
CA LYS I 122 -41.50 -12.20 -15.86
C LYS I 122 -40.30 -11.31 -15.57
N VAL I 123 -40.54 -10.00 -15.54
CA VAL I 123 -39.48 -9.04 -15.25
C VAL I 123 -38.97 -9.21 -13.82
N ILE I 124 -39.89 -9.45 -12.89
CA ILE I 124 -39.52 -9.67 -11.49
C ILE I 124 -38.69 -10.94 -11.32
N ALA I 125 -39.11 -12.01 -12.00
CA ALA I 125 -38.43 -13.29 -11.89
C ALA I 125 -36.99 -13.23 -12.39
N VAL I 126 -36.78 -12.50 -13.49
CA VAL I 126 -35.46 -12.43 -14.10
C VAL I 126 -34.58 -11.37 -13.44
N ASN I 127 -35.10 -10.16 -13.32
CA ASN I 127 -34.31 -9.04 -12.82
C ASN I 127 -34.15 -9.06 -11.29
N LEU I 128 -35.22 -9.43 -10.58
CA LEU I 128 -35.20 -9.40 -9.13
C LEU I 128 -34.88 -10.77 -8.53
N LYS I 129 -35.73 -11.76 -8.80
CA LYS I 129 -35.52 -13.10 -8.29
C LYS I 129 -34.25 -13.71 -8.88
N GLY I 130 -34.01 -13.43 -10.16
CA GLY I 130 -32.82 -13.91 -10.83
C GLY I 130 -31.54 -13.44 -10.17
N THR I 131 -31.50 -12.15 -9.85
CA THR I 131 -30.35 -11.57 -9.16
C THR I 131 -30.18 -12.16 -7.77
N PHE I 132 -31.31 -12.35 -7.08
CA PHE I 132 -31.31 -12.95 -5.75
C PHE I 132 -30.69 -14.34 -5.77
N LEU I 133 -31.12 -15.16 -6.73
CA LEU I 133 -30.65 -16.53 -6.83
C LEU I 133 -29.16 -16.59 -7.17
N VAL I 134 -28.72 -15.73 -8.07
CA VAL I 134 -27.31 -15.66 -8.43
C VAL I 134 -26.47 -15.19 -7.24
N THR I 135 -26.97 -14.17 -6.56
CA THR I 135 -26.29 -13.62 -5.38
C THR I 135 -26.18 -14.67 -4.28
N GLN I 136 -27.30 -15.34 -3.99
CA GLN I 136 -27.35 -16.35 -2.94
C GLN I 136 -26.39 -17.51 -3.21
N ALA I 137 -26.47 -18.07 -4.40
CA ALA I 137 -25.66 -19.22 -4.77
C ALA I 137 -24.17 -18.88 -4.80
N ALA I 138 -23.86 -17.68 -5.29
CA ALA I 138 -22.47 -17.23 -5.35
C ALA I 138 -21.90 -17.02 -3.96
N ALA I 139 -22.72 -16.48 -3.08
CA ALA I 139 -22.31 -16.23 -1.70
C ALA I 139 -22.05 -17.54 -0.96
N GLN I 140 -22.97 -18.48 -1.11
CA GLN I 140 -22.84 -19.80 -0.50
C GLN I 140 -21.57 -20.50 -0.98
N ALA I 141 -21.21 -20.26 -2.22
CA ALA I 141 -20.03 -20.87 -2.82
C ALA I 141 -18.75 -20.24 -2.28
N LEU I 142 -18.85 -19.01 -1.78
CA LEU I 142 -17.69 -18.31 -1.24
C LEU I 142 -17.51 -18.56 0.25
N VAL I 143 -18.62 -18.75 0.96
CA VAL I 143 -18.58 -19.01 2.39
C VAL I 143 -18.07 -20.42 2.67
N SER I 144 -18.46 -21.37 1.83
CA SER I 144 -18.09 -22.76 2.00
C SER I 144 -16.67 -23.04 1.51
N ASN I 145 -15.95 -22.00 1.13
CA ASN I 145 -14.58 -22.14 0.66
C ASN I 145 -13.64 -21.16 1.34
N GLY I 146 -14.20 -20.32 2.21
CA GLY I 146 -13.41 -19.34 2.95
C GLY I 146 -12.76 -18.31 2.05
N CYS I 147 -13.37 -18.10 0.88
CA CYS I 147 -12.83 -17.16 -0.10
C CYS I 147 -13.52 -15.79 -0.01
N ARG I 148 -12.72 -14.73 -0.04
CA ARG I 148 -13.26 -13.38 -0.11
C ARG I 148 -13.84 -13.15 -1.50
N GLY I 149 -14.70 -12.15 -1.64
CA GLY I 149 -15.32 -11.88 -2.93
C GLY I 149 -16.00 -10.53 -3.03
N SER I 150 -16.45 -10.20 -4.24
CA SER I 150 -17.15 -8.96 -4.49
C SER I 150 -18.32 -9.20 -5.43
N ILE I 151 -19.54 -9.04 -4.91
CA ILE I 151 -20.74 -9.24 -5.71
C ILE I 151 -21.27 -7.92 -6.24
N ILE I 152 -21.39 -7.83 -7.57
CA ILE I 152 -21.83 -6.60 -8.21
C ILE I 152 -23.15 -6.81 -8.95
N ASN I 153 -24.20 -6.15 -8.46
CA ASN I 153 -25.52 -6.28 -9.06
C ASN I 153 -25.90 -5.07 -9.90
N ILE I 154 -26.12 -5.28 -11.18
CA ILE I 154 -26.47 -4.19 -12.09
C ILE I 154 -27.93 -3.80 -11.94
N SER I 155 -28.18 -2.76 -11.16
CA SER I 155 -29.53 -2.21 -11.01
C SER I 155 -29.81 -1.25 -12.16
N SER I 156 -30.33 -0.07 -11.82
CA SER I 156 -30.58 0.98 -12.80
C SER I 156 -30.89 2.29 -12.10
N ILE I 157 -30.78 3.40 -12.84
CA ILE I 157 -31.16 4.70 -12.31
C ILE I 157 -32.68 4.74 -12.17
N VAL I 158 -33.35 3.87 -12.92
CA VAL I 158 -34.80 3.72 -12.85
C VAL I 158 -35.19 3.17 -11.47
N GLY I 159 -34.31 2.37 -10.89
CA GLY I 159 -34.56 1.77 -9.59
C GLY I 159 -34.51 2.78 -8.45
N LYS I 160 -34.19 4.03 -8.76
CA LYS I 160 -34.11 5.07 -7.75
C LYS I 160 -35.23 6.09 -7.92
N VAL I 161 -35.66 6.31 -9.16
CA VAL I 161 -36.64 7.36 -9.45
C VAL I 161 -37.90 6.84 -10.13
N GLY I 162 -37.86 5.62 -10.64
CA GLY I 162 -38.98 5.08 -11.38
C GLY I 162 -39.03 5.65 -12.78
N ASN I 163 -39.85 5.06 -13.64
CA ASN I 163 -39.94 5.52 -15.03
C ASN I 163 -41.26 5.13 -15.70
N VAL I 164 -41.70 5.96 -16.63
CA VAL I 164 -42.94 5.73 -17.37
C VAL I 164 -42.90 4.41 -18.14
N GLY I 165 -43.93 3.60 -17.95
CA GLY I 165 -44.04 2.33 -18.65
C GLY I 165 -43.16 1.24 -18.09
N GLN I 166 -42.58 1.49 -16.91
CA GLN I 166 -41.69 0.52 -16.29
C GLN I 166 -42.04 0.28 -14.83
N THR I 167 -43.31 -0.02 -14.55
CA THR I 167 -43.73 -0.35 -13.20
C THR I 167 -43.04 -1.61 -12.72
N ASN I 168 -42.97 -2.60 -13.59
CA ASN I 168 -42.32 -3.87 -13.29
C ASN I 168 -40.80 -3.75 -13.25
N TYR I 169 -40.25 -2.96 -14.16
CA TYR I 169 -38.80 -2.80 -14.27
C TYR I 169 -38.24 -1.99 -13.10
N ALA I 170 -38.91 -0.89 -12.75
CA ALA I 170 -38.45 -0.04 -11.66
C ALA I 170 -38.54 -0.76 -10.32
N ALA I 171 -39.63 -1.48 -10.11
CA ALA I 171 -39.83 -2.23 -8.87
C ALA I 171 -38.76 -3.30 -8.71
N SER I 172 -38.41 -3.95 -9.81
CA SER I 172 -37.38 -4.97 -9.80
C SER I 172 -36.01 -4.40 -9.50
N LYS I 173 -35.66 -3.32 -10.20
CA LYS I 173 -34.35 -2.68 -10.03
C LYS I 173 -34.21 -2.04 -8.66
N ALA I 174 -35.30 -1.48 -8.15
CA ALA I 174 -35.31 -0.91 -6.81
C ALA I 174 -35.13 -2.02 -5.77
N GLY I 175 -35.70 -3.18 -6.06
CA GLY I 175 -35.57 -4.34 -5.19
C GLY I 175 -34.13 -4.84 -5.13
N VAL I 176 -33.43 -4.74 -6.25
CA VAL I 176 -32.03 -5.13 -6.32
C VAL I 176 -31.19 -4.32 -5.34
N ILE I 177 -31.51 -3.03 -5.23
CA ILE I 177 -30.80 -2.14 -4.32
C ILE I 177 -31.01 -2.54 -2.87
N GLY I 178 -32.26 -2.75 -2.48
CA GLY I 178 -32.58 -3.19 -1.12
C GLY I 178 -32.04 -4.57 -0.84
N LEU I 179 -31.92 -5.38 -1.89
CA LEU I 179 -31.38 -6.73 -1.78
C LEU I 179 -29.88 -6.69 -1.54
N THR I 180 -29.18 -5.90 -2.35
CA THR I 180 -27.73 -5.80 -2.27
C THR I 180 -27.29 -5.21 -0.93
N GLN I 181 -28.06 -4.24 -0.45
CA GLN I 181 -27.78 -3.59 0.83
C GLN I 181 -27.86 -4.60 1.98
N THR I 182 -28.82 -5.52 1.88
CA THR I 182 -28.97 -6.56 2.90
C THR I 182 -27.84 -7.58 2.81
N ALA I 183 -27.53 -7.99 1.59
CA ALA I 183 -26.46 -8.96 1.35
C ALA I 183 -25.13 -8.45 1.86
N ALA I 184 -24.86 -7.15 1.64
CA ALA I 184 -23.63 -6.53 2.08
C ALA I 184 -23.52 -6.54 3.61
N ARG I 185 -24.67 -6.43 4.27
CA ARG I 185 -24.71 -6.35 5.72
C ARG I 185 -24.47 -7.71 6.37
N GLU I 186 -24.90 -8.77 5.69
CA GLU I 186 -24.74 -10.13 6.20
C GLU I 186 -23.40 -10.72 5.82
N LEU I 187 -22.95 -10.44 4.61
CA LEU I 187 -21.70 -11.02 4.09
C LEU I 187 -20.49 -10.16 4.43
N GLY I 188 -20.73 -9.09 5.19
CA GLY I 188 -19.66 -8.17 5.57
C GLY I 188 -18.56 -8.85 6.37
N ARG I 189 -18.94 -9.54 7.44
CA ARG I 189 -17.97 -10.23 8.29
C ARG I 189 -17.58 -11.59 7.71
N HIS I 190 -17.98 -11.84 6.47
CA HIS I 190 -17.56 -13.04 5.76
C HIS I 190 -16.60 -12.67 4.63
N GLY I 191 -16.15 -11.42 4.63
CA GLY I 191 -15.19 -10.95 3.66
C GLY I 191 -15.74 -10.83 2.25
N ILE I 192 -17.03 -10.56 2.14
CA ILE I 192 -17.69 -10.42 0.85
C ILE I 192 -18.38 -9.08 0.70
N ARG I 193 -17.94 -8.29 -0.29
CA ARG I 193 -18.53 -6.99 -0.55
C ARG I 193 -19.69 -7.10 -1.53
N CYS I 194 -20.70 -6.25 -1.35
CA CYS I 194 -21.85 -6.22 -2.24
C CYS I 194 -22.20 -4.80 -2.63
N ASN I 195 -22.25 -4.54 -3.93
CA ASN I 195 -22.55 -3.21 -4.44
C ASN I 195 -23.48 -3.24 -5.65
N SER I 196 -24.18 -2.14 -5.88
CA SER I 196 -25.08 -2.03 -7.01
C SER I 196 -24.66 -0.93 -7.97
N VAL I 197 -24.73 -1.22 -9.27
CA VAL I 197 -24.46 -0.23 -10.29
C VAL I 197 -25.77 0.33 -10.81
N LEU I 198 -25.87 1.65 -10.89
CA LEU I 198 -27.09 2.31 -11.35
C LEU I 198 -26.84 3.08 -12.65
N PRO I 199 -26.86 2.38 -13.79
CA PRO I 199 -26.61 3.03 -15.08
C PRO I 199 -27.79 3.82 -15.59
N GLY I 200 -27.51 4.90 -16.31
CA GLY I 200 -28.56 5.63 -17.02
C GLY I 200 -28.83 4.92 -18.33
N PHE I 201 -29.08 5.68 -19.39
CA PHE I 201 -29.31 5.07 -20.70
C PHE I 201 -27.99 4.78 -21.41
N ILE I 202 -27.81 3.51 -21.79
CA ILE I 202 -26.56 3.03 -22.36
C ILE I 202 -26.77 2.51 -23.78
N ALA I 203 -25.78 2.68 -24.64
CA ALA I 203 -25.86 2.20 -26.02
C ALA I 203 -25.80 0.67 -26.08
N THR I 204 -26.90 0.03 -25.68
CA THR I 204 -27.02 -1.42 -25.70
C THR I 204 -28.28 -1.84 -26.46
N PRO I 205 -28.36 -3.11 -26.90
CA PRO I 205 -29.56 -3.63 -27.57
C PRO I 205 -30.87 -3.34 -26.85
N MET I 206 -30.81 -3.16 -25.53
CA MET I 206 -32.00 -2.83 -24.75
C MET I 206 -32.54 -1.45 -25.11
N THR I 207 -31.64 -0.50 -25.37
CA THR I 207 -32.04 0.86 -25.70
C THR I 207 -32.31 1.04 -27.19
N GLN I 208 -31.96 0.04 -27.99
CA GLN I 208 -32.30 0.04 -29.40
C GLN I 208 -33.79 -0.28 -29.53
N LYS I 209 -34.38 -0.74 -28.43
CA LYS I 209 -35.81 -1.02 -28.38
C LYS I 209 -36.57 0.25 -28.01
N VAL I 210 -35.84 1.32 -27.75
CA VAL I 210 -36.42 2.63 -27.50
C VAL I 210 -36.47 3.44 -28.79
N PRO I 211 -37.64 3.97 -29.15
CA PRO I 211 -37.82 4.77 -30.36
C PRO I 211 -36.79 5.88 -30.49
N GLN I 212 -36.35 6.14 -31.73
CA GLN I 212 -35.25 7.06 -31.99
C GLN I 212 -35.47 8.45 -31.39
N LYS I 213 -36.68 8.98 -31.49
CA LYS I 213 -36.97 10.33 -31.02
C LYS I 213 -37.05 10.37 -29.50
N VAL I 214 -37.47 9.26 -28.91
CA VAL I 214 -37.50 9.14 -27.47
C VAL I 214 -36.05 9.18 -26.99
N VAL I 215 -35.17 8.50 -27.73
CA VAL I 215 -33.74 8.55 -27.48
C VAL I 215 -33.22 9.98 -27.65
N ASP I 216 -33.70 10.67 -28.67
CA ASP I 216 -33.33 12.06 -28.93
C ASP I 216 -33.69 12.95 -27.75
N LYS I 217 -34.92 12.79 -27.26
CA LYS I 217 -35.39 13.56 -26.12
C LYS I 217 -34.59 13.24 -24.85
N ILE I 218 -34.31 11.95 -24.65
CA ILE I 218 -33.49 11.51 -23.53
C ILE I 218 -32.09 12.10 -23.61
N THR I 219 -31.51 12.11 -24.80
CA THR I 219 -30.18 12.64 -25.04
C THR I 219 -30.10 14.11 -24.63
N GLU I 220 -31.12 14.88 -24.95
CA GLU I 220 -31.18 16.30 -24.61
C GLU I 220 -31.57 16.51 -23.15
N MET I 221 -31.80 15.41 -22.43
CA MET I 221 -32.10 15.49 -21.01
C MET I 221 -30.88 15.10 -20.17
N ILE I 222 -30.07 14.20 -20.71
CA ILE I 222 -28.82 13.83 -20.07
C ILE I 222 -27.87 15.02 -20.09
N PRO I 223 -27.39 15.43 -18.91
CA PRO I 223 -26.50 16.60 -18.76
C PRO I 223 -25.26 16.53 -19.66
N MET I 224 -24.67 15.35 -19.81
CA MET I 224 -23.51 15.19 -20.68
C MET I 224 -23.91 15.26 -22.15
N GLY I 225 -25.20 15.05 -22.42
CA GLY I 225 -25.74 15.23 -23.76
C GLY I 225 -25.50 14.07 -24.71
N HIS I 226 -25.35 12.86 -24.15
CA HIS I 226 -25.16 11.68 -24.97
C HIS I 226 -25.39 10.40 -24.18
N LEU I 227 -25.69 9.32 -24.89
CA LEU I 227 -25.80 8.00 -24.28
C LEU I 227 -24.43 7.45 -23.96
N GLY I 228 -24.26 6.91 -22.75
CA GLY I 228 -23.00 6.30 -22.37
C GLY I 228 -22.80 4.99 -23.10
N ASP I 229 -21.55 4.60 -23.30
CA ASP I 229 -21.26 3.31 -23.92
C ASP I 229 -21.15 2.24 -22.83
N PRO I 230 -21.37 0.97 -23.19
CA PRO I 230 -21.27 -0.12 -22.22
C PRO I 230 -19.93 -0.19 -21.50
N GLU I 231 -18.89 0.37 -22.10
CA GLU I 231 -17.56 0.38 -21.50
C GLU I 231 -17.51 1.23 -20.25
N ASP I 232 -18.41 2.21 -20.16
CA ASP I 232 -18.50 3.06 -18.99
C ASP I 232 -18.97 2.27 -17.78
N VAL I 233 -19.91 1.36 -18.01
CA VAL I 233 -20.42 0.51 -16.95
C VAL I 233 -19.35 -0.49 -16.54
N ALA I 234 -18.63 -1.00 -17.54
CA ALA I 234 -17.56 -1.97 -17.30
C ALA I 234 -16.45 -1.37 -16.46
N ASP I 235 -16.21 -0.07 -16.63
CA ASP I 235 -15.22 0.64 -15.84
C ASP I 235 -15.59 0.64 -14.37
N VAL I 236 -16.87 0.89 -14.09
CA VAL I 236 -17.36 0.88 -12.71
C VAL I 236 -17.28 -0.53 -12.12
N VAL I 237 -17.72 -1.50 -12.91
CA VAL I 237 -17.71 -2.90 -12.48
C VAL I 237 -16.30 -3.38 -12.17
N ALA I 238 -15.36 -3.05 -13.05
CA ALA I 238 -13.96 -3.43 -12.86
C ALA I 238 -13.40 -2.85 -11.57
N PHE I 239 -13.82 -1.64 -11.23
CA PHE I 239 -13.38 -0.97 -10.01
C PHE I 239 -13.96 -1.66 -8.78
N LEU I 240 -15.25 -1.97 -8.82
CA LEU I 240 -15.92 -2.64 -7.70
C LEU I 240 -15.40 -4.06 -7.52
N ALA I 241 -14.92 -4.65 -8.59
CA ALA I 241 -14.41 -6.02 -8.55
C ALA I 241 -13.02 -6.08 -7.91
N SER I 242 -12.21 -5.07 -8.19
CA SER I 242 -10.84 -5.04 -7.68
C SER I 242 -10.78 -4.68 -6.20
N GLU I 243 -9.60 -4.79 -5.61
CA GLU I 243 -9.38 -4.42 -4.22
C GLU I 243 -9.14 -2.92 -4.08
N ASP I 244 -9.26 -2.20 -5.20
CA ASP I 244 -9.17 -0.75 -5.18
C ASP I 244 -10.38 -0.16 -4.45
N SER I 245 -11.45 -0.93 -4.41
CA SER I 245 -12.65 -0.55 -3.69
C SER I 245 -12.90 -1.50 -2.52
N GLY I 246 -11.83 -1.82 -1.80
CA GLY I 246 -11.88 -2.78 -0.72
C GLY I 246 -12.70 -2.34 0.47
N TYR I 247 -12.95 -1.04 0.58
CA TYR I 247 -13.73 -0.50 1.69
C TYR I 247 -15.09 0.00 1.20
N ILE I 248 -15.51 -0.50 0.05
CA ILE I 248 -16.79 -0.10 -0.53
C ILE I 248 -17.76 -1.28 -0.61
N THR I 249 -18.79 -1.24 0.23
CA THR I 249 -19.84 -2.26 0.22
C THR I 249 -21.18 -1.64 0.57
N GLY I 250 -22.26 -2.24 0.08
CA GLY I 250 -23.60 -1.70 0.28
C GLY I 250 -23.73 -0.32 -0.34
N THR I 251 -23.05 -0.11 -1.45
CA THR I 251 -23.01 1.19 -2.10
C THR I 251 -23.65 1.15 -3.48
N SER I 252 -24.40 2.19 -3.81
CA SER I 252 -24.99 2.34 -5.13
C SER I 252 -24.21 3.37 -5.95
N VAL I 253 -23.56 2.91 -7.01
CA VAL I 253 -22.77 3.79 -7.86
C VAL I 253 -23.55 4.19 -9.11
N GLU I 254 -23.74 5.49 -9.30
CA GLU I 254 -24.50 5.99 -10.44
C GLU I 254 -23.60 6.33 -11.61
N VAL I 255 -23.87 5.72 -12.76
CA VAL I 255 -23.21 6.09 -14.01
C VAL I 255 -24.30 6.47 -15.01
N THR I 256 -24.74 7.72 -14.92
CA THR I 256 -25.92 8.18 -15.64
C THR I 256 -25.65 9.37 -16.55
N GLY I 257 -24.47 9.96 -16.40
CA GLY I 257 -24.14 11.17 -17.13
C GLY I 257 -24.81 12.37 -16.48
N GLY I 258 -25.25 12.19 -15.25
CA GLY I 258 -25.90 13.24 -14.50
C GLY I 258 -27.42 13.18 -14.56
N LEU I 259 -27.93 12.17 -15.27
CA LEU I 259 -29.37 12.01 -15.42
C LEU I 259 -30.01 11.58 -14.11
N PHE I 260 -31.01 12.34 -13.67
CA PHE I 260 -31.77 12.06 -12.45
C PHE I 260 -30.88 11.98 -11.22
N MET I 261 -29.84 12.79 -11.18
CA MET I 261 -28.90 12.81 -10.07
C MET I 261 -29.56 13.29 -8.79
N HIS J 5 8.41 9.47 -23.16
CA HIS J 5 7.07 9.79 -22.71
C HIS J 5 6.42 10.83 -23.61
N HIS J 6 5.66 11.74 -23.01
CA HIS J 6 5.00 12.81 -23.76
C HIS J 6 4.61 13.97 -22.86
N HIS J 7 3.79 14.88 -23.39
CA HIS J 7 3.31 16.02 -22.62
C HIS J 7 2.40 15.57 -21.49
N MET J 8 2.66 16.08 -20.29
CA MET J 8 1.80 15.81 -19.15
C MET J 8 0.61 16.77 -19.14
N ASP J 9 -0.40 16.44 -19.95
CA ASP J 9 -1.58 17.29 -20.10
C ASP J 9 -2.67 16.91 -19.10
N LYS J 10 -2.31 16.10 -18.11
CA LYS J 10 -3.23 15.75 -17.04
C LYS J 10 -2.70 16.28 -15.71
N VAL J 11 -3.11 17.50 -15.38
CA VAL J 11 -2.64 18.16 -14.16
C VAL J 11 -3.73 18.18 -13.09
N CYS J 12 -3.37 17.73 -11.89
CA CYS J 12 -4.32 17.68 -10.78
C CYS J 12 -3.94 18.64 -9.67
N ALA J 13 -4.94 19.35 -9.15
CA ALA J 13 -4.73 20.26 -8.02
C ALA J 13 -5.37 19.68 -6.76
N VAL J 14 -4.54 19.14 -5.88
CA VAL J 14 -5.03 18.52 -4.66
C VAL J 14 -4.93 19.47 -3.48
N PHE J 15 -6.04 20.15 -3.18
CA PHE J 15 -6.10 21.03 -2.01
C PHE J 15 -6.23 20.18 -0.75
N GLY J 16 -5.41 20.50 0.25
CA GLY J 16 -5.35 19.70 1.46
C GLY J 16 -4.60 18.41 1.20
N GLY J 17 -3.58 18.50 0.35
CA GLY J 17 -2.78 17.35 -0.02
C GLY J 17 -1.53 17.20 0.83
N SER J 18 -1.50 17.91 1.95
CA SER J 18 -0.35 17.86 2.85
C SER J 18 -0.36 16.61 3.71
N ARG J 19 -1.55 16.18 4.12
CA ARG J 19 -1.70 15.01 4.97
C ARG J 19 -3.07 14.37 4.83
N GLY J 20 -3.18 13.13 5.27
CA GLY J 20 -4.45 12.41 5.25
C GLY J 20 -4.87 11.94 3.86
N ILE J 21 -6.14 12.16 3.54
CA ILE J 21 -6.71 11.71 2.27
C ILE J 21 -6.08 12.43 1.08
N GLY J 22 -5.95 13.75 1.20
CA GLY J 22 -5.38 14.55 0.13
C GLY J 22 -3.96 14.14 -0.23
N ARG J 23 -3.19 13.75 0.77
CA ARG J 23 -1.82 13.30 0.54
C ARG J 23 -1.82 11.94 -0.14
N ALA J 24 -2.76 11.09 0.22
CA ALA J 24 -2.88 9.76 -0.36
C ALA J 24 -3.35 9.86 -1.81
N VAL J 25 -4.36 10.71 -2.05
CA VAL J 25 -4.83 10.99 -3.40
C VAL J 25 -3.67 11.47 -4.26
N ALA J 26 -2.84 12.32 -3.66
CA ALA J 26 -1.65 12.83 -4.33
C ALA J 26 -0.71 11.68 -4.72
N GLN J 27 -0.28 10.92 -3.73
CA GLN J 27 0.66 9.82 -3.94
C GLN J 27 0.21 8.86 -5.03
N LEU J 28 -1.08 8.56 -5.05
CA LEU J 28 -1.63 7.60 -6.01
C LEU J 28 -1.67 8.15 -7.43
N MET J 29 -2.07 9.41 -7.57
CA MET J 29 -2.17 10.04 -8.89
C MET J 29 -0.80 10.36 -9.46
N ALA J 30 0.20 10.45 -8.58
CA ALA J 30 1.56 10.75 -9.02
C ALA J 30 2.18 9.58 -9.77
N ARG J 31 1.75 8.36 -9.42
CA ARG J 31 2.26 7.16 -10.04
C ARG J 31 1.44 6.77 -11.27
N LYS J 32 0.25 7.36 -11.40
CA LYS J 32 -0.62 7.07 -12.53
C LYS J 32 -0.31 7.97 -13.72
N GLY J 33 0.57 8.94 -13.52
CA GLY J 33 1.01 9.79 -14.61
C GLY J 33 0.61 11.26 -14.49
N TYR J 34 -0.23 11.56 -13.52
CA TYR J 34 -0.70 12.92 -13.32
C TYR J 34 0.40 13.82 -12.72
N ARG J 35 0.40 15.08 -13.12
CA ARG J 35 1.29 16.07 -12.51
C ARG J 35 0.51 16.83 -11.45
N LEU J 36 1.13 17.05 -10.30
CA LEU J 36 0.40 17.45 -9.10
C LEU J 36 0.74 18.82 -8.54
N ALA J 37 -0.16 19.34 -7.73
CA ALA J 37 0.06 20.57 -6.98
C ALA J 37 -0.41 20.40 -5.54
N VAL J 38 0.53 20.09 -4.65
CA VAL J 38 0.21 19.90 -3.24
C VAL J 38 -0.08 21.24 -2.58
N ILE J 39 -1.31 21.44 -2.13
CA ILE J 39 -1.74 22.73 -1.61
C ILE J 39 -2.30 22.65 -0.19
N ALA J 40 -1.77 23.50 0.68
CA ALA J 40 -2.22 23.59 2.07
C ALA J 40 -1.75 24.91 2.68
N ARG J 41 -2.30 25.26 3.85
CA ARG J 41 -1.89 26.49 4.53
C ARG J 41 -0.42 26.42 4.95
N ASN J 42 -0.04 25.29 5.54
CA ASN J 42 1.34 25.09 5.97
C ASN J 42 2.23 24.73 4.78
N LEU J 43 3.05 25.70 4.34
CA LEU J 43 3.90 25.51 3.17
C LEU J 43 5.01 24.49 3.43
N GLU J 44 5.48 24.42 4.67
CA GLU J 44 6.54 23.49 5.04
C GLU J 44 6.07 22.04 4.93
N GLY J 45 4.82 21.80 5.32
CA GLY J 45 4.24 20.47 5.25
C GLY J 45 3.91 20.06 3.83
N ALA J 46 3.46 21.02 3.02
CA ALA J 46 3.11 20.76 1.64
C ALA J 46 4.38 20.50 0.81
N LYS J 47 5.45 21.19 1.16
CA LYS J 47 6.73 21.03 0.45
C LYS J 47 7.29 19.64 0.65
N ALA J 48 7.15 19.11 1.85
CA ALA J 48 7.65 17.78 2.17
C ALA J 48 6.84 16.70 1.45
N ALA J 49 5.56 17.00 1.22
CA ALA J 49 4.67 16.06 0.54
C ALA J 49 5.06 15.90 -0.93
N ALA J 50 5.36 17.02 -1.57
CA ALA J 50 5.73 17.00 -2.99
C ALA J 50 7.12 16.44 -3.22
N GLY J 51 7.90 16.33 -2.13
CA GLY J 51 9.25 15.83 -2.22
C GLY J 51 9.34 14.35 -2.57
N ASP J 52 8.47 13.55 -1.96
CA ASP J 52 8.47 12.12 -2.19
C ASP J 52 7.65 11.76 -3.42
N LEU J 53 7.02 12.76 -4.02
CA LEU J 53 6.21 12.55 -5.22
C LEU J 53 7.08 12.62 -6.47
N GLY J 54 7.95 13.62 -6.53
CA GLY J 54 8.83 13.79 -7.66
C GLY J 54 9.19 15.25 -7.90
N GLY J 55 10.09 15.48 -8.85
CA GLY J 55 10.52 16.84 -9.17
C GLY J 55 9.52 17.56 -10.06
N ASP J 56 8.70 16.80 -10.76
CA ASP J 56 7.69 17.36 -11.65
C ASP J 56 6.56 18.01 -10.86
N HIS J 57 6.41 17.60 -9.61
CA HIS J 57 5.29 18.05 -8.78
C HIS J 57 5.72 19.18 -7.84
N LEU J 58 4.92 20.23 -7.79
CA LEU J 58 5.23 21.40 -6.98
C LEU J 58 4.27 21.55 -5.80
N ALA J 59 4.70 22.30 -4.79
CA ALA J 59 3.88 22.55 -3.61
C ALA J 59 3.54 24.04 -3.50
N PHE J 60 2.31 24.32 -3.09
CA PHE J 60 1.85 25.70 -2.97
C PHE J 60 1.17 25.93 -1.62
N SER J 61 1.28 27.16 -1.12
CA SER J 61 0.64 27.54 0.14
C SER J 61 -0.64 28.31 -0.12
N CYS J 62 -1.74 27.89 0.52
CA CYS J 62 -3.02 28.54 0.32
C CYS J 62 -4.03 28.20 1.41
N ASP J 63 -4.86 29.19 1.75
CA ASP J 63 -5.99 28.97 2.64
C ASP J 63 -7.28 29.18 1.86
N VAL J 64 -8.03 28.10 1.67
CA VAL J 64 -9.21 28.11 0.81
C VAL J 64 -10.32 29.04 1.30
N ALA J 65 -10.24 29.46 2.56
CA ALA J 65 -11.22 30.39 3.11
C ALA J 65 -11.08 31.77 2.47
N LYS J 66 -9.84 32.18 2.21
CA LYS J 66 -9.57 33.46 1.59
C LYS J 66 -9.70 33.37 0.07
N GLU J 67 -10.52 34.23 -0.52
CA GLU J 67 -10.75 34.21 -1.95
C GLU J 67 -9.50 34.62 -2.73
N HIS J 68 -8.73 35.55 -2.18
CA HIS J 68 -7.54 36.06 -2.86
C HIS J 68 -6.39 35.05 -2.81
N ASP J 69 -6.28 34.33 -1.70
CA ASP J 69 -5.26 33.29 -1.59
C ASP J 69 -5.52 32.19 -2.62
N VAL J 70 -6.79 31.85 -2.82
CA VAL J 70 -7.17 30.90 -3.85
C VAL J 70 -6.87 31.45 -5.23
N GLN J 71 -7.23 32.71 -5.45
CA GLN J 71 -7.00 33.38 -6.73
C GLN J 71 -5.51 33.46 -7.07
N ASN J 72 -4.71 33.88 -6.10
CA ASN J 72 -3.27 34.01 -6.30
C ASN J 72 -2.58 32.66 -6.45
N THR J 73 -3.18 31.63 -5.86
CA THR J 73 -2.61 30.29 -5.94
C THR J 73 -2.82 29.69 -7.33
N PHE J 74 -4.03 29.84 -7.86
CA PHE J 74 -4.34 29.37 -9.20
C PHE J 74 -3.54 30.14 -10.25
N GLU J 75 -3.22 31.39 -9.94
CA GLU J 75 -2.41 32.21 -10.83
C GLU J 75 -0.99 31.65 -10.91
N GLU J 76 -0.43 31.31 -9.76
CA GLU J 76 0.90 30.72 -9.70
C GLU J 76 0.86 29.25 -10.14
N LEU J 77 -0.33 28.65 -10.05
CA LEU J 77 -0.53 27.27 -10.46
C LEU J 77 -0.33 27.11 -11.96
N GLU J 78 -0.95 28.00 -12.72
CA GLU J 78 -0.87 27.96 -14.17
C GLU J 78 0.48 28.40 -14.70
N LYS J 79 1.07 29.40 -14.05
CA LYS J 79 2.32 29.99 -14.50
C LYS J 79 3.54 29.19 -14.07
N HIS J 80 3.35 27.89 -13.84
CA HIS J 80 4.45 27.03 -13.41
C HIS J 80 4.26 25.58 -13.85
N LEU J 81 3.01 25.14 -13.90
CA LEU J 81 2.69 23.75 -14.20
C LEU J 81 1.83 23.59 -15.45
N GLY J 82 1.04 24.62 -15.75
CA GLY J 82 0.14 24.59 -16.88
C GLY J 82 -1.31 24.68 -16.46
N ARG J 83 -2.22 24.37 -17.38
CA ARG J 83 -3.65 24.45 -17.10
C ARG J 83 -4.14 23.27 -16.27
N VAL J 84 -4.99 23.57 -15.30
CA VAL J 84 -5.50 22.56 -14.38
C VAL J 84 -6.82 21.96 -14.87
N ASN J 85 -6.79 20.67 -15.19
CA ASN J 85 -7.99 19.98 -15.68
C ASN J 85 -8.49 18.92 -14.72
N PHE J 86 -7.81 18.79 -13.58
CA PHE J 86 -8.23 17.87 -12.54
C PHE J 86 -8.18 18.55 -11.17
N LEU J 87 -9.22 18.36 -10.37
CA LEU J 87 -9.31 19.04 -9.09
C LEU J 87 -9.71 18.09 -7.95
N VAL J 88 -9.05 18.23 -6.81
CA VAL J 88 -9.38 17.45 -5.62
C VAL J 88 -9.48 18.37 -4.40
N ASN J 89 -10.66 18.40 -3.79
CA ASN J 89 -10.89 19.23 -2.62
C ASN J 89 -10.87 18.43 -1.32
N ALA J 90 -9.68 18.23 -0.77
CA ALA J 90 -9.53 17.48 0.47
C ALA J 90 -9.17 18.39 1.62
N ALA J 91 -9.31 19.69 1.41
CA ALA J 91 -9.04 20.66 2.46
C ALA J 91 -10.30 20.86 3.31
N GLY J 92 -10.19 20.56 4.59
CA GLY J 92 -11.31 20.68 5.51
C GLY J 92 -10.89 20.49 6.95
N ILE J 93 -11.64 21.10 7.85
CA ILE J 93 -11.41 21.00 9.28
C ILE J 93 -12.66 20.43 9.98
N ASN J 94 -12.47 19.86 11.15
CA ASN J 94 -13.58 19.29 11.95
C ASN J 94 -13.47 19.72 13.40
N ARG J 95 -14.57 20.15 14.02
CA ARG J 95 -14.57 20.35 15.47
C ARG J 95 -15.84 19.79 16.12
N ASP J 96 -15.70 18.69 16.85
CA ASP J 96 -16.83 18.06 17.52
C ASP J 96 -17.31 18.95 18.66
N GLY J 97 -18.63 19.12 18.75
CA GLY J 97 -19.24 19.91 19.80
C GLY J 97 -20.73 20.05 19.65
N LEU J 98 -21.42 20.20 20.78
CA LEU J 98 -22.87 20.39 20.78
C LEU J 98 -23.21 21.76 20.21
N LEU J 99 -24.33 21.87 19.52
CA LEU J 99 -24.74 23.11 18.87
C LEU J 99 -24.93 24.23 19.87
N VAL J 100 -25.42 23.89 21.06
CA VAL J 100 -25.66 24.88 22.09
C VAL J 100 -24.33 25.35 22.71
N ARG J 101 -23.29 24.56 22.54
CA ARG J 101 -21.96 24.90 23.04
C ARG J 101 -21.01 25.18 21.88
N THR J 102 -21.56 25.71 20.80
CA THR J 102 -20.77 26.04 19.62
C THR J 102 -20.75 27.53 19.37
N LYS J 103 -19.55 28.11 19.30
CA LYS J 103 -19.40 29.52 19.04
C LYS J 103 -19.74 29.83 17.59
N THR J 104 -20.31 31.02 17.36
CA THR J 104 -20.65 31.45 16.00
C THR J 104 -19.39 31.54 15.14
N GLU J 105 -18.29 31.93 15.76
CA GLU J 105 -17.00 32.00 15.09
C GLU J 105 -16.57 30.64 14.58
N ASP J 106 -16.84 29.60 15.37
CA ASP J 106 -16.50 28.24 14.99
C ASP J 106 -17.42 27.75 13.87
N MET J 107 -18.62 28.29 13.81
CA MET J 107 -19.56 27.95 12.74
C MET J 107 -19.08 28.52 11.41
N VAL J 108 -18.79 29.82 11.41
CA VAL J 108 -18.30 30.50 10.22
C VAL J 108 -16.98 29.88 9.76
N SER J 109 -16.17 29.42 10.71
CA SER J 109 -14.87 28.82 10.42
C SER J 109 -15.00 27.57 9.55
N GLN J 110 -15.81 26.61 9.99
CA GLN J 110 -16.00 25.37 9.25
C GLN J 110 -16.75 25.58 7.95
N LEU J 111 -17.74 26.47 7.98
CA LEU J 111 -18.54 26.77 6.80
C LEU J 111 -17.70 27.36 5.68
N HIS J 112 -16.71 28.19 6.05
CA HIS J 112 -15.87 28.83 5.06
C HIS J 112 -14.76 27.91 4.57
N THR J 113 -14.27 27.05 5.47
CA THR J 113 -13.18 26.13 5.13
C THR J 113 -13.68 24.95 4.29
N ASN J 114 -14.67 24.24 4.82
CA ASN J 114 -15.15 23.01 4.21
C ASN J 114 -16.10 23.23 3.04
N LEU J 115 -16.90 24.28 3.11
CA LEU J 115 -17.95 24.51 2.11
C LEU J 115 -17.61 25.66 1.17
N LEU J 116 -17.47 26.86 1.71
CA LEU J 116 -17.14 28.04 0.91
C LEU J 116 -15.78 27.90 0.25
N GLY J 117 -14.85 27.27 0.97
CA GLY J 117 -13.50 27.06 0.46
C GLY J 117 -13.48 26.16 -0.75
N SER J 118 -14.38 25.18 -0.77
CA SER J 118 -14.47 24.25 -1.89
C SER J 118 -15.24 24.88 -3.06
N MET J 119 -15.98 25.94 -2.78
CA MET J 119 -16.72 26.65 -3.81
C MET J 119 -15.81 27.60 -4.56
N LEU J 120 -14.95 28.31 -3.82
CA LEU J 120 -13.99 29.21 -4.41
C LEU J 120 -12.98 28.44 -5.27
N THR J 121 -12.65 27.24 -4.81
CA THR J 121 -11.72 26.38 -5.51
C THR J 121 -12.28 25.92 -6.85
N CYS J 122 -13.53 25.48 -6.84
CA CYS J 122 -14.22 25.06 -8.06
C CYS J 122 -14.41 26.24 -9.00
N LYS J 123 -14.64 27.42 -8.41
CA LYS J 123 -14.84 28.64 -9.18
C LYS J 123 -13.62 29.01 -10.02
N ALA J 124 -12.44 28.94 -9.39
CA ALA J 124 -11.19 29.28 -10.07
C ALA J 124 -10.77 28.19 -11.04
N ALA J 125 -11.21 26.96 -10.77
CA ALA J 125 -10.90 25.83 -11.63
C ALA J 125 -11.70 25.89 -12.93
N MET J 126 -12.82 26.59 -12.90
CA MET J 126 -13.68 26.74 -14.07
C MET J 126 -12.93 27.40 -15.22
N ARG J 127 -12.13 28.41 -14.89
CA ARG J 127 -11.38 29.15 -15.89
C ARG J 127 -10.41 28.26 -16.66
N THR J 128 -9.66 27.44 -15.93
CA THR J 128 -8.65 26.57 -16.55
C THR J 128 -9.27 25.34 -17.21
N MET J 129 -10.42 24.90 -16.72
CA MET J 129 -11.07 23.71 -17.26
C MET J 129 -11.90 24.03 -18.50
N ILE J 130 -12.37 25.26 -18.60
CA ILE J 130 -13.06 25.71 -19.80
C ILE J 130 -12.04 25.99 -20.90
N GLN J 131 -10.88 26.50 -20.51
CA GLN J 131 -9.81 26.80 -21.46
C GLN J 131 -9.14 25.53 -21.99
N GLN J 132 -9.61 24.38 -21.53
CA GLN J 132 -9.10 23.10 -22.00
C GLN J 132 -10.24 22.18 -22.41
N GLN J 133 -11.45 22.74 -22.53
CA GLN J 133 -12.66 22.01 -22.92
C GLN J 133 -12.79 20.66 -22.23
N GLY J 134 -12.45 20.61 -20.95
CA GLY J 134 -12.50 19.36 -20.21
C GLY J 134 -11.96 19.50 -18.80
N GLY J 135 -12.61 18.82 -17.86
CA GLY J 135 -12.20 18.87 -16.48
C GLY J 135 -12.92 17.84 -15.64
N SER J 136 -12.37 17.56 -14.45
CA SER J 136 -12.99 16.62 -13.54
C SER J 136 -12.73 17.06 -12.10
N ILE J 137 -13.80 17.21 -11.33
CA ILE J 137 -13.69 17.70 -9.95
C ILE J 137 -14.26 16.70 -8.95
N VAL J 138 -13.49 16.41 -7.92
CA VAL J 138 -13.95 15.57 -6.82
C VAL J 138 -13.95 16.35 -5.51
N ASN J 139 -15.13 16.54 -4.94
CA ASN J 139 -15.27 17.20 -3.65
C ASN J 139 -15.40 16.18 -2.53
N VAL J 140 -14.44 16.18 -1.62
CA VAL J 140 -14.46 15.21 -0.52
C VAL J 140 -15.42 15.62 0.57
N GLY J 141 -16.55 14.92 0.66
CA GLY J 141 -17.55 15.16 1.69
C GLY J 141 -17.43 14.14 2.80
N SER J 142 -18.58 13.66 3.28
CA SER J 142 -18.61 12.67 4.34
C SER J 142 -19.94 11.92 4.37
N ILE J 143 -19.92 10.73 4.98
CA ILE J 143 -21.15 9.95 5.13
C ILE J 143 -21.97 10.51 6.28
N VAL J 144 -21.41 11.50 6.96
CA VAL J 144 -22.12 12.23 8.00
C VAL J 144 -22.81 13.46 7.38
N GLY J 145 -22.25 13.92 6.27
CA GLY J 145 -22.75 15.11 5.58
C GLY J 145 -24.22 15.09 5.20
N LEU J 146 -24.74 13.90 4.88
CA LEU J 146 -26.15 13.79 4.49
C LEU J 146 -26.97 13.11 5.58
N LYS J 147 -26.32 12.28 6.39
CA LYS J 147 -27.02 11.52 7.43
C LYS J 147 -27.01 12.26 8.77
N GLY J 148 -25.98 13.05 9.00
CA GLY J 148 -25.86 13.81 10.24
C GLY J 148 -25.33 12.96 11.37
N ASN J 149 -24.87 13.61 12.44
CA ASN J 149 -24.37 12.92 13.61
C ASN J 149 -24.39 13.81 14.85
N SER J 150 -24.75 13.22 15.98
CA SER J 150 -24.78 13.95 17.25
C SER J 150 -23.39 14.45 17.63
N GLY J 151 -23.22 15.76 17.62
CA GLY J 151 -21.95 16.38 17.96
C GLY J 151 -21.24 16.95 16.76
N GLN J 152 -21.58 16.44 15.57
CA GLN J 152 -20.98 16.93 14.33
C GLN J 152 -22.00 17.74 13.54
N SER J 153 -22.64 18.70 14.21
CA SER J 153 -23.69 19.50 13.60
C SER J 153 -23.16 20.44 12.52
N VAL J 154 -22.19 21.29 12.89
CA VAL J 154 -21.61 22.25 11.97
C VAL J 154 -20.90 21.55 10.81
N TYR J 155 -20.23 20.44 11.12
CA TYR J 155 -19.52 19.66 10.12
C TYR J 155 -20.49 19.06 9.12
N SER J 156 -21.62 18.58 9.61
CA SER J 156 -22.66 18.00 8.75
C SER J 156 -23.22 19.06 7.81
N ALA J 157 -23.43 20.26 8.35
CA ALA J 157 -23.94 21.37 7.56
C ALA J 157 -22.99 21.74 6.44
N SER J 158 -21.71 21.91 6.78
CA SER J 158 -20.70 22.27 5.79
C SER J 158 -20.52 21.17 4.74
N LYS J 159 -20.52 19.92 5.19
CA LYS J 159 -20.37 18.79 4.27
C LYS J 159 -21.65 18.51 3.51
N GLY J 160 -22.77 18.93 4.08
CA GLY J 160 -24.08 18.72 3.45
C GLY J 160 -24.25 19.54 2.20
N GLY J 161 -23.86 20.80 2.26
CA GLY J 161 -23.99 21.71 1.13
C GLY J 161 -23.05 21.34 -0.01
N LEU J 162 -22.03 20.56 0.30
CA LEU J 162 -21.03 20.15 -0.68
C LEU J 162 -21.66 19.26 -1.75
N VAL J 163 -22.70 18.53 -1.37
CA VAL J 163 -23.39 17.64 -2.29
C VAL J 163 -24.31 18.41 -3.23
N GLY J 164 -25.14 19.28 -2.66
CA GLY J 164 -26.04 20.09 -3.44
C GLY J 164 -25.31 21.05 -4.36
N PHE J 165 -24.16 21.53 -3.91
CA PHE J 165 -23.34 22.43 -4.70
C PHE J 165 -22.71 21.71 -5.89
N SER J 166 -22.10 20.57 -5.62
CA SER J 166 -21.41 19.80 -6.65
C SER J 166 -22.37 19.31 -7.72
N ARG J 167 -23.60 19.03 -7.32
CA ARG J 167 -24.62 18.55 -8.25
C ARG J 167 -25.17 19.70 -9.10
N ALA J 168 -25.37 20.85 -8.48
CA ALA J 168 -25.84 22.03 -9.19
C ALA J 168 -24.80 22.52 -10.18
N LEU J 169 -23.53 22.37 -9.80
CA LEU J 169 -22.42 22.74 -10.67
C LEU J 169 -22.24 21.71 -11.78
N ALA J 170 -22.50 20.45 -11.45
CA ALA J 170 -22.38 19.37 -12.43
C ALA J 170 -23.34 19.59 -13.58
N LYS J 171 -24.59 19.94 -13.27
CA LYS J 171 -25.59 20.23 -14.28
C LYS J 171 -25.22 21.49 -15.08
N GLU J 172 -24.62 22.44 -14.38
CA GLU J 172 -24.33 23.75 -14.94
C GLU J 172 -23.23 23.73 -16.00
N VAL J 173 -22.31 22.78 -15.88
CA VAL J 173 -21.11 22.78 -16.72
C VAL J 173 -20.86 21.42 -17.39
N ALA J 174 -21.86 20.55 -17.35
CA ALA J 174 -21.74 19.22 -17.95
C ALA J 174 -21.49 19.29 -19.45
N ARG J 175 -22.07 20.30 -20.11
CA ARG J 175 -21.93 20.45 -21.55
C ARG J 175 -20.55 20.94 -21.95
N LYS J 176 -19.79 21.44 -20.97
CA LYS J 176 -18.43 21.90 -21.24
C LYS J 176 -17.42 20.80 -20.91
N LYS J 177 -17.89 19.56 -20.94
CA LYS J 177 -17.05 18.38 -20.68
C LYS J 177 -16.38 18.43 -19.33
N ILE J 178 -17.09 18.97 -18.33
CA ILE J 178 -16.55 19.06 -16.98
C ILE J 178 -17.42 18.30 -16.00
N ARG J 179 -16.84 17.29 -15.36
CA ARG J 179 -17.57 16.45 -14.43
C ARG J 179 -17.27 16.83 -12.98
N VAL J 180 -18.33 16.90 -12.16
CA VAL J 180 -18.18 17.21 -10.75
C VAL J 180 -18.80 16.09 -9.90
N ASN J 181 -18.01 15.54 -8.98
CA ASN J 181 -18.48 14.45 -8.15
C ASN J 181 -18.08 14.60 -6.68
N VAL J 182 -18.70 13.81 -5.82
CA VAL J 182 -18.42 13.86 -4.39
C VAL J 182 -18.04 12.49 -3.85
N VAL J 183 -16.92 12.42 -3.13
CA VAL J 183 -16.55 11.22 -2.39
C VAL J 183 -17.09 11.33 -0.97
N ALA J 184 -17.80 10.31 -0.51
CA ALA J 184 -18.35 10.30 0.83
C ALA J 184 -17.74 9.19 1.68
N PRO J 185 -16.54 9.43 2.22
CA PRO J 185 -15.87 8.43 3.05
C PRO J 185 -16.50 8.31 4.44
N GLY J 186 -16.31 7.16 5.07
CA GLY J 186 -16.80 6.96 6.42
C GLY J 186 -15.74 7.33 7.44
N PHE J 187 -15.39 6.37 8.29
CA PHE J 187 -14.36 6.59 9.29
C PHE J 187 -12.99 6.20 8.75
N VAL J 188 -12.13 7.20 8.56
CA VAL J 188 -10.81 6.98 7.97
C VAL J 188 -9.70 7.34 8.94
N HIS J 189 -8.65 6.52 8.98
CA HIS J 189 -7.52 6.75 9.86
C HIS J 189 -6.68 7.96 9.44
N THR J 190 -7.03 9.12 9.98
CA THR J 190 -6.25 10.34 9.77
C THR J 190 -6.04 11.07 11.10
N ASP J 191 -5.61 12.32 11.01
CA ASP J 191 -5.43 13.15 12.20
C ASP J 191 -6.78 13.64 12.71
N MET J 192 -7.82 13.43 11.89
CA MET J 192 -9.17 13.85 12.23
C MET J 192 -9.88 12.84 13.13
N THR J 193 -9.65 11.56 12.86
CA THR J 193 -10.23 10.49 13.67
C THR J 193 -9.19 9.91 14.62
N LYS J 194 -8.55 10.78 15.40
CA LYS J 194 -7.50 10.35 16.32
C LYS J 194 -8.09 9.80 17.62
N ASP J 195 -9.02 10.55 18.20
CA ASP J 195 -9.63 10.15 19.47
C ASP J 195 -11.06 9.66 19.30
N LEU J 196 -11.24 8.64 18.46
CA LEU J 196 -12.56 8.05 18.24
C LEU J 196 -12.56 6.57 18.62
N LYS J 197 -13.62 6.15 19.29
CA LYS J 197 -13.72 4.78 19.79
C LYS J 197 -13.85 3.76 18.67
N GLU J 198 -12.71 3.39 18.08
CA GLU J 198 -12.70 2.43 16.98
C GLU J 198 -13.18 1.06 17.44
N GLU J 199 -13.10 0.80 18.74
CA GLU J 199 -13.54 -0.48 19.29
C GLU J 199 -15.06 -0.58 19.34
N HIS J 200 -15.70 0.33 20.06
CA HIS J 200 -17.15 0.30 20.25
C HIS J 200 -17.91 0.58 18.96
N LEU J 201 -17.27 1.29 18.03
CA LEU J 201 -17.90 1.66 16.77
C LEU J 201 -17.89 0.54 15.74
N LYS J 202 -16.70 -0.01 15.50
CA LYS J 202 -16.49 -0.98 14.42
C LYS J 202 -17.21 -2.30 14.65
N LYS J 203 -17.77 -2.49 15.83
CA LYS J 203 -18.55 -3.69 16.13
C LYS J 203 -19.82 -3.70 15.29
N ASN J 204 -20.25 -2.51 14.87
CA ASN J 204 -21.44 -2.38 14.03
C ASN J 204 -21.10 -2.43 12.55
N ILE J 205 -20.06 -1.68 12.16
CA ILE J 205 -19.62 -1.58 10.77
C ILE J 205 -19.44 -2.95 10.11
N PRO J 206 -20.10 -3.16 8.96
CA PRO J 206 -20.11 -4.42 8.21
C PRO J 206 -18.73 -4.99 7.94
N LEU J 207 -17.77 -4.14 7.57
CA LEU J 207 -16.41 -4.60 7.31
C LEU J 207 -15.60 -4.70 8.59
N GLY J 208 -16.19 -4.25 9.70
CA GLY J 208 -15.58 -4.40 11.01
C GLY J 208 -14.31 -3.62 11.25
N ARG J 209 -14.04 -2.62 10.41
CA ARG J 209 -12.83 -1.83 10.53
C ARG J 209 -13.00 -0.43 9.97
N PHE J 210 -12.02 0.43 10.22
CA PHE J 210 -11.98 1.75 9.62
C PHE J 210 -11.27 1.66 8.27
N GLY J 211 -11.47 2.66 7.43
CA GLY J 211 -10.83 2.70 6.14
C GLY J 211 -9.49 3.42 6.19
N GLU J 212 -8.58 3.05 5.30
CA GLU J 212 -7.30 3.73 5.22
C GLU J 212 -7.38 4.83 4.16
N THR J 213 -6.42 5.75 4.18
CA THR J 213 -6.44 6.91 3.31
C THR J 213 -6.35 6.53 1.83
N ILE J 214 -5.69 5.42 1.53
CA ILE J 214 -5.51 5.00 0.15
C ILE J 214 -6.80 4.39 -0.43
N GLU J 215 -7.65 3.88 0.45
CA GLU J 215 -8.92 3.31 0.02
C GLU J 215 -9.89 4.40 -0.42
N VAL J 216 -9.80 5.56 0.22
CA VAL J 216 -10.57 6.72 -0.17
C VAL J 216 -9.93 7.36 -1.40
N ALA J 217 -8.60 7.33 -1.44
CA ALA J 217 -7.84 7.91 -2.54
C ALA J 217 -8.18 7.23 -3.86
N HIS J 218 -8.28 5.90 -3.83
CA HIS J 218 -8.63 5.14 -5.03
C HIS J 218 -10.02 5.51 -5.53
N ALA J 219 -10.92 5.81 -4.62
CA ALA J 219 -12.28 6.22 -4.98
C ALA J 219 -12.26 7.58 -5.68
N VAL J 220 -11.43 8.48 -5.17
CA VAL J 220 -11.25 9.80 -5.77
C VAL J 220 -10.74 9.66 -7.20
N VAL J 221 -9.69 8.87 -7.37
CA VAL J 221 -9.11 8.64 -8.68
C VAL J 221 -10.12 8.00 -9.63
N PHE J 222 -10.92 7.08 -9.10
CA PHE J 222 -11.95 6.41 -9.88
C PHE J 222 -12.96 7.40 -10.47
N LEU J 223 -13.49 8.28 -9.63
CA LEU J 223 -14.45 9.28 -10.08
C LEU J 223 -13.83 10.24 -11.09
N LEU J 224 -12.54 10.54 -10.90
CA LEU J 224 -11.83 11.42 -11.82
C LEU J 224 -11.62 10.77 -13.18
N GLU J 225 -11.65 9.44 -13.21
CA GLU J 225 -11.39 8.70 -14.43
C GLU J 225 -12.62 8.01 -14.99
N SER J 226 -13.78 8.26 -14.37
CA SER J 226 -15.04 7.69 -14.84
C SER J 226 -15.76 8.69 -15.75
N PRO J 227 -15.69 8.46 -17.07
CA PRO J 227 -16.11 9.44 -18.08
C PRO J 227 -17.62 9.67 -18.14
N TYR J 228 -18.41 8.77 -17.58
CA TYR J 228 -19.87 8.91 -17.62
C TYR J 228 -20.46 9.00 -16.23
N ILE J 229 -19.73 9.62 -15.32
CA ILE J 229 -20.19 9.82 -13.95
C ILE J 229 -20.01 11.26 -13.51
N THR J 230 -21.13 11.97 -13.33
CA THR J 230 -21.09 13.33 -12.81
C THR J 230 -22.26 13.56 -11.85
N GLY J 231 -22.06 14.47 -10.90
CA GLY J 231 -23.08 14.77 -9.91
C GLY J 231 -23.39 13.59 -9.01
N HIS J 232 -22.41 12.71 -8.83
CA HIS J 232 -22.62 11.51 -8.04
C HIS J 232 -21.89 11.57 -6.70
N VAL J 233 -22.49 10.97 -5.68
CA VAL J 233 -21.88 10.88 -4.36
C VAL J 233 -21.43 9.44 -4.10
N LEU J 234 -20.14 9.19 -4.24
CA LEU J 234 -19.59 7.86 -4.01
C LEU J 234 -19.34 7.63 -2.53
N VAL J 235 -19.92 6.57 -1.98
CA VAL J 235 -19.82 6.30 -0.56
C VAL J 235 -18.75 5.25 -0.25
N VAL J 236 -17.76 5.63 0.56
CA VAL J 236 -16.70 4.72 0.96
C VAL J 236 -16.64 4.62 2.48
N ASP J 237 -17.54 3.84 3.06
CA ASP J 237 -17.67 3.77 4.51
C ASP J 237 -17.65 2.34 5.03
N GLY J 238 -17.51 1.38 4.13
CA GLY J 238 -17.49 -0.02 4.52
C GLY J 238 -18.86 -0.52 4.94
N GLY J 239 -19.90 0.18 4.49
CA GLY J 239 -21.27 -0.21 4.79
C GLY J 239 -21.84 0.47 6.03
N LEU J 240 -21.20 1.55 6.44
CA LEU J 240 -21.62 2.28 7.64
C LEU J 240 -22.98 2.96 7.45
N GLN J 241 -23.26 3.38 6.23
CA GLN J 241 -24.49 4.13 5.93
C GLN J 241 -25.75 3.31 6.12
N LEU J 242 -25.60 2.00 6.23
CA LEU J 242 -26.73 1.10 6.43
C LEU J 242 -27.11 0.99 7.90
N ILE J 243 -26.35 1.69 8.74
CA ILE J 243 -26.52 1.63 10.19
C ILE J 243 -26.62 3.05 10.77
N LEU J 244 -26.00 3.99 10.09
CA LEU J 244 -25.93 5.37 10.56
C LEU J 244 -27.30 6.03 10.62
N MET K 8 -46.39 24.30 27.71
CA MET K 8 -46.49 23.42 26.55
C MET K 8 -47.61 23.86 25.62
N ASP K 9 -47.83 25.17 25.55
CA ASP K 9 -48.90 25.72 24.72
C ASP K 9 -48.53 25.69 23.24
N LYS K 10 -49.29 26.41 22.43
CA LYS K 10 -49.08 26.43 20.98
C LYS K 10 -48.55 27.78 20.51
N VAL K 11 -47.26 28.00 20.71
CA VAL K 11 -46.60 29.23 20.27
C VAL K 11 -45.50 28.90 19.27
N CYS K 12 -45.59 29.46 18.07
CA CYS K 12 -44.62 29.18 17.03
C CYS K 12 -43.88 30.42 16.55
N ALA K 13 -42.58 30.27 16.33
CA ALA K 13 -41.76 31.32 15.76
C ALA K 13 -41.45 31.02 14.29
N VAL K 14 -41.91 31.90 13.41
CA VAL K 14 -41.68 31.71 11.98
C VAL K 14 -40.75 32.81 11.44
N PHE K 15 -39.49 32.46 11.22
CA PHE K 15 -38.55 33.39 10.63
C PHE K 15 -38.76 33.46 9.13
N GLY K 16 -38.80 34.68 8.59
CA GLY K 16 -39.12 34.87 7.20
C GLY K 16 -40.59 34.63 6.94
N GLY K 17 -41.42 35.02 7.91
CA GLY K 17 -42.85 34.81 7.84
C GLY K 17 -43.61 36.00 7.31
N SER K 18 -42.91 36.92 6.66
CA SER K 18 -43.53 38.12 6.12
C SER K 18 -43.92 37.92 4.66
N ARG K 19 -43.25 36.99 3.99
CA ARG K 19 -43.50 36.74 2.57
C ARG K 19 -43.31 35.27 2.21
N GLY K 20 -44.03 34.84 1.17
CA GLY K 20 -43.87 33.51 0.61
C GLY K 20 -44.33 32.38 1.51
N ILE K 21 -43.49 31.35 1.60
CA ILE K 21 -43.80 30.14 2.36
C ILE K 21 -44.01 30.45 3.85
N GLY K 22 -43.07 31.19 4.43
CA GLY K 22 -43.14 31.55 5.83
C GLY K 22 -44.39 32.33 6.17
N ARG K 23 -44.87 33.11 5.22
CA ARG K 23 -46.10 33.88 5.41
C ARG K 23 -47.31 32.95 5.34
N ALA K 24 -47.22 31.95 4.48
CA ALA K 24 -48.29 30.96 4.34
C ALA K 24 -48.30 30.03 5.54
N VAL K 25 -47.12 29.76 6.10
CA VAL K 25 -47.01 28.95 7.31
C VAL K 25 -47.69 29.66 8.48
N ALA K 26 -47.37 30.94 8.66
CA ALA K 26 -47.94 31.74 9.73
C ALA K 26 -49.46 31.87 9.58
N GLN K 27 -49.92 32.04 8.35
CA GLN K 27 -51.34 32.17 8.07
C GLN K 27 -52.11 30.91 8.44
N LEU K 28 -51.54 29.76 8.10
CA LEU K 28 -52.20 28.48 8.34
C LEU K 28 -52.23 28.11 9.82
N MET K 29 -51.14 28.40 10.52
CA MET K 29 -51.04 28.08 11.94
C MET K 29 -51.88 29.02 12.79
N ALA K 30 -52.18 30.19 12.24
CA ALA K 30 -53.06 31.14 12.92
C ALA K 30 -54.49 30.64 12.89
N ARG K 31 -54.85 29.98 11.79
CA ARG K 31 -56.18 29.40 11.65
C ARG K 31 -56.34 28.17 12.53
N LYS K 32 -55.22 27.53 12.85
CA LYS K 32 -55.23 26.32 13.65
C LYS K 32 -55.17 26.62 15.15
N GLY K 33 -54.90 27.88 15.49
CA GLY K 33 -54.93 28.33 16.86
C GLY K 33 -53.58 28.52 17.52
N TYR K 34 -52.52 28.55 16.71
CA TYR K 34 -51.19 28.79 17.23
C TYR K 34 -50.95 30.29 17.47
N ARG K 35 -50.10 30.60 18.43
CA ARG K 35 -49.69 31.98 18.67
C ARG K 35 -48.38 32.25 17.92
N LEU K 36 -48.49 32.98 16.80
CA LEU K 36 -47.37 33.14 15.89
C LEU K 36 -46.54 34.39 16.18
N ALA K 37 -45.29 34.34 15.71
CA ALA K 37 -44.41 35.50 15.72
C ALA K 37 -43.78 35.64 14.34
N VAL K 38 -44.09 36.73 13.66
CA VAL K 38 -43.57 36.96 12.31
C VAL K 38 -42.25 37.72 12.37
N ILE K 39 -41.17 37.03 12.03
CA ILE K 39 -39.84 37.62 12.12
C ILE K 39 -39.17 37.79 10.75
N ALA K 40 -38.65 38.98 10.50
CA ALA K 40 -37.92 39.28 9.28
C ALA K 40 -37.00 40.47 9.52
N ARG K 41 -36.31 40.93 8.48
CA ARG K 41 -35.47 42.11 8.60
C ARG K 41 -36.34 43.36 8.50
N ASN K 42 -37.07 43.49 7.40
CA ASN K 42 -38.00 44.60 7.21
C ASN K 42 -39.18 44.47 8.18
N LEU K 43 -39.17 45.26 9.23
CA LEU K 43 -40.20 45.20 10.26
C LEU K 43 -41.57 45.58 9.72
N GLU K 44 -41.58 46.48 8.74
CA GLU K 44 -42.83 46.92 8.12
C GLU K 44 -43.56 45.77 7.44
N GLY K 45 -42.79 44.84 6.89
CA GLY K 45 -43.36 43.67 6.26
C GLY K 45 -43.85 42.66 7.27
N ALA K 46 -43.13 42.56 8.38
CA ALA K 46 -43.50 41.63 9.46
C ALA K 46 -44.78 42.07 10.15
N LYS K 47 -44.94 43.38 10.32
CA LYS K 47 -46.13 43.92 10.95
C LYS K 47 -47.36 43.72 10.07
N ALA K 48 -47.18 43.94 8.77
CA ALA K 48 -48.26 43.76 7.80
C ALA K 48 -48.68 42.30 7.73
N ALA K 49 -47.71 41.40 7.85
CA ALA K 49 -47.98 39.97 7.83
C ALA K 49 -48.71 39.53 9.09
N ALA K 50 -48.24 40.00 10.24
CA ALA K 50 -48.84 39.65 11.52
C ALA K 50 -50.12 40.44 11.78
N GLY K 51 -50.43 41.38 10.88
CA GLY K 51 -51.62 42.18 11.01
C GLY K 51 -52.85 41.49 10.44
N ASP K 52 -52.67 40.83 9.31
CA ASP K 52 -53.78 40.13 8.66
C ASP K 52 -53.88 38.69 9.17
N LEU K 53 -52.95 38.33 10.06
CA LEU K 53 -52.91 37.00 10.65
C LEU K 53 -53.93 36.81 11.78
N GLY K 54 -54.86 37.75 11.91
CA GLY K 54 -55.81 37.75 13.01
C GLY K 54 -55.39 38.73 14.08
N GLY K 55 -55.51 38.30 15.34
CA GLY K 55 -55.09 39.09 16.48
C GLY K 55 -54.10 38.38 17.39
N ASP K 56 -53.59 39.11 18.38
CA ASP K 56 -52.66 38.60 19.39
C ASP K 56 -51.28 38.16 18.84
N HIS K 57 -51.12 38.18 17.51
CA HIS K 57 -49.83 37.81 16.91
C HIS K 57 -48.86 38.99 16.82
N LEU K 58 -47.63 38.74 17.24
CA LEU K 58 -46.60 39.77 17.32
C LEU K 58 -45.64 39.71 16.14
N ALA K 59 -44.96 40.82 15.89
CA ALA K 59 -43.98 40.90 14.81
C ALA K 59 -42.65 41.44 15.32
N PHE K 60 -41.55 40.87 14.84
CA PHE K 60 -40.23 41.27 15.31
C PHE K 60 -39.27 41.49 14.14
N SER K 61 -38.25 42.31 14.36
CA SER K 61 -37.24 42.59 13.35
C SER K 61 -35.93 41.91 13.70
N CYS K 62 -35.37 41.16 12.74
CA CYS K 62 -34.15 40.40 12.98
C CYS K 62 -33.44 39.97 11.70
N ASP K 63 -32.13 40.14 11.68
CA ASP K 63 -31.30 39.58 10.62
C ASP K 63 -30.67 38.29 11.13
N VAL K 64 -31.17 37.15 10.64
CA VAL K 64 -30.76 35.85 11.15
C VAL K 64 -29.29 35.54 10.85
N ALA K 65 -28.68 36.34 9.97
CA ALA K 65 -27.27 36.16 9.63
C ALA K 65 -26.37 36.74 10.70
N LYS K 66 -26.96 37.36 11.71
CA LYS K 66 -26.20 37.96 12.80
C LYS K 66 -26.36 37.16 14.09
N GLU K 67 -25.21 36.83 14.70
CA GLU K 67 -25.16 36.03 15.92
C GLU K 67 -26.00 36.60 17.07
N HIS K 68 -25.91 37.91 17.29
CA HIS K 68 -26.55 38.53 18.44
C HIS K 68 -27.90 39.15 18.10
N ASP K 69 -28.15 39.41 16.82
CA ASP K 69 -29.43 39.95 16.38
C ASP K 69 -30.53 38.91 16.64
N VAL K 70 -30.20 37.65 16.38
CA VAL K 70 -31.12 36.56 16.64
C VAL K 70 -31.22 36.27 18.13
N GLN K 71 -30.13 36.53 18.85
CA GLN K 71 -30.10 36.32 20.30
C GLN K 71 -31.10 37.19 21.03
N ASN K 72 -31.01 38.50 20.79
CA ASN K 72 -31.91 39.46 21.42
C ASN K 72 -33.34 39.34 20.91
N THR K 73 -33.48 38.80 19.70
CA THR K 73 -34.81 38.57 19.13
C THR K 73 -35.51 37.44 19.88
N PHE K 74 -34.74 36.45 20.31
CA PHE K 74 -35.28 35.33 21.05
C PHE K 74 -35.65 35.72 22.48
N GLU K 75 -34.90 36.66 23.05
CA GLU K 75 -35.18 37.12 24.40
C GLU K 75 -36.40 38.02 24.39
N GLU K 76 -36.72 38.59 23.23
CA GLU K 76 -37.94 39.36 23.05
C GLU K 76 -39.11 38.42 22.85
N LEU K 77 -38.86 37.30 22.16
CA LEU K 77 -39.84 36.24 21.99
C LEU K 77 -40.26 35.67 23.33
N GLU K 78 -39.27 35.26 24.12
CA GLU K 78 -39.48 34.70 25.44
C GLU K 78 -40.20 35.68 26.36
N LYS K 79 -39.98 36.97 26.13
CA LYS K 79 -40.51 38.01 26.99
C LYS K 79 -41.95 38.38 26.67
N HIS K 80 -42.32 38.26 25.40
CA HIS K 80 -43.64 38.69 24.95
C HIS K 80 -44.58 37.52 24.66
N LEU K 81 -44.03 36.43 24.11
CA LEU K 81 -44.82 35.25 23.82
C LEU K 81 -44.60 34.13 24.84
N GLY K 82 -43.38 34.06 25.38
CA GLY K 82 -43.04 33.02 26.32
C GLY K 82 -42.20 31.94 25.65
N ARG K 83 -42.35 30.71 26.13
CA ARG K 83 -41.61 29.58 25.57
C ARG K 83 -42.03 29.30 24.14
N VAL K 84 -41.05 29.21 23.25
CA VAL K 84 -41.31 28.91 21.84
C VAL K 84 -41.28 27.40 21.61
N ASN K 85 -42.45 26.82 21.36
CA ASN K 85 -42.56 25.38 21.17
C ASN K 85 -42.24 24.95 19.74
N PHE K 86 -42.51 25.83 18.78
CA PHE K 86 -42.31 25.50 17.37
C PHE K 86 -41.43 26.53 16.66
N LEU K 87 -40.43 26.04 15.93
CA LEU K 87 -39.53 26.90 15.18
C LEU K 87 -39.67 26.63 13.69
N VAL K 88 -39.88 27.68 12.90
CA VAL K 88 -39.96 27.54 11.46
C VAL K 88 -38.94 28.45 10.77
N ASN K 89 -37.90 27.85 10.21
CA ASN K 89 -36.85 28.59 9.51
C ASN K 89 -37.14 28.71 8.03
N ALA K 90 -37.88 29.75 7.66
CA ALA K 90 -38.26 29.95 6.26
C ALA K 90 -37.61 31.23 5.70
N ALA K 91 -36.65 31.78 6.44
CA ALA K 91 -35.93 32.95 5.98
C ALA K 91 -34.82 32.54 5.02
N GLY K 92 -34.82 33.14 3.83
CA GLY K 92 -33.82 32.82 2.83
C GLY K 92 -33.79 33.80 1.67
N ILE K 93 -32.67 33.81 0.95
CA ILE K 93 -32.50 34.68 -0.19
C ILE K 93 -32.01 33.87 -1.40
N ASN K 94 -32.25 34.39 -2.59
CA ASN K 94 -31.84 33.70 -3.81
C ASN K 94 -31.52 34.64 -4.96
N ARG K 95 -30.31 34.51 -5.49
CA ARG K 95 -29.90 35.24 -6.69
C ARG K 95 -29.22 34.29 -7.66
N ASP K 96 -29.96 33.91 -8.70
CA ASP K 96 -29.44 32.97 -9.69
C ASP K 96 -28.25 33.55 -10.45
N GLY K 97 -27.33 32.68 -10.84
CA GLY K 97 -26.15 33.10 -11.56
C GLY K 97 -25.10 32.01 -11.64
N LEU K 98 -24.29 32.04 -12.69
CA LEU K 98 -23.23 31.07 -12.87
C LEU K 98 -22.16 31.25 -11.80
N LEU K 99 -21.51 30.15 -11.43
CA LEU K 99 -20.47 30.18 -10.41
C LEU K 99 -19.31 31.08 -10.84
N VAL K 100 -19.05 31.12 -12.14
CA VAL K 100 -18.00 31.97 -12.69
C VAL K 100 -18.39 33.45 -12.56
N ARG K 101 -19.69 33.73 -12.68
CA ARG K 101 -20.17 35.10 -12.58
C ARG K 101 -20.81 35.38 -11.23
N THR K 102 -20.26 34.78 -10.18
CA THR K 102 -20.77 35.00 -8.83
C THR K 102 -19.64 35.39 -7.87
N LYS K 103 -19.65 36.65 -7.46
CA LYS K 103 -18.62 37.17 -6.56
C LYS K 103 -18.81 36.61 -5.14
N THR K 104 -17.69 36.55 -4.40
CA THR K 104 -17.66 35.93 -3.08
C THR K 104 -18.66 36.55 -2.11
N GLU K 105 -18.88 37.85 -2.24
CA GLU K 105 -19.81 38.57 -1.37
C GLU K 105 -21.19 37.96 -1.39
N ASP K 106 -21.67 37.61 -2.58
CA ASP K 106 -22.98 36.96 -2.72
C ASP K 106 -22.94 35.53 -2.22
N MET K 107 -21.79 34.88 -2.40
CA MET K 107 -21.62 33.50 -1.95
C MET K 107 -21.68 33.42 -0.42
N VAL K 108 -21.00 34.34 0.24
CA VAL K 108 -21.01 34.40 1.70
C VAL K 108 -22.38 34.84 2.20
N SER K 109 -23.02 35.73 1.43
CA SER K 109 -24.31 36.29 1.81
C SER K 109 -25.40 35.22 1.94
N GLN K 110 -25.53 34.38 0.93
CA GLN K 110 -26.55 33.33 0.93
C GLN K 110 -26.24 32.27 1.97
N LEU K 111 -24.95 32.00 2.17
CA LEU K 111 -24.52 30.99 3.15
C LEU K 111 -24.91 31.37 4.56
N HIS K 112 -24.70 32.62 4.93
CA HIS K 112 -24.98 33.09 6.29
C HIS K 112 -26.47 33.26 6.54
N THR K 113 -27.23 33.47 5.46
CA THR K 113 -28.66 33.67 5.57
C THR K 113 -29.44 32.36 5.51
N ASN K 114 -29.16 31.56 4.49
CA ASN K 114 -29.92 30.35 4.24
C ASN K 114 -29.44 29.15 5.06
N LEU K 115 -28.18 29.18 5.48
CA LEU K 115 -27.59 28.05 6.21
C LEU K 115 -27.22 28.43 7.64
N LEU K 116 -26.24 29.32 7.78
CA LEU K 116 -25.78 29.76 9.10
C LEU K 116 -26.91 30.38 9.91
N GLY K 117 -27.79 31.11 9.23
CA GLY K 117 -28.91 31.76 9.87
C GLY K 117 -29.83 30.77 10.56
N SER K 118 -30.09 29.64 9.89
CA SER K 118 -30.93 28.60 10.46
C SER K 118 -30.24 27.89 11.62
N MET K 119 -28.91 27.84 11.57
CA MET K 119 -28.14 27.21 12.63
C MET K 119 -28.18 28.05 13.90
N LEU K 120 -28.17 29.37 13.73
CA LEU K 120 -28.23 30.30 14.85
C LEU K 120 -29.59 30.26 15.54
N THR K 121 -30.65 30.22 14.73
CA THR K 121 -32.01 30.21 15.26
C THR K 121 -32.32 28.90 15.98
N CYS K 122 -31.88 27.79 15.39
CA CYS K 122 -32.10 26.48 16.00
C CYS K 122 -31.30 26.32 17.28
N LYS K 123 -30.17 27.05 17.37
CA LYS K 123 -29.34 27.02 18.56
C LYS K 123 -29.96 27.80 19.71
N ALA K 124 -30.54 28.94 19.38
CA ALA K 124 -31.14 29.81 20.40
C ALA K 124 -32.45 29.22 20.93
N ALA K 125 -33.07 28.35 20.15
CA ALA K 125 -34.33 27.73 20.55
C ALA K 125 -34.09 26.49 21.42
N MET K 126 -32.82 26.12 21.58
CA MET K 126 -32.46 24.88 22.28
C MET K 126 -32.74 24.93 23.79
N ARG K 127 -32.05 25.82 24.49
CA ARG K 127 -32.10 25.88 25.96
C ARG K 127 -33.53 26.04 26.50
N THR K 128 -34.41 26.63 25.72
CA THR K 128 -35.82 26.71 26.10
C THR K 128 -36.50 25.37 25.89
N MET K 129 -36.37 24.83 24.68
CA MET K 129 -36.94 23.54 24.34
C MET K 129 -36.31 22.40 25.13
N ILE K 130 -35.04 22.55 25.49
CA ILE K 130 -34.34 21.53 26.25
C ILE K 130 -34.85 21.45 27.68
N GLN K 131 -35.00 22.61 28.31
CA GLN K 131 -35.47 22.68 29.69
C GLN K 131 -36.91 22.22 29.83
N GLN K 132 -37.70 22.41 28.77
CA GLN K 132 -39.10 21.99 28.77
C GLN K 132 -39.25 20.55 28.26
N GLN K 133 -38.14 19.98 27.79
CA GLN K 133 -38.11 18.62 27.25
C GLN K 133 -39.16 18.42 26.16
N GLY K 134 -39.27 19.40 25.28
CA GLY K 134 -40.26 19.35 24.20
C GLY K 134 -40.11 20.50 23.24
N GLY K 135 -40.13 20.18 21.94
CA GLY K 135 -39.98 21.19 20.91
C GLY K 135 -39.99 20.56 19.52
N SER K 136 -40.41 21.34 18.52
CA SER K 136 -40.45 20.86 17.15
C SER K 136 -39.94 21.92 16.18
N ILE K 137 -39.01 21.51 15.31
CA ILE K 137 -38.38 22.44 14.38
C ILE K 137 -38.53 21.97 12.93
N VAL K 138 -38.86 22.91 12.04
CA VAL K 138 -38.91 22.62 10.61
C VAL K 138 -38.11 23.65 9.82
N ASN K 139 -37.08 23.17 9.12
CA ASN K 139 -36.25 24.05 8.29
C ASN K 139 -36.64 23.95 6.82
N VAL K 140 -37.13 25.05 6.26
CA VAL K 140 -37.56 25.08 4.87
C VAL K 140 -36.36 25.10 3.92
N GLY K 141 -36.19 24.00 3.18
CA GLY K 141 -35.09 23.89 2.23
C GLY K 141 -35.59 23.95 0.79
N SER K 142 -35.05 23.07 -0.05
CA SER K 142 -35.48 23.01 -1.44
C SER K 142 -35.05 21.69 -2.08
N ILE K 143 -35.69 21.36 -3.20
CA ILE K 143 -35.35 20.15 -3.94
C ILE K 143 -33.99 20.28 -4.62
N VAL K 144 -33.62 21.51 -4.95
CA VAL K 144 -32.33 21.78 -5.59
C VAL K 144 -31.19 21.71 -4.58
N GLY K 145 -31.54 21.69 -3.29
CA GLY K 145 -30.55 21.53 -2.25
C GLY K 145 -30.00 20.12 -2.24
N LEU K 146 -30.77 19.17 -2.77
CA LEU K 146 -30.37 17.79 -2.82
C LEU K 146 -29.98 17.33 -4.22
N LYS K 147 -30.77 17.69 -5.22
CA LYS K 147 -30.53 17.22 -6.58
C LYS K 147 -29.76 18.24 -7.41
N GLY K 148 -29.67 19.48 -6.92
CA GLY K 148 -28.94 20.52 -7.61
C GLY K 148 -29.68 21.08 -8.82
N ASN K 149 -29.32 22.28 -9.22
CA ASN K 149 -29.92 22.92 -10.39
C ASN K 149 -28.96 23.93 -11.02
N SER K 150 -28.93 23.98 -12.34
CA SER K 150 -28.03 24.87 -13.06
C SER K 150 -28.36 26.33 -12.77
N GLY K 151 -27.32 27.12 -12.51
CA GLY K 151 -27.48 28.53 -12.22
C GLY K 151 -27.92 28.78 -10.79
N GLN K 152 -27.91 27.73 -9.97
CA GLN K 152 -28.32 27.85 -8.58
C GLN K 152 -27.37 27.09 -7.65
N SER K 153 -26.08 27.15 -7.95
CA SER K 153 -25.08 26.42 -7.18
C SER K 153 -24.99 26.91 -5.74
N VAL K 154 -24.86 28.21 -5.57
CA VAL K 154 -24.75 28.81 -4.24
C VAL K 154 -26.00 28.54 -3.41
N TYR K 155 -27.16 28.69 -4.04
CA TYR K 155 -28.43 28.42 -3.38
C TYR K 155 -28.55 26.95 -3.01
N SER K 156 -28.04 26.08 -3.88
CA SER K 156 -28.09 24.64 -3.64
C SER K 156 -27.23 24.24 -2.45
N ALA K 157 -26.04 24.82 -2.36
CA ALA K 157 -25.14 24.54 -1.24
C ALA K 157 -25.77 24.98 0.07
N SER K 158 -26.31 26.20 0.08
CA SER K 158 -26.93 26.75 1.28
C SER K 158 -28.18 25.95 1.69
N LYS K 159 -28.89 25.43 0.69
CA LYS K 159 -30.12 24.68 0.95
C LYS K 159 -29.84 23.19 1.11
N GLY K 160 -28.63 22.77 0.77
CA GLY K 160 -28.24 21.38 0.94
C GLY K 160 -27.55 21.18 2.29
N GLY K 161 -27.02 22.28 2.82
CA GLY K 161 -26.29 22.24 4.07
C GLY K 161 -27.17 21.95 5.28
N LEU K 162 -28.32 22.61 5.36
CA LEU K 162 -29.18 22.47 6.52
C LEU K 162 -30.02 21.20 6.46
N VAL K 163 -29.71 20.33 5.51
CA VAL K 163 -30.29 18.99 5.47
C VAL K 163 -29.47 18.08 6.38
N GLY K 164 -28.15 18.14 6.24
CA GLY K 164 -27.26 17.39 7.10
C GLY K 164 -27.23 17.98 8.49
N PHE K 165 -27.40 19.29 8.57
CA PHE K 165 -27.46 19.99 9.85
C PHE K 165 -28.67 19.57 10.67
N SER K 166 -29.84 19.63 10.04
CA SER K 166 -31.09 19.28 10.70
C SER K 166 -31.06 17.84 11.19
N ARG K 167 -30.47 16.97 10.39
CA ARG K 167 -30.37 15.57 10.76
C ARG K 167 -29.36 15.39 11.90
N ALA K 168 -28.21 16.05 11.80
CA ALA K 168 -27.21 16.00 12.85
C ALA K 168 -27.77 16.48 14.19
N LEU K 169 -28.59 17.52 14.12
CA LEU K 169 -29.25 18.07 15.31
C LEU K 169 -30.32 17.11 15.81
N ALA K 170 -30.94 16.37 14.89
CA ALA K 170 -32.00 15.44 15.23
C ALA K 170 -31.50 14.29 16.10
N LYS K 171 -30.41 13.65 15.70
CA LYS K 171 -29.86 12.52 16.45
C LYS K 171 -29.27 12.98 17.78
N GLU K 172 -29.04 14.29 17.89
CA GLU K 172 -28.42 14.87 19.07
C GLU K 172 -29.45 15.25 20.13
N VAL K 173 -30.66 15.60 19.67
CA VAL K 173 -31.66 16.18 20.57
C VAL K 173 -32.94 15.34 20.64
N ALA K 174 -32.94 14.20 19.95
CA ALA K 174 -34.12 13.34 19.93
C ALA K 174 -34.43 12.75 21.31
N ARG K 175 -33.38 12.50 22.09
CA ARG K 175 -33.56 11.97 23.45
C ARG K 175 -34.16 13.02 24.38
N LYS K 176 -34.16 14.27 23.92
CA LYS K 176 -34.74 15.36 24.71
C LYS K 176 -36.14 15.71 24.19
N LYS K 177 -36.76 14.75 23.51
CA LYS K 177 -38.10 14.88 22.96
C LYS K 177 -38.23 16.08 22.03
N ILE K 178 -37.19 16.35 21.26
CA ILE K 178 -37.20 17.46 20.30
C ILE K 178 -36.94 16.95 18.89
N ARG K 179 -37.83 17.32 17.97
CA ARG K 179 -37.74 16.83 16.60
C ARG K 179 -37.38 17.94 15.63
N VAL K 180 -36.48 17.64 14.69
CA VAL K 180 -36.10 18.59 13.65
C VAL K 180 -36.30 17.96 12.28
N ASN K 181 -37.07 18.63 11.43
CA ASN K 181 -37.34 18.13 10.08
C ASN K 181 -37.11 19.18 9.01
N VAL K 182 -37.14 18.73 7.75
CA VAL K 182 -36.91 19.63 6.63
C VAL K 182 -38.00 19.48 5.57
N VAL K 183 -38.59 20.60 5.18
CA VAL K 183 -39.49 20.62 4.03
C VAL K 183 -38.70 21.01 2.78
N ALA K 184 -38.78 20.18 1.75
CA ALA K 184 -38.05 20.43 0.51
C ALA K 184 -39.01 20.68 -0.65
N PRO K 185 -39.50 21.92 -0.78
CA PRO K 185 -40.44 22.25 -1.84
C PRO K 185 -39.78 22.31 -3.22
N GLY K 186 -40.57 22.14 -4.27
CA GLY K 186 -40.07 22.26 -5.63
C GLY K 186 -40.34 23.64 -6.18
N PHE K 187 -40.98 23.70 -7.33
CA PHE K 187 -41.33 24.97 -7.95
C PHE K 187 -42.64 25.50 -7.37
N VAL K 188 -42.52 26.55 -6.55
CA VAL K 188 -43.68 27.14 -5.90
C VAL K 188 -44.05 28.45 -6.58
N HIS K 189 -45.35 28.67 -6.78
CA HIS K 189 -45.84 29.87 -7.46
C HIS K 189 -45.87 31.08 -6.53
N THR K 190 -44.99 32.04 -6.79
CA THR K 190 -44.96 33.29 -6.06
C THR K 190 -44.19 34.36 -6.81
N LYS K 197 -42.41 31.31 -18.46
CA LYS K 197 -41.23 30.77 -17.80
C LYS K 197 -41.44 29.31 -17.41
N GLU K 198 -42.59 29.03 -16.80
CA GLU K 198 -42.91 27.69 -16.35
C GLU K 198 -43.47 26.81 -17.47
N GLU K 199 -43.78 27.43 -18.60
CA GLU K 199 -44.44 26.75 -19.72
C GLU K 199 -43.69 25.50 -20.16
N HIS K 200 -42.39 25.64 -20.43
CA HIS K 200 -41.57 24.52 -20.84
C HIS K 200 -40.96 23.81 -19.63
N LEU K 201 -41.64 23.90 -18.49
CA LEU K 201 -41.16 23.28 -17.26
C LEU K 201 -42.30 22.67 -16.45
N LYS K 202 -43.45 23.33 -16.45
CA LYS K 202 -44.60 22.84 -15.70
C LYS K 202 -45.21 21.61 -16.38
N LYS K 203 -44.95 21.49 -17.68
CA LYS K 203 -45.45 20.35 -18.45
C LYS K 203 -44.73 19.07 -18.03
N ASN K 204 -43.47 19.22 -17.63
CA ASN K 204 -42.67 18.09 -17.17
C ASN K 204 -43.21 17.49 -15.88
N ILE K 205 -43.47 18.37 -14.91
CA ILE K 205 -43.97 17.95 -13.60
C ILE K 205 -45.25 17.14 -13.71
N PRO K 206 -45.26 15.94 -13.08
CA PRO K 206 -46.39 15.01 -13.09
C PRO K 206 -47.74 15.65 -12.77
N LEU K 207 -47.76 16.61 -11.85
CA LEU K 207 -49.01 17.26 -11.48
C LEU K 207 -49.35 18.41 -12.44
N GLY K 208 -48.43 18.70 -13.34
CA GLY K 208 -48.66 19.65 -14.42
C GLY K 208 -48.86 21.08 -13.99
N ARG K 209 -48.30 21.46 -12.85
CA ARG K 209 -48.44 22.82 -12.34
C ARG K 209 -47.40 23.13 -11.28
N PHE K 210 -47.16 24.43 -11.07
CA PHE K 210 -46.32 24.87 -9.97
C PHE K 210 -47.11 24.81 -8.67
N GLY K 211 -46.40 24.60 -7.56
CA GLY K 211 -47.06 24.50 -6.27
C GLY K 211 -47.50 25.84 -5.72
N GLU K 212 -48.16 25.81 -4.57
CA GLU K 212 -48.56 27.03 -3.89
C GLU K 212 -47.93 27.09 -2.52
N THR K 213 -47.78 28.30 -1.98
CA THR K 213 -47.15 28.48 -0.68
C THR K 213 -47.95 27.84 0.44
N ILE K 214 -49.27 27.80 0.28
CA ILE K 214 -50.15 27.21 1.28
C ILE K 214 -50.04 25.69 1.26
N GLU K 215 -49.67 25.14 0.10
CA GLU K 215 -49.48 23.70 -0.05
C GLU K 215 -48.19 23.27 0.65
N VAL K 216 -47.17 24.13 0.56
CA VAL K 216 -45.92 23.89 1.25
C VAL K 216 -46.11 24.07 2.75
N ALA K 217 -46.97 25.02 3.11
CA ALA K 217 -47.24 25.33 4.51
C ALA K 217 -47.94 24.16 5.21
N HIS K 218 -48.83 23.48 4.50
CA HIS K 218 -49.54 22.33 5.05
C HIS K 218 -48.58 21.20 5.39
N ALA K 219 -47.50 21.09 4.62
CA ALA K 219 -46.47 20.09 4.88
C ALA K 219 -45.67 20.45 6.11
N VAL K 220 -45.38 21.74 6.26
CA VAL K 220 -44.63 22.25 7.41
C VAL K 220 -45.37 21.95 8.72
N VAL K 221 -46.65 22.31 8.75
CA VAL K 221 -47.48 22.11 9.94
C VAL K 221 -47.60 20.62 10.26
N PHE K 222 -47.66 19.79 9.22
CA PHE K 222 -47.74 18.35 9.37
C PHE K 222 -46.52 17.79 10.10
N LEU K 223 -45.33 18.23 9.68
CA LEU K 223 -44.08 17.76 10.29
C LEU K 223 -43.98 18.19 11.75
N LEU K 224 -44.58 19.33 12.08
CA LEU K 224 -44.54 19.86 13.43
C LEU K 224 -45.48 19.12 14.37
N GLU K 225 -46.48 18.45 13.80
CA GLU K 225 -47.51 17.79 14.61
C GLU K 225 -47.38 16.28 14.61
N SER K 226 -46.43 15.76 13.84
CA SER K 226 -46.22 14.32 13.77
C SER K 226 -45.22 13.86 14.84
N PRO K 227 -45.69 13.06 15.80
CA PRO K 227 -44.95 12.73 17.02
C PRO K 227 -43.75 11.79 16.82
N TYR K 228 -43.73 11.03 15.73
CA TYR K 228 -42.67 10.05 15.54
C TYR K 228 -41.84 10.34 14.29
N ILE K 229 -41.75 11.62 13.91
CA ILE K 229 -40.98 12.01 12.74
C ILE K 229 -39.90 13.04 13.08
N THR K 230 -38.65 12.65 12.86
CA THR K 230 -37.53 13.56 13.04
C THR K 230 -36.40 13.20 12.09
N GLY K 231 -35.62 14.21 11.70
CA GLY K 231 -34.52 14.01 10.76
C GLY K 231 -35.00 13.63 9.37
N HIS K 232 -36.27 13.92 9.08
CA HIS K 232 -36.87 13.55 7.81
C HIS K 232 -36.95 14.74 6.85
N VAL K 233 -36.72 14.48 5.58
CA VAL K 233 -36.83 15.50 4.55
C VAL K 233 -38.10 15.29 3.72
N LEU K 234 -39.14 16.05 4.03
CA LEU K 234 -40.42 15.92 3.33
C LEU K 234 -40.42 16.74 2.03
N VAL K 235 -40.54 16.04 0.91
CA VAL K 235 -40.48 16.68 -0.40
C VAL K 235 -41.87 17.05 -0.92
N VAL K 236 -42.04 18.33 -1.26
CA VAL K 236 -43.28 18.83 -1.83
C VAL K 236 -43.01 19.45 -3.20
N ASP K 237 -43.05 18.62 -4.24
CA ASP K 237 -42.66 19.07 -5.57
C ASP K 237 -43.67 18.72 -6.66
N GLY K 238 -44.50 17.71 -6.39
CA GLY K 238 -45.47 17.26 -7.36
C GLY K 238 -44.88 16.25 -8.32
N GLY K 239 -43.86 15.53 -7.86
CA GLY K 239 -43.22 14.49 -8.65
C GLY K 239 -42.04 14.99 -9.46
N LEU K 240 -41.62 16.23 -9.17
CA LEU K 240 -40.52 16.86 -9.90
C LEU K 240 -39.20 16.13 -9.68
N GLN K 241 -39.01 15.60 -8.48
CA GLN K 241 -37.75 14.96 -8.12
C GLN K 241 -37.51 13.65 -8.89
N LEU K 242 -38.56 13.14 -9.51
CA LEU K 242 -38.47 11.90 -10.27
C LEU K 242 -37.90 12.14 -11.67
N ILE K 243 -37.97 13.39 -12.12
CA ILE K 243 -37.55 13.73 -13.48
C ILE K 243 -36.46 14.80 -13.49
N LEU K 244 -36.23 15.42 -12.34
CA LEU K 244 -35.26 16.50 -12.23
C LEU K 244 -33.84 16.00 -12.51
N GLN L 4 -59.76 21.23 14.00
CA GLN L 4 -60.09 19.81 14.07
C GLN L 4 -60.00 19.17 12.69
N LEU L 5 -59.72 17.87 12.66
CA LEU L 5 -59.53 17.16 11.40
C LEU L 5 -60.57 16.06 11.20
N GLN L 6 -61.64 16.10 11.97
CA GLN L 6 -62.65 15.03 11.95
C GLN L 6 -63.61 15.14 10.77
N ASN L 7 -63.48 16.22 10.00
CA ASN L 7 -64.27 16.39 8.78
C ASN L 7 -63.37 16.56 7.56
N ARG L 8 -62.08 16.35 7.80
CA ARG L 8 -61.06 16.48 6.76
C ARG L 8 -61.26 15.51 5.60
N LEU L 9 -61.71 14.31 5.93
CA LEU L 9 -61.92 13.27 4.92
C LEU L 9 -63.37 12.81 4.86
N ARG L 10 -64.29 13.74 5.10
CA ARG L 10 -65.70 13.41 5.18
C ARG L 10 -66.25 12.86 3.86
N SER L 11 -65.68 13.31 2.76
CA SER L 11 -66.18 12.95 1.43
C SER L 11 -65.43 11.79 0.79
N ALA L 12 -64.58 11.13 1.57
CA ALA L 12 -63.70 10.11 1.01
C ALA L 12 -64.12 8.68 1.33
N LEU L 13 -63.99 7.81 0.34
CA LEU L 13 -64.11 6.37 0.53
C LEU L 13 -62.72 5.76 0.58
N ALA L 14 -62.37 5.18 1.72
CA ALA L 14 -61.01 4.68 1.93
C ALA L 14 -60.95 3.16 1.92
N LEU L 15 -60.10 2.62 1.05
CA LEU L 15 -59.85 1.18 0.99
C LEU L 15 -58.54 0.85 1.68
N VAL L 16 -58.59 0.02 2.72
CA VAL L 16 -57.40 -0.34 3.48
C VAL L 16 -57.18 -1.85 3.50
N THR L 17 -56.09 -2.30 2.88
CA THR L 17 -55.71 -3.70 2.91
C THR L 17 -54.84 -3.98 4.13
N GLY L 18 -55.04 -5.14 4.75
CA GLY L 18 -54.34 -5.47 5.98
C GLY L 18 -54.89 -4.67 7.14
N ALA L 19 -56.17 -4.32 7.05
CA ALA L 19 -56.83 -3.50 8.07
C ALA L 19 -57.24 -4.32 9.28
N GLY L 20 -56.92 -5.61 9.27
CA GLY L 20 -57.31 -6.50 10.35
C GLY L 20 -56.44 -6.41 11.58
N SER L 21 -55.26 -5.82 11.43
CA SER L 21 -54.31 -5.77 12.55
C SER L 21 -53.25 -4.68 12.38
N GLY L 22 -52.63 -4.32 13.50
CA GLY L 22 -51.50 -3.41 13.50
C GLY L 22 -51.75 -2.05 12.89
N ILE L 23 -50.93 -1.71 11.90
CA ILE L 23 -51.00 -0.42 11.22
C ILE L 23 -52.32 -0.24 10.48
N GLY L 24 -52.69 -1.25 9.70
CA GLY L 24 -53.91 -1.21 8.90
C GLY L 24 -55.16 -0.93 9.72
N ARG L 25 -55.20 -1.49 10.93
CA ARG L 25 -56.32 -1.25 11.84
C ARG L 25 -56.29 0.18 12.36
N ALA L 26 -55.11 0.66 12.74
CA ALA L 26 -54.94 2.01 13.23
C ALA L 26 -55.22 3.03 12.12
N VAL L 27 -54.88 2.65 10.89
CA VAL L 27 -55.19 3.47 9.73
C VAL L 27 -56.71 3.62 9.59
N SER L 28 -57.41 2.50 9.70
CA SER L 28 -58.88 2.50 9.61
C SER L 28 -59.50 3.39 10.69
N VAL L 29 -58.96 3.31 11.90
CA VAL L 29 -59.45 4.12 13.00
C VAL L 29 -59.30 5.60 12.71
N ARG L 30 -58.12 6.00 12.27
CA ARG L 30 -57.83 7.40 11.99
C ARG L 30 -58.67 7.94 10.84
N LEU L 31 -58.76 7.18 9.76
CA LEU L 31 -59.51 7.60 8.58
C LEU L 31 -60.99 7.75 8.90
N ALA L 32 -61.54 6.76 9.59
CA ALA L 32 -62.94 6.81 10.02
C ALA L 32 -63.14 7.94 11.03
N GLY L 33 -62.10 8.24 11.79
CA GLY L 33 -62.13 9.31 12.77
C GLY L 33 -62.12 10.68 12.12
N GLU L 34 -61.86 10.71 10.81
CA GLU L 34 -61.84 11.95 10.05
C GLU L 34 -62.99 12.00 9.06
N GLY L 35 -63.99 11.15 9.26
CA GLY L 35 -65.21 11.17 8.46
C GLY L 35 -65.19 10.31 7.22
N ALA L 36 -64.09 9.59 7.01
CA ALA L 36 -63.96 8.73 5.84
C ALA L 36 -64.59 7.37 6.09
N THR L 37 -65.49 6.97 5.20
CA THR L 37 -66.07 5.63 5.27
C THR L 37 -65.04 4.60 4.82
N VAL L 38 -64.67 3.70 5.74
CA VAL L 38 -63.55 2.79 5.50
C VAL L 38 -63.98 1.45 4.93
N ALA L 39 -63.35 1.06 3.83
CA ALA L 39 -63.50 -0.29 3.29
C ALA L 39 -62.37 -1.15 3.81
N ALA L 40 -62.58 -1.77 4.98
CA ALA L 40 -61.55 -2.56 5.64
C ALA L 40 -61.38 -3.92 4.96
N CYS L 41 -60.22 -4.12 4.33
CA CYS L 41 -59.91 -5.39 3.69
C CYS L 41 -58.76 -6.09 4.41
N ASP L 42 -58.79 -7.42 4.38
CA ASP L 42 -57.78 -8.22 5.05
C ASP L 42 -57.87 -9.68 4.62
N LEU L 43 -56.77 -10.41 4.74
CA LEU L 43 -56.78 -11.85 4.46
C LEU L 43 -57.62 -12.56 5.52
N ASP L 44 -57.58 -12.05 6.73
CA ASP L 44 -58.38 -12.57 7.83
C ASP L 44 -59.78 -11.98 7.77
N ARG L 45 -60.79 -12.85 7.70
CA ARG L 45 -62.18 -12.44 7.58
C ARG L 45 -62.69 -11.78 8.86
N ALA L 46 -62.38 -12.41 9.99
CA ALA L 46 -62.87 -11.93 11.29
C ALA L 46 -62.13 -10.68 11.76
N ALA L 47 -60.84 -10.62 11.47
CA ALA L 47 -60.02 -9.48 11.90
C ALA L 47 -60.47 -8.19 11.23
N ALA L 48 -60.86 -8.29 9.96
CA ALA L 48 -61.36 -7.13 9.23
C ALA L 48 -62.71 -6.68 9.78
N GLN L 49 -63.55 -7.65 10.13
CA GLN L 49 -64.87 -7.35 10.67
C GLN L 49 -64.78 -6.74 12.07
N GLU L 50 -63.81 -7.19 12.85
CA GLU L 50 -63.62 -6.65 14.19
C GLU L 50 -63.04 -5.24 14.11
N THR L 51 -62.28 -4.98 13.06
CA THR L 51 -61.77 -3.64 12.79
C THR L 51 -62.94 -2.70 12.50
N VAL L 52 -63.85 -3.16 11.67
CA VAL L 52 -65.06 -2.41 11.35
C VAL L 52 -65.90 -2.19 12.61
N ARG L 53 -65.92 -3.19 13.48
CA ARG L 53 -66.67 -3.11 14.73
C ARG L 53 -66.12 -2.02 15.64
N LEU L 54 -64.82 -1.78 15.56
CA LEU L 54 -64.17 -0.76 16.39
C LEU L 54 -64.43 0.64 15.86
N LEU L 55 -64.84 0.73 14.59
CA LEU L 55 -65.12 2.01 13.96
C LEU L 55 -66.49 2.54 14.37
N ASN L 68 -71.66 3.71 4.97
CA ASN L 68 -71.36 3.00 6.21
C ASN L 68 -70.16 2.07 6.02
N HIS L 69 -69.49 1.76 7.12
CA HIS L 69 -68.30 0.92 7.09
C HIS L 69 -68.62 -0.50 6.63
N ALA L 70 -67.64 -1.15 6.00
CA ALA L 70 -67.82 -2.52 5.52
C ALA L 70 -66.50 -3.28 5.59
N ALA L 71 -66.61 -4.60 5.74
CA ALA L 71 -65.43 -5.46 5.80
C ALA L 71 -65.31 -6.32 4.55
N PHE L 72 -64.08 -6.55 4.11
CA PHE L 72 -63.82 -7.34 2.92
C PHE L 72 -62.69 -8.34 3.14
N GLN L 73 -62.74 -9.45 2.42
CA GLN L 73 -61.68 -10.45 2.50
C GLN L 73 -61.08 -10.70 1.11
N ALA L 74 -59.76 -10.67 1.04
CA ALA L 74 -59.06 -10.89 -0.22
C ALA L 74 -57.60 -11.26 0.00
N ASP L 75 -57.04 -12.02 -0.93
CA ASP L 75 -55.60 -12.30 -0.95
C ASP L 75 -54.96 -11.43 -2.01
N VAL L 76 -54.31 -10.35 -1.58
CA VAL L 76 -53.76 -9.37 -2.51
C VAL L 76 -52.65 -9.94 -3.39
N SER L 77 -52.04 -11.04 -2.94
CA SER L 77 -50.96 -11.67 -3.70
C SER L 77 -51.47 -12.32 -4.98
N GLU L 78 -52.76 -12.66 -4.99
CA GLU L 78 -53.38 -13.27 -6.16
C GLU L 78 -54.07 -12.21 -7.02
N ALA L 79 -53.88 -12.30 -8.33
CA ALA L 79 -54.41 -11.30 -9.26
C ALA L 79 -55.93 -11.28 -9.29
N ARG L 80 -56.55 -12.46 -9.25
CA ARG L 80 -58.00 -12.57 -9.32
C ARG L 80 -58.67 -11.96 -8.09
N ALA L 81 -58.05 -12.15 -6.92
CA ALA L 81 -58.61 -11.64 -5.68
C ALA L 81 -58.46 -10.13 -5.56
N ALA L 82 -57.49 -9.58 -6.28
CA ALA L 82 -57.22 -8.14 -6.25
C ALA L 82 -58.31 -7.36 -6.98
N ARG L 83 -58.55 -7.74 -8.24
CA ARG L 83 -59.58 -7.08 -9.04
C ARG L 83 -60.97 -7.38 -8.49
N CYS L 84 -61.11 -8.51 -7.82
CA CYS L 84 -62.37 -8.87 -7.19
C CYS L 84 -62.68 -7.92 -6.04
N LEU L 85 -61.66 -7.61 -5.26
CA LEU L 85 -61.80 -6.71 -4.11
C LEU L 85 -62.30 -5.33 -4.51
N LEU L 86 -61.69 -4.76 -5.55
CA LEU L 86 -62.08 -3.43 -6.02
C LEU L 86 -63.51 -3.44 -6.57
N GLU L 87 -63.91 -4.55 -7.17
CA GLU L 87 -65.26 -4.68 -7.70
C GLU L 87 -66.29 -4.83 -6.57
N GLN L 88 -65.87 -5.46 -5.48
CA GLN L 88 -66.75 -5.61 -4.31
C GLN L 88 -66.98 -4.26 -3.64
N VAL L 89 -65.97 -3.41 -3.67
CA VAL L 89 -66.06 -2.07 -3.09
C VAL L 89 -66.97 -1.17 -3.92
N GLN L 90 -66.71 -1.12 -5.22
CA GLN L 90 -67.48 -0.29 -6.13
C GLN L 90 -68.94 -0.73 -6.24
N ALA L 91 -69.22 -1.96 -5.82
CA ALA L 91 -70.58 -2.48 -5.84
C ALA L 91 -71.32 -2.13 -4.56
N CYS L 92 -70.59 -2.13 -3.45
CA CYS L 92 -71.17 -1.85 -2.14
C CYS L 92 -71.38 -0.34 -1.94
N PHE L 93 -70.50 0.46 -2.50
CA PHE L 93 -70.53 1.90 -2.29
C PHE L 93 -70.88 2.69 -3.55
N SER L 94 -71.09 1.98 -4.65
CA SER L 94 -71.45 2.58 -5.94
C SER L 94 -70.43 3.62 -6.40
N ARG L 95 -69.18 3.43 -5.99
CA ARG L 95 -68.10 4.35 -6.35
C ARG L 95 -66.73 3.71 -6.09
N PRO L 96 -65.71 4.14 -6.85
CA PRO L 96 -64.35 3.67 -6.56
C PRO L 96 -63.77 4.38 -5.34
N PRO L 97 -62.91 3.69 -4.58
CA PRO L 97 -62.28 4.29 -3.40
C PRO L 97 -61.32 5.41 -3.77
N SER L 98 -61.56 6.61 -3.25
CA SER L 98 -60.69 7.74 -3.51
C SER L 98 -59.40 7.64 -2.72
N VAL L 99 -59.44 6.87 -1.63
CA VAL L 99 -58.25 6.63 -0.81
C VAL L 99 -57.93 5.13 -0.76
N VAL L 100 -56.70 4.78 -1.13
CA VAL L 100 -56.28 3.38 -1.14
C VAL L 100 -54.99 3.18 -0.35
N VAL L 101 -55.09 2.40 0.72
CA VAL L 101 -53.94 2.15 1.58
C VAL L 101 -53.58 0.67 1.60
N SER L 102 -52.32 0.36 1.27
CA SER L 102 -51.85 -1.02 1.23
C SER L 102 -50.97 -1.37 2.42
N CYS L 103 -51.59 -1.86 3.49
CA CYS L 103 -50.85 -2.23 4.69
C CYS L 103 -50.62 -3.74 4.76
N ALA L 104 -51.12 -4.45 3.75
CA ALA L 104 -50.99 -5.90 3.71
C ALA L 104 -49.54 -6.33 3.47
N GLY L 105 -48.94 -6.98 4.46
CA GLY L 105 -47.57 -7.43 4.36
C GLY L 105 -47.24 -8.50 5.38
N ILE L 106 -46.24 -9.32 5.07
CA ILE L 106 -45.79 -10.39 5.95
C ILE L 106 -44.28 -10.40 6.07
N THR L 107 -43.76 -11.26 6.96
CA THR L 107 -42.33 -11.39 7.17
C THR L 107 -41.89 -12.84 7.37
N GLN L 108 -41.01 -13.31 6.50
CA GLN L 108 -40.39 -14.63 6.65
CA GLN L 108 -40.40 -14.62 6.66
C GLN L 108 -38.87 -14.50 6.69
N ASP L 109 -38.36 -14.07 7.84
CA ASP L 109 -36.95 -13.78 8.00
C ASP L 109 -36.06 -15.03 8.02
N GLU L 110 -34.97 -14.95 7.26
CA GLU L 110 -33.93 -15.98 7.25
C GLU L 110 -32.71 -15.42 6.53
N PHE L 111 -31.52 -15.90 6.91
CA PHE L 111 -30.27 -15.43 6.31
C PHE L 111 -30.25 -15.70 4.81
N LEU L 112 -29.52 -14.86 4.07
CA LEU L 112 -29.42 -14.97 2.62
C LEU L 112 -28.91 -16.34 2.20
N LEU L 113 -27.88 -16.82 2.89
CA LEU L 113 -27.28 -18.10 2.60
C LEU L 113 -28.26 -19.25 2.81
N HIS L 114 -29.23 -19.05 3.69
CA HIS L 114 -30.12 -20.13 4.10
C HIS L 114 -31.59 -19.85 3.75
N MET L 115 -31.83 -18.82 2.96
CA MET L 115 -33.19 -18.47 2.58
C MET L 115 -33.69 -19.37 1.45
N SER L 116 -34.80 -20.07 1.70
CA SER L 116 -35.39 -20.96 0.70
C SER L 116 -36.11 -20.17 -0.38
N GLU L 117 -36.49 -20.85 -1.46
CA GLU L 117 -37.16 -20.21 -2.57
C GLU L 117 -38.58 -19.79 -2.18
N ASP L 118 -39.24 -20.62 -1.38
CA ASP L 118 -40.61 -20.34 -0.95
C ASP L 118 -40.68 -19.13 -0.03
N ASP L 119 -39.69 -18.99 0.84
CA ASP L 119 -39.64 -17.86 1.77
C ASP L 119 -39.38 -16.55 1.02
N TRP L 120 -38.78 -16.65 -0.15
CA TRP L 120 -38.58 -15.49 -1.01
C TRP L 120 -39.85 -15.18 -1.81
N ASP L 121 -40.41 -16.21 -2.41
CA ASP L 121 -41.56 -16.07 -3.29
C ASP L 121 -42.79 -15.50 -2.57
N LYS L 122 -43.01 -15.94 -1.34
CA LYS L 122 -44.21 -15.57 -0.60
C LYS L 122 -44.18 -14.12 -0.14
N VAL L 123 -43.02 -13.68 0.34
CA VAL L 123 -42.87 -12.30 0.81
C VAL L 123 -43.00 -11.31 -0.35
N ILE L 124 -42.38 -11.66 -1.48
CA ILE L 124 -42.46 -10.83 -2.68
C ILE L 124 -43.89 -10.74 -3.20
N ALA L 125 -44.58 -11.88 -3.25
CA ALA L 125 -45.94 -11.93 -3.77
C ALA L 125 -46.90 -11.09 -2.94
N VAL L 126 -46.80 -11.19 -1.62
CA VAL L 126 -47.69 -10.46 -0.72
C VAL L 126 -47.35 -8.97 -0.66
N ASN L 127 -46.09 -8.67 -0.33
CA ASN L 127 -45.66 -7.30 -0.09
C ASN L 127 -45.51 -6.47 -1.36
N LEU L 128 -44.83 -7.03 -2.37
CA LEU L 128 -44.55 -6.29 -3.58
C LEU L 128 -45.64 -6.48 -4.64
N LYS L 129 -45.81 -7.72 -5.09
CA LYS L 129 -46.80 -8.03 -6.12
C LYS L 129 -48.21 -7.71 -5.64
N GLY L 130 -48.48 -8.02 -4.37
CA GLY L 130 -49.77 -7.73 -3.77
C GLY L 130 -50.07 -6.23 -3.77
N THR L 131 -49.04 -5.43 -3.56
CA THR L 131 -49.18 -3.98 -3.57
C THR L 131 -49.37 -3.46 -4.99
N PHE L 132 -48.70 -4.10 -5.95
CA PHE L 132 -48.83 -3.75 -7.36
C PHE L 132 -50.27 -3.92 -7.84
N LEU L 133 -50.83 -5.09 -7.57
CA LEU L 133 -52.17 -5.44 -8.04
C LEU L 133 -53.22 -4.50 -7.47
N VAL L 134 -53.12 -4.20 -6.19
CA VAL L 134 -54.06 -3.29 -5.53
C VAL L 134 -53.96 -1.89 -6.12
N THR L 135 -52.72 -1.40 -6.25
CA THR L 135 -52.47 -0.07 -6.80
C THR L 135 -52.94 0.03 -8.25
N GLN L 136 -52.73 -1.05 -9.01
CA GLN L 136 -53.16 -1.08 -10.41
C GLN L 136 -54.69 -1.08 -10.51
N ALA L 137 -55.33 -1.95 -9.74
CA ALA L 137 -56.78 -2.08 -9.76
C ALA L 137 -57.44 -0.81 -9.22
N ALA L 138 -56.79 -0.15 -8.27
CA ALA L 138 -57.31 1.09 -7.71
C ALA L 138 -57.30 2.21 -8.73
N ALA L 139 -56.19 2.33 -9.45
CA ALA L 139 -56.03 3.35 -10.47
C ALA L 139 -57.05 3.15 -11.60
N GLN L 140 -57.21 1.89 -12.02
CA GLN L 140 -58.14 1.55 -13.08
C GLN L 140 -59.57 1.95 -12.74
N ALA L 141 -59.94 1.76 -11.47
CA ALA L 141 -61.28 2.08 -11.01
C ALA L 141 -61.49 3.59 -10.92
N LEU L 142 -60.39 4.32 -10.73
CA LEU L 142 -60.45 5.78 -10.60
C LEU L 142 -60.41 6.47 -11.96
N VAL L 143 -59.63 5.90 -12.89
CA VAL L 143 -59.52 6.45 -14.23
C VAL L 143 -60.80 6.19 -15.03
N SER L 144 -61.37 5.00 -14.86
CA SER L 144 -62.59 4.62 -15.56
C SER L 144 -63.77 5.51 -15.19
N ASN L 145 -63.82 5.94 -13.93
CA ASN L 145 -64.89 6.81 -13.46
C ASN L 145 -64.51 8.27 -13.52
N GLY L 146 -63.29 8.55 -13.98
CA GLY L 146 -62.79 9.91 -14.10
C GLY L 146 -62.65 10.58 -12.75
N CYS L 147 -62.41 9.78 -11.72
CA CYS L 147 -62.27 10.31 -10.37
C CYS L 147 -60.81 10.37 -9.93
N ARG L 148 -60.39 11.53 -9.43
CA ARG L 148 -59.05 11.71 -8.90
C ARG L 148 -58.96 11.03 -7.54
N GLY L 149 -57.74 10.87 -7.02
CA GLY L 149 -57.56 10.22 -5.74
C GLY L 149 -56.14 10.22 -5.21
N SER L 150 -55.92 9.42 -4.15
CA SER L 150 -54.62 9.32 -3.52
C SER L 150 -54.32 7.87 -3.12
N ILE L 151 -53.24 7.32 -3.69
CA ILE L 151 -52.85 5.95 -3.37
C ILE L 151 -51.65 5.94 -2.42
N ILE L 152 -51.78 5.21 -1.32
CA ILE L 152 -50.76 5.20 -0.28
C ILE L 152 -50.24 3.79 -0.02
N ASN L 153 -48.98 3.56 -0.37
CA ASN L 153 -48.37 2.25 -0.16
C ASN L 153 -47.43 2.24 1.04
N ILE L 154 -47.68 1.34 1.98
CA ILE L 154 -46.90 1.28 3.20
C ILE L 154 -45.64 0.44 3.03
N SER L 155 -44.54 1.10 2.72
CA SER L 155 -43.25 0.41 2.56
C SER L 155 -42.58 0.21 3.92
N SER L 156 -41.28 0.48 3.97
CA SER L 156 -40.52 0.36 5.21
C SER L 156 -39.18 1.08 5.12
N ILE L 157 -38.62 1.41 6.28
CA ILE L 157 -37.29 2.02 6.33
C ILE L 157 -36.24 0.99 5.91
N VAL L 158 -36.60 -0.28 6.04
CA VAL L 158 -35.76 -1.39 5.61
C VAL L 158 -35.58 -1.33 4.10
N GLY L 159 -36.60 -0.84 3.40
CA GLY L 159 -36.56 -0.71 1.95
C GLY L 159 -35.48 0.24 1.46
N LYS L 160 -35.02 1.12 2.35
CA LYS L 160 -34.02 2.12 1.98
C LYS L 160 -32.58 1.67 2.27
N VAL L 161 -32.40 0.96 3.38
CA VAL L 161 -31.06 0.59 3.81
C VAL L 161 -30.85 -0.92 3.94
N GLY L 162 -31.95 -1.67 3.97
CA GLY L 162 -31.86 -3.11 4.14
C GLY L 162 -31.69 -3.50 5.59
N ASN L 163 -31.92 -4.78 5.90
CA ASN L 163 -31.79 -5.28 7.26
C ASN L 163 -31.43 -6.76 7.28
N VAL L 164 -30.60 -7.16 8.24
CA VAL L 164 -30.14 -8.53 8.34
C VAL L 164 -31.31 -9.51 8.52
N GLY L 165 -31.27 -10.60 7.76
CA GLY L 165 -32.30 -11.62 7.83
C GLY L 165 -33.55 -11.26 7.05
N GLN L 166 -33.53 -10.10 6.40
CA GLN L 166 -34.69 -9.63 5.66
C GLN L 166 -34.37 -9.28 4.22
N THR L 167 -33.69 -10.17 3.52
CA THR L 167 -33.35 -9.94 2.11
C THR L 167 -34.62 -9.85 1.27
N ASN L 168 -35.54 -10.80 1.48
CA ASN L 168 -36.81 -10.80 0.76
C ASN L 168 -37.68 -9.62 1.15
N TYR L 169 -37.66 -9.28 2.43
CA TYR L 169 -38.47 -8.18 2.95
C TYR L 169 -37.96 -6.84 2.44
N ALA L 170 -36.64 -6.66 2.46
CA ALA L 170 -36.03 -5.42 2.01
C ALA L 170 -36.23 -5.23 0.51
N ALA L 171 -36.10 -6.32 -0.24
CA ALA L 171 -36.27 -6.28 -1.69
C ALA L 171 -37.69 -5.87 -2.07
N SER L 172 -38.66 -6.47 -1.39
CA SER L 172 -40.07 -6.16 -1.63
C SER L 172 -40.37 -4.70 -1.33
N LYS L 173 -39.99 -4.26 -0.13
CA LYS L 173 -40.25 -2.91 0.32
C LYS L 173 -39.56 -1.87 -0.56
N ALA L 174 -38.33 -2.17 -0.97
CA ALA L 174 -37.61 -1.29 -1.89
C ALA L 174 -38.31 -1.26 -3.23
N GLY L 175 -38.85 -2.41 -3.64
CA GLY L 175 -39.60 -2.52 -4.88
C GLY L 175 -40.90 -1.72 -4.82
N VAL L 176 -41.49 -1.65 -3.63
CA VAL L 176 -42.72 -0.89 -3.42
C VAL L 176 -42.49 0.59 -3.72
N ILE L 177 -41.35 1.10 -3.28
CA ILE L 177 -41.01 2.51 -3.47
C ILE L 177 -40.90 2.85 -4.96
N GLY L 178 -40.10 2.09 -5.70
CA GLY L 178 -39.94 2.29 -7.13
C GLY L 178 -41.24 2.09 -7.88
N LEU L 179 -42.06 1.18 -7.36
CA LEU L 179 -43.38 0.92 -7.91
C LEU L 179 -44.26 2.16 -7.79
N THR L 180 -44.32 2.70 -6.58
CA THR L 180 -45.14 3.87 -6.29
C THR L 180 -44.63 5.11 -7.01
N GLN L 181 -43.31 5.21 -7.14
CA GLN L 181 -42.70 6.33 -7.85
C GLN L 181 -43.10 6.33 -9.32
N THR L 182 -43.11 5.14 -9.92
CA THR L 182 -43.54 4.98 -11.30
C THR L 182 -45.01 5.34 -11.45
N ALA L 183 -45.83 4.82 -10.54
CA ALA L 183 -47.27 5.06 -10.56
C ALA L 183 -47.59 6.55 -10.46
N ALA L 184 -46.88 7.24 -9.57
CA ALA L 184 -47.09 8.66 -9.36
C ALA L 184 -46.82 9.47 -10.63
N ARG L 185 -45.87 9.01 -11.41
CA ARG L 185 -45.48 9.72 -12.62
C ARG L 185 -46.43 9.42 -13.78
N GLU L 186 -47.09 8.27 -13.72
CA GLU L 186 -48.03 7.88 -14.78
C GLU L 186 -49.45 8.33 -14.47
N LEU L 187 -49.81 8.38 -13.19
CA LEU L 187 -51.17 8.71 -12.77
C LEU L 187 -51.32 10.18 -12.42
N GLY L 188 -50.27 10.96 -12.61
CA GLY L 188 -50.30 12.39 -12.31
C GLY L 188 -51.27 13.15 -13.19
N ARG L 189 -51.42 12.68 -14.43
CA ARG L 189 -52.32 13.32 -15.39
C ARG L 189 -53.78 13.06 -15.06
N HIS L 190 -54.03 12.00 -14.30
CA HIS L 190 -55.40 11.62 -13.95
C HIS L 190 -55.76 12.05 -12.54
N GLY L 191 -54.92 12.91 -11.96
CA GLY L 191 -55.18 13.45 -10.64
C GLY L 191 -55.05 12.44 -9.51
N ILE L 192 -54.30 11.37 -9.76
CA ILE L 192 -54.11 10.33 -8.76
C ILE L 192 -52.72 10.41 -8.15
N ARG L 193 -52.65 10.81 -6.88
CA ARG L 193 -51.38 10.92 -6.18
C ARG L 193 -50.95 9.58 -5.58
N CYS L 194 -49.68 9.25 -5.75
CA CYS L 194 -49.13 8.01 -5.22
C CYS L 194 -47.91 8.30 -4.34
N ASN L 195 -47.96 7.84 -3.10
CA ASN L 195 -46.86 8.06 -2.16
C ASN L 195 -46.55 6.83 -1.32
N SER L 196 -45.32 6.76 -0.83
CA SER L 196 -44.88 5.65 0.00
C SER L 196 -44.64 6.08 1.44
N VAL L 197 -45.09 5.25 2.38
CA VAL L 197 -44.81 5.47 3.79
C VAL L 197 -43.70 4.54 4.25
N LEU L 198 -42.67 5.11 4.87
CA LEU L 198 -41.53 4.33 5.34
C LEU L 198 -41.42 4.36 6.86
N PRO L 199 -42.20 3.51 7.55
CA PRO L 199 -42.19 3.49 9.01
C PRO L 199 -41.02 2.69 9.58
N GLY L 200 -40.54 3.09 10.75
CA GLY L 200 -39.48 2.36 11.44
C GLY L 200 -40.05 1.15 12.15
N PHE L 201 -39.69 0.98 13.43
CA PHE L 201 -40.23 -0.13 14.22
C PHE L 201 -41.39 0.34 15.10
N ILE L 202 -42.53 -0.31 14.93
CA ILE L 202 -43.77 0.11 15.58
C ILE L 202 -44.37 -1.04 16.38
N ALA L 203 -44.89 -0.71 17.56
CA ALA L 203 -45.54 -1.71 18.41
C ALA L 203 -46.73 -2.36 17.71
N THR L 204 -46.45 -3.43 16.96
CA THR L 204 -47.47 -4.21 16.26
C THR L 204 -47.26 -5.72 16.49
N PRO L 205 -48.28 -6.56 16.16
CA PRO L 205 -48.05 -8.01 16.22
C PRO L 205 -46.86 -8.49 15.39
N MET L 206 -46.59 -7.81 14.28
CA MET L 206 -45.45 -8.16 13.43
C MET L 206 -44.12 -7.99 14.17
N THR L 207 -44.05 -6.95 14.99
CA THR L 207 -42.86 -6.67 15.77
C THR L 207 -42.70 -7.68 16.90
N GLN L 208 -43.82 -8.26 17.34
CA GLN L 208 -43.79 -9.25 18.39
C GLN L 208 -43.24 -10.59 17.90
N LYS L 209 -43.02 -10.69 16.59
CA LYS L 209 -42.45 -11.90 16.01
C LYS L 209 -40.95 -11.98 16.25
N VAL L 210 -40.27 -10.84 16.08
CA VAL L 210 -38.82 -10.80 16.30
C VAL L 210 -38.53 -10.90 17.80
N PRO L 211 -37.40 -11.52 18.16
CA PRO L 211 -37.09 -11.77 19.57
C PRO L 211 -36.91 -10.52 20.42
N GLN L 212 -37.22 -10.63 21.71
CA GLN L 212 -37.17 -9.51 22.64
C GLN L 212 -35.76 -8.92 22.75
N LYS L 213 -34.76 -9.79 22.68
CA LYS L 213 -33.37 -9.37 22.82
C LYS L 213 -32.95 -8.42 21.71
N VAL L 214 -33.51 -8.61 20.52
CA VAL L 214 -33.21 -7.75 19.38
C VAL L 214 -34.00 -6.45 19.48
N VAL L 215 -35.24 -6.55 19.95
CA VAL L 215 -36.11 -5.39 20.15
C VAL L 215 -35.43 -4.37 21.06
N ASP L 216 -34.73 -4.86 22.08
CA ASP L 216 -34.02 -4.02 23.02
C ASP L 216 -32.88 -3.24 22.35
N LYS L 217 -32.14 -3.91 21.47
CA LYS L 217 -31.05 -3.27 20.74
C LYS L 217 -31.57 -2.18 19.80
N ILE L 218 -32.64 -2.50 19.08
CA ILE L 218 -33.25 -1.56 18.15
C ILE L 218 -33.70 -0.30 18.86
N THR L 219 -34.36 -0.47 20.00
CA THR L 219 -34.86 0.65 20.79
C THR L 219 -33.72 1.58 21.21
N GLU L 220 -32.53 1.01 21.40
CA GLU L 220 -31.36 1.79 21.75
C GLU L 220 -30.80 2.53 20.52
N MET L 221 -31.04 1.97 19.35
CA MET L 221 -30.58 2.56 18.10
C MET L 221 -31.50 3.69 17.66
N ILE L 222 -32.79 3.56 17.95
CA ILE L 222 -33.76 4.60 17.62
C ILE L 222 -33.48 5.86 18.43
N PRO L 223 -33.28 6.99 17.74
CA PRO L 223 -32.99 8.28 18.36
C PRO L 223 -34.03 8.71 19.40
N MET L 224 -35.30 8.38 19.17
CA MET L 224 -36.34 8.72 20.14
C MET L 224 -36.36 7.74 21.31
N GLY L 225 -35.65 6.63 21.15
CA GLY L 225 -35.47 5.67 22.23
C GLY L 225 -36.70 4.87 22.59
N HIS L 226 -37.63 4.74 21.65
CA HIS L 226 -38.84 3.94 21.87
C HIS L 226 -39.48 3.53 20.55
N LEU L 227 -40.23 2.44 20.58
CA LEU L 227 -40.97 1.99 19.41
C LEU L 227 -42.12 2.95 19.10
N GLY L 228 -42.41 3.13 17.82
CA GLY L 228 -43.50 4.00 17.43
C GLY L 228 -44.84 3.35 17.69
N ASP L 229 -45.89 4.16 17.76
CA ASP L 229 -47.24 3.63 17.88
C ASP L 229 -47.87 3.58 16.49
N PRO L 230 -48.77 2.61 16.27
CA PRO L 230 -49.46 2.50 14.97
C PRO L 230 -50.24 3.76 14.61
N GLU L 231 -50.64 4.52 15.63
CA GLU L 231 -51.35 5.78 15.42
C GLU L 231 -50.43 6.81 14.76
N ASP L 232 -49.13 6.70 15.02
CA ASP L 232 -48.15 7.60 14.43
C ASP L 232 -48.07 7.39 12.93
N VAL L 233 -48.19 6.14 12.50
CA VAL L 233 -48.15 5.81 11.08
C VAL L 233 -49.44 6.28 10.39
N ALA L 234 -50.57 6.08 11.07
CA ALA L 234 -51.86 6.48 10.53
C ALA L 234 -51.96 8.01 10.41
N ASP L 235 -51.19 8.71 11.24
CA ASP L 235 -51.18 10.16 11.23
C ASP L 235 -50.65 10.71 9.91
N VAL L 236 -49.69 10.01 9.32
CA VAL L 236 -49.11 10.42 8.05
C VAL L 236 -49.96 9.93 6.88
N VAL L 237 -50.62 8.80 7.06
CA VAL L 237 -51.50 8.26 6.04
C VAL L 237 -52.72 9.16 5.88
N ALA L 238 -53.25 9.63 7.00
CA ALA L 238 -54.39 10.55 7.00
C ALA L 238 -54.03 11.85 6.28
N PHE L 239 -52.81 12.32 6.50
CA PHE L 239 -52.33 13.53 5.84
C PHE L 239 -52.21 13.32 4.33
N LEU L 240 -51.56 12.23 3.95
CA LEU L 240 -51.37 11.91 2.54
C LEU L 240 -52.69 11.70 1.82
N ALA L 241 -53.67 11.16 2.54
CA ALA L 241 -55.00 10.90 1.96
C ALA L 241 -55.79 12.19 1.82
N SER L 242 -55.38 13.23 2.54
CA SER L 242 -56.10 14.49 2.56
C SER L 242 -55.74 15.40 1.39
N GLU L 243 -56.50 16.49 1.24
CA GLU L 243 -56.21 17.49 0.23
C GLU L 243 -55.06 18.40 0.69
N ASP L 244 -54.68 18.27 1.95
CA ASP L 244 -53.60 19.07 2.51
C ASP L 244 -52.25 18.66 1.94
N SER L 245 -52.22 17.50 1.28
CA SER L 245 -51.02 17.03 0.60
C SER L 245 -51.28 16.95 -0.90
N GLY L 246 -52.11 17.87 -1.40
CA GLY L 246 -52.55 17.84 -2.78
C GLY L 246 -51.47 18.11 -3.81
N TYR L 247 -50.27 18.45 -3.34
CA TYR L 247 -49.15 18.69 -4.24
C TYR L 247 -48.00 17.72 -3.94
N ILE L 248 -48.29 16.72 -3.13
CA ILE L 248 -47.29 15.72 -2.76
C ILE L 248 -47.54 14.39 -3.45
N THR L 249 -46.67 14.03 -4.39
CA THR L 249 -46.75 12.74 -5.07
C THR L 249 -45.36 12.20 -5.35
N GLY L 250 -45.24 10.88 -5.43
CA GLY L 250 -43.94 10.24 -5.64
C GLY L 250 -42.97 10.53 -4.52
N THR L 251 -43.50 10.67 -3.30
CA THR L 251 -42.68 11.06 -2.15
C THR L 251 -42.70 9.98 -1.06
N SER L 252 -41.51 9.67 -0.55
CA SER L 252 -41.39 8.71 0.54
C SER L 252 -41.37 9.42 1.89
N VAL L 253 -42.36 9.14 2.73
CA VAL L 253 -42.43 9.74 4.06
C VAL L 253 -41.93 8.74 5.11
N GLU L 254 -40.99 9.18 5.94
CA GLU L 254 -40.37 8.30 6.92
C GLU L 254 -40.86 8.57 8.34
N VAL L 255 -41.31 7.51 9.01
CA VAL L 255 -41.79 7.60 10.38
C VAL L 255 -41.01 6.62 11.26
N THR L 256 -39.72 6.89 11.44
CA THR L 256 -38.82 5.94 12.08
C THR L 256 -38.30 6.44 13.42
N GLY L 257 -38.67 7.66 13.78
CA GLY L 257 -38.16 8.27 14.99
C GLY L 257 -36.70 8.65 14.84
N GLY L 258 -36.27 8.80 13.59
CA GLY L 258 -34.90 9.18 13.28
C GLY L 258 -34.02 8.01 12.93
N LEU L 259 -34.58 6.79 13.04
CA LEU L 259 -33.83 5.58 12.74
C LEU L 259 -33.46 5.51 11.27
N PHE L 260 -32.16 5.47 11.00
CA PHE L 260 -31.63 5.41 9.64
C PHE L 260 -32.14 6.56 8.79
N MET L 261 -32.00 7.78 9.30
CA MET L 261 -32.50 8.96 8.61
C MET L 261 -31.80 9.16 7.26
N SER M 3 16.55 49.77 -34.39
CA SER M 3 16.69 48.57 -35.20
C SER M 3 16.58 48.89 -36.68
N GLN M 4 17.22 48.09 -37.51
CA GLN M 4 17.16 48.28 -38.97
C GLN M 4 15.75 48.02 -39.48
N LEU M 5 15.08 47.04 -38.88
CA LEU M 5 13.80 46.56 -39.37
C LEU M 5 12.66 46.92 -38.40
N GLN M 6 12.84 48.00 -37.65
CA GLN M 6 11.83 48.45 -36.68
C GLN M 6 10.67 49.19 -37.32
N ASN M 7 10.74 49.36 -38.65
CA ASN M 7 9.72 50.10 -39.38
C ASN M 7 9.16 49.38 -40.60
N ARG M 8 9.46 48.09 -40.74
CA ARG M 8 9.00 47.35 -41.90
C ARG M 8 7.57 46.83 -41.73
N LEU M 9 7.03 46.99 -40.53
CA LEU M 9 5.68 46.55 -40.23
C LEU M 9 4.82 47.67 -39.66
N ARG M 10 5.29 48.91 -39.83
CA ARG M 10 4.63 50.06 -39.23
C ARG M 10 3.20 50.26 -39.71
N SER M 11 2.94 49.91 -40.97
CA SER M 11 1.62 50.09 -41.56
C SER M 11 0.79 48.81 -41.50
N ALA M 12 0.92 48.06 -40.42
CA ALA M 12 0.24 46.78 -40.32
C ALA M 12 -0.56 46.62 -39.03
N LEU M 13 -1.76 46.06 -39.16
CA LEU M 13 -2.52 45.61 -38.00
C LEU M 13 -2.47 44.09 -37.95
N ALA M 14 -1.88 43.57 -36.87
CA ALA M 14 -1.64 42.13 -36.77
C ALA M 14 -2.59 41.45 -35.79
N LEU M 15 -3.34 40.46 -36.29
CA LEU M 15 -4.21 39.66 -35.43
C LEU M 15 -3.48 38.39 -35.01
N VAL M 16 -3.19 38.28 -33.72
CA VAL M 16 -2.49 37.12 -33.18
C VAL M 16 -3.34 36.37 -32.18
N THR M 17 -3.81 35.19 -32.57
CA THR M 17 -4.59 34.34 -31.68
C THR M 17 -3.66 33.58 -30.74
N GLY M 18 -4.13 33.31 -29.53
CA GLY M 18 -3.31 32.65 -28.53
C GLY M 18 -2.11 33.49 -28.14
N ALA M 19 -2.29 34.80 -28.18
CA ALA M 19 -1.19 35.73 -27.90
C ALA M 19 -0.98 35.94 -26.41
N GLY M 20 -1.70 35.19 -25.59
CA GLY M 20 -1.63 35.35 -24.15
C GLY M 20 -0.46 34.61 -23.51
N SER M 21 0.25 33.82 -24.30
CA SER M 21 1.34 33.02 -23.76
C SER M 21 2.31 32.51 -24.82
N GLY M 22 3.50 32.11 -24.37
CA GLY M 22 4.48 31.43 -25.21
C GLY M 22 4.88 32.15 -26.48
N ILE M 23 4.59 31.51 -27.62
CA ILE M 23 4.97 32.04 -28.92
C ILE M 23 4.10 33.22 -29.33
N GLY M 24 2.79 33.08 -29.13
CA GLY M 24 1.85 34.13 -29.47
C GLY M 24 2.15 35.44 -28.78
N ARG M 25 2.66 35.36 -27.56
CA ARG M 25 3.09 36.55 -26.82
C ARG M 25 4.40 37.07 -27.40
N ALA M 26 5.29 36.16 -27.77
CA ALA M 26 6.57 36.54 -28.37
C ALA M 26 6.35 37.12 -29.76
N VAL M 27 5.40 36.55 -30.51
CA VAL M 27 5.05 37.06 -31.82
C VAL M 27 4.57 38.50 -31.71
N SER M 28 3.66 38.74 -30.78
CA SER M 28 3.09 40.06 -30.55
C SER M 28 4.15 41.11 -30.25
N VAL M 29 5.11 40.73 -29.40
CA VAL M 29 6.24 41.60 -29.03
C VAL M 29 7.07 41.92 -30.27
N ARG M 30 7.37 40.90 -31.08
CA ARG M 30 8.18 41.11 -32.26
CA ARG M 30 8.17 41.09 -32.28
C ARG M 30 7.52 42.05 -33.25
N LEU M 31 6.25 41.79 -33.57
CA LEU M 31 5.51 42.62 -34.51
C LEU M 31 5.36 44.05 -34.01
N ALA M 32 5.14 44.21 -32.71
CA ALA M 32 5.03 45.54 -32.11
C ALA M 32 6.36 46.26 -32.15
N GLY M 33 7.45 45.48 -32.10
CA GLY M 33 8.79 46.03 -32.18
C GLY M 33 9.14 46.49 -33.57
N GLU M 34 8.34 46.05 -34.55
CA GLU M 34 8.56 46.44 -35.94
C GLU M 34 7.51 47.46 -36.39
N GLY M 35 6.74 47.98 -35.45
CA GLY M 35 5.82 49.06 -35.72
C GLY M 35 4.37 48.65 -35.96
N ALA M 36 4.10 47.36 -35.90
CA ALA M 36 2.76 46.87 -36.17
C ALA M 36 1.84 47.06 -34.97
N THR M 37 0.59 47.41 -35.25
CA THR M 37 -0.44 47.46 -34.22
C THR M 37 -0.98 46.06 -34.01
N VAL M 38 -1.01 45.63 -32.75
CA VAL M 38 -1.32 44.23 -32.43
C VAL M 38 -2.72 44.05 -31.84
N ALA M 39 -3.51 43.18 -32.48
CA ALA M 39 -4.78 42.75 -31.94
C ALA M 39 -4.59 41.42 -31.22
N ALA M 40 -4.17 41.49 -29.95
CA ALA M 40 -3.86 40.30 -29.18
C ALA M 40 -5.11 39.50 -28.82
N CYS M 41 -5.26 38.32 -29.42
CA CYS M 41 -6.39 37.45 -29.15
C CYS M 41 -5.96 36.20 -28.38
N ASP M 42 -6.82 35.77 -27.46
CA ASP M 42 -6.55 34.58 -26.65
C ASP M 42 -7.83 34.13 -25.96
N LEU M 43 -7.89 32.85 -25.60
CA LEU M 43 -9.04 32.31 -24.88
C LEU M 43 -9.06 32.84 -23.45
N ASP M 44 -7.87 33.14 -22.94
CA ASP M 44 -7.75 33.76 -21.62
C ASP M 44 -7.73 35.28 -21.77
N ARG M 45 -8.81 35.93 -21.34
CA ARG M 45 -8.94 37.38 -21.48
C ARG M 45 -7.86 38.11 -20.69
N ALA M 46 -7.52 37.58 -19.52
CA ALA M 46 -6.50 38.19 -18.67
C ALA M 46 -5.11 38.07 -19.27
N ALA M 47 -4.85 36.93 -19.92
CA ALA M 47 -3.55 36.70 -20.54
C ALA M 47 -3.38 37.57 -21.78
N ALA M 48 -4.45 37.73 -22.55
CA ALA M 48 -4.42 38.58 -23.72
C ALA M 48 -4.20 40.05 -23.33
N GLN M 49 -4.78 40.44 -22.21
CA GLN M 49 -4.62 41.80 -21.69
C GLN M 49 -3.20 42.04 -21.18
N GLU M 50 -2.64 41.03 -20.51
CA GLU M 50 -1.29 41.14 -19.99
C GLU M 50 -0.28 41.32 -21.12
N THR M 51 -0.57 40.70 -22.25
CA THR M 51 0.27 40.83 -23.43
C THR M 51 0.25 42.27 -23.94
N VAL M 52 -0.93 42.88 -23.93
CA VAL M 52 -1.09 44.26 -24.38
C VAL M 52 -0.32 45.23 -23.47
N ARG M 53 -0.29 44.92 -22.18
CA ARG M 53 0.45 45.74 -21.22
C ARG M 53 1.95 45.68 -21.48
N LEU M 54 2.39 44.59 -22.11
CA LEU M 54 3.80 44.43 -22.47
C LEU M 54 4.19 45.28 -23.68
N LEU M 55 3.28 45.36 -24.64
CA LEU M 55 3.55 46.05 -25.90
C LEU M 55 3.61 47.57 -25.72
N ARG M 66 5.43 51.48 -29.73
CA ARG M 66 4.13 51.43 -29.06
C ARG M 66 3.03 51.85 -30.02
N GLY M 67 1.86 51.23 -29.88
CA GLY M 67 0.69 51.59 -30.67
C GLY M 67 -0.57 51.36 -29.87
N ASN M 68 -1.73 51.59 -30.48
CA ASN M 68 -3.00 51.31 -29.82
C ASN M 68 -3.37 49.84 -29.89
N HIS M 69 -2.51 49.00 -29.31
CA HIS M 69 -2.74 47.56 -29.26
C HIS M 69 -3.99 47.25 -28.44
N ALA M 70 -4.72 46.22 -28.86
CA ALA M 70 -5.95 45.86 -28.17
C ALA M 70 -5.99 44.37 -27.83
N ALA M 71 -6.73 44.03 -26.78
CA ALA M 71 -6.89 42.64 -26.37
C ALA M 71 -8.25 42.11 -26.78
N PHE M 72 -8.30 40.85 -27.18
CA PHE M 72 -9.56 40.22 -27.61
C PHE M 72 -9.70 38.82 -27.03
N GLN M 73 -10.93 38.45 -26.69
CA GLN M 73 -11.23 37.12 -26.19
C GLN M 73 -12.07 36.35 -27.21
N ALA M 74 -11.63 35.16 -27.56
CA ALA M 74 -12.36 34.33 -28.51
C ALA M 74 -11.90 32.87 -28.44
N ASP M 75 -12.87 31.96 -28.53
CA ASP M 75 -12.57 30.55 -28.68
C ASP M 75 -12.59 30.19 -30.16
N VAL M 76 -11.40 30.13 -30.76
CA VAL M 76 -11.26 29.98 -32.20
C VAL M 76 -11.86 28.68 -32.75
N SER M 77 -12.07 27.70 -31.89
CA SER M 77 -12.64 26.42 -32.29
C SER M 77 -14.12 26.55 -32.66
N GLU M 78 -14.72 27.67 -32.27
CA GLU M 78 -16.13 27.92 -32.51
C GLU M 78 -16.34 28.91 -33.65
N ALA M 79 -17.25 28.58 -34.56
CA ALA M 79 -17.48 29.37 -35.77
C ALA M 79 -17.94 30.79 -35.45
N ARG M 80 -18.84 30.92 -34.47
CA ARG M 80 -19.38 32.23 -34.12
C ARG M 80 -18.32 33.13 -33.48
N ALA M 81 -17.50 32.55 -32.62
CA ALA M 81 -16.47 33.30 -31.92
C ALA M 81 -15.41 33.83 -32.88
N ALA M 82 -15.06 33.02 -33.88
CA ALA M 82 -14.06 33.41 -34.87
C ALA M 82 -14.60 34.50 -35.79
N ARG M 83 -15.87 34.36 -36.17
CA ARG M 83 -16.54 35.32 -37.03
C ARG M 83 -16.64 36.67 -36.33
N CYS M 84 -17.05 36.64 -35.06
CA CYS M 84 -17.20 37.86 -34.27
CA CYS M 84 -17.21 37.85 -34.26
C CYS M 84 -15.86 38.47 -33.92
N LEU M 85 -14.83 37.65 -33.83
CA LEU M 85 -13.49 38.13 -33.52
C LEU M 85 -12.99 39.11 -34.56
N LEU M 86 -13.15 38.75 -35.83
CA LEU M 86 -12.72 39.62 -36.93
C LEU M 86 -13.57 40.87 -37.01
N GLU M 87 -14.86 40.74 -36.70
CA GLU M 87 -15.76 41.90 -36.70
C GLU M 87 -15.51 42.79 -35.49
N GLN M 88 -14.94 42.22 -34.42
CA GLN M 88 -14.53 43.00 -33.26
C GLN M 88 -13.28 43.81 -33.57
N VAL M 89 -12.37 43.20 -34.31
CA VAL M 89 -11.12 43.85 -34.69
C VAL M 89 -11.36 44.91 -35.75
N GLN M 90 -12.17 44.57 -36.75
CA GLN M 90 -12.51 45.50 -37.82
C GLN M 90 -13.20 46.75 -37.30
N ALA M 91 -14.11 46.56 -36.35
CA ALA M 91 -14.85 47.68 -35.77
C ALA M 91 -13.93 48.53 -34.89
N CYS M 92 -12.91 47.90 -34.32
CA CYS M 92 -12.01 48.58 -33.40
C CYS M 92 -11.00 49.47 -34.14
N PHE M 93 -10.44 48.96 -35.24
CA PHE M 93 -9.38 49.67 -35.95
C PHE M 93 -9.83 50.20 -37.30
N SER M 94 -11.11 50.08 -37.59
CA SER M 94 -11.69 50.52 -38.87
C SER M 94 -10.98 49.89 -40.07
N ARG M 95 -10.43 48.69 -39.86
CA ARG M 95 -9.69 47.98 -40.91
C ARG M 95 -9.62 46.49 -40.61
N PRO M 96 -9.47 45.67 -41.66
CA PRO M 96 -9.18 44.25 -41.46
C PRO M 96 -7.69 44.02 -41.27
N PRO M 97 -7.32 43.04 -40.42
CA PRO M 97 -5.92 42.72 -40.16
C PRO M 97 -5.16 42.29 -41.42
N SER M 98 -4.07 42.99 -41.74
CA SER M 98 -3.25 42.65 -42.89
C SER M 98 -2.28 41.52 -42.56
N VAL M 99 -2.10 41.27 -41.27
CA VAL M 99 -1.26 40.16 -40.81
C VAL M 99 -2.03 39.31 -39.79
N VAL M 100 -2.13 38.02 -40.07
CA VAL M 100 -2.86 37.11 -39.19
C VAL M 100 -2.00 35.93 -38.78
N VAL M 101 -1.83 35.74 -37.47
CA VAL M 101 -1.00 34.65 -36.95
C VAL M 101 -1.81 33.75 -36.01
N SER M 102 -1.94 32.48 -36.38
CA SER M 102 -2.66 31.52 -35.55
C SER M 102 -1.72 30.73 -34.65
N CYS M 103 -1.60 31.17 -33.40
CA CYS M 103 -0.78 30.47 -32.42
C CYS M 103 -1.65 29.70 -31.44
N ALA M 104 -2.97 29.85 -31.58
CA ALA M 104 -3.92 29.18 -30.69
C ALA M 104 -3.84 27.67 -30.87
N GLY M 105 -3.30 27.00 -29.85
CA GLY M 105 -3.16 25.56 -29.90
C GLY M 105 -3.01 24.93 -28.53
N ILE M 106 -3.46 23.68 -28.41
CA ILE M 106 -3.37 22.95 -27.14
C ILE M 106 -2.81 21.56 -27.37
N THR M 107 -2.46 20.90 -26.27
CA THR M 107 -2.02 19.51 -26.32
C THR M 107 -2.85 18.64 -25.39
N GLN M 108 -3.20 17.45 -25.84
CA GLN M 108 -3.86 16.46 -25.01
C GLN M 108 -3.27 15.10 -25.33
N ASP M 109 -1.98 14.95 -25.01
CA ASP M 109 -1.21 13.79 -25.40
C ASP M 109 -1.72 12.48 -24.80
N GLU M 110 -1.69 11.44 -25.63
CA GLU M 110 -2.06 10.09 -25.22
C GLU M 110 -1.61 9.10 -26.28
N PHE M 111 -1.25 7.89 -25.86
CA PHE M 111 -0.89 6.84 -26.79
C PHE M 111 -2.12 6.46 -27.62
N LEU M 112 -1.88 6.07 -28.87
CA LEU M 112 -2.97 5.76 -29.80
C LEU M 112 -3.98 4.76 -29.24
N LEU M 113 -3.47 3.73 -28.59
CA LEU M 113 -4.30 2.65 -28.07
C LEU M 113 -5.23 3.11 -26.94
N HIS M 114 -4.89 4.23 -26.31
CA HIS M 114 -5.63 4.69 -25.14
C HIS M 114 -6.23 6.08 -25.28
N MET M 115 -6.08 6.68 -26.46
CA MET M 115 -6.60 8.03 -26.68
C MET M 115 -8.12 8.05 -26.76
N SER M 116 -8.74 8.79 -25.84
CA SER M 116 -10.19 8.90 -25.82
C SER M 116 -10.68 9.79 -26.94
N GLU M 117 -11.97 9.68 -27.25
CA GLU M 117 -12.57 10.48 -28.31
C GLU M 117 -12.56 11.96 -27.97
N ASP M 118 -12.71 12.28 -26.68
CA ASP M 118 -12.66 13.66 -26.21
C ASP M 118 -11.29 14.27 -26.44
N ASP M 119 -10.25 13.50 -26.13
CA ASP M 119 -8.87 13.96 -26.30
C ASP M 119 -8.57 14.21 -27.78
N TRP M 120 -9.21 13.46 -28.66
CA TRP M 120 -9.05 13.64 -30.09
C TRP M 120 -9.77 14.88 -30.59
N ASP M 121 -11.05 14.99 -30.25
CA ASP M 121 -11.89 16.07 -30.74
C ASP M 121 -11.44 17.46 -30.27
N LYS M 122 -10.99 17.55 -29.03
CA LYS M 122 -10.63 18.83 -28.44
C LYS M 122 -9.41 19.45 -29.11
N VAL M 123 -8.52 18.60 -29.62
CA VAL M 123 -7.30 19.09 -30.25
C VAL M 123 -7.55 19.45 -31.71
N ILE M 124 -8.34 18.63 -32.40
CA ILE M 124 -8.70 18.88 -33.78
C ILE M 124 -9.51 20.17 -33.90
N ALA M 125 -10.43 20.37 -32.97
CA ALA M 125 -11.29 21.56 -32.98
C ALA M 125 -10.48 22.84 -32.79
N VAL M 126 -9.53 22.81 -31.86
CA VAL M 126 -8.73 23.99 -31.55
C VAL M 126 -7.62 24.23 -32.58
N ASN M 127 -6.74 23.25 -32.73
CA ASN M 127 -5.56 23.40 -33.56
C ASN M 127 -5.87 23.43 -35.06
N LEU M 128 -6.81 22.60 -35.50
CA LEU M 128 -7.10 22.47 -36.93
C LEU M 128 -8.30 23.31 -37.34
N LYS M 129 -9.46 23.04 -36.74
CA LYS M 129 -10.68 23.77 -37.08
C LYS M 129 -10.56 25.24 -36.67
N GLY M 130 -9.91 25.48 -35.54
CA GLY M 130 -9.71 26.83 -35.06
C GLY M 130 -8.89 27.66 -36.03
N THR M 131 -7.82 27.06 -36.54
CA THR M 131 -6.97 27.71 -37.52
C THR M 131 -7.74 27.96 -38.82
N PHE M 132 -8.60 27.02 -39.17
CA PHE M 132 -9.43 27.15 -40.37
C PHE M 132 -10.38 28.33 -40.27
N LEU M 133 -11.10 28.42 -39.16
CA LEU M 133 -12.09 29.47 -38.96
C LEU M 133 -11.46 30.85 -38.95
N VAL M 134 -10.28 30.96 -38.34
CA VAL M 134 -9.57 32.23 -38.29
C VAL M 134 -9.03 32.61 -39.67
N THR M 135 -8.46 31.64 -40.36
CA THR M 135 -7.93 31.86 -41.71
C THR M 135 -9.04 32.27 -42.67
N GLN M 136 -10.17 31.57 -42.60
CA GLN M 136 -11.31 31.86 -43.45
C GLN M 136 -11.86 33.26 -43.20
N ALA M 137 -12.10 33.57 -41.93
CA ALA M 137 -12.65 34.87 -41.55
C ALA M 137 -11.71 36.02 -41.90
N ALA M 138 -10.42 35.79 -41.69
CA ALA M 138 -9.41 36.80 -42.03
C ALA M 138 -9.36 37.04 -43.52
N ALA M 139 -9.52 35.96 -44.29
CA ALA M 139 -9.52 36.05 -45.75
C ALA M 139 -10.74 36.82 -46.23
N GLN M 140 -11.90 36.51 -45.65
CA GLN M 140 -13.14 37.18 -46.02
C GLN M 140 -13.10 38.67 -45.73
N ALA M 141 -12.46 39.04 -44.61
CA ALA M 141 -12.35 40.44 -44.21
C ALA M 141 -11.44 41.22 -45.17
N LEU M 142 -10.40 40.57 -45.65
CA LEU M 142 -9.44 41.22 -46.56
C LEU M 142 -9.99 41.30 -47.98
N VAL M 143 -10.64 40.24 -48.44
CA VAL M 143 -11.20 40.19 -49.78
C VAL M 143 -12.34 41.18 -49.95
N SER M 144 -13.24 41.22 -48.96
CA SER M 144 -14.39 42.11 -49.01
C SER M 144 -13.99 43.58 -49.07
N ASN M 145 -12.87 43.91 -48.43
CA ASN M 145 -12.36 45.27 -48.42
C ASN M 145 -11.34 45.50 -49.53
N GLY M 146 -10.98 44.43 -50.23
CA GLY M 146 -10.01 44.50 -51.31
C GLY M 146 -8.63 44.84 -50.81
N CYS M 147 -8.24 44.26 -49.69
CA CYS M 147 -6.96 44.54 -49.07
C CYS M 147 -5.98 43.38 -49.23
N ARG M 148 -4.70 43.71 -49.36
CA ARG M 148 -3.65 42.70 -49.43
C ARG M 148 -3.27 42.30 -48.00
N GLY M 149 -2.79 41.07 -47.84
CA GLY M 149 -2.46 40.58 -46.51
C GLY M 149 -1.53 39.39 -46.47
N SER M 150 -1.20 38.96 -45.26
CA SER M 150 -0.31 37.83 -45.05
C SER M 150 -0.79 36.96 -43.90
N ILE M 151 -1.17 35.71 -44.20
CA ILE M 151 -1.65 34.78 -43.18
C ILE M 151 -0.56 33.79 -42.81
N ILE M 152 -0.27 33.69 -41.51
CA ILE M 152 0.78 32.82 -41.02
C ILE M 152 0.25 31.84 -39.97
N ASN M 153 0.13 30.58 -40.36
CA ASN M 153 -0.38 29.56 -39.45
C ASN M 153 0.73 28.74 -38.81
N ILE M 154 0.77 28.73 -37.48
CA ILE M 154 1.79 28.01 -36.74
C ILE M 154 1.48 26.51 -36.68
N SER M 155 2.25 25.73 -37.41
CA SER M 155 2.12 24.27 -37.37
C SER M 155 3.15 23.70 -36.41
N SER M 156 3.79 22.60 -36.81
CA SER M 156 4.84 21.98 -36.01
C SER M 156 5.60 20.96 -36.84
N ILE M 157 6.82 20.64 -36.40
CA ILE M 157 7.62 19.62 -37.04
C ILE M 157 6.97 18.25 -36.82
N VAL M 158 6.13 18.17 -35.79
CA VAL M 158 5.35 16.97 -35.49
C VAL M 158 4.34 16.71 -36.61
N GLY M 159 3.81 17.78 -37.19
CA GLY M 159 2.83 17.66 -38.26
C GLY M 159 3.44 17.27 -39.60
N LYS M 160 4.72 16.88 -39.57
CA LYS M 160 5.42 16.48 -40.79
C LYS M 160 5.92 15.04 -40.68
N VAL M 161 6.29 14.63 -39.47
CA VAL M 161 6.85 13.30 -39.26
C VAL M 161 6.09 12.50 -38.20
N GLY M 162 5.17 13.16 -37.50
CA GLY M 162 4.43 12.50 -36.43
C GLY M 162 5.25 12.46 -35.15
N ASN M 163 4.60 12.07 -34.05
CA ASN M 163 5.27 12.00 -32.75
C ASN M 163 4.51 11.13 -31.76
N VAL M 164 5.25 10.33 -30.99
CA VAL M 164 4.66 9.44 -30.00
C VAL M 164 3.79 10.20 -29.00
N GLY M 165 2.54 9.76 -28.86
CA GLY M 165 1.62 10.34 -27.90
C GLY M 165 0.86 11.53 -28.45
N GLN M 166 1.11 11.86 -29.71
CA GLN M 166 0.47 13.02 -30.31
C GLN M 166 -0.24 12.69 -31.61
N THR M 167 -1.05 11.63 -31.58
CA THR M 167 -1.84 11.24 -32.75
C THR M 167 -2.82 12.35 -33.12
N ASN M 168 -3.46 12.93 -32.13
CA ASN M 168 -4.39 14.03 -32.33
C ASN M 168 -3.67 15.33 -32.70
N TYR M 169 -2.52 15.55 -32.07
CA TYR M 169 -1.75 16.77 -32.28
C TYR M 169 -1.09 16.78 -33.66
N ALA M 170 -0.50 15.66 -34.05
CA ALA M 170 0.16 15.56 -35.35
C ALA M 170 -0.83 15.71 -36.49
N ALA M 171 -1.99 15.06 -36.36
CA ALA M 171 -3.02 15.10 -37.38
C ALA M 171 -3.54 16.53 -37.58
N SER M 172 -3.65 17.26 -36.48
CA SER M 172 -4.12 18.64 -36.53
C SER M 172 -3.08 19.53 -37.18
N LYS M 173 -1.82 19.35 -36.79
CA LYS M 173 -0.73 20.15 -37.33
C LYS M 173 -0.48 19.84 -38.80
N ALA M 174 -0.60 18.56 -39.16
CA ALA M 174 -0.46 18.13 -40.55
C ALA M 174 -1.59 18.73 -41.38
N GLY M 175 -2.78 18.79 -40.79
CA GLY M 175 -3.94 19.36 -41.46
C GLY M 175 -3.77 20.84 -41.73
N VAL M 176 -3.15 21.54 -40.78
CA VAL M 176 -2.88 22.97 -40.91
C VAL M 176 -2.06 23.26 -42.18
N ILE M 177 -1.09 22.40 -42.44
CA ILE M 177 -0.23 22.54 -43.60
C ILE M 177 -1.02 22.43 -44.91
N GLY M 178 -1.80 21.36 -45.02
CA GLY M 178 -2.64 21.15 -46.19
C GLY M 178 -3.72 22.21 -46.31
N LEU M 179 -4.12 22.74 -45.17
CA LEU M 179 -5.10 23.82 -45.11
C LEU M 179 -4.50 25.10 -45.67
N THR M 180 -3.26 25.39 -45.27
CA THR M 180 -2.58 26.61 -45.66
C THR M 180 -2.19 26.60 -47.13
N GLN M 181 -1.77 25.44 -47.62
CA GLN M 181 -1.41 25.28 -49.03
C GLN M 181 -2.60 25.57 -49.93
N THR M 182 -3.78 25.12 -49.50
CA THR M 182 -5.02 25.36 -50.24
C THR M 182 -5.40 26.83 -50.20
N ALA M 183 -5.24 27.44 -49.02
CA ALA M 183 -5.53 28.85 -48.84
C ALA M 183 -4.65 29.72 -49.75
N ALA M 184 -3.36 29.39 -49.77
CA ALA M 184 -2.39 30.14 -50.58
C ALA M 184 -2.71 30.03 -52.06
N ARG M 185 -3.28 28.89 -52.45
CA ARG M 185 -3.64 28.63 -53.82
C ARG M 185 -4.81 29.49 -54.28
N GLU M 186 -5.83 29.59 -53.42
CA GLU M 186 -7.04 30.33 -53.75
C GLU M 186 -6.89 31.84 -53.54
N LEU M 187 -6.19 32.22 -52.48
CA LEU M 187 -6.10 33.62 -52.10
C LEU M 187 -4.92 34.35 -52.76
N GLY M 188 -4.16 33.63 -53.57
CA GLY M 188 -3.02 34.23 -54.26
C GLY M 188 -3.46 35.29 -55.24
N ARG M 189 -4.64 35.09 -55.82
CA ARG M 189 -5.19 36.01 -56.80
C ARG M 189 -5.80 37.25 -56.14
N HIS M 190 -6.01 37.17 -54.83
CA HIS M 190 -6.54 38.29 -54.07
C HIS M 190 -5.45 39.04 -53.33
N GLY M 191 -4.19 38.72 -53.65
CA GLY M 191 -3.06 39.38 -53.03
C GLY M 191 -2.89 39.01 -51.57
N ILE M 192 -3.20 37.76 -51.24
CA ILE M 192 -3.06 37.27 -49.88
C ILE M 192 -2.13 36.05 -49.84
N ARG M 193 -1.04 36.18 -49.10
CA ARG M 193 -0.07 35.10 -48.98
C ARG M 193 -0.34 34.24 -47.74
N CYS M 194 -0.22 32.93 -47.90
CA CYS M 194 -0.48 32.00 -46.80
C CYS M 194 0.69 31.03 -46.62
N ASN M 195 1.27 31.03 -45.43
CA ASN M 195 2.40 30.18 -45.12
C ASN M 195 2.28 29.49 -43.76
N SER M 196 3.00 28.39 -43.60
CA SER M 196 3.01 27.68 -42.33
C SER M 196 4.38 27.76 -41.68
N VAL M 197 4.40 27.76 -40.35
CA VAL M 197 5.65 27.72 -39.61
C VAL M 197 5.74 26.40 -38.86
N LEU M 198 6.89 25.72 -39.00
CA LEU M 198 7.09 24.42 -38.37
C LEU M 198 8.19 24.46 -37.34
N PRO M 199 7.88 24.94 -36.13
CA PRO M 199 8.92 25.04 -35.09
C PRO M 199 9.17 23.71 -34.38
N GLY M 200 10.42 23.47 -33.99
CA GLY M 200 10.77 22.27 -33.26
C GLY M 200 10.29 22.38 -31.83
N PHE M 201 11.18 22.13 -30.88
CA PHE M 201 10.82 22.28 -29.47
C PHE M 201 11.27 23.63 -28.96
N ILE M 202 10.30 24.42 -28.51
CA ILE M 202 10.54 25.81 -28.11
C ILE M 202 10.27 26.00 -26.62
N ALA M 203 11.11 26.80 -25.96
CA ALA M 203 10.95 27.08 -24.54
C ALA M 203 9.67 27.88 -24.27
N THR M 204 8.55 27.17 -24.17
CA THR M 204 7.26 27.79 -23.90
C THR M 204 6.54 27.02 -22.79
N PRO M 205 5.49 27.61 -22.20
CA PRO M 205 4.69 26.89 -21.20
C PRO M 205 4.16 25.55 -21.69
N MET M 206 4.01 25.41 -23.01
CA MET M 206 3.56 24.14 -23.59
C MET M 206 4.64 23.07 -23.46
N THR M 207 5.88 23.44 -23.71
CA THR M 207 7.01 22.52 -23.58
C THR M 207 7.30 22.22 -22.12
N GLN M 208 6.89 23.14 -21.24
CA GLN M 208 7.07 22.96 -19.80
C GLN M 208 6.22 21.80 -19.28
N LYS M 209 5.28 21.36 -20.09
CA LYS M 209 4.45 20.20 -19.76
C LYS M 209 5.24 18.91 -19.89
N VAL M 210 6.31 18.94 -20.69
CA VAL M 210 7.19 17.80 -20.85
C VAL M 210 8.11 17.67 -19.62
N PRO M 211 8.21 16.46 -19.07
CA PRO M 211 9.12 16.20 -17.94
C PRO M 211 10.56 16.64 -18.25
N GLN M 212 11.24 17.20 -17.24
CA GLN M 212 12.57 17.75 -17.43
C GLN M 212 13.57 16.72 -17.96
N LYS M 213 13.51 15.51 -17.41
CA LYS M 213 14.41 14.44 -17.83
C LYS M 213 14.19 14.08 -19.29
N VAL M 214 12.96 14.23 -19.75
CA VAL M 214 12.62 13.96 -21.15
C VAL M 214 13.16 15.07 -22.05
N VAL M 215 13.07 16.30 -21.57
CA VAL M 215 13.59 17.45 -22.30
C VAL M 215 15.08 17.31 -22.56
N ASP M 216 15.79 16.76 -21.57
CA ASP M 216 17.24 16.57 -21.68
C ASP M 216 17.59 15.60 -22.81
N LYS M 217 16.79 14.54 -22.96
CA LYS M 217 17.00 13.59 -24.03
C LYS M 217 16.69 14.22 -25.38
N ILE M 218 15.63 15.02 -25.42
CA ILE M 218 15.26 15.77 -26.62
C ILE M 218 16.39 16.70 -27.02
N THR M 219 16.94 17.40 -26.03
CA THR M 219 18.03 18.34 -26.24
C THR M 219 19.24 17.67 -26.89
N GLU M 220 19.53 16.44 -26.46
CA GLU M 220 20.64 15.69 -27.03
C GLU M 220 20.33 15.20 -28.43
N MET M 221 19.04 15.13 -28.76
CA MET M 221 18.60 14.69 -30.08
C MET M 221 18.61 15.85 -31.08
N ILE M 222 18.39 17.06 -30.58
CA ILE M 222 18.44 18.24 -31.42
C ILE M 222 19.87 18.55 -31.82
N PRO M 223 20.13 18.62 -33.14
CA PRO M 223 21.47 18.86 -33.70
C PRO M 223 22.16 20.09 -33.11
N MET M 224 21.42 21.17 -32.88
CA MET M 224 22.00 22.38 -32.29
C MET M 224 22.29 22.18 -30.81
N GLY M 225 21.54 21.29 -30.18
CA GLY M 225 21.79 20.90 -28.81
C GLY M 225 21.14 21.77 -27.74
N HIS M 226 19.99 22.36 -28.07
CA HIS M 226 19.23 23.15 -27.10
C HIS M 226 17.83 23.45 -27.61
N LEU M 227 16.92 23.74 -26.69
CA LEU M 227 15.55 24.10 -27.05
C LEU M 227 15.54 25.45 -27.76
N GLY M 228 14.56 25.62 -28.65
CA GLY M 228 14.42 26.87 -29.37
C GLY M 228 13.84 27.97 -28.50
N ASP M 229 14.14 29.22 -28.85
CA ASP M 229 13.58 30.36 -28.14
C ASP M 229 12.37 30.89 -28.90
N PRO M 230 11.34 31.32 -28.16
CA PRO M 230 10.10 31.83 -28.74
C PRO M 230 10.34 32.98 -29.73
N GLU M 231 11.40 33.74 -29.52
CA GLU M 231 11.74 34.85 -30.40
C GLU M 231 12.21 34.36 -31.75
N ASP M 232 12.82 33.17 -31.76
CA ASP M 232 13.30 32.57 -33.00
C ASP M 232 12.13 32.24 -33.92
N VAL M 233 11.06 31.69 -33.34
CA VAL M 233 9.84 31.45 -34.07
C VAL M 233 9.23 32.76 -34.51
N ALA M 234 9.25 33.73 -33.60
CA ALA M 234 8.72 35.06 -33.87
C ALA M 234 9.51 35.77 -34.96
N ASP M 235 10.79 35.42 -35.09
CA ASP M 235 11.64 35.97 -36.13
C ASP M 235 11.15 35.52 -37.51
N VAL M 236 10.74 34.26 -37.59
CA VAL M 236 10.20 33.70 -38.82
C VAL M 236 8.89 34.38 -39.19
N VAL M 237 7.99 34.48 -38.22
CA VAL M 237 6.69 35.10 -38.41
C VAL M 237 6.83 36.54 -38.90
N ALA M 238 7.76 37.28 -38.30
CA ALA M 238 8.01 38.67 -38.68
C ALA M 238 8.42 38.78 -40.13
N PHE M 239 9.25 37.84 -40.57
CA PHE M 239 9.71 37.81 -41.96
C PHE M 239 8.56 37.51 -42.92
N LEU M 240 7.73 36.54 -42.54
CA LEU M 240 6.58 36.16 -43.34
C LEU M 240 5.50 37.23 -43.35
N ALA M 241 5.48 38.06 -42.30
CA ALA M 241 4.50 39.13 -42.20
C ALA M 241 4.93 40.36 -43.00
N SER M 242 6.21 40.40 -43.35
CA SER M 242 6.78 41.54 -44.07
C SER M 242 6.78 41.33 -45.59
N GLU M 243 7.07 42.40 -46.33
CA GLU M 243 7.15 42.33 -47.77
C GLU M 243 8.50 41.81 -48.23
N ASP M 244 9.36 41.48 -47.28
CA ASP M 244 10.64 40.85 -47.59
C ASP M 244 10.40 39.41 -48.08
N SER M 245 9.23 38.90 -47.75
CA SER M 245 8.80 37.58 -48.22
C SER M 245 7.62 37.71 -49.17
N GLY M 246 7.61 38.79 -49.94
CA GLY M 246 6.49 39.12 -50.80
C GLY M 246 6.21 38.11 -51.91
N TYR M 247 7.20 37.27 -52.21
CA TYR M 247 7.04 36.25 -53.23
C TYR M 247 6.97 34.86 -52.60
N ILE M 248 6.73 34.82 -51.30
CA ILE M 248 6.63 33.55 -50.57
C ILE M 248 5.19 33.26 -50.15
N THR M 249 4.64 32.17 -50.68
CA THR M 249 3.32 31.72 -50.29
C THR M 249 3.20 30.21 -50.52
N GLY M 250 2.34 29.56 -49.75
CA GLY M 250 2.20 28.12 -49.81
C GLY M 250 3.46 27.41 -49.35
N THR M 251 4.24 28.10 -48.52
CA THR M 251 5.52 27.59 -48.07
C THR M 251 5.52 27.30 -46.56
N SER M 252 6.12 26.19 -46.18
CA SER M 252 6.26 25.85 -44.76
C SER M 252 7.71 26.09 -44.31
N VAL M 253 7.86 26.81 -43.19
CA VAL M 253 9.18 27.14 -42.68
C VAL M 253 9.50 26.38 -41.40
N GLU M 254 10.57 25.58 -41.44
CA GLU M 254 10.97 24.79 -40.29
C GLU M 254 12.02 25.53 -39.45
N VAL M 255 11.65 25.82 -38.20
CA VAL M 255 12.60 26.36 -37.24
C VAL M 255 12.72 25.34 -36.09
N THR M 256 13.52 24.32 -36.32
CA THR M 256 13.56 23.16 -35.42
C THR M 256 14.94 22.92 -34.83
N GLY M 257 15.95 23.61 -35.35
CA GLY M 257 17.31 23.41 -34.90
C GLY M 257 17.94 22.19 -35.52
N GLY M 258 17.29 21.67 -36.57
CA GLY M 258 17.79 20.53 -37.29
C GLY M 258 17.07 19.24 -36.94
N LEU M 259 16.10 19.32 -36.03
CA LEU M 259 15.35 18.15 -35.62
C LEU M 259 14.39 17.72 -36.73
N PHE M 260 14.53 16.46 -37.14
CA PHE M 260 13.69 15.87 -38.18
C PHE M 260 13.77 16.64 -39.50
N MET M 261 14.97 16.72 -40.07
CA MET M 261 15.17 17.41 -41.34
C MET M 261 14.40 16.74 -42.47
N HIS N 5 30.56 51.73 -37.55
CA HIS N 5 30.79 52.35 -36.26
C HIS N 5 31.52 51.39 -35.32
N HIS N 6 31.69 50.16 -35.76
CA HIS N 6 32.40 49.14 -35.00
C HIS N 6 33.16 48.20 -35.92
N HIS N 7 33.70 47.12 -35.35
CA HIS N 7 34.41 46.12 -36.14
C HIS N 7 33.45 45.34 -37.03
N MET N 8 33.78 45.23 -38.31
CA MET N 8 32.98 44.46 -39.24
C MET N 8 33.22 42.97 -39.04
N ASP N 9 32.63 42.42 -37.98
CA ASP N 9 32.84 41.02 -37.61
C ASP N 9 31.80 40.11 -38.26
N LYS N 10 31.11 40.62 -39.27
CA LYS N 10 30.18 39.82 -40.05
C LYS N 10 30.58 39.84 -41.52
N VAL N 11 31.45 38.90 -41.89
CA VAL N 11 32.00 38.86 -43.24
C VAL N 11 31.34 37.77 -44.07
N CYS N 12 30.69 38.17 -45.17
CA CYS N 12 30.03 37.21 -46.04
C CYS N 12 30.76 37.07 -47.38
N ALA N 13 31.04 35.83 -47.75
CA ALA N 13 31.66 35.54 -49.04
C ALA N 13 30.63 34.97 -50.00
N VAL N 14 30.22 35.77 -50.97
CA VAL N 14 29.18 35.37 -51.91
C VAL N 14 29.76 34.91 -53.25
N PHE N 15 29.80 33.60 -53.45
CA PHE N 15 30.26 33.05 -54.71
C PHE N 15 29.19 33.20 -55.78
N GLY N 16 29.59 33.71 -56.94
CA GLY N 16 28.63 34.02 -57.99
C GLY N 16 27.88 35.30 -57.66
N GLY N 17 28.55 36.19 -56.95
CA GLY N 17 27.93 37.43 -56.48
C GLY N 17 28.08 38.59 -57.43
N SER N 18 28.46 38.32 -58.67
CA SER N 18 28.63 39.36 -59.67
C SER N 18 27.38 39.51 -60.52
N ARG N 19 26.52 38.49 -60.50
CA ARG N 19 25.32 38.47 -61.33
C ARG N 19 24.15 37.79 -60.63
N GLY N 20 22.95 38.08 -61.11
CA GLY N 20 21.74 37.41 -60.66
C GLY N 20 21.45 37.50 -59.17
N ILE N 21 21.13 36.35 -58.57
CA ILE N 21 20.77 36.29 -57.16
C ILE N 21 21.95 36.62 -56.25
N GLY N 22 23.12 36.09 -56.61
CA GLY N 22 24.34 36.32 -55.85
C GLY N 22 24.66 37.80 -55.68
N ARG N 23 24.41 38.57 -56.72
CA ARG N 23 24.64 40.01 -56.68
C ARG N 23 23.55 40.69 -55.86
N ALA N 24 22.32 40.20 -56.00
CA ALA N 24 21.19 40.72 -55.23
C ALA N 24 21.38 40.49 -53.75
N VAL N 25 21.83 39.29 -53.41
CA VAL N 25 22.18 38.96 -52.02
C VAL N 25 23.25 39.91 -51.51
N ALA N 26 24.23 40.17 -52.35
CA ALA N 26 25.33 41.06 -52.00
C ALA N 26 24.85 42.46 -51.67
N GLN N 27 24.21 43.11 -52.65
CA GLN N 27 23.73 44.48 -52.48
C GLN N 27 22.86 44.66 -51.24
N LEU N 28 22.15 43.60 -50.86
CA LEU N 28 21.27 43.64 -49.71
C LEU N 28 22.03 43.56 -48.39
N MET N 29 23.01 42.65 -48.32
CA MET N 29 23.78 42.46 -47.10
C MET N 29 24.74 43.62 -46.85
N ALA N 30 25.14 44.30 -47.91
CA ALA N 30 26.03 45.45 -47.78
C ALA N 30 25.33 46.59 -47.06
N ARG N 31 24.03 46.74 -47.30
CA ARG N 31 23.24 47.78 -46.66
C ARG N 31 22.94 47.43 -45.21
N LYS N 32 23.07 46.16 -44.86
CA LYS N 32 22.75 45.71 -43.51
C LYS N 32 23.97 45.70 -42.59
N GLY N 33 25.11 46.16 -43.10
CA GLY N 33 26.31 46.29 -42.29
C GLY N 33 27.23 45.09 -42.33
N TYR N 34 27.09 44.28 -43.38
CA TYR N 34 28.02 43.16 -43.58
C TYR N 34 29.21 43.60 -44.43
N ARG N 35 30.35 42.95 -44.25
CA ARG N 35 31.49 43.14 -45.14
C ARG N 35 31.50 41.99 -46.15
N LEU N 36 31.67 42.32 -47.43
CA LEU N 36 31.39 41.37 -48.48
C LEU N 36 32.58 40.98 -49.34
N ALA N 37 32.48 39.78 -49.93
CA ALA N 37 33.46 39.29 -50.89
C ALA N 37 32.76 38.82 -52.15
N VAL N 38 32.73 39.68 -53.17
CA VAL N 38 32.12 39.34 -54.45
C VAL N 38 33.05 38.44 -55.25
N ILE N 39 32.63 37.19 -55.46
CA ILE N 39 33.50 36.20 -56.10
C ILE N 39 32.88 35.60 -57.37
N ALA N 40 33.66 35.58 -58.44
CA ALA N 40 33.25 35.00 -59.71
C ALA N 40 34.50 34.67 -60.52
N ARG N 41 34.32 34.09 -61.71
CA ARG N 41 35.46 33.82 -62.58
C ARG N 41 35.99 35.11 -63.18
N ASN N 42 35.09 35.92 -63.74
CA ASN N 42 35.45 37.20 -64.33
C ASN N 42 35.72 38.25 -63.25
N LEU N 43 36.94 38.77 -63.21
CA LEU N 43 37.33 39.73 -62.17
C LEU N 43 36.67 41.08 -62.37
N GLU N 44 36.57 41.52 -63.62
CA GLU N 44 35.99 42.82 -63.94
C GLU N 44 34.52 42.91 -63.53
N GLY N 45 33.81 41.79 -63.64
CA GLY N 45 32.41 41.74 -63.27
C GLY N 45 32.21 41.81 -61.76
N ALA N 46 33.10 41.16 -61.02
CA ALA N 46 33.02 41.16 -59.56
C ALA N 46 33.39 42.52 -58.99
N LYS N 47 34.32 43.22 -59.65
CA LYS N 47 34.74 44.53 -59.21
C LYS N 47 33.64 45.57 -59.38
N ALA N 48 32.94 45.50 -60.52
CA ALA N 48 31.85 46.44 -60.81
C ALA N 48 30.73 46.27 -59.81
N ALA N 49 30.48 45.02 -59.41
CA ALA N 49 29.47 44.73 -58.41
C ALA N 49 29.90 45.25 -57.04
N ALA N 50 31.14 44.92 -56.65
CA ALA N 50 31.68 45.35 -55.37
C ALA N 50 31.88 46.86 -55.32
N GLY N 51 32.00 47.48 -56.49
CA GLY N 51 32.20 48.91 -56.58
C GLY N 51 30.99 49.70 -56.12
N ASP N 52 29.80 49.15 -56.35
CA ASP N 52 28.56 49.82 -55.97
C ASP N 52 28.11 49.39 -54.57
N LEU N 53 28.96 48.68 -53.86
CA LEU N 53 28.65 48.24 -52.51
C LEU N 53 29.31 49.16 -51.48
N GLY N 54 30.57 49.50 -51.74
CA GLY N 54 31.34 50.33 -50.83
C GLY N 54 32.82 49.96 -50.88
N GLY N 55 33.67 50.86 -50.39
CA GLY N 55 35.10 50.64 -50.42
C GLY N 55 35.56 49.53 -49.50
N ASP N 56 34.73 49.20 -48.51
CA ASP N 56 35.06 48.16 -47.55
C ASP N 56 34.94 46.76 -48.17
N HIS N 57 34.16 46.66 -49.25
CA HIS N 57 33.89 45.39 -49.89
C HIS N 57 34.92 45.10 -50.98
N LEU N 58 35.28 43.83 -51.14
CA LEU N 58 36.32 43.45 -52.08
C LEU N 58 35.82 42.44 -53.12
N ALA N 59 36.54 42.34 -54.23
CA ALA N 59 36.21 41.40 -55.29
C ALA N 59 37.33 40.38 -55.47
N PHE N 60 36.94 39.14 -55.78
CA PHE N 60 37.90 38.06 -55.94
C PHE N 60 37.59 37.19 -57.15
N SER N 61 38.60 36.52 -57.69
CA SER N 61 38.44 35.64 -58.84
CA SER N 61 38.42 35.64 -58.83
C SER N 61 38.57 34.18 -58.43
N CYS N 62 37.64 33.35 -58.86
CA CYS N 62 37.67 31.93 -58.53
C CYS N 62 36.78 31.10 -59.43
N ASP N 63 37.23 29.88 -59.73
CA ASP N 63 36.41 28.90 -60.41
C ASP N 63 36.07 27.78 -59.44
N VAL N 64 34.83 27.76 -58.96
CA VAL N 64 34.42 26.86 -57.88
C VAL N 64 34.52 25.38 -58.26
N ALA N 65 34.65 25.10 -59.56
CA ALA N 65 34.82 23.73 -60.01
C ALA N 65 36.25 23.25 -59.76
N LYS N 66 37.17 24.20 -59.66
CA LYS N 66 38.56 23.89 -59.37
C LYS N 66 38.84 24.02 -57.88
N GLU N 67 39.40 22.98 -57.28
CA GLU N 67 39.57 22.92 -55.83
C GLU N 67 40.61 23.91 -55.28
N HIS N 68 41.71 24.07 -56.00
CA HIS N 68 42.81 24.90 -55.49
C HIS N 68 42.53 26.38 -55.67
N ASP N 69 41.73 26.71 -56.68
CA ASP N 69 41.31 28.10 -56.88
C ASP N 69 40.34 28.51 -55.77
N VAL N 70 39.65 27.53 -55.20
CA VAL N 70 38.78 27.78 -54.06
C VAL N 70 39.61 28.04 -52.81
N GLN N 71 40.60 27.18 -52.57
CA GLN N 71 41.47 27.30 -51.41
C GLN N 71 42.31 28.58 -51.46
N ASN N 72 42.86 28.88 -52.62
CA ASN N 72 43.65 30.10 -52.80
C ASN N 72 42.81 31.36 -52.62
N THR N 73 41.54 31.26 -53.00
CA THR N 73 40.61 32.38 -52.84
C THR N 73 40.32 32.61 -51.37
N PHE N 74 40.03 31.52 -50.65
CA PHE N 74 39.78 31.59 -49.22
C PHE N 74 41.00 32.10 -48.46
N GLU N 75 42.18 31.64 -48.88
CA GLU N 75 43.42 32.06 -48.25
C GLU N 75 43.63 33.56 -48.38
N GLU N 76 43.07 34.15 -49.44
CA GLU N 76 43.14 35.59 -49.64
C GLU N 76 41.94 36.29 -49.03
N LEU N 77 40.92 35.53 -48.67
CA LEU N 77 39.76 36.08 -47.96
C LEU N 77 40.12 36.40 -46.52
N GLU N 78 40.86 35.48 -45.89
CA GLU N 78 41.27 35.66 -44.50
C GLU N 78 42.42 36.65 -44.35
N LYS N 79 43.09 36.94 -45.45
CA LYS N 79 44.22 37.87 -45.43
C LYS N 79 43.78 39.30 -45.73
N HIS N 80 42.51 39.46 -46.09
CA HIS N 80 41.97 40.77 -46.44
C HIS N 80 40.78 41.15 -45.57
N LEU N 81 39.80 40.25 -45.51
CA LEU N 81 38.55 40.53 -44.81
C LEU N 81 38.52 39.88 -43.42
N GLY N 82 39.44 38.96 -43.19
CA GLY N 82 39.44 38.19 -41.97
C GLY N 82 38.63 36.91 -42.15
N ARG N 83 38.20 36.32 -41.05
CA ARG N 83 37.44 35.07 -41.11
C ARG N 83 36.03 35.27 -41.64
N VAL N 84 35.60 34.36 -42.51
CA VAL N 84 34.27 34.40 -43.06
C VAL N 84 33.29 33.61 -42.19
N ASN N 85 32.28 34.30 -41.67
CA ASN N 85 31.26 33.66 -40.84
C ASN N 85 29.97 33.44 -41.60
N PHE N 86 29.91 33.94 -42.84
CA PHE N 86 28.75 33.73 -43.69
C PHE N 86 29.17 33.32 -45.10
N LEU N 87 28.59 32.24 -45.59
CA LEU N 87 28.91 31.73 -46.92
C LEU N 87 27.66 31.57 -47.77
N VAL N 88 27.70 32.09 -48.99
CA VAL N 88 26.59 31.96 -49.93
C VAL N 88 27.06 31.40 -51.26
N ASN N 89 26.54 30.22 -51.62
CA ASN N 89 26.88 29.57 -52.88
C ASN N 89 25.83 29.84 -53.95
N ALA N 90 26.05 30.88 -54.75
CA ALA N 90 25.11 31.25 -55.80
C ALA N 90 25.74 31.09 -57.16
N ALA N 91 26.92 30.49 -57.21
CA ALA N 91 27.60 30.22 -58.47
C ALA N 91 26.99 28.99 -59.13
N GLY N 92 26.31 29.21 -60.25
CA GLY N 92 25.64 28.13 -60.96
C GLY N 92 25.43 28.41 -62.43
N ILE N 93 25.31 27.34 -63.21
CA ILE N 93 25.06 27.45 -64.64
C ILE N 93 23.94 26.50 -65.08
N ASN N 94 23.18 26.90 -66.08
CA ASN N 94 22.13 26.06 -66.63
C ASN N 94 21.85 26.32 -68.10
N ARG N 95 21.84 25.24 -68.88
CA ARG N 95 21.40 25.31 -70.27
C ARG N 95 20.34 24.23 -70.52
N ASP N 96 19.11 24.67 -70.74
CA ASP N 96 17.99 23.75 -70.92
C ASP N 96 18.19 22.85 -72.13
N GLY N 97 17.55 21.69 -72.10
CA GLY N 97 17.65 20.73 -73.20
C GLY N 97 17.26 19.32 -72.79
N LEU N 98 16.93 18.51 -73.79
CA LEU N 98 16.55 17.12 -73.54
C LEU N 98 17.78 16.30 -73.13
N LEU N 99 17.55 15.25 -72.36
CA LEU N 99 18.63 14.40 -71.88
C LEU N 99 19.31 13.66 -73.04
N VAL N 100 18.51 13.29 -74.04
CA VAL N 100 19.02 12.56 -75.19
C VAL N 100 19.87 13.44 -76.09
N ARG N 101 19.67 14.74 -76.00
CA ARG N 101 20.41 15.68 -76.83
C ARG N 101 21.43 16.47 -76.02
N THR N 102 21.56 16.11 -74.74
CA THR N 102 22.53 16.76 -73.86
C THR N 102 23.82 15.96 -73.80
N LYS N 103 24.92 16.58 -74.24
CA LYS N 103 26.21 15.93 -74.26
C LYS N 103 26.74 15.70 -72.85
N THR N 104 27.70 14.78 -72.72
CA THR N 104 28.20 14.36 -71.42
C THR N 104 28.94 15.47 -70.67
N GLU N 105 29.77 16.24 -71.38
CA GLU N 105 30.52 17.31 -70.75
C GLU N 105 29.59 18.43 -70.30
N ASP N 106 28.42 18.52 -70.91
CA ASP N 106 27.41 19.47 -70.50
C ASP N 106 26.78 19.02 -69.18
N MET N 107 26.82 17.71 -68.95
CA MET N 107 26.32 17.13 -67.71
C MET N 107 27.39 17.21 -66.63
N VAL N 108 28.65 17.10 -67.06
CA VAL N 108 29.78 17.16 -66.14
C VAL N 108 30.01 18.60 -65.67
N SER N 109 29.93 19.55 -66.59
CA SER N 109 30.15 20.96 -66.28
C SER N 109 29.14 21.46 -65.26
N GLN N 110 27.87 21.09 -65.43
CA GLN N 110 26.84 21.48 -64.48
C GLN N 110 27.02 20.76 -63.14
N LEU N 111 27.48 19.52 -63.20
CA LEU N 111 27.69 18.73 -61.99
C LEU N 111 28.85 19.27 -61.17
N HIS N 112 29.88 19.78 -61.85
CA HIS N 112 31.07 20.28 -61.17
C HIS N 112 30.89 21.72 -60.69
N THR N 113 30.04 22.48 -61.39
CA THR N 113 29.81 23.87 -61.04
C THR N 113 28.72 24.01 -59.97
N ASN N 114 27.56 23.44 -60.24
CA ASN N 114 26.40 23.61 -59.37
C ASN N 114 26.45 22.77 -58.10
N LEU N 115 27.07 21.59 -58.19
CA LEU N 115 27.09 20.68 -57.06
C LEU N 115 28.46 20.60 -56.40
N LEU N 116 29.47 20.20 -57.17
CA LEU N 116 30.83 20.07 -56.65
C LEU N 116 31.38 21.42 -56.18
N GLY N 117 30.97 22.48 -56.88
CA GLY N 117 31.42 23.83 -56.56
C GLY N 117 31.02 24.27 -55.16
N SER N 118 29.80 23.96 -54.77
CA SER N 118 29.29 24.34 -53.46
C SER N 118 29.92 23.50 -52.36
N MET N 119 30.20 22.23 -52.66
CA MET N 119 30.80 21.32 -51.69
C MET N 119 32.25 21.72 -51.37
N LEU N 120 32.94 22.26 -52.37
CA LEU N 120 34.32 22.71 -52.18
C LEU N 120 34.39 23.97 -51.33
N THR N 121 33.52 24.93 -51.63
CA THR N 121 33.48 26.18 -50.89
C THR N 121 33.05 25.96 -49.44
N CYS N 122 32.14 25.00 -49.23
CA CYS N 122 31.69 24.66 -47.89
C CYS N 122 32.80 23.97 -47.11
N LYS N 123 33.65 23.21 -47.81
CA LYS N 123 34.76 22.53 -47.17
C LYS N 123 35.78 23.52 -46.65
N ALA N 124 36.14 24.49 -47.48
CA ALA N 124 37.13 25.50 -47.11
C ALA N 124 36.58 26.44 -46.04
N ALA N 125 35.27 26.60 -46.01
CA ALA N 125 34.62 27.45 -45.02
C ALA N 125 34.61 26.79 -43.64
N MET N 126 34.57 25.47 -43.64
CA MET N 126 34.56 24.69 -42.39
C MET N 126 35.79 24.99 -41.53
N ARG N 127 36.96 24.78 -42.11
CA ARG N 127 38.23 24.90 -41.41
C ARG N 127 38.38 26.17 -40.58
N THR N 128 37.70 27.24 -41.01
CA THR N 128 37.69 28.48 -40.24
C THR N 128 36.50 28.51 -39.29
N MET N 129 35.35 28.03 -39.78
CA MET N 129 34.13 28.02 -38.99
C MET N 129 34.17 26.94 -37.90
N ILE N 130 34.87 25.84 -38.18
CA ILE N 130 35.05 24.78 -37.21
C ILE N 130 35.82 25.28 -35.99
N GLN N 131 36.98 25.87 -36.25
CA GLN N 131 37.86 26.36 -35.19
C GLN N 131 37.21 27.48 -34.38
N GLN N 132 36.41 28.30 -35.04
CA GLN N 132 35.76 29.43 -34.38
C GLN N 132 34.46 29.05 -33.69
N GLN N 133 33.96 27.86 -34.02
CA GLN N 133 32.68 27.37 -33.49
C GLN N 133 31.56 28.37 -33.75
N GLY N 134 31.32 28.66 -35.03
CA GLY N 134 30.30 29.60 -35.42
C GLY N 134 30.35 29.93 -36.90
N GLY N 135 29.20 29.87 -37.56
CA GLY N 135 29.11 30.17 -38.97
C GLY N 135 27.72 29.93 -39.53
N SER N 136 27.47 30.46 -40.72
CA SER N 136 26.16 30.31 -41.36
C SER N 136 26.30 30.19 -42.88
N ILE N 137 25.86 29.07 -43.43
CA ILE N 137 25.96 28.81 -44.86
C ILE N 137 24.60 28.66 -45.52
N VAL N 138 24.44 29.26 -46.69
CA VAL N 138 23.23 29.09 -47.48
C VAL N 138 23.58 28.73 -48.92
N ASN N 139 23.11 27.57 -49.36
CA ASN N 139 23.31 27.14 -50.74
C ASN N 139 22.10 27.46 -51.59
N VAL N 140 22.32 28.16 -52.70
CA VAL N 140 21.22 28.53 -53.59
C VAL N 140 20.91 27.40 -54.57
N GLY N 141 19.91 26.59 -54.23
CA GLY N 141 19.48 25.51 -55.08
C GLY N 141 18.39 25.96 -56.04
N SER N 142 17.39 25.11 -56.23
CA SER N 142 16.27 25.44 -57.12
C SER N 142 15.04 24.60 -56.79
N ILE N 143 13.88 25.08 -57.23
CA ILE N 143 12.63 24.35 -57.03
C ILE N 143 12.61 23.08 -57.87
N VAL N 144 13.31 23.12 -59.00
CA VAL N 144 13.38 21.97 -59.89
C VAL N 144 14.35 20.92 -59.34
N GLY N 145 15.17 21.33 -58.39
CA GLY N 145 16.08 20.40 -57.74
C GLY N 145 15.32 19.45 -56.83
N LEU N 146 14.09 19.83 -56.51
CA LEU N 146 13.23 19.03 -55.63
C LEU N 146 12.21 18.23 -56.43
N LYS N 147 11.37 18.94 -57.19
CA LYS N 147 10.24 18.31 -57.85
C LYS N 147 10.52 18.01 -59.32
N GLY N 148 11.65 18.49 -59.82
CA GLY N 148 12.05 18.23 -61.19
C GLY N 148 11.29 19.05 -62.22
N ASN N 149 11.87 19.17 -63.41
CA ASN N 149 11.24 19.91 -64.50
C ASN N 149 11.70 19.39 -65.85
N SER N 150 10.77 19.25 -66.78
CA SER N 150 11.08 18.72 -68.11
C SER N 150 12.03 19.63 -68.87
N GLY N 151 13.07 19.05 -69.44
CA GLY N 151 14.07 19.80 -70.19
C GLY N 151 15.17 20.34 -69.30
N GLN N 152 15.08 20.04 -68.01
CA GLN N 152 16.07 20.51 -67.04
C GLN N 152 16.53 19.39 -66.12
N SER N 153 16.74 18.21 -66.70
CA SER N 153 17.12 17.04 -65.91
C SER N 153 18.50 17.17 -65.28
N VAL N 154 19.42 17.79 -66.01
CA VAL N 154 20.79 17.96 -65.53
C VAL N 154 20.87 18.97 -64.40
N TYR N 155 20.13 20.07 -64.54
CA TYR N 155 20.08 21.12 -63.52
C TYR N 155 19.35 20.63 -62.28
N SER N 156 18.36 19.77 -62.49
CA SER N 156 17.58 19.21 -61.38
C SER N 156 18.44 18.26 -60.55
N ALA N 157 19.37 17.57 -61.21
CA ALA N 157 20.28 16.66 -60.52
C ALA N 157 21.38 17.42 -59.80
N SER N 158 21.89 18.47 -60.45
CA SER N 158 22.98 19.26 -59.90
C SER N 158 22.53 20.09 -58.69
N LYS N 159 21.28 20.55 -58.73
CA LYS N 159 20.73 21.33 -57.63
C LYS N 159 20.06 20.45 -56.59
N GLY N 160 19.67 19.25 -57.01
CA GLY N 160 19.01 18.31 -56.12
C GLY N 160 19.96 17.75 -55.08
N GLY N 161 21.25 17.70 -55.43
CA GLY N 161 22.27 17.19 -54.52
C GLY N 161 22.58 18.12 -53.38
N LEU N 162 22.26 19.40 -53.57
CA LEU N 162 22.50 20.41 -52.55
C LEU N 162 21.65 20.18 -51.30
N VAL N 163 20.46 19.63 -51.49
CA VAL N 163 19.53 19.40 -50.39
C VAL N 163 20.06 18.34 -49.43
N GLY N 164 20.41 17.18 -49.96
CA GLY N 164 20.94 16.10 -49.16
C GLY N 164 22.28 16.44 -48.53
N PHE N 165 23.12 17.13 -49.30
CA PHE N 165 24.45 17.52 -48.83
C PHE N 165 24.39 18.52 -47.69
N SER N 166 23.59 19.56 -47.85
CA SER N 166 23.48 20.62 -46.84
C SER N 166 22.91 20.07 -45.54
N ARG N 167 21.97 19.15 -45.63
CA ARG N 167 21.38 18.54 -44.45
C ARG N 167 22.36 17.59 -43.77
N ALA N 168 23.18 16.93 -44.58
CA ALA N 168 24.22 16.06 -44.05
C ALA N 168 25.32 16.88 -43.40
N LEU N 169 25.61 18.04 -44.00
CA LEU N 169 26.62 18.93 -43.46
C LEU N 169 26.08 19.64 -42.22
N ALA N 170 24.79 19.89 -42.20
CA ALA N 170 24.15 20.55 -41.06
C ALA N 170 24.21 19.67 -39.81
N LYS N 171 23.87 18.40 -39.96
CA LYS N 171 23.93 17.45 -38.86
C LYS N 171 25.36 17.29 -38.35
N GLU N 172 26.29 17.27 -39.28
CA GLU N 172 27.70 17.00 -38.99
C GLU N 172 28.36 18.10 -38.17
N VAL N 173 27.85 19.32 -38.27
CA VAL N 173 28.55 20.47 -37.74
C VAL N 173 27.68 21.40 -36.89
N ALA N 174 26.44 20.98 -36.63
CA ALA N 174 25.49 21.79 -35.87
C ALA N 174 25.98 22.10 -34.45
N ARG N 175 26.64 21.14 -33.82
CA ARG N 175 27.12 21.30 -32.46
C ARG N 175 28.27 22.30 -32.38
N LYS N 176 28.85 22.64 -33.54
CA LYS N 176 29.87 23.66 -33.60
C LYS N 176 29.25 25.02 -33.90
N LYS N 177 27.97 25.16 -33.61
CA LYS N 177 27.21 26.40 -33.83
C LYS N 177 27.29 26.87 -35.28
N ILE N 178 27.18 25.94 -36.22
CA ILE N 178 27.21 26.28 -37.64
C ILE N 178 25.92 25.83 -38.34
N ARG N 179 25.30 26.74 -39.07
CA ARG N 179 24.03 26.45 -39.74
CA ARG N 179 24.03 26.44 -39.74
C ARG N 179 24.19 26.37 -41.25
N VAL N 180 23.58 25.35 -41.85
CA VAL N 180 23.59 25.18 -43.30
C VAL N 180 22.16 25.03 -43.81
N ASN N 181 21.76 25.92 -44.72
CA ASN N 181 20.42 25.87 -45.29
C ASN N 181 20.41 26.06 -46.81
N VAL N 182 19.27 25.81 -47.41
CA VAL N 182 19.12 25.92 -48.86
C VAL N 182 17.91 26.77 -49.24
N VAL N 183 18.13 27.71 -50.15
CA VAL N 183 17.02 28.46 -50.73
C VAL N 183 16.61 27.77 -52.03
N ALA N 184 15.31 27.56 -52.21
CA ALA N 184 14.79 26.93 -53.42
C ALA N 184 13.92 27.90 -54.20
N PRO N 185 14.55 28.74 -55.05
CA PRO N 185 13.82 29.74 -55.83
C PRO N 185 12.94 29.11 -56.90
N GLY N 186 11.80 29.73 -57.20
CA GLY N 186 10.95 29.29 -58.27
C GLY N 186 11.44 29.83 -59.60
N PHE N 187 10.55 30.51 -60.33
CA PHE N 187 10.93 31.10 -61.60
C PHE N 187 11.21 32.59 -61.43
N VAL N 188 12.47 32.97 -61.69
CA VAL N 188 12.93 34.33 -61.50
C VAL N 188 13.24 34.99 -62.84
N HIS N 189 13.02 36.31 -62.91
CA HIS N 189 13.39 37.07 -64.10
C HIS N 189 14.89 36.97 -64.35
N THR N 190 15.26 36.90 -65.63
CA THR N 190 16.65 36.71 -66.06
C THR N 190 17.25 35.45 -65.45
N GLU N 199 5.46 33.45 -70.35
CA GLU N 199 4.68 34.44 -69.62
C GLU N 199 3.21 34.03 -69.54
N HIS N 200 2.85 33.01 -70.31
CA HIS N 200 1.53 32.40 -70.19
C HIS N 200 1.56 31.42 -69.03
N LEU N 201 2.79 31.08 -68.63
CA LEU N 201 3.05 30.19 -67.51
C LEU N 201 2.71 30.86 -66.17
N LYS N 202 2.83 32.17 -66.14
CA LYS N 202 2.57 32.95 -64.92
C LYS N 202 1.09 32.90 -64.53
N LYS N 203 0.23 32.55 -65.48
CA LYS N 203 -1.20 32.52 -65.24
C LYS N 203 -1.63 31.31 -64.41
N ASN N 204 -0.67 30.48 -64.01
CA ASN N 204 -0.96 29.31 -63.20
C ASN N 204 -0.22 29.32 -61.87
N ILE N 205 0.64 30.32 -61.69
CA ILE N 205 1.30 30.54 -60.41
C ILE N 205 0.39 31.41 -59.54
N PRO N 206 0.13 30.96 -58.30
CA PRO N 206 -0.77 31.64 -57.35
C PRO N 206 -0.59 33.15 -57.25
N LEU N 207 0.66 33.62 -57.29
CA LEU N 207 0.93 35.05 -57.24
C LEU N 207 0.89 35.68 -58.62
N GLY N 208 0.77 34.84 -59.65
CA GLY N 208 0.62 35.29 -61.02
C GLY N 208 1.76 36.15 -61.52
N ARG N 209 2.99 35.78 -61.15
CA ARG N 209 4.16 36.54 -61.55
CA ARG N 209 4.16 36.59 -61.43
C ARG N 209 5.45 35.78 -61.27
N PHE N 210 6.51 36.17 -61.97
CA PHE N 210 7.83 35.59 -61.75
C PHE N 210 8.55 36.36 -60.65
N GLY N 211 9.42 35.69 -59.91
CA GLY N 211 10.12 36.32 -58.83
C GLY N 211 11.22 37.26 -59.27
N GLU N 212 11.67 38.10 -58.36
CA GLU N 212 12.83 38.96 -58.62
C GLU N 212 14.01 38.48 -57.79
N THR N 213 15.22 38.76 -58.26
CA THR N 213 16.43 38.30 -57.59
C THR N 213 16.55 38.88 -56.19
N ILE N 214 16.01 40.07 -56.00
CA ILE N 214 16.04 40.74 -54.71
C ILE N 214 15.11 40.02 -53.72
N GLU N 215 14.06 39.40 -54.24
CA GLU N 215 13.12 38.66 -53.41
C GLU N 215 13.74 37.38 -52.87
N VAL N 216 14.54 36.74 -53.71
CA VAL N 216 15.28 35.55 -53.30
C VAL N 216 16.39 35.96 -52.34
N ALA N 217 16.94 37.15 -52.57
CA ALA N 217 18.02 37.67 -51.73
C ALA N 217 17.57 37.84 -50.29
N HIS N 218 16.34 38.30 -50.09
CA HIS N 218 15.79 38.48 -48.75
C HIS N 218 15.65 37.15 -48.03
N ALA N 219 15.35 36.10 -48.79
CA ALA N 219 15.23 34.76 -48.22
C ALA N 219 16.60 34.24 -47.77
N VAL N 220 17.61 34.53 -48.57
CA VAL N 220 18.99 34.14 -48.24
C VAL N 220 19.43 34.80 -46.94
N VAL N 221 19.27 36.11 -46.87
CA VAL N 221 19.65 36.88 -45.69
C VAL N 221 18.88 36.39 -44.46
N PHE N 222 17.58 36.12 -44.64
CA PHE N 222 16.74 35.62 -43.56
C PHE N 222 17.25 34.30 -43.01
N LEU N 223 17.55 33.35 -43.91
CA LEU N 223 18.10 32.06 -43.51
C LEU N 223 19.45 32.22 -42.83
N LEU N 224 20.23 33.17 -43.32
CA LEU N 224 21.55 33.45 -42.74
C LEU N 224 21.44 34.07 -41.36
N GLU N 225 20.32 34.76 -41.10
CA GLU N 225 20.16 35.49 -39.85
C GLU N 225 19.26 34.79 -38.84
N SER N 226 18.60 33.71 -39.26
CA SER N 226 17.69 33.00 -38.36
C SER N 226 18.46 31.98 -37.52
N PRO N 227 18.54 32.23 -36.20
CA PRO N 227 19.40 31.50 -35.26
C PRO N 227 19.06 30.01 -35.09
N TYR N 228 17.78 29.66 -35.12
CA TYR N 228 17.36 28.30 -34.80
C TYR N 228 16.91 27.55 -36.05
N ILE N 229 17.55 27.81 -37.17
CA ILE N 229 17.21 27.15 -38.43
C ILE N 229 18.44 26.55 -39.11
N THR N 230 18.42 25.23 -39.29
CA THR N 230 19.48 24.55 -40.03
C THR N 230 18.91 23.32 -40.74
N GLY N 231 19.51 22.97 -41.88
CA GLY N 231 19.07 21.84 -42.65
C GLY N 231 17.71 22.05 -43.29
N HIS N 232 17.33 23.32 -43.47
CA HIS N 232 16.03 23.65 -44.02
C HIS N 232 16.12 24.15 -45.46
N VAL N 233 15.23 23.64 -46.30
CA VAL N 233 15.12 24.11 -47.68
C VAL N 233 13.97 25.10 -47.80
N LEU N 234 14.31 26.38 -47.93
CA LEU N 234 13.31 27.43 -48.04
C LEU N 234 12.90 27.66 -49.49
N VAL N 235 11.61 27.55 -49.76
CA VAL N 235 11.09 27.68 -51.13
C VAL N 235 10.56 29.08 -51.41
N VAL N 236 11.07 29.68 -52.48
CA VAL N 236 10.61 30.99 -52.92
C VAL N 236 10.13 30.90 -54.37
N ASP N 237 8.83 30.74 -54.55
CA ASP N 237 8.30 30.42 -55.87
C ASP N 237 6.92 31.03 -56.16
N GLY N 238 6.36 31.71 -55.17
CA GLY N 238 5.05 32.32 -55.32
C GLY N 238 3.94 31.29 -55.43
N GLY N 239 4.21 30.08 -54.98
CA GLY N 239 3.21 29.02 -54.98
C GLY N 239 3.35 28.05 -56.13
N LEU N 240 4.49 28.10 -56.82
CA LEU N 240 4.77 27.21 -57.94
C LEU N 240 4.84 25.75 -57.48
N GLN N 241 5.32 25.56 -56.24
CA GLN N 241 5.48 24.24 -55.64
C GLN N 241 4.19 23.44 -55.62
N LEU N 242 3.07 24.15 -55.57
CA LEU N 242 1.76 23.53 -55.40
C LEU N 242 1.14 23.05 -56.72
N ILE N 243 1.71 23.49 -57.84
CA ILE N 243 1.18 23.13 -59.15
C ILE N 243 2.28 22.68 -60.12
N LEU N 244 3.45 22.37 -59.59
CA LEU N 244 4.57 21.94 -60.42
C LEU N 244 4.52 20.43 -60.66
N MET O 8 6.64 -6.22 -69.19
CA MET O 8 6.00 -6.76 -70.38
C MET O 8 6.99 -7.57 -71.22
N ASP O 9 8.17 -7.02 -71.44
CA ASP O 9 9.18 -7.67 -72.25
C ASP O 9 9.99 -8.69 -71.45
N LYS O 10 9.91 -8.57 -70.13
CA LYS O 10 10.63 -9.45 -69.20
C LYS O 10 12.13 -9.43 -69.45
N VAL O 11 12.65 -8.28 -69.88
CA VAL O 11 14.08 -8.09 -70.09
C VAL O 11 14.58 -6.90 -69.30
N CYS O 12 15.44 -7.15 -68.31
CA CYS O 12 15.90 -6.09 -67.43
C CYS O 12 17.42 -6.01 -67.34
N ALA O 13 17.94 -4.78 -67.31
CA ALA O 13 19.37 -4.55 -67.11
C ALA O 13 19.61 -3.98 -65.73
N VAL O 14 20.34 -4.71 -64.90
CA VAL O 14 20.61 -4.29 -63.54
C VAL O 14 22.07 -3.88 -63.36
N PHE O 15 22.31 -2.58 -63.29
CA PHE O 15 23.66 -2.06 -63.07
C PHE O 15 24.02 -2.14 -61.59
N GLY O 16 25.20 -2.65 -61.30
CA GLY O 16 25.61 -2.89 -59.92
C GLY O 16 24.86 -4.10 -59.37
N GLY O 17 24.53 -5.03 -60.26
CA GLY O 17 23.78 -6.22 -59.88
C GLY O 17 24.67 -7.36 -59.44
N SER O 18 25.96 -7.07 -59.23
CA SER O 18 26.90 -8.08 -58.80
C SER O 18 26.83 -8.30 -57.29
N ARG O 19 26.75 -7.20 -56.55
CA ARG O 19 26.77 -7.26 -55.10
C ARG O 19 25.62 -6.46 -54.48
N GLY O 20 25.33 -6.73 -53.22
CA GLY O 20 24.37 -5.95 -52.45
C GLY O 20 22.94 -5.98 -52.96
N ILE O 21 22.31 -4.80 -52.95
CA ILE O 21 20.91 -4.67 -53.32
C ILE O 21 20.67 -5.01 -54.80
N GLY O 22 21.54 -4.50 -55.67
CA GLY O 22 21.45 -4.78 -57.09
C GLY O 22 21.48 -6.26 -57.38
N ARG O 23 22.24 -7.00 -56.59
CA ARG O 23 22.29 -8.46 -56.71
C ARG O 23 20.96 -9.07 -56.29
N ALA O 24 20.37 -8.52 -55.24
CA ALA O 24 19.09 -9.00 -54.74
C ALA O 24 17.97 -8.71 -55.73
N VAL O 25 18.12 -7.62 -56.48
CA VAL O 25 17.16 -7.27 -57.52
C VAL O 25 17.14 -8.32 -58.61
N ALA O 26 18.33 -8.74 -59.03
CA ALA O 26 18.46 -9.77 -60.07
C ALA O 26 17.86 -11.10 -59.62
N GLN O 27 18.14 -11.49 -58.38
CA GLN O 27 17.63 -12.74 -57.83
C GLN O 27 16.11 -12.79 -57.84
N LEU O 28 15.49 -11.67 -57.48
CA LEU O 28 14.04 -11.61 -57.35
C LEU O 28 13.33 -11.59 -58.71
N MET O 29 13.91 -10.90 -59.68
CA MET O 29 13.32 -10.80 -61.00
C MET O 29 13.52 -12.09 -61.80
N ALA O 30 14.61 -12.79 -61.52
CA ALA O 30 14.88 -14.07 -62.18
C ALA O 30 13.87 -15.11 -61.72
N ARG O 31 13.37 -14.95 -60.50
CA ARG O 31 12.37 -15.86 -59.96
C ARG O 31 10.98 -15.50 -60.48
N LYS O 32 10.89 -14.41 -61.23
CA LYS O 32 9.63 -13.94 -61.80
C LYS O 32 9.62 -14.04 -63.32
N GLY O 33 10.63 -14.72 -63.87
CA GLY O 33 10.68 -14.97 -65.29
C GLY O 33 11.22 -13.81 -66.11
N TYR O 34 12.09 -13.01 -65.51
CA TYR O 34 12.70 -11.89 -66.21
C TYR O 34 14.06 -12.27 -66.79
N ARG O 35 14.32 -11.87 -68.03
CA ARG O 35 15.64 -12.01 -68.62
C ARG O 35 16.51 -10.87 -68.11
N LEU O 36 17.68 -11.19 -67.57
CA LEU O 36 18.48 -10.20 -66.88
C LEU O 36 19.90 -10.06 -67.43
N ALA O 37 20.49 -8.89 -67.20
CA ALA O 37 21.86 -8.61 -67.59
C ALA O 37 22.61 -7.98 -66.44
N VAL O 38 23.36 -8.79 -65.70
CA VAL O 38 24.13 -8.31 -64.55
C VAL O 38 25.34 -7.50 -65.01
N ILE O 39 25.39 -6.23 -64.63
CA ILE O 39 26.43 -5.31 -65.12
C ILE O 39 27.21 -4.66 -63.99
N ALA O 40 28.53 -4.67 -64.12
CA ALA O 40 29.42 -4.01 -63.17
C ALA O 40 30.80 -3.78 -63.79
N ARG O 41 31.76 -3.36 -62.99
CA ARG O 41 33.12 -3.16 -63.47
C ARG O 41 33.82 -4.50 -63.64
N ASN O 42 33.79 -5.30 -62.57
CA ASN O 42 34.38 -6.63 -62.59
C ASN O 42 33.48 -7.63 -63.29
N LEU O 43 33.99 -8.21 -64.37
CA LEU O 43 33.21 -9.12 -65.21
C LEU O 43 32.95 -10.45 -64.53
N GLU O 44 33.95 -10.98 -63.83
CA GLU O 44 33.82 -12.26 -63.14
C GLU O 44 32.79 -12.18 -62.01
N GLY O 45 32.67 -11.01 -61.40
CA GLY O 45 31.69 -10.79 -60.35
C GLY O 45 30.28 -10.81 -60.92
N ALA O 46 30.12 -10.23 -62.10
CA ALA O 46 28.83 -10.21 -62.78
C ALA O 46 28.46 -11.60 -63.27
N LYS O 47 29.46 -12.35 -63.72
CA LYS O 47 29.24 -13.70 -64.22
C LYS O 47 28.87 -14.65 -63.08
N ALA O 48 29.54 -14.49 -61.95
CA ALA O 48 29.24 -15.28 -60.76
C ALA O 48 27.86 -14.93 -60.22
N ALA O 49 27.52 -13.64 -60.27
CA ALA O 49 26.21 -13.19 -59.84
C ALA O 49 25.13 -13.67 -60.81
N ALA O 50 25.48 -13.70 -62.09
CA ALA O 50 24.58 -14.21 -63.13
C ALA O 50 24.34 -15.70 -62.92
N GLY O 51 25.37 -16.40 -62.45
CA GLY O 51 25.27 -17.81 -62.13
C GLY O 51 24.34 -18.02 -60.94
N ASP O 52 23.92 -19.27 -60.74
CA ASP O 52 22.97 -19.62 -59.69
C ASP O 52 21.66 -18.85 -59.80
N LEU O 53 21.30 -18.47 -61.03
CA LEU O 53 20.02 -17.81 -61.29
C LEU O 53 19.12 -18.70 -62.13
N GLY O 54 19.72 -19.47 -63.02
CA GLY O 54 18.96 -20.36 -63.88
C GLY O 54 19.64 -20.62 -65.21
N GLY O 55 19.59 -19.63 -66.09
CA GLY O 55 20.17 -19.76 -67.43
C GLY O 55 19.69 -18.66 -68.36
N ASP O 56 20.30 -18.61 -69.55
CA ASP O 56 20.00 -17.60 -70.56
C ASP O 56 20.20 -16.17 -70.04
N HIS O 57 20.88 -16.03 -68.91
CA HIS O 57 21.19 -14.71 -68.37
C HIS O 57 22.53 -14.22 -68.90
N LEU O 58 22.75 -12.92 -68.81
CA LEU O 58 23.92 -12.29 -69.39
C LEU O 58 24.70 -11.48 -68.35
N ALA O 59 26.02 -11.41 -68.52
CA ALA O 59 26.86 -10.60 -67.64
C ALA O 59 27.69 -9.62 -68.45
N PHE O 60 27.78 -8.39 -67.97
CA PHE O 60 28.50 -7.35 -68.70
C PHE O 60 29.50 -6.60 -67.82
N SER O 61 30.59 -6.18 -68.43
CA SER O 61 31.59 -5.36 -67.74
C SER O 61 31.45 -3.91 -68.19
N CYS O 62 31.23 -3.02 -67.23
CA CYS O 62 31.03 -1.60 -67.54
C CYS O 62 31.25 -0.71 -66.33
N ASP O 63 31.85 0.45 -66.58
CA ASP O 63 31.96 1.49 -65.55
C ASP O 63 31.00 2.61 -65.88
N VAL O 64 29.95 2.75 -65.06
CA VAL O 64 28.86 3.68 -65.33
C VAL O 64 29.33 5.14 -65.39
N ALA O 65 30.47 5.43 -64.79
CA ALA O 65 31.02 6.77 -64.82
C ALA O 65 31.70 7.07 -66.14
N LYS O 66 31.73 6.08 -67.03
CA LYS O 66 32.38 6.22 -68.32
C LYS O 66 31.37 6.22 -69.46
N GLU O 67 31.37 7.31 -70.23
CA GLU O 67 30.43 7.50 -71.33
C GLU O 67 30.52 6.39 -72.38
N HIS O 68 31.73 6.04 -72.78
CA HIS O 68 31.93 5.06 -73.85
C HIS O 68 31.73 3.63 -73.33
N ASP O 69 31.85 3.45 -72.02
CA ASP O 69 31.56 2.15 -71.42
C ASP O 69 30.06 1.94 -71.33
N VAL O 70 29.31 3.05 -71.30
CA VAL O 70 27.85 3.01 -71.24
C VAL O 70 27.25 2.83 -72.63
N GLN O 71 27.73 3.60 -73.59
CA GLN O 71 27.23 3.52 -74.96
C GLN O 71 27.40 2.12 -75.55
N ASN O 72 28.62 1.60 -75.48
CA ASN O 72 28.93 0.28 -76.06
C ASN O 72 28.17 -0.86 -75.40
N THR O 73 28.12 -0.85 -74.08
CA THR O 73 27.42 -1.88 -73.32
C THR O 73 25.94 -1.96 -73.71
N PHE O 74 25.35 -0.80 -74.00
CA PHE O 74 23.96 -0.75 -74.44
C PHE O 74 23.80 -1.32 -75.85
N GLU O 75 24.82 -1.15 -76.69
CA GLU O 75 24.78 -1.74 -78.03
C GLU O 75 25.02 -3.25 -77.92
N GLU O 76 25.70 -3.65 -76.86
CA GLU O 76 25.91 -5.07 -76.59
C GLU O 76 24.67 -5.67 -75.94
N LEU O 77 23.89 -4.81 -75.28
CA LEU O 77 22.62 -5.24 -74.70
C LEU O 77 21.53 -5.21 -75.77
N GLU O 78 21.70 -4.32 -76.74
CA GLU O 78 20.79 -4.21 -77.86
C GLU O 78 20.88 -5.42 -78.78
N LYS O 79 22.10 -5.93 -78.94
CA LYS O 79 22.35 -7.03 -79.85
C LYS O 79 22.16 -8.39 -79.19
N HIS O 80 22.93 -8.64 -78.13
CA HIS O 80 22.92 -9.93 -77.46
C HIS O 80 21.57 -10.24 -76.83
N LEU O 81 20.85 -9.21 -76.40
CA LEU O 81 19.54 -9.38 -75.81
C LEU O 81 18.53 -8.46 -76.51
N GLY O 82 17.25 -8.67 -76.24
CA GLY O 82 16.20 -7.90 -76.88
C GLY O 82 16.08 -6.47 -76.37
N ARG O 83 15.00 -5.80 -76.76
CA ARG O 83 14.74 -4.44 -76.33
C ARG O 83 14.51 -4.38 -74.82
N VAL O 84 15.37 -3.63 -74.13
CA VAL O 84 15.29 -3.54 -72.68
C VAL O 84 14.20 -2.54 -72.24
N ASN O 85 13.30 -3.03 -71.40
CA ASN O 85 12.19 -2.22 -70.89
C ASN O 85 12.37 -1.84 -69.43
N PHE O 86 13.00 -2.74 -68.67
CA PHE O 86 13.24 -2.50 -67.25
C PHE O 86 14.70 -2.17 -67.01
N LEU O 87 14.95 -1.07 -66.31
CA LEU O 87 16.32 -0.61 -66.06
C LEU O 87 16.56 -0.34 -64.57
N VAL O 88 17.55 -1.02 -64.01
CA VAL O 88 17.89 -0.86 -62.60
C VAL O 88 19.29 -0.29 -62.41
N ASN O 89 19.37 0.85 -61.72
CA ASN O 89 20.64 1.49 -61.43
C ASN O 89 21.02 1.38 -59.96
N ALA O 90 21.83 0.39 -59.63
CA ALA O 90 22.25 0.17 -58.26
C ALA O 90 23.77 0.19 -58.12
N ALA O 91 24.44 0.81 -59.09
CA ALA O 91 25.89 0.94 -59.06
C ALA O 91 26.29 2.15 -58.22
N GLY O 92 26.75 1.89 -57.00
CA GLY O 92 27.11 2.96 -56.09
C GLY O 92 28.26 2.64 -55.16
N ILE O 93 28.99 3.67 -54.75
CA ILE O 93 30.08 3.52 -53.81
C ILE O 93 29.90 4.48 -52.64
N ASN O 94 30.63 4.24 -51.55
CA ASN O 94 30.58 5.12 -50.39
C ASN O 94 31.73 4.91 -49.41
N ARG O 95 32.23 6.01 -48.86
CA ARG O 95 33.18 5.97 -47.76
C ARG O 95 32.81 7.04 -46.75
N ASP O 96 32.30 6.61 -45.60
CA ASP O 96 31.90 7.54 -44.54
C ASP O 96 33.09 8.37 -44.06
N GLY O 97 32.88 9.67 -43.98
CA GLY O 97 33.95 10.57 -43.55
C GLY O 97 33.52 12.00 -43.41
N LEU O 98 34.25 12.73 -42.56
CA LEU O 98 34.03 14.15 -42.38
C LEU O 98 34.29 14.89 -43.69
N LEU O 99 33.45 15.87 -44.00
CA LEU O 99 33.57 16.61 -45.25
C LEU O 99 34.88 17.41 -45.26
N VAL O 100 35.37 17.75 -44.07
CA VAL O 100 36.61 18.50 -43.94
C VAL O 100 37.82 17.58 -44.08
N ARG O 101 37.59 16.27 -43.95
CA ARG O 101 38.67 15.28 -44.06
C ARG O 101 38.53 14.45 -45.35
N THR O 102 37.79 14.97 -46.31
CA THR O 102 37.55 14.24 -47.55
C THR O 102 38.33 14.83 -48.72
N LYS O 103 39.16 14.00 -49.36
CA LYS O 103 39.91 14.42 -50.53
C LYS O 103 38.98 14.71 -51.70
N THR O 104 39.41 15.61 -52.59
CA THR O 104 38.57 16.06 -53.70
C THR O 104 38.25 14.93 -54.68
N GLU O 105 39.23 14.09 -54.96
CA GLU O 105 39.05 13.00 -55.92
C GLU O 105 38.05 11.95 -55.42
N ASP O 106 37.83 11.92 -54.11
CA ASP O 106 36.84 11.03 -53.52
C ASP O 106 35.44 11.57 -53.73
N MET O 107 35.33 12.88 -53.90
CA MET O 107 34.06 13.52 -54.18
C MET O 107 33.65 13.28 -55.63
N VAL O 108 34.60 13.46 -56.53
CA VAL O 108 34.36 13.27 -57.96
C VAL O 108 34.00 11.82 -58.28
N SER O 109 34.60 10.90 -57.55
CA SER O 109 34.38 9.47 -57.76
C SER O 109 32.93 9.08 -57.52
N GLN O 110 32.37 9.52 -56.39
CA GLN O 110 31.00 9.19 -56.03
C GLN O 110 30.00 9.94 -56.92
N LEU O 111 30.33 11.19 -57.24
CA LEU O 111 29.47 12.02 -58.09
C LEU O 111 29.32 11.42 -59.49
N HIS O 112 30.38 10.81 -59.98
CA HIS O 112 30.37 10.22 -61.32
C HIS O 112 29.80 8.81 -61.29
N THR O 113 29.86 8.17 -60.14
CA THR O 113 29.38 6.80 -59.99
C THR O 113 27.91 6.77 -59.56
N ASN O 114 27.62 7.38 -58.42
CA ASN O 114 26.29 7.31 -57.83
C ASN O 114 25.28 8.23 -58.53
N LEU O 115 25.76 9.28 -59.17
CA LEU O 115 24.87 10.26 -59.79
C LEU O 115 24.99 10.27 -61.31
N LEU O 116 26.16 10.67 -61.81
CA LEU O 116 26.39 10.77 -63.25
C LEU O 116 26.25 9.41 -63.93
N GLY O 117 26.61 8.35 -63.21
CA GLY O 117 26.52 7.00 -63.74
C GLY O 117 25.09 6.60 -64.08
N SER O 118 24.16 7.00 -63.22
CA SER O 118 22.75 6.71 -63.45
C SER O 118 22.19 7.59 -64.56
N MET O 119 22.75 8.79 -64.69
CA MET O 119 22.30 9.74 -65.71
C MET O 119 22.68 9.28 -67.10
N LEU O 120 23.90 8.76 -67.24
CA LEU O 120 24.38 8.25 -68.53
C LEU O 120 23.59 7.00 -68.93
N THR O 121 23.29 6.17 -67.93
CA THR O 121 22.56 4.93 -68.16
C THR O 121 21.13 5.19 -68.62
N CYS O 122 20.45 6.10 -67.92
CA CYS O 122 19.07 6.46 -68.26
C CYS O 122 18.98 7.09 -69.64
N LYS O 123 20.00 7.87 -70.00
CA LYS O 123 20.04 8.52 -71.30
C LYS O 123 20.18 7.52 -72.44
N ALA O 124 21.03 6.51 -72.23
CA ALA O 124 21.31 5.51 -73.25
C ALA O 124 20.12 4.57 -73.45
N ALA O 125 19.29 4.43 -72.42
CA ALA O 125 18.13 3.55 -72.48
C ALA O 125 16.94 4.23 -73.16
N MET O 126 17.01 5.54 -73.28
CA MET O 126 15.92 6.32 -73.86
C MET O 126 15.69 5.99 -75.32
N ARG O 127 16.76 5.72 -76.05
CA ARG O 127 16.68 5.43 -77.48
C ARG O 127 15.79 4.23 -77.76
N THR O 128 15.93 3.19 -76.96
CA THR O 128 15.17 1.96 -77.14
C THR O 128 13.75 2.10 -76.60
N MET O 129 13.62 2.73 -75.44
CA MET O 129 12.33 2.84 -74.76
C MET O 129 11.39 3.83 -75.44
N ILE O 130 11.93 4.88 -76.04
CA ILE O 130 11.11 5.86 -76.73
C ILE O 130 10.67 5.33 -78.09
N GLN O 131 11.42 4.37 -78.63
CA GLN O 131 11.11 3.78 -79.92
C GLN O 131 10.13 2.61 -79.79
N GLN O 132 10.18 1.95 -78.63
CA GLN O 132 9.31 0.80 -78.34
C GLN O 132 8.04 1.23 -77.61
N GLN O 133 8.06 2.48 -77.15
CA GLN O 133 6.94 3.11 -76.43
C GLN O 133 6.63 2.31 -75.17
N GLY O 134 7.42 2.55 -74.11
CA GLY O 134 7.28 1.84 -72.84
C GLY O 134 8.61 1.71 -72.13
N GLY O 135 8.62 1.93 -70.82
CA GLY O 135 9.83 1.81 -70.03
C GLY O 135 9.55 1.91 -68.55
N SER O 136 10.45 1.38 -67.74
CA SER O 136 10.30 1.44 -66.30
C SER O 136 11.68 1.47 -65.66
N ILE O 137 12.10 2.67 -65.24
CA ILE O 137 13.41 2.86 -64.65
C ILE O 137 13.31 3.09 -63.14
N VAL O 138 14.20 2.44 -62.39
CA VAL O 138 14.27 2.66 -60.95
C VAL O 138 15.71 2.92 -60.52
N ASN O 139 15.94 4.12 -59.97
CA ASN O 139 17.26 4.48 -59.46
C ASN O 139 17.34 4.20 -57.96
N VAL O 140 18.46 3.61 -57.53
CA VAL O 140 18.63 3.26 -56.13
C VAL O 140 19.41 4.33 -55.39
N GLY O 141 18.70 5.06 -54.53
CA GLY O 141 19.32 6.11 -53.73
C GLY O 141 19.37 5.72 -52.26
N SER O 142 18.98 6.65 -51.40
CA SER O 142 18.96 6.42 -49.96
C SER O 142 18.21 7.56 -49.24
N ILE O 143 17.83 7.31 -48.00
CA ILE O 143 17.17 8.33 -47.18
C ILE O 143 18.16 9.44 -46.88
N VAL O 144 19.43 9.07 -46.88
CA VAL O 144 20.54 9.99 -46.71
C VAL O 144 20.58 11.05 -47.83
N GLY O 145 20.19 10.64 -49.02
CA GLY O 145 20.07 11.55 -50.14
C GLY O 145 18.97 12.59 -49.94
N LEU O 146 18.04 12.30 -49.04
CA LEU O 146 16.92 13.21 -48.79
C LEU O 146 17.02 13.91 -47.44
N LYS O 147 17.40 13.16 -46.40
CA LYS O 147 17.45 13.73 -45.05
C LYS O 147 18.88 14.03 -44.58
N GLY O 148 19.86 13.40 -45.21
CA GLY O 148 21.25 13.62 -44.85
C GLY O 148 21.68 12.85 -43.63
N ASN O 149 22.99 12.79 -43.41
CA ASN O 149 23.54 12.13 -42.24
C ASN O 149 24.97 12.59 -41.97
N SER O 150 25.33 12.70 -40.70
CA SER O 150 26.66 13.13 -40.31
C SER O 150 27.72 12.10 -40.71
N GLY O 151 28.62 12.50 -41.60
CA GLY O 151 29.69 11.63 -42.05
C GLY O 151 29.46 11.06 -43.44
N GLN O 152 28.28 11.33 -43.99
CA GLN O 152 27.92 10.82 -45.30
C GLN O 152 27.48 11.95 -46.24
N SER O 153 28.23 13.06 -46.19
CA SER O 153 27.87 14.25 -46.97
C SER O 153 27.99 14.02 -48.47
N VAL O 154 29.13 13.47 -48.88
CA VAL O 154 29.39 13.24 -50.31
C VAL O 154 28.39 12.21 -50.87
N TYR O 155 27.97 11.28 -50.03
CA TYR O 155 26.99 10.27 -50.46
C TYR O 155 25.60 10.88 -50.51
N SER O 156 25.34 11.83 -49.63
CA SER O 156 24.05 12.51 -49.58
C SER O 156 23.82 13.33 -50.85
N ALA O 157 24.87 13.99 -51.31
CA ALA O 157 24.79 14.82 -52.51
C ALA O 157 24.60 13.97 -53.76
N SER O 158 25.38 12.90 -53.85
CA SER O 158 25.34 12.03 -55.02
C SER O 158 24.02 11.27 -55.11
N LYS O 159 23.51 10.83 -53.97
CA LYS O 159 22.25 10.10 -53.93
C LYS O 159 21.06 11.05 -53.99
N GLY O 160 21.26 12.27 -53.49
CA GLY O 160 20.21 13.26 -53.47
C GLY O 160 19.90 13.81 -54.85
N GLY O 161 20.91 13.85 -55.71
CA GLY O 161 20.74 14.35 -57.06
C GLY O 161 19.86 13.46 -57.91
N LEU O 162 19.70 12.21 -57.50
CA LEU O 162 18.88 11.26 -58.23
C LEU O 162 17.40 11.61 -58.18
N VAL O 163 16.96 12.17 -57.06
CA VAL O 163 15.56 12.52 -56.86
C VAL O 163 15.12 13.60 -57.84
N GLY O 164 15.92 14.66 -57.95
CA GLY O 164 15.63 15.75 -58.86
C GLY O 164 15.71 15.32 -60.31
N PHE O 165 16.73 14.53 -60.63
CA PHE O 165 16.94 14.05 -61.99
C PHE O 165 15.82 13.14 -62.47
N SER O 166 15.49 12.14 -61.64
CA SER O 166 14.48 11.16 -62.01
C SER O 166 13.12 11.83 -62.21
N ARG O 167 12.76 12.72 -61.30
CA ARG O 167 11.50 13.45 -61.41
C ARG O 167 11.47 14.30 -62.68
N ALA O 168 12.57 14.98 -62.97
CA ALA O 168 12.68 15.80 -64.17
C ALA O 168 12.63 14.95 -65.42
N LEU O 169 13.28 13.79 -65.36
CA LEU O 169 13.26 12.85 -66.48
C LEU O 169 11.88 12.23 -66.64
N ALA O 170 11.25 11.91 -65.52
CA ALA O 170 9.93 11.30 -65.53
C ALA O 170 8.90 12.18 -66.24
N LYS O 171 8.88 13.46 -65.90
CA LYS O 171 7.98 14.42 -66.52
C LYS O 171 8.21 14.50 -68.03
N GLU O 172 9.47 14.35 -68.43
CA GLU O 172 9.87 14.50 -69.82
C GLU O 172 9.44 13.32 -70.69
N VAL O 173 9.42 12.13 -70.10
CA VAL O 173 9.11 10.92 -70.87
C VAL O 173 7.85 10.22 -70.38
N ALA O 174 7.00 10.94 -69.66
CA ALA O 174 5.77 10.37 -69.14
C ALA O 174 4.72 10.18 -70.24
N ARG O 175 4.77 11.05 -71.25
CA ARG O 175 3.84 10.97 -72.37
C ARG O 175 4.29 9.90 -73.36
N LYS O 176 5.39 9.24 -73.06
CA LYS O 176 5.91 8.18 -73.91
C LYS O 176 5.84 6.84 -73.19
N LYS O 177 4.91 6.72 -72.26
CA LYS O 177 4.66 5.50 -71.49
C LYS O 177 5.91 4.98 -70.78
N ILE O 178 6.82 5.89 -70.44
CA ILE O 178 8.02 5.53 -69.70
C ILE O 178 7.93 6.04 -68.27
N ARG O 179 8.26 5.18 -67.30
CA ARG O 179 8.14 5.54 -65.90
C ARG O 179 9.49 5.47 -65.18
N VAL O 180 9.87 6.58 -64.55
CA VAL O 180 11.12 6.64 -63.81
C VAL O 180 10.86 6.91 -62.33
N ASN O 181 11.34 6.01 -61.47
CA ASN O 181 11.13 6.14 -60.03
C ASN O 181 12.41 5.95 -59.22
N VAL O 182 12.32 6.22 -57.92
CA VAL O 182 13.47 6.13 -57.03
C VAL O 182 13.14 5.36 -55.76
N VAL O 183 14.00 4.41 -55.39
CA VAL O 183 13.89 3.73 -54.11
C VAL O 183 14.87 4.34 -53.13
N ALA O 184 14.41 4.61 -51.91
CA ALA O 184 15.27 5.21 -50.89
C ALA O 184 15.38 4.29 -49.67
N PRO O 185 16.29 3.30 -49.73
CA PRO O 185 16.51 2.35 -48.64
C PRO O 185 17.05 3.03 -47.39
N GLY O 186 16.69 2.52 -46.22
CA GLY O 186 17.22 3.01 -44.96
C GLY O 186 18.54 2.36 -44.64
N PHE O 187 18.62 1.71 -43.48
CA PHE O 187 19.81 0.97 -43.12
C PHE O 187 19.65 -0.50 -43.49
N VAL O 188 20.64 -1.02 -44.23
CA VAL O 188 20.62 -2.40 -44.70
C VAL O 188 21.83 -3.18 -44.23
N HIS O 189 21.59 -4.40 -43.79
CA HIS O 189 22.65 -5.30 -43.35
C HIS O 189 23.48 -5.82 -44.54
N THR O 190 24.76 -6.04 -44.30
CA THR O 190 25.69 -6.54 -45.33
C THR O 190 26.91 -7.14 -44.62
N ASP O 191 27.54 -8.14 -45.23
CA ASP O 191 28.69 -8.83 -44.64
C ASP O 191 29.67 -7.88 -43.95
N MET O 192 29.99 -8.18 -42.69
CA MET O 192 30.88 -7.33 -41.91
C MET O 192 31.66 -8.16 -40.90
N ASP O 195 29.91 -3.13 -33.31
CA ASP O 195 29.50 -3.60 -34.62
C ASP O 195 29.15 -2.42 -35.54
N LEU O 196 30.10 -1.48 -35.62
CA LEU O 196 29.93 -0.25 -36.40
C LEU O 196 28.69 0.52 -35.97
N LYS O 197 28.35 0.43 -34.68
CA LYS O 197 27.18 1.08 -34.08
C LYS O 197 25.86 0.68 -34.75
N GLU O 198 25.85 -0.45 -35.48
CA GLU O 198 24.63 -0.92 -36.11
C GLU O 198 23.61 -1.40 -35.06
N GLU O 199 24.12 -2.05 -34.02
CA GLU O 199 23.26 -2.60 -32.98
C GLU O 199 22.56 -1.51 -32.16
N HIS O 200 23.28 -0.41 -31.92
CA HIS O 200 22.73 0.71 -31.16
C HIS O 200 21.69 1.46 -31.99
N LEU O 201 21.96 1.59 -33.29
CA LEU O 201 21.09 2.32 -34.20
C LEU O 201 19.75 1.61 -34.43
N LYS O 202 19.78 0.28 -34.45
CA LYS O 202 18.58 -0.51 -34.75
C LYS O 202 17.54 -0.40 -33.63
N LYS O 203 17.99 -0.02 -32.43
CA LYS O 203 17.12 0.05 -31.27
C LYS O 203 16.37 1.38 -31.18
N ASN O 204 16.24 2.06 -32.31
CA ASN O 204 15.47 3.30 -32.39
C ASN O 204 14.55 3.31 -33.61
N ILE O 205 14.84 2.44 -34.57
CA ILE O 205 13.97 2.24 -35.71
C ILE O 205 12.66 1.64 -35.23
N PRO O 206 11.51 2.16 -35.72
CA PRO O 206 10.19 1.65 -35.37
C PRO O 206 10.08 0.12 -35.47
N LEU O 207 10.67 -0.45 -36.51
CA LEU O 207 10.64 -1.90 -36.69
C LEU O 207 11.76 -2.58 -35.90
N GLY O 208 12.66 -1.78 -35.34
CA GLY O 208 13.68 -2.28 -34.45
C GLY O 208 14.78 -3.10 -35.12
N ARG O 209 14.96 -2.90 -36.41
CA ARG O 209 15.95 -3.65 -37.16
C ARG O 209 16.34 -2.97 -38.45
N PHE O 210 17.39 -3.48 -39.09
CA PHE O 210 17.80 -3.00 -40.41
C PHE O 210 17.15 -3.88 -41.48
N GLY O 211 16.91 -3.30 -42.65
CA GLY O 211 16.27 -4.02 -43.72
C GLY O 211 17.19 -4.99 -44.43
N GLU O 212 16.61 -5.96 -45.12
CA GLU O 212 17.38 -6.88 -45.93
C GLU O 212 17.36 -6.44 -47.38
N THR O 213 18.36 -6.87 -48.14
CA THR O 213 18.49 -6.47 -49.54
C THR O 213 17.32 -6.95 -50.38
N ILE O 214 16.69 -8.05 -49.97
CA ILE O 214 15.57 -8.61 -50.71
C ILE O 214 14.30 -7.82 -50.44
N GLU O 215 14.27 -7.11 -49.32
CA GLU O 215 13.14 -6.27 -48.97
C GLU O 215 13.15 -5.01 -49.81
N VAL O 216 14.35 -4.56 -50.16
CA VAL O 216 14.53 -3.43 -51.05
C VAL O 216 14.20 -3.84 -52.48
N ALA O 217 14.56 -5.07 -52.82
CA ALA O 217 14.30 -5.61 -54.15
C ALA O 217 12.80 -5.69 -54.43
N HIS O 218 12.03 -6.09 -53.42
CA HIS O 218 10.59 -6.16 -53.56
C HIS O 218 9.98 -4.79 -53.77
N ALA O 219 10.65 -3.75 -53.27
CA ALA O 219 10.21 -2.38 -53.48
C ALA O 219 10.55 -1.94 -54.90
N VAL O 220 11.73 -2.33 -55.37
CA VAL O 220 12.17 -1.98 -56.72
C VAL O 220 11.26 -2.62 -57.77
N VAL O 221 11.07 -3.93 -57.66
CA VAL O 221 10.23 -4.67 -58.60
C VAL O 221 8.80 -4.14 -58.59
N PHE O 222 8.33 -3.76 -57.40
CA PHE O 222 6.98 -3.19 -57.26
C PHE O 222 6.83 -1.91 -58.08
N LEU O 223 7.85 -1.05 -58.03
CA LEU O 223 7.82 0.19 -58.80
C LEU O 223 7.93 -0.08 -60.28
N LEU O 224 8.65 -1.15 -60.62
CA LEU O 224 8.82 -1.54 -62.01
C LEU O 224 7.52 -2.02 -62.65
N GLU O 225 6.61 -2.54 -61.80
CA GLU O 225 5.39 -3.15 -62.30
C GLU O 225 4.13 -2.38 -61.92
N SER O 226 4.32 -1.18 -61.35
CA SER O 226 3.19 -0.32 -61.03
C SER O 226 2.95 0.68 -62.15
N PRO O 227 1.85 0.50 -62.89
CA PRO O 227 1.59 1.23 -64.14
C PRO O 227 1.23 2.70 -63.97
N TYR O 228 0.92 3.13 -62.75
CA TYR O 228 0.51 4.52 -62.54
C TYR O 228 1.42 5.25 -61.55
N ILE O 229 2.57 4.66 -61.25
CA ILE O 229 3.55 5.28 -60.36
C ILE O 229 4.77 5.75 -61.14
N THR O 230 4.99 7.07 -61.14
CA THR O 230 6.19 7.62 -61.76
C THR O 230 6.62 8.90 -61.03
N GLY O 231 7.92 9.17 -61.03
CA GLY O 231 8.47 10.30 -60.33
C GLY O 231 8.28 10.22 -58.83
N HIS O 232 8.11 9.00 -58.33
CA HIS O 232 7.86 8.79 -56.91
C HIS O 232 9.07 8.21 -56.18
N VAL O 233 9.32 8.73 -54.98
CA VAL O 233 10.42 8.24 -54.15
C VAL O 233 9.88 7.36 -53.03
N LEU O 234 9.98 6.05 -53.22
CA LEU O 234 9.53 5.09 -52.21
C LEU O 234 10.64 4.77 -51.23
N VAL O 235 10.42 5.06 -49.95
CA VAL O 235 11.42 4.80 -48.93
C VAL O 235 11.17 3.46 -48.23
N VAL O 236 12.25 2.75 -47.94
CA VAL O 236 12.18 1.49 -47.21
C VAL O 236 13.19 1.54 -46.06
N ASP O 237 12.78 2.12 -44.95
CA ASP O 237 13.69 2.41 -43.86
C ASP O 237 13.19 1.86 -42.52
N GLY O 238 12.00 1.28 -42.54
CA GLY O 238 11.41 0.75 -41.32
C GLY O 238 10.91 1.87 -40.42
N GLY O 239 10.68 3.04 -41.00
CA GLY O 239 10.19 4.18 -40.26
C GLY O 239 11.31 5.04 -39.71
N LEU O 240 12.50 4.91 -40.31
CA LEU O 240 13.67 5.64 -39.86
C LEU O 240 13.54 7.14 -40.14
N GLN O 241 12.89 7.48 -41.24
CA GLN O 241 12.75 8.88 -41.64
C GLN O 241 11.91 9.69 -40.66
N LEU O 242 11.18 8.99 -39.79
CA LEU O 242 10.33 9.65 -38.80
C LEU O 242 11.13 10.15 -37.61
N ILE O 243 12.26 9.48 -37.33
CA ILE O 243 13.08 9.86 -36.19
C ILE O 243 14.48 10.31 -36.61
N LEU O 244 14.68 10.47 -37.91
CA LEU O 244 15.97 10.91 -38.44
C LEU O 244 15.96 12.40 -38.78
N SER P 3 -2.17 -12.36 -63.58
CA SER P 3 -2.17 -12.86 -62.22
C SER P 3 -1.06 -13.89 -62.02
N GLN P 4 -0.34 -13.77 -60.89
CA GLN P 4 0.76 -14.68 -60.60
C GLN P 4 0.56 -15.36 -59.23
N LEU P 5 1.13 -14.78 -58.18
CA LEU P 5 0.98 -15.35 -56.84
C LEU P 5 -0.35 -14.93 -56.23
N GLN P 6 -1.35 -15.81 -56.34
CA GLN P 6 -2.68 -15.54 -55.81
C GLN P 6 -2.83 -16.00 -54.37
N ASN P 7 -1.69 -16.32 -53.74
CA ASN P 7 -1.69 -16.74 -52.34
C ASN P 7 -0.77 -15.87 -51.50
N ARG P 8 -0.50 -14.66 -51.97
CA ARG P 8 0.37 -13.74 -51.26
C ARG P 8 -0.28 -13.29 -49.95
N LEU P 9 -1.60 -13.11 -49.99
CA LEU P 9 -2.35 -12.73 -48.81
C LEU P 9 -3.20 -13.90 -48.31
N ARG P 10 -2.56 -15.06 -48.21
CA ARG P 10 -3.25 -16.29 -47.81
C ARG P 10 -3.68 -16.25 -46.35
N SER P 11 -4.94 -16.63 -46.11
CA SER P 11 -5.51 -16.68 -44.77
C SER P 11 -5.44 -15.35 -44.04
N ALA P 12 -5.47 -14.26 -44.80
CA ALA P 12 -5.41 -12.92 -44.23
C ALA P 12 -6.80 -12.30 -44.18
N LEU P 13 -7.18 -11.80 -43.01
CA LEU P 13 -8.47 -11.13 -42.86
C LEU P 13 -8.32 -9.65 -43.19
N ALA P 14 -8.98 -9.22 -44.26
CA ALA P 14 -8.86 -7.85 -44.73
C ALA P 14 -10.12 -7.04 -44.48
N LEU P 15 -10.00 -5.99 -43.67
CA LEU P 15 -11.10 -5.07 -43.43
C LEU P 15 -10.97 -3.85 -44.35
N VAL P 16 -11.99 -3.61 -45.16
CA VAL P 16 -11.97 -2.50 -46.10
C VAL P 16 -13.19 -1.59 -45.95
N THR P 17 -12.96 -0.40 -45.41
CA THR P 17 -14.02 0.60 -45.30
C THR P 17 -14.17 1.32 -46.64
N GLY P 18 -15.38 1.76 -46.94
CA GLY P 18 -15.65 2.42 -48.20
C GLY P 18 -15.52 1.46 -49.36
N ALA P 19 -15.78 0.18 -49.09
CA ALA P 19 -15.66 -0.86 -50.11
C ALA P 19 -16.92 -0.95 -50.97
N GLY P 20 -17.78 0.05 -50.86
CA GLY P 20 -19.02 0.07 -51.60
C GLY P 20 -18.86 0.38 -53.07
N SER P 21 -17.83 1.17 -53.40
CA SER P 21 -17.61 1.57 -54.78
C SER P 21 -16.18 2.04 -55.03
N GLY P 22 -15.82 2.12 -56.31
CA GLY P 22 -14.55 2.67 -56.74
C GLY P 22 -13.32 2.01 -56.16
N ILE P 23 -12.49 2.80 -55.46
CA ILE P 23 -11.24 2.33 -54.90
C ILE P 23 -11.45 1.20 -53.89
N GLY P 24 -12.28 1.46 -52.89
CA GLY P 24 -12.58 0.48 -51.86
C GLY P 24 -13.09 -0.83 -52.41
N ARG P 25 -13.94 -0.73 -53.43
CA ARG P 25 -14.45 -1.92 -54.11
C ARG P 25 -13.35 -2.66 -54.86
N ALA P 26 -12.53 -1.90 -55.58
CA ALA P 26 -11.43 -2.47 -56.34
C ALA P 26 -10.38 -3.06 -55.42
N VAL P 27 -10.20 -2.43 -54.25
CA VAL P 27 -9.29 -2.96 -53.24
C VAL P 27 -9.77 -4.33 -52.77
N SER P 28 -11.07 -4.43 -52.49
CA SER P 28 -11.67 -5.68 -52.04
C SER P 28 -11.48 -6.79 -53.08
N VAL P 29 -11.60 -6.45 -54.35
CA VAL P 29 -11.42 -7.40 -55.43
C VAL P 29 -9.99 -7.90 -55.50
N ARG P 30 -9.04 -6.98 -55.42
CA ARG P 30 -7.63 -7.32 -55.49
C ARG P 30 -7.18 -8.18 -54.31
N LEU P 31 -7.56 -7.77 -53.10
CA LEU P 31 -7.20 -8.50 -51.89
C LEU P 31 -7.79 -9.91 -51.92
N ALA P 32 -8.99 -10.04 -52.47
CA ALA P 32 -9.63 -11.33 -52.63
C ALA P 32 -8.90 -12.16 -53.67
N GLY P 33 -8.40 -11.48 -54.71
CA GLY P 33 -7.64 -12.13 -55.76
C GLY P 33 -6.30 -12.64 -55.24
N GLU P 34 -5.82 -12.03 -54.16
CA GLU P 34 -4.56 -12.45 -53.55
C GLU P 34 -4.80 -13.51 -52.48
N GLY P 35 -6.06 -13.91 -52.33
CA GLY P 35 -6.42 -15.01 -51.44
C GLY P 35 -6.87 -14.60 -50.05
N ALA P 36 -7.00 -13.30 -49.82
CA ALA P 36 -7.40 -12.81 -48.50
C ALA P 36 -8.91 -12.82 -48.34
N THR P 37 -9.36 -13.06 -47.10
CA THR P 37 -10.77 -12.99 -46.77
C THR P 37 -11.15 -11.53 -46.51
N VAL P 38 -12.05 -11.00 -47.32
CA VAL P 38 -12.38 -9.58 -47.29
C VAL P 38 -13.62 -9.28 -46.46
N ALA P 39 -13.46 -8.39 -45.47
CA ALA P 39 -14.59 -7.88 -44.70
C ALA P 39 -14.97 -6.49 -45.20
N ALA P 40 -15.92 -6.45 -46.14
CA ALA P 40 -16.31 -5.20 -46.78
C ALA P 40 -17.20 -4.34 -45.89
N CYS P 41 -16.69 -3.18 -45.51
CA CYS P 41 -17.45 -2.24 -44.70
C CYS P 41 -17.81 -0.99 -45.49
N ASP P 42 -19.04 -0.51 -45.35
CA ASP P 42 -19.48 0.67 -46.07
C ASP P 42 -20.72 1.28 -45.42
N LEU P 43 -20.91 2.59 -45.62
CA LEU P 43 -22.10 3.27 -45.13
C LEU P 43 -23.33 2.72 -45.84
N ASP P 44 -23.18 2.44 -47.14
CA ASP P 44 -24.24 1.81 -47.91
C ASP P 44 -24.13 0.30 -47.77
N ARG P 45 -25.07 -0.28 -47.03
CA ARG P 45 -25.07 -1.71 -46.76
C ARG P 45 -25.31 -2.51 -48.04
N ALA P 46 -26.12 -1.97 -48.94
CA ALA P 46 -26.42 -2.62 -50.21
C ALA P 46 -25.18 -2.67 -51.11
N ALA P 47 -24.43 -1.57 -51.13
CA ALA P 47 -23.22 -1.48 -51.94
C ALA P 47 -22.11 -2.35 -51.35
N ALA P 48 -22.18 -2.58 -50.04
CA ALA P 48 -21.21 -3.43 -49.36
C ALA P 48 -21.47 -4.90 -49.66
N GLN P 49 -22.74 -5.27 -49.75
CA GLN P 49 -23.12 -6.64 -50.04
C GLN P 49 -22.89 -6.98 -51.51
N GLU P 50 -23.10 -6.00 -52.38
CA GLU P 50 -22.86 -6.18 -53.81
C GLU P 50 -21.38 -6.43 -54.08
N THR P 51 -20.52 -5.74 -53.35
CA THR P 51 -19.08 -5.93 -53.47
C THR P 51 -18.68 -7.35 -53.08
N VAL P 52 -19.28 -7.84 -52.00
CA VAL P 52 -19.03 -9.21 -51.53
C VAL P 52 -19.53 -10.22 -52.57
N ARG P 53 -20.66 -9.91 -53.19
CA ARG P 53 -21.23 -10.77 -54.22
C ARG P 53 -20.31 -10.83 -55.45
N LEU P 54 -19.56 -9.75 -55.67
CA LEU P 54 -18.63 -9.68 -56.79
C LEU P 54 -17.33 -10.42 -56.50
N LEU P 55 -17.17 -10.85 -55.25
CA LEU P 55 -15.98 -11.60 -54.85
C LEU P 55 -16.14 -13.08 -55.14
N GLY P 56 -17.25 -13.66 -54.69
CA GLY P 56 -17.52 -15.06 -54.92
C GLY P 56 -17.25 -15.90 -53.68
N ASN P 68 -15.54 -17.01 -47.88
CA ASN P 68 -16.06 -16.64 -46.57
C ASN P 68 -16.12 -15.12 -46.39
N HIS P 69 -16.33 -14.40 -47.49
CA HIS P 69 -16.41 -12.95 -47.44
C HIS P 69 -17.69 -12.49 -46.76
N ALA P 70 -17.67 -11.27 -46.22
CA ALA P 70 -18.81 -10.73 -45.51
C ALA P 70 -18.91 -9.22 -45.67
N ALA P 71 -20.14 -8.70 -45.59
CA ALA P 71 -20.36 -7.25 -45.71
C ALA P 71 -20.81 -6.66 -44.37
N PHE P 72 -20.32 -5.46 -44.07
CA PHE P 72 -20.66 -4.79 -42.83
C PHE P 72 -21.11 -3.36 -43.07
N GLN P 73 -22.06 -2.90 -42.25
CA GLN P 73 -22.52 -1.52 -42.32
C GLN P 73 -22.02 -0.74 -41.11
N ALA P 74 -21.41 0.41 -41.36
CA ALA P 74 -20.89 1.26 -40.28
C ALA P 74 -20.63 2.68 -40.78
N ASP P 75 -20.93 3.66 -39.93
CA ASP P 75 -20.55 5.03 -40.20
C ASP P 75 -19.26 5.33 -39.44
N VAL P 76 -18.16 5.38 -40.17
CA VAL P 76 -16.82 5.49 -39.58
C VAL P 76 -16.63 6.77 -38.75
N SER P 77 -17.45 7.77 -39.03
CA SER P 77 -17.36 9.05 -38.33
C SER P 77 -17.75 8.91 -36.86
N GLU P 78 -18.64 7.98 -36.57
CA GLU P 78 -19.09 7.75 -35.20
C GLU P 78 -18.19 6.75 -34.48
N ALA P 79 -17.70 7.13 -33.31
CA ALA P 79 -16.77 6.30 -32.54
C ALA P 79 -17.43 5.02 -32.05
N ARG P 80 -18.75 5.07 -31.87
CA ARG P 80 -19.50 3.92 -31.40
C ARG P 80 -19.58 2.85 -32.50
N ALA P 81 -19.83 3.30 -33.72
CA ALA P 81 -19.95 2.38 -34.86
C ALA P 81 -18.59 1.83 -35.27
N ALA P 82 -17.53 2.56 -34.93
CA ALA P 82 -16.18 2.12 -35.27
C ALA P 82 -15.73 0.96 -34.40
N ARG P 83 -16.18 0.94 -33.15
CA ARG P 83 -15.82 -0.12 -32.23
C ARG P 83 -16.66 -1.38 -32.48
N CYS P 84 -17.93 -1.17 -32.81
CA CYS P 84 -18.82 -2.28 -33.12
C CYS P 84 -18.41 -2.96 -34.43
N LEU P 85 -17.84 -2.19 -35.35
CA LEU P 85 -17.38 -2.73 -36.62
C LEU P 85 -16.31 -3.79 -36.40
N LEU P 86 -15.29 -3.45 -35.63
CA LEU P 86 -14.23 -4.40 -35.28
C LEU P 86 -14.79 -5.54 -34.44
N GLU P 87 -15.78 -5.23 -33.62
CA GLU P 87 -16.47 -6.24 -32.80
C GLU P 87 -17.19 -7.25 -33.69
N GLN P 88 -17.96 -6.74 -34.64
CA GLN P 88 -18.72 -7.58 -35.56
C GLN P 88 -17.80 -8.40 -36.46
N VAL P 89 -16.66 -7.82 -36.81
CA VAL P 89 -15.67 -8.53 -37.60
C VAL P 89 -15.04 -9.66 -36.78
N GLN P 90 -14.63 -9.34 -35.56
CA GLN P 90 -14.00 -10.32 -34.68
C GLN P 90 -14.97 -11.42 -34.27
N ALA P 91 -16.26 -11.09 -34.20
CA ALA P 91 -17.27 -12.07 -33.81
C ALA P 91 -17.70 -12.92 -35.01
N CYS P 92 -17.23 -12.53 -36.20
CA CYS P 92 -17.60 -13.23 -37.42
C CYS P 92 -16.49 -14.17 -37.89
N PHE P 93 -15.25 -13.77 -37.69
CA PHE P 93 -14.10 -14.53 -38.17
C PHE P 93 -13.22 -15.04 -37.04
N SER P 94 -13.62 -14.78 -35.80
CA SER P 94 -12.91 -15.24 -34.61
C SER P 94 -11.46 -14.76 -34.56
N ARG P 95 -11.19 -13.63 -35.22
CA ARG P 95 -9.85 -13.07 -35.27
C ARG P 95 -9.88 -11.63 -35.75
N PRO P 96 -8.91 -10.81 -35.30
CA PRO P 96 -8.81 -9.43 -35.76
C PRO P 96 -8.27 -9.35 -37.19
N PRO P 97 -8.74 -8.35 -37.97
CA PRO P 97 -8.30 -8.20 -39.35
C PRO P 97 -6.82 -7.82 -39.45
N SER P 98 -6.02 -8.69 -40.04
CA SER P 98 -4.60 -8.44 -40.21
C SER P 98 -4.36 -7.32 -41.22
N VAL P 99 -5.32 -7.13 -42.12
CA VAL P 99 -5.25 -6.07 -43.11
C VAL P 99 -6.40 -5.08 -42.93
N VAL P 100 -6.06 -3.81 -42.76
CA VAL P 100 -7.06 -2.77 -42.55
C VAL P 100 -6.87 -1.62 -43.53
N VAL P 101 -7.85 -1.43 -44.40
CA VAL P 101 -7.80 -0.37 -45.40
C VAL P 101 -8.95 0.60 -45.23
N SER P 102 -8.64 1.89 -45.13
CA SER P 102 -9.64 2.92 -44.91
C SER P 102 -9.90 3.76 -46.17
N CYS P 103 -10.76 3.25 -47.05
CA CYS P 103 -11.08 3.96 -48.28
C CYS P 103 -12.33 4.83 -48.11
N ALA P 104 -12.95 4.76 -46.94
CA ALA P 104 -14.14 5.54 -46.66
C ALA P 104 -13.82 7.03 -46.64
N GLY P 105 -14.38 7.77 -47.59
CA GLY P 105 -14.11 9.19 -47.69
C GLY P 105 -15.10 9.94 -48.57
N ILE P 106 -15.26 11.23 -48.30
CA ILE P 106 -16.16 12.07 -49.06
C ILE P 106 -15.50 13.40 -49.44
N THR P 107 -16.11 14.11 -50.38
CA THR P 107 -15.65 15.45 -50.75
C THR P 107 -16.82 16.43 -50.79
N GLN P 108 -16.76 17.45 -49.94
CA GLN P 108 -17.76 18.51 -49.95
C GLN P 108 -17.08 19.81 -50.34
N ASP P 109 -16.77 19.94 -51.63
CA ASP P 109 -15.91 21.01 -52.11
C ASP P 109 -16.60 22.36 -52.23
N GLU P 110 -15.88 23.40 -51.82
CA GLU P 110 -16.35 24.77 -51.89
C GLU P 110 -15.15 25.70 -51.67
N PHE P 111 -15.19 26.90 -52.25
CA PHE P 111 -14.12 27.86 -52.05
C PHE P 111 -14.00 28.23 -50.59
N LEU P 112 -12.81 28.63 -50.17
CA LEU P 112 -12.53 28.94 -48.77
C LEU P 112 -13.43 30.04 -48.22
N LEU P 113 -13.69 31.06 -49.05
CA LEU P 113 -14.49 32.20 -48.62
C LEU P 113 -15.96 31.84 -48.42
N HIS P 114 -16.40 30.75 -49.03
CA HIS P 114 -17.81 30.38 -49.01
C HIS P 114 -18.07 29.01 -48.41
N MET P 115 -17.02 28.39 -47.85
CA MET P 115 -17.16 27.07 -47.26
C MET P 115 -17.87 27.14 -45.91
N SER P 116 -19.02 26.48 -45.81
CA SER P 116 -19.78 26.46 -44.56
C SER P 116 -19.08 25.62 -43.51
N GLU P 117 -19.51 25.77 -42.25
CA GLU P 117 -18.93 25.01 -41.16
C GLU P 117 -19.23 23.52 -41.31
N ASP P 118 -20.39 23.22 -41.90
CA ASP P 118 -20.80 21.84 -42.11
C ASP P 118 -19.97 21.17 -43.21
N ASP P 119 -19.69 21.92 -44.27
CA ASP P 119 -18.85 21.39 -45.36
C ASP P 119 -17.47 21.03 -44.83
N TRP P 120 -17.02 21.75 -43.81
CA TRP P 120 -15.76 21.46 -43.15
C TRP P 120 -15.90 20.29 -42.20
N ASP P 121 -16.87 20.40 -41.28
CA ASP P 121 -17.05 19.43 -40.21
C ASP P 121 -17.27 18.01 -40.70
N LYS P 122 -17.95 17.86 -41.83
CA LYS P 122 -18.38 16.54 -42.27
C LYS P 122 -17.28 15.83 -43.06
N VAL P 123 -16.47 16.61 -43.78
CA VAL P 123 -15.31 16.05 -44.47
C VAL P 123 -14.28 15.60 -43.45
N ILE P 124 -14.08 16.43 -42.43
CA ILE P 124 -13.14 16.12 -41.36
C ILE P 124 -13.57 14.91 -40.55
N ALA P 125 -14.87 14.83 -40.26
CA ALA P 125 -15.40 13.73 -39.44
C ALA P 125 -15.26 12.39 -40.15
N VAL P 126 -15.59 12.37 -41.44
CA VAL P 126 -15.57 11.13 -42.22
C VAL P 126 -14.15 10.71 -42.59
N ASN P 127 -13.42 11.62 -43.22
CA ASN P 127 -12.09 11.31 -43.74
C ASN P 127 -11.01 11.24 -42.67
N LEU P 128 -10.97 12.26 -41.80
CA LEU P 128 -9.93 12.33 -40.78
C LEU P 128 -10.28 11.53 -39.54
N LYS P 129 -11.33 11.96 -38.83
CA LYS P 129 -11.74 11.30 -37.60
C LYS P 129 -12.15 9.84 -37.84
N GLY P 130 -12.81 9.60 -38.97
CA GLY P 130 -13.24 8.27 -39.34
C GLY P 130 -12.08 7.32 -39.51
N THR P 131 -11.01 7.80 -40.12
CA THR P 131 -9.81 6.99 -40.33
C THR P 131 -9.09 6.75 -39.01
N PHE P 132 -9.11 7.75 -38.14
CA PHE P 132 -8.51 7.64 -36.81
C PHE P 132 -9.14 6.51 -36.00
N LEU P 133 -10.47 6.52 -35.96
CA LEU P 133 -11.22 5.54 -35.17
C LEU P 133 -11.03 4.12 -35.69
N VAL P 134 -11.08 3.96 -37.01
CA VAL P 134 -10.89 2.66 -37.63
C VAL P 134 -9.48 2.14 -37.36
N THR P 135 -8.49 3.01 -37.53
CA THR P 135 -7.09 2.66 -37.31
C THR P 135 -6.83 2.27 -35.86
N GLN P 136 -7.39 3.06 -34.93
CA GLN P 136 -7.18 2.83 -33.51
C GLN P 136 -7.80 1.50 -33.06
N ALA P 137 -9.07 1.30 -33.40
CA ALA P 137 -9.79 0.08 -33.03
C ALA P 137 -9.11 -1.16 -33.59
N ALA P 138 -8.60 -1.04 -34.81
CA ALA P 138 -7.88 -2.14 -35.44
C ALA P 138 -6.54 -2.38 -34.75
N ALA P 139 -5.89 -1.29 -34.35
CA ALA P 139 -4.62 -1.37 -33.64
C ALA P 139 -4.79 -2.05 -32.29
N GLN P 140 -5.88 -1.71 -31.60
CA GLN P 140 -6.18 -2.28 -30.29
C GLN P 140 -6.40 -3.79 -30.37
N ALA P 141 -7.12 -4.22 -31.40
CA ALA P 141 -7.44 -5.63 -31.58
C ALA P 141 -6.20 -6.47 -31.87
N LEU P 142 -5.35 -5.97 -32.76
CA LEU P 142 -4.14 -6.68 -33.15
C LEU P 142 -3.15 -6.76 -31.99
N VAL P 143 -3.09 -5.70 -31.19
CA VAL P 143 -2.20 -5.66 -30.03
C VAL P 143 -2.69 -6.61 -28.94
N SER P 144 -3.99 -6.53 -28.63
CA SER P 144 -4.58 -7.35 -27.58
C SER P 144 -4.40 -8.84 -27.83
N ASN P 145 -4.55 -9.25 -29.10
CA ASN P 145 -4.40 -10.65 -29.47
C ASN P 145 -2.96 -10.99 -29.82
N GLY P 146 -2.11 -9.97 -29.90
CA GLY P 146 -0.70 -10.17 -30.20
C GLY P 146 -0.47 -10.61 -31.64
N CYS P 147 -1.17 -9.96 -32.56
CA CYS P 147 -1.06 -10.30 -33.98
C CYS P 147 -0.35 -9.20 -34.76
N ARG P 148 0.42 -9.62 -35.77
CA ARG P 148 1.05 -8.67 -36.68
C ARG P 148 0.00 -8.16 -37.66
N GLY P 149 0.23 -6.99 -38.25
CA GLY P 149 -0.74 -6.42 -39.17
C GLY P 149 -0.18 -5.35 -40.09
N SER P 150 -0.96 -5.02 -41.12
CA SER P 150 -0.59 -3.98 -42.08
C SER P 150 -1.71 -2.96 -42.24
N ILE P 151 -1.63 -1.87 -41.51
CA ILE P 151 -2.62 -0.80 -41.60
C ILE P 151 -2.32 0.11 -42.80
N ILE P 152 -3.30 0.25 -43.69
CA ILE P 152 -3.13 1.03 -44.90
C ILE P 152 -4.17 2.16 -44.98
N ASN P 153 -3.73 3.39 -44.79
CA ASN P 153 -4.64 4.54 -44.82
C ASN P 153 -4.61 5.25 -46.16
N ILE P 154 -5.75 5.29 -46.84
CA ILE P 154 -5.84 5.94 -48.14
C ILE P 154 -5.95 7.46 -47.96
N SER P 155 -4.92 8.17 -48.37
CA SER P 155 -4.95 9.63 -48.33
C SER P 155 -5.22 10.19 -49.73
N SER P 156 -4.47 11.24 -50.08
CA SER P 156 -4.58 11.84 -51.40
C SER P 156 -3.35 12.69 -51.70
N ILE P 157 -3.13 12.98 -52.98
CA ILE P 157 -2.04 13.85 -53.39
C ILE P 157 -2.37 15.29 -52.99
N VAL P 158 -3.66 15.55 -52.79
CA VAL P 158 -4.13 16.85 -52.35
C VAL P 158 -3.66 17.15 -50.93
N GLY P 159 -3.58 16.11 -50.11
CA GLY P 159 -3.09 16.25 -48.75
C GLY P 159 -1.62 16.58 -48.66
N LYS P 160 -0.98 16.73 -49.82
CA LYS P 160 0.45 17.04 -49.88
C LYS P 160 0.69 18.43 -50.46
N VAL P 161 -0.19 18.87 -51.35
CA VAL P 161 -0.01 20.15 -52.02
C VAL P 161 -1.25 21.05 -51.95
N GLY P 162 -2.39 20.48 -51.56
CA GLY P 162 -3.63 21.24 -51.50
C GLY P 162 -4.26 21.39 -52.87
N ASN P 163 -5.52 21.82 -52.90
CA ASN P 163 -6.24 21.96 -54.16
C ASN P 163 -7.42 22.94 -54.04
N VAL P 164 -7.70 23.63 -55.14
CA VAL P 164 -8.78 24.62 -55.18
C VAL P 164 -10.14 24.03 -54.78
N GLY P 165 -10.78 24.67 -53.81
CA GLY P 165 -12.10 24.26 -53.37
C GLY P 165 -12.08 23.10 -52.39
N GLN P 166 -10.89 22.60 -52.09
CA GLN P 166 -10.76 21.45 -51.21
C GLN P 166 -9.93 21.76 -49.96
N THR P 167 -10.31 22.82 -49.26
CA THR P 167 -9.64 23.18 -48.01
C THR P 167 -9.90 22.12 -46.95
N ASN P 168 -11.17 21.75 -46.80
CA ASN P 168 -11.57 20.72 -45.85
C ASN P 168 -11.01 19.35 -46.21
N TYR P 169 -10.92 19.09 -47.52
CA TYR P 169 -10.44 17.81 -48.01
C TYR P 169 -8.92 17.69 -47.86
N ALA P 170 -8.21 18.77 -48.17
CA ALA P 170 -6.76 18.79 -48.04
C ALA P 170 -6.35 18.67 -46.58
N ALA P 171 -7.04 19.38 -45.70
CA ALA P 171 -6.74 19.37 -44.27
C ALA P 171 -6.98 17.98 -43.68
N SER P 172 -7.99 17.29 -44.20
CA SER P 172 -8.32 15.95 -43.74
C SER P 172 -7.29 14.94 -44.24
N LYS P 173 -6.95 15.04 -45.53
CA LYS P 173 -6.02 14.08 -46.15
C LYS P 173 -4.61 14.24 -45.62
N ALA P 174 -4.20 15.48 -45.39
CA ALA P 174 -2.90 15.75 -44.79
C ALA P 174 -2.86 15.21 -43.36
N GLY P 175 -3.99 15.37 -42.67
CA GLY P 175 -4.11 14.90 -41.30
C GLY P 175 -4.01 13.38 -41.20
N VAL P 176 -4.49 12.70 -42.24
CA VAL P 176 -4.42 11.25 -42.31
C VAL P 176 -2.96 10.80 -42.36
N ILE P 177 -2.14 11.52 -43.12
CA ILE P 177 -0.73 11.20 -43.26
C ILE P 177 0.01 11.34 -41.93
N GLY P 178 -0.19 12.49 -41.27
CA GLY P 178 0.41 12.73 -39.97
C GLY P 178 -0.10 11.77 -38.93
N LEU P 179 -1.33 11.30 -39.13
CA LEU P 179 -1.95 10.32 -38.27
C LEU P 179 -1.26 8.97 -38.42
N THR P 180 -1.07 8.56 -39.67
CA THR P 180 -0.47 7.27 -39.99
C THR P 180 1.00 7.22 -39.58
N GLN P 181 1.68 8.37 -39.69
CA GLN P 181 3.07 8.47 -39.28
C GLN P 181 3.22 8.22 -37.78
N THR P 182 2.32 8.81 -37.00
CA THR P 182 2.33 8.65 -35.56
C THR P 182 2.04 7.20 -35.17
N ALA P 183 1.03 6.62 -35.82
CA ALA P 183 0.65 5.24 -35.56
C ALA P 183 1.79 4.28 -35.90
N ALA P 184 2.43 4.50 -37.05
CA ALA P 184 3.53 3.65 -37.49
C ALA P 184 4.67 3.62 -36.48
N ARG P 185 4.90 4.76 -35.84
CA ARG P 185 5.98 4.88 -34.86
C ARG P 185 5.65 4.11 -33.58
N GLU P 186 4.42 4.27 -33.10
CA GLU P 186 3.99 3.63 -31.85
C GLU P 186 3.75 2.14 -32.03
N LEU P 187 3.15 1.77 -33.15
CA LEU P 187 2.79 0.38 -33.41
C LEU P 187 3.94 -0.42 -34.01
N GLY P 188 5.10 0.22 -34.13
CA GLY P 188 6.28 -0.45 -34.66
C GLY P 188 6.76 -1.54 -33.73
N ARG P 189 6.64 -1.31 -32.42
CA ARG P 189 7.08 -2.27 -31.42
C ARG P 189 6.10 -3.43 -31.29
N HIS P 190 4.96 -3.31 -31.96
CA HIS P 190 3.90 -4.31 -31.86
C HIS P 190 3.71 -5.07 -33.18
N GLY P 191 4.65 -4.89 -34.10
CA GLY P 191 4.61 -5.59 -35.37
C GLY P 191 3.46 -5.16 -36.26
N ILE P 192 3.07 -3.90 -36.14
CA ILE P 192 1.99 -3.35 -36.97
C ILE P 192 2.49 -2.23 -37.87
N ARG P 193 2.44 -2.46 -39.17
CA ARG P 193 2.90 -1.50 -40.16
C ARG P 193 1.79 -0.53 -40.55
N CYS P 194 2.11 0.76 -40.57
CA CYS P 194 1.14 1.78 -40.95
C CYS P 194 1.69 2.65 -42.09
N ASN P 195 0.97 2.66 -43.21
CA ASN P 195 1.41 3.42 -44.38
C ASN P 195 0.28 4.21 -45.01
N SER P 196 0.64 5.19 -45.83
CA SER P 196 -0.35 6.05 -46.46
C SER P 196 -0.27 5.96 -47.99
N VAL P 197 -1.42 5.78 -48.62
CA VAL P 197 -1.50 5.78 -50.08
C VAL P 197 -1.99 7.13 -50.57
N LEU P 198 -1.24 7.73 -51.49
CA LEU P 198 -1.58 9.06 -52.00
C LEU P 198 -1.82 9.04 -53.51
N PRO P 199 -2.98 8.53 -53.93
CA PRO P 199 -3.27 8.44 -55.36
C PRO P 199 -3.69 9.78 -55.96
N GLY P 200 -3.45 9.97 -57.25
CA GLY P 200 -3.89 11.16 -57.95
C GLY P 200 -5.34 11.00 -58.38
N PHE P 201 -5.74 11.69 -59.43
CA PHE P 201 -7.12 11.62 -59.89
C PHE P 201 -7.44 10.26 -60.51
N ILE P 202 -8.44 9.58 -59.95
CA ILE P 202 -8.82 8.24 -60.38
C ILE P 202 -10.22 8.24 -60.98
N ALA P 203 -10.44 7.45 -62.02
CA ALA P 203 -11.76 7.26 -62.59
C ALA P 203 -12.67 6.60 -61.56
N THR P 204 -13.54 7.39 -60.94
CA THR P 204 -14.28 6.94 -59.77
C THR P 204 -15.51 7.84 -59.54
N PRO P 205 -16.63 7.25 -59.08
CA PRO P 205 -17.83 7.96 -58.64
C PRO P 205 -17.58 9.30 -57.95
N MET P 206 -16.48 9.39 -57.20
CA MET P 206 -16.10 10.64 -56.54
C MET P 206 -15.62 11.66 -57.58
N THR P 207 -14.94 11.19 -58.61
CA THR P 207 -14.44 12.08 -59.66
C THR P 207 -15.57 12.50 -60.60
N GLN P 208 -16.63 11.70 -60.65
CA GLN P 208 -17.74 12.00 -61.54
CA GLN P 208 -17.79 11.96 -61.50
C GLN P 208 -18.52 13.23 -61.08
N LYS P 209 -18.32 13.64 -59.84
CA LYS P 209 -18.95 14.86 -59.35
C LYS P 209 -18.29 16.06 -59.98
N VAL P 210 -17.00 15.90 -60.29
CA VAL P 210 -16.26 16.92 -61.00
C VAL P 210 -16.70 16.92 -62.46
N PRO P 211 -17.19 18.07 -62.94
CA PRO P 211 -17.68 18.20 -64.31
C PRO P 211 -16.63 17.82 -65.36
N GLN P 212 -17.07 17.73 -66.61
CA GLN P 212 -16.24 17.20 -67.69
C GLN P 212 -15.17 18.20 -68.15
N LYS P 213 -15.55 19.47 -68.26
CA LYS P 213 -14.65 20.48 -68.82
C LYS P 213 -13.51 20.89 -67.89
N VAL P 214 -13.32 20.16 -66.80
CA VAL P 214 -12.20 20.41 -65.90
C VAL P 214 -11.31 19.18 -65.77
N VAL P 215 -11.91 18.00 -65.82
CA VAL P 215 -11.15 16.75 -65.80
C VAL P 215 -10.30 16.63 -67.07
N ASP P 216 -10.67 17.38 -68.10
CA ASP P 216 -9.86 17.46 -69.32
C ASP P 216 -8.61 18.28 -69.03
N LYS P 217 -8.79 19.36 -68.27
CA LYS P 217 -7.67 20.17 -67.83
C LYS P 217 -6.82 19.38 -66.85
N ILE P 218 -7.49 18.55 -66.05
CA ILE P 218 -6.82 17.67 -65.10
C ILE P 218 -6.01 16.61 -65.85
N THR P 219 -6.62 16.05 -66.90
CA THR P 219 -5.99 15.00 -67.70
C THR P 219 -4.68 15.48 -68.31
N GLU P 220 -4.64 16.74 -68.70
CA GLU P 220 -3.43 17.33 -69.28
C GLU P 220 -2.34 17.51 -68.23
N MET P 221 -2.73 18.00 -67.06
CA MET P 221 -1.78 18.23 -65.97
C MET P 221 -1.07 16.95 -65.55
N ILE P 222 -1.79 15.84 -65.60
CA ILE P 222 -1.19 14.53 -65.35
C ILE P 222 -0.21 14.22 -66.48
N PRO P 223 1.08 14.08 -66.13
CA PRO P 223 2.12 13.86 -67.13
C PRO P 223 1.95 12.54 -67.89
N MET P 224 1.28 11.57 -67.28
CA MET P 224 0.96 10.32 -67.98
C MET P 224 -0.16 10.56 -68.99
N GLY P 225 -0.88 11.66 -68.82
CA GLY P 225 -1.87 12.07 -69.79
C GLY P 225 -3.22 11.39 -69.70
N HIS P 226 -3.52 10.80 -68.55
CA HIS P 226 -4.81 10.14 -68.36
C HIS P 226 -5.11 9.89 -66.89
N LEU P 227 -6.40 9.74 -66.57
CA LEU P 227 -6.84 9.39 -65.23
C LEU P 227 -6.33 8.01 -64.84
N GLY P 228 -6.16 7.79 -63.55
CA GLY P 228 -5.76 6.49 -63.06
C GLY P 228 -6.95 5.58 -62.89
N ASP P 229 -6.69 4.28 -62.86
CA ASP P 229 -7.74 3.29 -62.62
C ASP P 229 -7.65 2.79 -61.19
N PRO P 230 -8.82 2.47 -60.58
CA PRO P 230 -8.88 2.01 -59.19
C PRO P 230 -7.98 0.81 -58.91
N GLU P 231 -7.69 0.01 -59.93
CA GLU P 231 -6.81 -1.14 -59.80
C GLU P 231 -5.38 -0.70 -59.49
N ASP P 232 -5.01 0.47 -59.98
CA ASP P 232 -3.67 1.01 -59.74
C ASP P 232 -3.48 1.32 -58.25
N VAL P 233 -4.56 1.74 -57.60
CA VAL P 233 -4.54 1.97 -56.17
C VAL P 233 -4.51 0.63 -55.43
N ALA P 234 -5.31 -0.31 -55.93
CA ALA P 234 -5.37 -1.65 -55.36
C ALA P 234 -4.04 -2.39 -55.53
N ASP P 235 -3.31 -2.04 -56.59
CA ASP P 235 -2.00 -2.63 -56.84
C ASP P 235 -1.02 -2.25 -55.73
N VAL P 236 -1.18 -1.04 -55.20
CA VAL P 236 -0.32 -0.55 -54.13
C VAL P 236 -0.78 -1.09 -52.78
N VAL P 237 -2.09 -1.07 -52.55
CA VAL P 237 -2.68 -1.55 -51.31
C VAL P 237 -2.33 -3.02 -51.07
N ALA P 238 -2.49 -3.84 -52.11
CA ALA P 238 -2.17 -5.26 -52.03
C ALA P 238 -0.71 -5.47 -51.68
N PHE P 239 0.16 -4.65 -52.27
CA PHE P 239 1.60 -4.72 -52.00
C PHE P 239 1.91 -4.36 -50.56
N LEU P 240 1.30 -3.28 -50.07
CA LEU P 240 1.53 -2.82 -48.71
C LEU P 240 0.95 -3.78 -47.68
N ALA P 241 -0.11 -4.48 -48.07
CA ALA P 241 -0.74 -5.47 -47.19
C ALA P 241 0.10 -6.76 -47.15
N SER P 242 0.91 -6.94 -48.19
CA SER P 242 1.74 -8.14 -48.30
C SER P 242 2.98 -8.05 -47.43
N GLU P 243 3.77 -9.11 -47.44
CA GLU P 243 5.02 -9.15 -46.68
C GLU P 243 6.19 -8.74 -47.57
N ASP P 244 5.87 -8.42 -48.83
CA ASP P 244 6.87 -7.89 -49.75
C ASP P 244 7.33 -6.53 -49.29
N SER P 245 6.46 -5.83 -48.56
CA SER P 245 6.78 -4.54 -47.98
C SER P 245 6.93 -4.66 -46.47
N GLY P 246 7.55 -5.74 -46.03
CA GLY P 246 7.70 -6.04 -44.62
C GLY P 246 8.56 -5.05 -43.85
N TYR P 247 9.31 -4.22 -44.57
CA TYR P 247 10.17 -3.23 -43.93
C TYR P 247 9.73 -1.81 -44.28
N ILE P 248 8.52 -1.68 -44.81
CA ILE P 248 7.99 -0.38 -45.17
C ILE P 248 6.91 0.08 -44.19
N THR P 249 7.21 1.14 -43.44
CA THR P 249 6.23 1.70 -42.51
C THR P 249 6.48 3.20 -42.32
N GLY P 250 5.43 3.95 -42.01
CA GLY P 250 5.52 5.39 -41.91
C GLY P 250 5.86 6.00 -43.26
N THR P 251 5.35 5.39 -44.32
CA THR P 251 5.71 5.75 -45.68
C THR P 251 4.50 6.18 -46.51
N SER P 252 4.67 7.25 -47.29
CA SER P 252 3.66 7.68 -48.23
C SER P 252 3.98 7.17 -49.63
N VAL P 253 3.03 6.48 -50.25
CA VAL P 253 3.22 5.96 -51.61
C VAL P 253 2.24 6.63 -52.56
N GLU P 254 2.77 7.28 -53.59
CA GLU P 254 1.95 8.07 -54.49
C GLU P 254 1.57 7.35 -55.78
N VAL P 255 0.28 7.30 -56.07
CA VAL P 255 -0.23 6.73 -57.31
C VAL P 255 -0.89 7.82 -58.13
N THR P 256 -0.10 8.79 -58.58
CA THR P 256 -0.64 10.00 -59.18
C THR P 256 -0.40 10.10 -60.68
N GLY P 257 0.35 9.14 -61.23
CA GLY P 257 0.72 9.19 -62.61
C GLY P 257 1.72 10.30 -62.87
N GLY P 258 2.36 10.76 -61.78
CA GLY P 258 3.36 11.80 -61.87
C GLY P 258 2.83 13.18 -61.53
N LEU P 259 1.53 13.27 -61.28
CA LEU P 259 0.91 14.54 -60.92
C LEU P 259 1.41 15.03 -59.56
N PHE P 260 1.94 16.24 -59.54
CA PHE P 260 2.46 16.86 -58.31
C PHE P 260 3.57 16.03 -57.67
N MET P 261 4.44 15.48 -58.50
CA MET P 261 5.54 14.65 -58.01
C MET P 261 6.56 15.49 -57.25
PA NAP Q . 16.30 -34.04 10.36
O1A NAP Q . 17.04 -35.35 10.27
O2A NAP Q . 15.54 -33.68 11.62
O5B NAP Q . 15.29 -33.94 9.11
C5B NAP Q . 15.62 -34.55 7.87
C4B NAP Q . 14.36 -35.07 7.21
O4B NAP Q . 14.57 -35.25 5.82
C3B NAP Q . 13.98 -36.43 7.80
O3B NAP Q . 12.64 -36.38 8.27
C2B NAP Q . 14.10 -37.41 6.65
O2B NAP Q . 13.01 -38.33 6.65
C1B NAP Q . 14.10 -36.54 5.41
N9A NAP Q . 14.96 -37.11 4.36
C8A NAP Q . 16.26 -37.45 4.49
N7A NAP Q . 16.75 -37.96 3.32
C5A NAP Q . 15.76 -37.95 2.42
C6A NAP Q . 15.59 -38.34 1.01
N6A NAP Q . 16.62 -38.86 0.29
N1A NAP Q . 14.37 -38.16 0.44
C2A NAP Q . 13.34 -37.65 1.13
N3A NAP Q . 13.42 -37.28 2.41
C4A NAP Q . 14.58 -37.39 3.12
O3 NAP Q . 17.33 -32.85 10.02
PN NAP Q . 16.85 -31.31 9.97
O1N NAP Q . 17.77 -30.50 10.85
O2N NAP Q . 15.35 -31.25 10.18
O5D NAP Q . 17.17 -30.94 8.45
C5D NAP Q . 16.43 -29.93 7.76
C4D NAP Q . 17.33 -29.42 6.63
O4D NAP Q . 18.01 -28.24 7.08
C3D NAP Q . 18.39 -30.47 6.31
O3D NAP Q . 18.41 -30.70 4.90
C2D NAP Q . 19.70 -29.86 6.75
O2D NAP Q . 20.72 -30.13 5.79
C1D NAP Q . 19.41 -28.37 6.83
N1N NAP Q . 20.18 -27.74 7.91
C2N NAP Q . 20.08 -28.22 9.16
C3N NAP Q . 20.80 -27.63 10.19
C7N NAP Q . 20.71 -28.14 11.59
O7N NAP Q . 19.91 -29.01 11.86
N7N NAP Q . 21.52 -27.63 12.51
C4N NAP Q . 21.62 -26.54 9.90
C5N NAP Q . 21.71 -26.07 8.61
C6N NAP Q . 20.95 -26.70 7.62
C1 GOL R . 29.57 -20.42 -3.32
O1 GOL R . 30.41 -20.70 -2.19
C2 GOL R . 28.11 -20.58 -2.93
O2 GOL R . 27.98 -20.54 -1.51
C3 GOL R . 27.28 -19.47 -3.55
O3 GOL R . 27.08 -19.74 -4.95
PA NAP S . 14.92 10.21 0.17
O1A NAP S . 16.40 10.10 -0.09
O2A NAP S . 14.04 11.04 -0.71
O5B NAP S . 14.70 10.65 1.70
C5B NAP S . 15.63 10.18 2.69
C4B NAP S . 14.99 10.31 4.07
O4B NAP S . 16.04 10.41 5.03
C3B NAP S . 14.17 11.58 4.14
O3B NAP S . 12.96 11.34 4.84
C2B NAP S . 15.05 12.54 4.92
O2B NAP S . 14.28 13.41 5.75
C1B NAP S . 15.93 11.63 5.75
N9A NAP S . 17.26 12.25 5.95
C8A NAP S . 18.16 12.52 4.98
N7A NAP S . 19.28 13.09 5.49
C5A NAP S . 19.10 13.21 6.82
C6A NAP S . 19.89 13.73 7.97
N6A NAP S . 21.13 14.25 7.78
N1A NAP S . 19.34 13.66 9.19
C2A NAP S . 18.10 13.14 9.39
N3A NAP S . 17.34 12.65 8.40
C4A NAP S . 17.76 12.66 7.12
O3 NAP S . 14.30 8.72 0.28
PN NAP S . 14.51 7.59 -0.83
O1N NAP S . 15.60 8.01 -1.78
O2N NAP S . 13.15 7.19 -1.37
O5D NAP S . 15.07 6.40 0.10
C5D NAP S . 14.66 6.32 1.47
C4D NAP S . 15.79 5.69 2.28
O4D NAP S . 16.15 4.42 1.72
C3D NAP S . 17.05 6.56 2.27
O3D NAP S . 17.25 7.15 3.55
C2D NAP S . 18.19 5.63 1.92
O2D NAP S . 19.08 5.52 3.03
C1D NAP S . 17.57 4.28 1.63
N1N NAP S . 17.91 3.89 0.26
C2N NAP S . 17.42 4.62 -0.75
C3N NAP S . 17.70 4.29 -2.07
C7N NAP S . 17.14 5.13 -3.17
O7N NAP S . 15.96 4.98 -3.49
N7N NAP S . 17.92 6.00 -3.80
C4N NAP S . 18.53 3.22 -2.34
C5N NAP S . 19.03 2.48 -1.28
C6N NAP S . 18.71 2.85 0.02
P2B NAP S . 14.43 14.99 5.53
O1X NAP S . 13.01 15.49 5.41
O2X NAP S . 15.15 15.43 6.78
O3X NAP S . 15.26 15.11 4.27
PA NAP T . 50.61 0.59 11.76
O1A NAP T . 49.21 0.74 12.32
O2A NAP T . 51.77 0.34 12.69
O5B NAP T . 50.95 1.88 10.87
C5B NAP T . 49.91 2.51 10.13
C4B NAP T . 50.53 3.34 9.02
O4B NAP T . 49.53 4.22 8.49
C3B NAP T . 51.64 4.20 9.59
O3B NAP T . 52.77 4.16 8.70
C2B NAP T . 51.06 5.59 9.61
O2B NAP T . 52.06 6.58 9.33
C1B NAP T . 49.99 5.57 8.53
N9A NAP T . 48.90 6.52 8.86
C8A NAP T . 48.03 6.41 9.88
N7A NAP T . 47.15 7.45 9.89
C5A NAP T . 47.47 8.25 8.86
C6A NAP T . 46.95 9.52 8.30
N6A NAP T . 45.89 10.15 8.86
N1A NAP T . 47.56 10.02 7.21
C2A NAP T . 48.62 9.40 6.64
N3A NAP T . 49.14 8.25 7.09
C4A NAP T . 48.62 7.64 8.18
O3 NAP T . 50.64 -0.52 10.59
PN NAP T . 49.33 -1.30 10.08
O1N NAP T . 48.13 -0.40 10.16
O2N NAP T . 49.30 -2.66 10.75
O5D NAP T . 49.67 -1.51 8.53
C5D NAP T . 48.62 -1.50 7.56
P2B NAP T . 52.26 7.79 10.37
O1X NAP T . 51.42 7.42 11.56
O2X NAP T . 53.75 7.84 10.62
O3X NAP T . 51.72 8.96 9.60
PA NAP U . 38.83 -26.99 -22.02
O1A NAP U . 37.73 -26.84 -23.04
O2A NAP U . 40.23 -26.52 -22.33
O5B NAP U . 38.89 -28.54 -21.59
C5B NAP U . 39.25 -28.88 -20.25
C4B NAP U . 40.09 -30.16 -20.26
O4B NAP U . 39.67 -31.03 -19.21
C3B NAP U . 39.92 -30.91 -21.57
O3B NAP U . 41.17 -30.96 -22.27
C2B NAP U . 39.48 -32.31 -21.19
O2B NAP U . 40.27 -33.30 -21.86
C1B NAP U . 39.71 -32.37 -19.68
N9A NAP U . 38.67 -33.22 -19.03
C8A NAP U . 37.34 -33.14 -19.22
N7A NAP U . 36.69 -34.07 -18.49
C5A NAP U . 37.61 -34.79 -17.81
C6A NAP U . 37.61 -35.92 -16.87
N6A NAP U . 36.45 -36.50 -16.47
N1A NAP U . 38.80 -36.36 -16.40
C2A NAP U . 39.97 -35.79 -16.79
N3A NAP U . 40.04 -34.76 -17.65
C4A NAP U . 38.92 -34.23 -18.19
O3 NAP U . 38.33 -26.34 -20.63
PN NAP U . 39.03 -25.06 -19.94
O1N NAP U . 38.37 -23.81 -20.48
O2N NAP U . 40.53 -25.21 -19.98
O5D NAP U . 38.54 -25.27 -18.43
C5D NAP U . 39.45 -25.12 -17.34
C4D NAP U . 38.62 -25.10 -16.06
O4D NAP U . 38.34 -23.75 -15.71
C3D NAP U . 37.30 -25.80 -16.30
O3D NAP U . 37.09 -26.79 -15.29
C2D NAP U . 36.24 -24.73 -16.20
O2D NAP U . 35.14 -25.20 -15.43
C1D NAP U . 36.94 -23.57 -15.50
N1N NAP U . 36.54 -22.28 -16.06
C2N NAP U . 36.55 -22.10 -17.38
C3N NAP U . 36.17 -20.88 -17.93
C7N NAP U . 36.17 -20.66 -19.41
O7N NAP U . 36.32 -19.53 -19.84
N7N NAP U . 36.01 -21.70 -20.22
C4N NAP U . 35.80 -19.84 -17.09
C5N NAP U . 35.81 -20.05 -15.72
C6N NAP U . 36.19 -21.29 -15.23
C1 EDO V . 32.40 -18.49 -30.59
O1 EDO V . 31.99 -18.84 -29.25
C2 EDO V . 31.96 -19.59 -31.55
O2 EDO V . 32.41 -19.28 -32.87
PA NAP W . 9.10 3.40 35.45
O1A NAP W . 9.48 2.79 34.12
O2A NAP W . 8.65 4.85 35.51
O5B NAP W . 10.34 3.21 36.46
C5B NAP W . 11.10 2.01 36.45
C4B NAP W . 12.50 2.30 36.94
O4B NAP W . 13.15 1.08 37.32
C3B NAP W . 13.33 2.93 35.83
O3B NAP W . 13.88 4.18 36.28
C2B NAP W . 14.44 1.95 35.54
O2B NAP W . 15.69 2.62 35.38
C1B NAP W . 14.46 1.04 36.76
N9A NAP W . 14.83 -0.34 36.37
C8A NAP W . 14.27 -1.06 35.38
N7A NAP W . 14.85 -2.29 35.28
C5A NAP W . 15.81 -2.36 36.21
C6A NAP W . 16.80 -3.37 36.66
N6A NAP W . 16.88 -4.59 36.05
N1A NAP W . 17.63 -3.04 37.67
C2A NAP W . 17.56 -1.85 38.28
N3A NAP W . 16.69 -0.88 37.93
C4A NAP W . 15.80 -1.07 36.93
O3 NAP W . 7.98 2.49 36.14
PN NAP W . 7.28 2.94 37.52
O1N NAP W . 5.82 3.19 37.23
O2N NAP W . 8.13 3.99 38.19
O5D NAP W . 7.39 1.57 38.36
C5D NAP W . 7.54 1.57 39.77
C4D NAP W . 7.22 0.17 40.26
O4D NAP W . 5.86 0.09 40.64
C3D NAP W . 7.45 -0.83 39.14
O3D NAP W . 8.28 -1.89 39.59
C2D NAP W . 6.07 -1.36 38.80
O2D NAP W . 6.13 -2.78 38.60
C1D NAP W . 5.22 -1.03 40.02
N1N NAP W . 3.87 -0.65 39.62
C2N NAP W . 3.67 0.37 38.77
C3N NAP W . 2.38 0.73 38.39
C7N NAP W . 2.15 1.88 37.44
O7N NAP W . 1.02 2.15 37.11
N7N NAP W . 3.21 2.55 36.99
C4N NAP W . 1.30 0.01 38.88
C5N NAP W . 1.53 -1.04 39.75
C6N NAP W . 2.83 -1.36 40.10
C1 GOL X . -1.58 -14.66 43.51
O1 GOL X . -2.50 -13.73 42.94
C2 GOL X . -1.51 -14.46 45.02
O2 GOL X . -0.93 -15.63 45.62
C3 GOL X . -0.66 -13.23 45.34
O3 GOL X . -0.45 -13.15 46.75
C1 EDO Y . -0.88 7.89 27.10
O1 EDO Y . -0.53 6.86 28.04
C2 EDO Y . 0.08 7.82 25.92
O2 EDO Y . 1.41 8.10 26.35
PA NAP Z . -12.88 -1.13 74.04
O1A NAP Z . -13.50 -2.51 74.02
O2A NAP Z . -11.86 -0.75 75.08
O5B NAP Z . -14.06 -0.04 74.06
C5B NAP Z . -15.02 -0.09 73.01
C4B NAP Z . -15.58 1.30 72.78
O4B NAP Z . -16.77 1.20 71.98
C3B NAP Z . -15.98 1.90 74.11
O3B NAP Z . -15.56 3.26 74.17
C2B NAP Z . -17.48 1.82 74.13
O2B NAP Z . -18.07 2.91 74.80
C1B NAP Z . -17.86 1.82 72.65
N9A NAP Z . -19.12 1.07 72.44
C8A NAP Z . -19.35 -0.22 72.74
N7A NAP Z . -20.62 -0.58 72.42
C5A NAP Z . -21.23 0.51 71.90
C6A NAP Z . -22.57 0.83 71.37
N6A NAP Z . -23.54 -0.11 71.32
N1A NAP Z . -22.79 2.09 70.93
C2A NAP Z . -21.84 3.04 70.99
N3A NAP Z . -20.59 2.82 71.46
C4A NAP Z . -20.24 1.60 71.92
O3 NAP Z . -12.30 -0.80 72.58
PN NAP Z . -11.23 -1.74 71.83
O1N NAP Z . -11.09 -3.03 72.59
O2N NAP Z . -10.01 -0.91 71.47
O5D NAP Z . -12.04 -2.01 70.47
C5D NAP Z . -12.18 -0.98 69.50
C4D NAP Z . -12.61 -1.63 68.19
O4D NAP Z . -11.52 -2.36 67.66
C3D NAP Z . -13.77 -2.61 68.41
O3D NAP Z . -14.95 -2.12 67.78
C2D NAP Z . -13.33 -3.90 67.76
O2D NAP Z . -14.26 -4.25 66.74
C1D NAP Z . -11.97 -3.62 67.15
N1N NAP Z . -11.00 -4.68 67.50
C2N NAP Z . -10.39 -4.66 68.69
C3N NAP Z . -9.48 -5.64 69.04
C7N NAP Z . -8.79 -5.61 70.36
O7N NAP Z . -7.80 -6.30 70.54
N7N NAP Z . -9.29 -4.84 71.33
C4N NAP Z . -9.20 -6.66 68.13
C5N NAP Z . -9.84 -6.66 66.90
C6N NAP Z . -10.76 -5.65 66.62
P2B NAP Z . -19.16 2.62 75.94
O1X NAP Z . -18.57 3.22 77.20
O2X NAP Z . -20.38 3.32 75.42
O3X NAP Z . -19.28 1.11 75.95
C1 EDO AA . -0.06 7.82 60.00
O1 EDO AA . -0.99 8.21 61.00
C2 EDO AA . 0.13 8.96 59.01
O2 EDO AA . 1.06 8.57 57.99
PA NAP BA . -34.36 -16.96 45.28
O1A NAP BA . -35.58 -17.18 44.43
O2A NAP BA . -33.06 -17.09 44.33
O5B NAP BA . -34.19 -18.24 46.25
C5B NAP BA . -34.37 -18.08 47.65
C4B NAP BA . -34.88 -19.37 48.28
O4B NAP BA . -34.65 -19.30 49.68
C3B NAP BA . -36.38 -19.49 48.06
O3B NAP BA . -36.71 -20.85 47.73
C2B NAP BA . -36.99 -19.13 49.39
O2B NAP BA . -38.12 -19.94 49.72
C1B NAP BA . -35.88 -19.37 50.40
N9A NAP BA . -35.92 -18.33 51.45
C8A NAP BA . -35.96 -17.00 51.25
N7A NAP BA . -35.99 -16.32 52.42
C5A NAP BA . -35.99 -17.24 53.41
C6A NAP BA . -36.01 -17.22 54.89
N6A NAP BA . -36.06 -16.06 55.57
N1A NAP BA . -35.99 -18.41 55.54
C2A NAP BA . -35.95 -19.58 54.87
N3A NAP BA . -35.92 -19.67 53.53
C4A NAP BA . -35.94 -18.55 52.76
O3 NAP BA . -34.22 -15.71 46.13
P2B NAP BA . -39.51 -19.22 50.11
O1X NAP BA . -39.66 -18.13 49.07
O2X NAP BA . -40.52 -20.34 50.03
O3X NAP BA . -39.25 -18.70 51.51
PA NAP CA . 6.91 -35.34 44.48
O1A NAP CA . 8.38 -35.17 44.76
O2A NAP CA . 6.14 -36.47 45.13
O5B NAP CA . 6.70 -35.43 42.89
C5B NAP CA . 7.34 -34.49 42.03
C4B NAP CA . 7.56 -35.12 40.67
O4B NAP CA . 7.80 -34.10 39.69
C3B NAP CA . 8.77 -36.04 40.67
O3B NAP CA . 8.36 -37.37 40.36
C2B NAP CA . 9.69 -35.51 39.59
O2B NAP CA . 10.15 -36.57 38.76
C1B NAP CA . 8.83 -34.52 38.80
N9A NAP CA . 9.64 -33.37 38.33
C8A NAP CA . 10.50 -32.64 39.07
N7A NAP CA . 11.08 -31.67 38.31
C5A NAP CA . 10.59 -31.77 37.06
C6A NAP CA . 10.77 -31.06 35.78
N6A NAP CA . 11.62 -30.02 35.67
N1A NAP CA . 10.06 -31.50 34.72
C2A NAP CA . 9.21 -32.54 34.81
N3A NAP CA . 8.99 -33.23 35.94
C4A NAP CA . 9.64 -32.91 37.08
O3 NAP CA . 6.16 -33.95 44.80
PN NAP CA . 4.56 -33.86 45.03
O1N NAP CA . 4.31 -33.64 46.49
O2N NAP CA . 3.90 -35.00 44.29
O5D NAP CA . 4.24 -32.49 44.25
C5D NAP CA . 2.96 -32.21 43.69
C4D NAP CA . 2.89 -30.72 43.39
O4D NAP CA . 2.03 -30.09 44.34
C3D NAP CA . 4.27 -30.09 43.56
O3D NAP CA . 4.53 -29.23 42.45
C2D NAP CA . 4.18 -29.28 44.83
O2D NAP CA . 4.88 -28.04 44.67
C1D NAP CA . 2.69 -29.04 45.03
N1N NAP CA . 2.33 -29.11 46.46
C2N NAP CA . 2.83 -30.09 47.21
C3N NAP CA . 2.49 -30.18 48.56
C7N NAP CA . 3.07 -31.26 49.42
O7N NAP CA . 3.58 -32.24 48.90
N7N NAP CA . 2.99 -31.13 50.74
C4N NAP CA . 1.65 -29.24 49.10
C5N NAP CA . 1.12 -28.24 48.29
C6N NAP CA . 1.49 -28.21 46.95
C ACT DA . 3.87 -27.29 50.58
O ACT DA . 3.41 -26.52 49.71
OXT ACT DA . 4.56 -28.28 50.29
CH3 ACT DA . 3.33 -27.18 51.98
PA NAP EA . -29.05 -6.59 -23.23
O1A NAP EA . -30.38 -7.08 -23.74
O2A NAP EA . -27.99 -6.15 -24.22
O5B NAP EA . -28.44 -7.71 -22.27
C5B NAP EA . -29.29 -8.61 -21.56
C4B NAP EA . -28.63 -9.98 -21.49
O4B NAP EA . -29.17 -10.74 -20.41
C3B NAP EA . -28.90 -10.76 -22.77
O3B NAP EA . -27.68 -11.16 -23.38
C2B NAP EA . -29.70 -11.98 -22.34
O2B NAP EA . -29.24 -13.16 -23.00
C1B NAP EA . -29.47 -12.07 -20.84
N9A NAP EA . -30.67 -12.60 -20.16
C8A NAP EA . -31.93 -12.13 -20.28
N7A NAP EA . -32.80 -12.86 -19.53
C5A NAP EA . -32.09 -13.83 -18.92
C6A NAP EA . -32.38 -14.95 -17.98
N6A NAP EA . -33.64 -15.18 -17.54
N1A NAP EA . -31.35 -15.72 -17.59
C2A NAP EA . -30.10 -15.51 -18.03
N3A NAP EA . -29.76 -14.51 -18.87
C4A NAP EA . -30.69 -13.66 -19.34
O3 NAP EA . -29.33 -5.39 -22.19
PN NAP EA . -28.12 -4.68 -21.40
O1N NAP EA . -28.25 -3.19 -21.60
O2N NAP EA . -26.82 -5.37 -21.72
O5D NAP EA . -28.53 -5.00 -19.88
C5D NAP EA . -27.56 -5.22 -18.87
C4D NAP EA . -28.22 -5.02 -17.51
O4D NAP EA . -28.10 -3.65 -17.13
C3D NAP EA . -29.70 -5.34 -17.61
O3D NAP EA . -30.07 -6.18 -16.52
C2D NAP EA . -30.41 -4.00 -17.47
O2D NAP EA . -31.60 -4.12 -16.70
C1D NAP EA . -29.39 -3.12 -16.79
N1N NAP EA . -29.49 -1.74 -17.24
C2N NAP EA . -29.47 -1.47 -18.55
C3N NAP EA . -29.57 -0.16 -19.01
C7N NAP EA . -29.55 0.13 -20.48
O7N NAP EA . -30.10 1.15 -20.87
N7N NAP EA . -28.96 -0.72 -21.31
C4N NAP EA . -29.66 0.86 -18.09
C5N NAP EA . -29.67 0.57 -16.73
C6N NAP EA . -29.57 -0.75 -16.34
C1 GOL FA . -35.38 2.26 -2.71
O1 GOL FA . -35.71 3.27 -3.67
C2 GOL FA . -33.97 1.78 -2.98
O2 GOL FA . -33.44 2.51 -4.09
C3 GOL FA . -33.11 2.01 -1.75
O3 GOL FA . -33.05 0.81 -0.96
C1 EDO GA . -32.94 3.50 -31.56
O1 EDO GA . -33.33 3.09 -30.25
C2 EDO GA . -33.88 2.89 -32.59
O2 EDO GA . -33.77 1.46 -32.55
C1 EDO HA . -40.88 -17.79 -10.39
O1 EDO HA . -40.86 -16.50 -9.75
C2 EDO HA . -39.53 -18.04 -11.06
O2 EDO HA . -39.51 -19.37 -11.61
PA NAP IA . -6.03 15.69 7.61
O1A NAP IA . -6.92 16.42 8.59
O2A NAP IA . -4.74 15.10 8.11
O5B NAP IA . -5.70 16.68 6.38
C5B NAP IA . -6.45 17.87 6.18
C4B NAP IA . -5.75 18.72 5.12
O4B NAP IA . -6.53 19.87 4.81
C3B NAP IA . -4.40 19.20 5.65
O3B NAP IA . -3.36 18.92 4.70
C2B NAP IA . -4.56 20.70 5.80
O2B NAP IA . -3.38 21.41 5.48
C1B NAP IA . -5.69 21.04 4.84
N9A NAP IA . -6.43 22.24 5.28
C8A NAP IA . -7.12 22.39 6.44
N7A NAP IA . -7.67 23.62 6.54
C5A NAP IA . -7.34 24.30 5.42
C6A NAP IA . -7.60 25.66 4.87
N6A NAP IA . -8.34 26.55 5.56
N1A NAP IA . -7.07 25.96 3.67
C2A NAP IA . -6.33 25.07 2.98
N3A NAP IA . -6.05 23.83 3.41
C4A NAP IA . -6.52 23.39 4.61
O3 NAP IA . -6.88 14.57 6.82
PN NAP IA . -8.49 14.62 6.87
O1N NAP IA . -8.92 16.07 6.99
O2N NAP IA . -8.98 13.65 7.91
O5D NAP IA . -8.89 14.12 5.40
C5D NAP IA . -8.96 15.08 4.34
C4D NAP IA . -10.41 15.34 3.94
O4D NAP IA . -11.20 14.16 4.13
C3D NAP IA . -11.06 16.45 4.76
O3D NAP IA . -11.40 17.55 3.92
C2D NAP IA . -12.33 15.85 5.33
O2D NAP IA . -13.43 16.71 5.05
C1D NAP IA . -12.50 14.53 4.60
N1N NAP IA . -13.01 13.50 5.50
C2N NAP IA . -12.17 12.83 6.30
C3N NAP IA . -12.66 11.84 7.16
C7N NAP IA . -11.74 11.09 8.07
O7N NAP IA . -12.20 10.18 8.75
N7N NAP IA . -10.45 11.43 8.14
C4N NAP IA . -14.02 11.57 7.18
C5N NAP IA . -14.85 12.28 6.34
C6N NAP IA . -14.32 13.25 5.51
P2B NAP IA . -2.70 22.38 6.57
O1X NAP IA . -1.48 21.63 7.05
O2X NAP IA . -2.39 23.63 5.79
O3X NAP IA . -3.78 22.56 7.62
PA NAP JA . -39.06 34.95 -0.27
O1A NAP JA . -37.79 34.14 -0.34
O2A NAP JA . -39.26 36.11 -1.22
O5B NAP JA . -39.20 35.50 1.23
C5B NAP JA . -38.15 35.25 2.17
C4B NAP JA . -38.56 35.76 3.54
O4B NAP JA . -37.45 35.61 4.43
C3B NAP JA . -38.88 37.25 3.46
O3B NAP JA . -40.10 37.52 4.18
C2B NAP JA . -37.72 37.94 4.16
O2B NAP JA . -38.13 39.05 4.94
C1B NAP JA . -37.11 36.86 5.02
N9A NAP JA . -35.63 37.02 5.12
C8A NAP JA . -34.78 37.06 4.08
N7A NAP JA . -33.50 37.21 4.51
C5A NAP JA . -33.53 37.28 5.86
C6A NAP JA . -32.53 37.44 6.94
N6A NAP JA . -31.21 37.56 6.67
N1A NAP JA . -32.99 37.46 8.22
C2A NAP JA . -34.30 37.33 8.50
N3A NAP JA . -35.26 37.18 7.56
C4A NAP JA . -34.94 37.15 6.25
O3 NAP JA . -40.35 33.99 -0.34
PN NAP JA . -40.20 32.41 -0.60
O1N NAP JA . -39.13 32.17 -1.65
O2N NAP JA . -41.57 31.81 -0.78
O5D NAP JA . -39.63 31.93 0.83
C5D NAP JA . -39.33 30.57 1.11
C4D NAP JA . -37.90 30.51 1.62
O4D NAP JA . -37.56 29.21 2.08
C3D NAP JA . -36.93 30.88 0.51
O3D NAP JA . -36.37 32.17 0.74
C2D NAP JA . -35.85 29.81 0.56
O2D NAP JA . -34.59 30.44 0.82
C1D NAP JA . -36.22 28.88 1.70
P2B NAP JA . -37.31 40.43 4.84
O1X NAP JA . -36.51 40.29 3.58
O2X NAP JA . -38.38 41.50 4.83
O3X NAP JA . -36.48 40.39 6.09
PA NAP KA . -49.53 -7.14 11.15
O1A NAP KA . -49.12 -8.59 11.16
O2A NAP KA . -49.94 -6.45 12.43
O5B NAP KA . -50.73 -6.98 10.09
C5B NAP KA . -50.62 -7.56 8.79
C4B NAP KA . -52.02 -7.72 8.20
O4B NAP KA . -51.93 -7.95 6.79
C3B NAP KA . -52.72 -8.92 8.82
O3B NAP KA . -53.95 -8.49 9.43
C2B NAP KA . -53.00 -9.86 7.68
O2B NAP KA . -54.33 -10.37 7.76
C1B NAP KA . -52.82 -9.01 6.42
N9A NAP KA . -52.28 -9.82 5.31
C8A NAP KA . -51.14 -10.55 5.34
N7A NAP KA . -50.93 -11.18 4.16
C5A NAP KA . -51.95 -10.85 3.34
C6A NAP KA . -52.35 -11.16 1.94
N6A NAP KA . -51.60 -11.98 1.17
N1A NAP KA . -53.49 -10.61 1.48
C2A NAP KA . -54.25 -9.80 2.25
N3A NAP KA . -53.95 -9.47 3.52
C4A NAP KA . -52.83 -9.95 4.11
O3 NAP KA . -48.38 -6.28 10.44
PN NAP KA . -48.32 -4.68 10.55
O1N NAP KA . -47.20 -4.31 11.50
O2N NAP KA . -49.72 -4.15 10.79
O5D NAP KA . -47.88 -4.29 9.06
C5D NAP KA . -48.35 -3.12 8.40
C4D NAP KA . -47.47 -2.88 7.19
O4D NAP KA . -46.39 -2.00 7.54
C3D NAP KA . -46.86 -4.19 6.73
O3D NAP KA . -47.01 -4.33 5.32
C2D NAP KA . -45.38 -4.08 7.08
O2D NAP KA . -44.59 -4.66 6.05
C1D NAP KA . -45.13 -2.59 7.20
N1N NAP KA . -44.15 -2.31 8.25
C2N NAP KA . -44.36 -2.77 9.49
C3N NAP KA . -43.44 -2.51 10.49
C7N NAP KA . -43.65 -3.02 11.89
O7N NAP KA . -42.83 -2.75 12.75
N7N NAP KA . -44.75 -3.73 12.15
C4N NAP KA . -42.30 -1.78 10.19
C5N NAP KA . -42.10 -1.33 8.90
C6N NAP KA . -43.06 -1.61 7.94
C1 EDO LA . -28.58 -20.76 10.65
O1 EDO LA . -28.12 -19.71 11.53
C2 EDO LA . -27.65 -21.97 10.77
O2 EDO LA . -28.09 -23.00 9.88
PA NAP MA . 1.17 28.00 -24.93
O1A NAP MA . 0.29 27.08 -24.12
O2A NAP MA . 2.25 28.82 -24.26
O5B NAP MA . 0.22 29.01 -25.75
C5B NAP MA . -1.08 28.59 -26.16
C4B NAP MA . -2.03 29.78 -26.08
O4B NAP MA . -3.15 29.58 -26.93
C3B NAP MA . -2.56 29.94 -24.65
O3B NAP MA . -2.25 31.24 -24.17
C2B NAP MA . -4.05 29.75 -24.76
O2B NAP MA . -4.75 30.73 -23.98
C1B NAP MA . -4.35 29.91 -26.24
N9A NAP MA . -5.47 29.04 -26.65
C8A NAP MA . -5.57 27.72 -26.41
N7A NAP MA . -6.73 27.23 -26.92
C5A NAP MA . -7.39 28.24 -27.49
C6A NAP MA . -8.68 28.41 -28.20
N6A NAP MA . -9.51 27.37 -28.41
N1A NAP MA . -9.01 29.65 -28.63
C2A NAP MA . -8.19 30.70 -28.43
N3A NAP MA . -7.00 30.63 -27.80
C4A NAP MA . -6.57 29.44 -27.30
O3 NAP MA . 1.83 27.15 -26.13
PN NAP MA . 2.77 27.87 -27.22
O1N NAP MA . 4.08 27.13 -27.24
O2N NAP MA . 2.74 29.36 -27.02
O5D NAP MA . 1.99 27.51 -28.57
C5D NAP MA . 2.12 28.31 -29.75
C4D NAP MA . 1.74 27.43 -30.92
O4D NAP MA . 2.92 26.86 -31.48
C3D NAP MA . 0.84 26.30 -30.46
O3D NAP MA . -0.30 26.21 -31.31
C2D NAP MA . 1.68 25.05 -30.60
O2D NAP MA . 0.89 23.97 -31.11
C1D NAP MA . 2.78 25.43 -31.58
N1N NAP MA . 4.04 24.78 -31.25
C2N NAP MA . 4.55 24.87 -30.02
C3N NAP MA . 5.76 24.26 -29.71
C7N NAP MA . 6.36 24.33 -28.34
O7N NAP MA . 5.79 24.98 -27.47
N7N NAP MA . 7.50 23.69 -28.10
C4N NAP MA . 6.43 23.54 -30.70
C5N NAP MA . 5.88 23.47 -31.97
C6N NAP MA . 4.68 24.11 -32.22
C1 GOL NA . 2.03 17.27 -43.76
O1 GOL NA . 1.68 18.30 -44.71
C2 GOL NA . 1.28 15.99 -44.12
O2 GOL NA . 1.94 14.87 -43.51
C3 GOL NA . 1.29 15.82 -45.62
O3 GOL NA . 2.60 15.41 -46.05
C1 EDO OA . 9.53 21.50 -16.73
O1 EDO OA . 8.27 20.81 -16.80
C2 EDO OA . 10.48 20.93 -17.77
O2 EDO OA . 9.93 21.10 -19.08
C ACT PA . 6.04 20.19 -30.74
O ACT PA . 5.82 20.13 -29.51
OXT ACT PA . 5.14 20.48 -31.56
CH3 ACT PA . 7.42 19.92 -31.24
PA NAP QA . 23.56 34.06 -63.59
O1A NAP QA . 23.91 33.04 -64.64
O2A NAP QA . 22.99 35.41 -63.99
O5B NAP QA . 24.86 34.31 -62.67
C5B NAP QA . 25.58 33.19 -62.19
C4B NAP QA . 26.74 33.66 -61.33
O4B NAP QA . 27.53 32.52 -60.98
C3B NAP QA . 27.62 34.60 -62.13
O3B NAP QA . 27.97 35.74 -61.31
C2B NAP QA . 28.86 33.79 -62.43
O2B NAP QA . 30.04 34.59 -62.39
C1B NAP QA . 28.90 32.75 -61.34
N9A NAP QA . 29.55 31.50 -61.81
C8A NAP QA . 29.10 30.67 -62.76
N7A NAP QA . 29.95 29.62 -62.94
C5A NAP QA . 30.97 29.77 -62.08
C6A NAP QA . 32.21 29.03 -61.74
N6A NAP QA . 32.53 27.88 -62.39
N1A NAP QA . 33.00 29.54 -60.77
C2A NAP QA . 32.69 30.67 -60.13
N3A NAP QA . 31.59 31.40 -60.38
C4A NAP QA . 30.71 31.02 -61.33
O3 NAP QA . 22.59 33.39 -62.51
PN NAP QA . 21.00 33.28 -62.69
O1N NAP QA . 20.71 32.16 -63.67
O2N NAP QA . 20.43 34.66 -62.92
O5D NAP QA . 20.59 32.78 -61.22
C5D NAP QA . 21.36 33.20 -60.09
C4D NAP QA . 21.65 31.98 -59.24
O4D NAP QA . 20.44 31.46 -58.70
C3D NAP QA . 22.30 30.89 -60.07
O3D NAP QA . 23.57 30.53 -59.51
C2D NAP QA . 21.35 29.70 -60.01
O2D NAP QA . 22.06 28.54 -59.58
C1D NAP QA . 20.29 30.06 -59.00
N1N NAP QA . 18.94 29.85 -59.56
C2N NAP QA . 18.56 30.54 -60.63
C3N NAP QA . 17.30 30.37 -61.19
C7N NAP QA . 16.89 31.15 -62.40
O7N NAP QA . 17.10 30.70 -63.51
N7N NAP QA . 16.29 32.33 -62.23
C4N NAP QA . 16.41 29.49 -60.58
C5N NAP QA . 16.83 28.79 -59.46
C6N NAP QA . 18.11 29.00 -58.96
P2B NAP QA . 31.11 34.44 -63.58
O1X NAP QA . 31.37 35.85 -64.05
O2X NAP QA . 32.26 33.78 -62.88
O3X NAP QA . 30.42 33.54 -64.59
PA NAP RA . 27.76 -3.04 -52.43
O1A NAP RA . 28.55 -1.77 -52.19
O2A NAP RA . 28.13 -4.31 -51.71
O5B NAP RA . 27.72 -3.33 -54.01
C5B NAP RA . 28.05 -2.28 -54.92
C4B NAP RA . 27.81 -2.74 -56.35
O4B NAP RA . 27.88 -1.62 -57.24
C3B NAP RA . 28.90 -3.72 -56.78
O3B NAP RA . 28.30 -4.84 -57.44
C2B NAP RA . 29.76 -2.94 -57.75
O2B NAP RA . 30.30 -3.74 -58.78
C1B NAP RA . 28.80 -1.89 -58.30
N9A NAP RA . 29.54 -0.68 -58.71
C8A NAP RA . 30.21 0.16 -57.91
N7A NAP RA . 30.78 1.17 -58.62
C5A NAP RA . 30.47 0.97 -59.91
C6A NAP RA . 30.76 1.66 -61.20
N6A NAP RA . 31.50 2.80 -61.23
N1A NAP RA . 30.25 1.12 -62.32
C2A NAP RA . 29.51 0.00 -62.30
N3A NAP RA . 29.21 -0.68 -61.18
C4A NAP RA . 29.66 -0.25 -59.97
O3 NAP RA . 26.21 -2.75 -52.16
PN NAP RA . 25.68 -2.04 -50.81
O1N NAP RA . 26.41 -0.73 -50.65
O2N NAP RA . 25.67 -3.06 -49.70
O5D NAP RA . 24.16 -1.72 -51.24
C5D NAP RA . 23.80 -1.83 -52.62
C4D NAP RA . 23.05 -0.57 -53.03
O4D NAP RA . 22.21 -0.13 -51.95
C3D NAP RA . 24.02 0.57 -53.32
O3D NAP RA . 23.99 0.89 -54.72
C2D NAP RA . 23.54 1.75 -52.50
O2D NAP RA . 23.24 2.86 -53.36
C1D NAP RA . 22.29 1.28 -51.78
N1N NAP RA . 22.38 1.62 -50.36
C2N NAP RA . 22.80 0.70 -49.48
C3N NAP RA . 22.89 1.00 -48.12
C7N NAP RA . 23.38 -0.03 -47.14
O7N NAP RA . 22.78 -0.17 -46.09
N7N NAP RA . 24.47 -0.74 -47.45
C4N NAP RA . 22.54 2.27 -47.69
C5N NAP RA . 22.11 3.20 -48.61
C6N NAP RA . 22.04 2.84 -49.95
P2B NAP RA . 31.90 -3.94 -58.85
O1X NAP RA . 32.14 -5.28 -58.20
O2X NAP RA . 32.20 -3.90 -60.34
O3X NAP RA . 32.45 -2.76 -58.09
PA NAP SA . -16.51 6.71 -53.85
O1A NAP SA . -17.46 7.87 -53.97
O2A NAP SA . -16.23 5.83 -55.05
O5B NAP SA . -17.02 5.76 -52.66
C5B NAP SA . -16.74 6.13 -51.31
C4B NAP SA . -17.38 5.10 -50.39
O4B NAP SA . -17.14 5.44 -49.03
C3B NAP SA . -18.89 5.05 -50.58
O3B NAP SA . -19.29 3.75 -51.00
C2B NAP SA . -19.48 5.37 -49.23
O2B NAP SA . -20.53 4.46 -48.91
C1B NAP SA . -18.32 5.23 -48.27
N9A NAP SA . -18.44 6.21 -47.16
C8A NAP SA . -18.50 7.55 -47.29
N7A NAP SA . -18.62 8.15 -46.07
C5A NAP SA . -18.64 7.18 -45.14
C6A NAP SA . -18.73 7.10 -43.66
N6A NAP SA . -18.85 8.22 -42.91
N1A NAP SA . -18.72 5.88 -43.09
C2A NAP SA . -18.61 4.75 -43.83
N3A NAP SA . -18.51 4.75 -45.17
C4A NAP SA . -18.52 5.90 -45.86
O3 NAP SA . -15.12 7.24 -53.21
PN NAP SA . -13.65 6.77 -53.68
O1N NAP SA . -13.07 7.84 -54.57
O2N NAP SA . -13.69 5.34 -54.13
O5D NAP SA . -12.88 6.83 -52.27
C5D NAP SA . -11.61 6.21 -52.09
C4D NAP SA . -10.79 7.09 -51.15
O4D NAP SA . -9.59 7.50 -51.83
C3D NAP SA . -11.56 8.35 -50.79
O3D NAP SA . -11.53 8.51 -49.37
C2D NAP SA . -10.82 9.49 -51.45
O2D NAP SA . -10.73 10.59 -50.54
C1D NAP SA . -9.45 8.92 -51.78
N1N NAP SA . -8.99 9.39 -53.08
C2N NAP SA . -9.81 9.38 -54.14
C3N NAP SA . -9.38 9.82 -55.38
C7N NAP SA . -10.32 9.81 -56.54
O7N NAP SA . -10.45 10.82 -57.22
N7N NAP SA . -11.02 8.71 -56.79
C4N NAP SA . -8.09 10.26 -55.54
C5N NAP SA . -7.25 10.26 -54.44
C6N NAP SA . -7.72 9.82 -53.21
C1 EDO TA . -19.28 14.30 -65.10
O1 EDO TA . -20.43 13.58 -64.65
C2 EDO TA . -18.04 13.42 -64.96
O2 EDO TA . -16.86 14.20 -65.24
C ACT UA . -7.77 13.65 -55.43
O ACT UA . -7.87 13.39 -54.21
OXT ACT UA . -6.66 13.82 -55.98
CH3 ACT UA . -9.01 13.63 -56.28
#